data_3PCK
#
_entry.id   3PCK
#
_cell.length_a   196.900
_cell.length_b   127.800
_cell.length_c   134.400
_cell.angle_alpha   90.00
_cell.angle_beta   97.80
_cell.angle_gamma   90.00
#
_symmetry.space_group_name_H-M   'I 1 2 1'
#
loop_
_entity.id
_entity.type
_entity.pdbx_description
1 polymer 'PROTOCATECHUATE 3,4-DIOXYGENASE'
2 polymer 'PROTOCATECHUATE 3,4-DIOXYGENASE'
3 non-polymer 'FE (III) ION'
4 non-polymer BETA-MERCAPTOETHANOL
5 non-polymer '6-HYDROXYISONICOTINIC ACID N-OXIDE'
6 water water
#
loop_
_entity_poly.entity_id
_entity_poly.type
_entity_poly.pdbx_seq_one_letter_code
_entity_poly.pdbx_strand_id
1 'polypeptide(L)'
;PIELLPETPSQTAGPYVHIGLALEAAGNPTRDQEIWNRLAKPDAPGEHILLLGQVYDGNGHLVRDSFLEVWQADANGEYQ
DAYNLENAFNSFGRTATTFDAGEWTLHTVKPGVVNNAAGVPMAPHINISLFARGINIHLHTRLYFDDEAQANAKCPVLNL
IEQPQRRETLIAKRCEVDGKTAYRFDIRIQGEGETVFFDF
;
A,B,C,D,E,F
2 'polypeptide(L)'
;PAQDNSRFVIRDRNWHPKALTPDYKTSIARSPRQALVSIPQSISETTGPNFSHLGFGAHDHDLLLNFNNGGLPIGERIIV
AGRVVDQYGKPVPNTLVEMWQANAGGRYRHKNDRYLAPLDPNFGGVGRCLTDSDGYYSFRTIKPGPYPWRNGPNDWRPAH
IHFGISGPSIATKLITQLYFEGDPLIPMCPIVKSIANPEAVQQLIAKLDMNNANPMDCLAYRFDIVLRGQRKTHFENC
;
M,N,O,P,Q,R
#
# COMPACT_ATOMS: atom_id res chain seq x y z
N PRO A 1 21.28 5.82 22.20
CA PRO A 1 21.09 5.05 23.43
C PRO A 1 20.64 3.65 23.00
N ILE A 2 20.40 2.77 23.94
CA ILE A 2 19.92 1.40 23.62
C ILE A 2 18.40 1.50 23.41
N GLU A 3 17.89 0.80 22.45
CA GLU A 3 16.41 0.81 22.20
C GLU A 3 15.96 -0.64 22.10
N LEU A 4 14.92 -0.97 22.88
CA LEU A 4 14.39 -2.37 22.87
C LEU A 4 13.29 -2.44 21.80
N LEU A 5 12.62 -3.58 21.70
CA LEU A 5 11.45 -3.65 20.78
C LEU A 5 10.41 -2.75 21.58
N PRO A 6 9.65 -2.00 20.83
CA PRO A 6 8.61 -1.16 21.45
C PRO A 6 7.44 -2.09 21.83
N GLU A 7 6.78 -1.68 22.92
CA GLU A 7 5.63 -2.42 23.46
C GLU A 7 4.46 -2.19 22.48
N THR A 8 3.65 -3.19 22.34
CA THR A 8 2.42 -3.10 21.52
C THR A 8 1.58 -1.96 22.17
N PRO A 9 1.13 -1.05 21.30
CA PRO A 9 0.34 0.09 21.72
C PRO A 9 -1.06 -0.35 22.20
N SER A 10 -1.51 0.33 23.24
CA SER A 10 -2.86 0.07 23.84
C SER A 10 -3.93 0.70 22.93
N GLN A 11 -5.15 0.21 23.06
CA GLN A 11 -6.34 0.74 22.39
C GLN A 11 -7.49 0.62 23.45
N THR A 12 -8.48 1.44 23.29
CA THR A 12 -9.66 1.41 24.23
C THR A 12 -10.21 -0.01 24.19
N ALA A 13 -10.86 -0.36 25.32
CA ALA A 13 -11.50 -1.69 25.40
C ALA A 13 -12.79 -1.62 24.52
N GLY A 14 -13.34 -0.44 24.40
CA GLY A 14 -14.58 -0.19 23.63
C GLY A 14 -15.80 -0.53 24.53
N PRO A 15 -16.98 -0.19 24.03
CA PRO A 15 -18.24 -0.40 24.73
C PRO A 15 -18.68 -1.81 24.94
N TYR A 16 -18.12 -2.79 24.24
CA TYR A 16 -18.51 -4.18 24.29
C TYR A 16 -17.56 -5.13 24.95
N VAL A 17 -16.71 -4.57 25.77
CA VAL A 17 -15.69 -5.31 26.52
C VAL A 17 -16.31 -6.48 27.29
N HIS A 18 -17.54 -6.30 27.72
CA HIS A 18 -18.26 -7.33 28.50
C HIS A 18 -18.35 -8.66 27.79
N ILE A 19 -18.56 -8.62 26.49
CA ILE A 19 -18.69 -9.91 25.75
C ILE A 19 -17.44 -10.71 25.88
N GLY A 20 -16.29 -10.04 25.98
CA GLY A 20 -15.01 -10.71 26.11
C GLY A 20 -14.59 -10.97 27.55
N LEU A 21 -14.82 -10.00 28.42
CA LEU A 21 -14.37 -10.11 29.81
C LEU A 21 -15.36 -10.17 30.96
N ALA A 22 -16.61 -10.07 30.74
CA ALA A 22 -17.70 -10.07 31.73
C ALA A 22 -18.99 -10.58 31.05
N LEU A 23 -18.89 -11.84 30.64
CA LEU A 23 -19.89 -12.57 29.90
C LEU A 23 -21.30 -12.30 30.38
N GLU A 24 -21.53 -12.51 31.65
CA GLU A 24 -22.86 -12.25 32.25
C GLU A 24 -23.45 -10.92 31.81
N ALA A 25 -22.73 -9.86 32.11
CA ALA A 25 -23.11 -8.49 31.80
C ALA A 25 -23.40 -8.29 30.33
N ALA A 26 -22.67 -8.96 29.45
CA ALA A 26 -22.91 -8.81 27.98
C ALA A 26 -24.33 -9.35 27.69
N GLY A 27 -24.78 -10.12 28.68
CA GLY A 27 -26.09 -10.78 28.59
C GLY A 27 -25.92 -12.02 27.70
N ASN A 28 -24.80 -12.71 27.92
CA ASN A 28 -24.44 -13.92 27.19
C ASN A 28 -24.10 -15.08 28.14
N PRO A 29 -24.23 -16.29 27.59
CA PRO A 29 -23.89 -17.52 28.31
C PRO A 29 -22.42 -17.48 28.76
N THR A 30 -22.16 -17.99 29.94
CA THR A 30 -20.78 -18.02 30.49
C THR A 30 -20.19 -19.42 30.29
N ARG A 31 -18.90 -19.53 30.48
CA ARG A 31 -18.17 -20.81 30.36
C ARG A 31 -18.15 -21.44 31.76
N ASP A 32 -17.64 -22.63 31.85
CA ASP A 32 -17.55 -23.37 33.11
C ASP A 32 -16.80 -22.56 34.15
N GLN A 33 -15.70 -21.93 33.74
CA GLN A 33 -14.84 -21.15 34.66
C GLN A 33 -14.64 -19.72 34.22
N GLU A 34 -15.12 -18.78 34.97
CA GLU A 34 -15.01 -17.36 34.74
C GLU A 34 -14.32 -16.69 35.95
N ILE A 35 -13.61 -15.67 35.63
CA ILE A 35 -12.84 -14.78 36.53
C ILE A 35 -13.84 -13.66 36.87
N TRP A 36 -14.30 -13.64 38.11
CA TRP A 36 -15.30 -12.63 38.51
C TRP A 36 -15.01 -11.85 39.74
N ASN A 37 -16.01 -11.26 40.39
CA ASN A 37 -15.92 -10.39 41.52
C ASN A 37 -15.95 -10.93 42.94
N ARG A 38 -15.74 -12.20 43.10
CA ARG A 38 -15.78 -12.90 44.40
C ARG A 38 -14.38 -13.46 44.66
N LEU A 39 -13.52 -12.66 45.26
CA LEU A 39 -12.15 -13.07 45.56
C LEU A 39 -12.01 -14.09 46.68
N ALA A 40 -12.92 -13.98 47.65
CA ALA A 40 -12.86 -14.91 48.79
C ALA A 40 -14.14 -15.72 48.97
N LYS A 41 -13.93 -16.98 49.33
CA LYS A 41 -15.07 -17.87 49.66
C LYS A 41 -15.36 -17.58 51.17
N PRO A 42 -16.56 -17.82 51.57
CA PRO A 42 -17.00 -17.60 52.96
C PRO A 42 -16.03 -18.11 54.00
N ASP A 43 -15.40 -19.23 53.71
CA ASP A 43 -14.43 -19.87 54.61
C ASP A 43 -13.02 -19.32 54.49
N ALA A 44 -12.87 -18.15 53.92
CA ALA A 44 -11.52 -17.57 53.76
C ALA A 44 -11.18 -16.74 54.99
N PRO A 45 -9.95 -16.95 55.47
CA PRO A 45 -9.41 -16.21 56.61
C PRO A 45 -9.32 -14.70 56.28
N GLY A 46 -9.57 -13.91 57.29
CA GLY A 46 -9.52 -12.45 57.21
C GLY A 46 -10.89 -11.85 57.41
N GLU A 47 -10.92 -10.52 57.42
CA GLU A 47 -12.15 -9.76 57.60
C GLU A 47 -12.87 -9.63 56.26
N HIS A 48 -13.97 -10.34 56.14
CA HIS A 48 -14.82 -10.33 54.96
C HIS A 48 -15.53 -8.97 54.82
N ILE A 49 -15.31 -8.37 53.65
CA ILE A 49 -15.87 -7.07 53.31
C ILE A 49 -16.42 -7.07 51.87
N LEU A 50 -17.27 -6.10 51.66
CA LEU A 50 -17.90 -5.79 50.41
C LEU A 50 -17.41 -4.37 49.98
N LEU A 51 -17.01 -4.33 48.73
CA LEU A 51 -16.57 -3.07 48.09
C LEU A 51 -17.60 -2.70 47.02
N LEU A 52 -17.87 -1.42 46.94
CA LEU A 52 -18.79 -0.87 45.96
C LEU A 52 -18.39 0.55 45.59
N GLY A 53 -18.83 0.97 44.42
CA GLY A 53 -18.54 2.32 43.93
C GLY A 53 -19.13 2.58 42.55
N GLN A 54 -19.05 3.85 42.20
CA GLN A 54 -19.51 4.38 40.91
C GLN A 54 -18.33 5.12 40.26
N VAL A 55 -18.40 5.19 38.94
CA VAL A 55 -17.39 5.85 38.09
C VAL A 55 -18.06 7.06 37.42
N TYR A 56 -17.46 8.20 37.50
CA TYR A 56 -17.92 9.47 36.95
C TYR A 56 -16.91 10.06 35.92
N ASP A 57 -17.54 10.67 34.94
CA ASP A 57 -16.77 11.33 33.83
C ASP A 57 -16.55 12.79 34.19
N GLY A 58 -15.90 13.58 33.39
CA GLY A 58 -15.64 14.98 33.64
C GLY A 58 -16.91 15.82 33.71
N ASN A 59 -18.05 15.30 33.28
CA ASN A 59 -19.31 16.03 33.33
C ASN A 59 -20.11 15.72 34.62
N GLY A 60 -19.68 14.69 35.31
CA GLY A 60 -20.34 14.27 36.57
C GLY A 60 -21.33 13.18 36.21
N HIS A 61 -21.19 12.69 34.97
CA HIS A 61 -22.13 11.64 34.54
C HIS A 61 -21.53 10.26 34.76
N LEU A 62 -22.39 9.36 35.14
CA LEU A 62 -22.06 7.96 35.39
C LEU A 62 -21.52 7.32 34.08
N VAL A 63 -20.52 6.52 34.28
CA VAL A 63 -19.86 5.73 33.18
C VAL A 63 -20.39 4.31 33.43
N ARG A 64 -21.44 3.98 32.68
CA ARG A 64 -22.11 2.70 32.80
C ARG A 64 -21.49 1.56 32.05
N ASP A 65 -20.34 1.75 31.45
CA ASP A 65 -19.68 0.65 30.68
C ASP A 65 -18.27 0.37 31.10
N SER A 66 -17.95 0.78 32.33
CA SER A 66 -16.56 0.56 32.82
C SER A 66 -16.34 -0.90 33.18
N PHE A 67 -15.06 -1.23 33.10
CA PHE A 67 -14.54 -2.56 33.42
C PHE A 67 -13.34 -2.33 34.36
N LEU A 68 -13.37 -3.13 35.42
CA LEU A 68 -12.30 -3.02 36.46
C LEU A 68 -11.67 -4.36 36.75
N GLU A 69 -10.41 -4.30 37.06
CA GLU A 69 -9.53 -5.40 37.46
C GLU A 69 -8.87 -4.95 38.78
N VAL A 70 -8.83 -5.88 39.73
CA VAL A 70 -8.27 -5.69 41.06
C VAL A 70 -7.23 -6.75 41.40
N TRP A 71 -6.23 -6.25 42.13
CA TRP A 71 -5.09 -7.08 42.60
C TRP A 71 -4.82 -6.60 44.05
N GLN A 72 -4.88 -7.63 44.92
CA GLN A 72 -4.68 -7.40 46.37
C GLN A 72 -4.07 -8.61 47.08
N ALA A 73 -3.41 -8.30 48.20
CA ALA A 73 -2.80 -9.32 49.07
C ALA A 73 -3.94 -9.97 49.93
N ASP A 74 -3.62 -11.14 50.44
CA ASP A 74 -4.53 -11.87 51.35
C ASP A 74 -4.42 -11.17 52.74
N ALA A 75 -5.09 -11.77 53.71
CA ALA A 75 -5.14 -11.23 55.10
C ALA A 75 -3.78 -11.12 55.75
N ASN A 76 -2.84 -11.98 55.40
CA ASN A 76 -1.48 -11.99 55.90
C ASN A 76 -0.55 -11.02 55.13
N GLY A 77 -1.08 -10.30 54.18
CA GLY A 77 -0.31 -9.39 53.36
C GLY A 77 0.53 -10.16 52.32
N GLU A 78 -0.04 -11.20 51.81
CA GLU A 78 0.58 -12.08 50.79
C GLU A 78 -0.24 -12.16 49.50
N TYR A 79 0.49 -12.02 48.41
CA TYR A 79 -0.03 -12.06 47.04
C TYR A 79 -0.05 -13.50 46.57
N GLN A 80 -1.24 -13.91 46.20
CA GLN A 80 -1.54 -15.29 45.75
C GLN A 80 -1.82 -15.25 44.25
N ASP A 81 -0.76 -15.55 43.51
CA ASP A 81 -0.83 -15.51 42.04
C ASP A 81 -1.40 -16.75 41.41
N ALA A 82 -1.34 -17.88 42.10
CA ALA A 82 -1.84 -19.14 41.51
C ALA A 82 -3.36 -19.16 41.52
N TYR A 83 -3.94 -18.58 40.47
CA TYR A 83 -5.38 -18.48 40.29
C TYR A 83 -6.10 -19.80 40.08
N ASN A 84 -7.03 -20.05 41.00
CA ASN A 84 -7.83 -21.27 41.02
C ASN A 84 -9.18 -21.00 41.69
N LEU A 85 -10.23 -21.48 41.03
CA LEU A 85 -11.61 -21.32 41.54
C LEU A 85 -11.83 -22.17 42.79
N GLU A 86 -10.92 -23.11 43.00
CA GLU A 86 -10.90 -24.00 44.13
C GLU A 86 -10.35 -23.32 45.38
N ASN A 87 -9.55 -22.29 45.19
CA ASN A 87 -8.94 -21.54 46.28
C ASN A 87 -10.08 -20.86 47.08
N ALA A 88 -9.81 -20.70 48.35
CA ALA A 88 -10.67 -20.02 49.32
C ALA A 88 -10.55 -18.49 49.09
N PHE A 89 -9.38 -18.11 48.62
CA PHE A 89 -9.03 -16.73 48.29
C PHE A 89 -8.16 -16.64 47.03
N ASN A 90 -8.50 -15.69 46.19
CA ASN A 90 -7.77 -15.32 44.98
C ASN A 90 -7.49 -13.79 45.12
N SER A 91 -6.26 -13.47 44.85
CA SER A 91 -5.70 -12.10 44.90
C SER A 91 -6.21 -11.20 43.76
N PHE A 92 -6.70 -11.89 42.72
CA PHE A 92 -7.23 -11.23 41.53
C PHE A 92 -8.70 -11.49 41.29
N GLY A 93 -9.32 -10.44 40.75
CA GLY A 93 -10.73 -10.47 40.38
C GLY A 93 -11.03 -9.37 39.31
N ARG A 94 -12.26 -9.38 38.85
CA ARG A 94 -12.85 -8.49 37.88
C ARG A 94 -14.28 -8.10 38.30
N THR A 95 -14.67 -6.93 37.86
CA THR A 95 -16.01 -6.39 38.11
C THR A 95 -16.32 -5.36 37.02
N ALA A 96 -17.55 -4.93 36.98
CA ALA A 96 -18.04 -3.99 36.00
C ALA A 96 -19.21 -3.20 36.53
N THR A 97 -19.47 -2.03 35.94
CA THR A 97 -20.61 -1.21 36.35
C THR A 97 -21.85 -1.62 35.51
N THR A 98 -22.96 -1.66 36.27
CA THR A 98 -24.29 -1.96 35.72
C THR A 98 -24.72 -0.87 34.73
N PHE A 99 -25.33 -1.35 33.65
CA PHE A 99 -25.83 -0.50 32.58
C PHE A 99 -26.96 0.36 33.14
N ASP A 100 -27.44 -0.03 34.27
CA ASP A 100 -28.56 0.69 34.97
C ASP A 100 -27.97 1.65 36.00
N ALA A 101 -28.07 1.27 37.25
CA ALA A 101 -27.56 2.03 38.40
C ALA A 101 -26.11 2.46 38.19
N GLY A 102 -25.32 1.63 37.54
CA GLY A 102 -23.92 1.97 37.26
C GLY A 102 -23.01 1.88 38.47
N GLU A 103 -23.16 0.79 39.20
CA GLU A 103 -22.36 0.52 40.41
C GLU A 103 -21.69 -0.85 40.28
N TRP A 104 -20.48 -0.98 40.76
CA TRP A 104 -19.78 -2.27 40.71
C TRP A 104 -19.65 -2.76 42.16
N THR A 105 -19.32 -4.04 42.26
CA THR A 105 -19.15 -4.68 43.58
C THR A 105 -18.11 -5.77 43.52
N LEU A 106 -17.46 -5.92 44.66
CA LEU A 106 -16.44 -6.97 44.87
C LEU A 106 -16.70 -7.58 46.25
N HIS A 107 -16.49 -8.87 46.34
CA HIS A 107 -16.62 -9.64 47.58
C HIS A 107 -15.20 -10.16 47.88
N THR A 108 -14.63 -9.62 48.95
CA THR A 108 -13.28 -10.00 49.37
C THR A 108 -13.07 -9.84 50.87
N VAL A 109 -11.80 -9.98 51.25
CA VAL A 109 -11.24 -9.81 52.56
C VAL A 109 -10.28 -8.59 52.55
N LYS A 110 -10.19 -8.00 53.73
CA LYS A 110 -9.30 -6.83 53.92
C LYS A 110 -7.86 -7.37 53.85
N PRO A 111 -7.08 -6.74 52.95
CA PRO A 111 -5.70 -7.12 52.72
C PRO A 111 -4.78 -6.69 53.88
N GLY A 112 -3.77 -7.52 54.09
CA GLY A 112 -2.72 -7.32 55.08
C GLY A 112 -1.70 -6.32 54.51
N VAL A 113 -0.83 -5.82 55.36
CA VAL A 113 0.20 -4.87 55.05
C VAL A 113 1.33 -5.48 54.22
N VAL A 114 1.81 -4.72 53.24
CA VAL A 114 2.96 -5.13 52.42
C VAL A 114 4.00 -4.01 52.46
N ASN A 115 5.25 -4.39 52.41
CA ASN A 115 6.38 -3.47 52.42
C ASN A 115 6.78 -3.10 50.95
N ASN A 116 7.25 -1.87 50.82
CA ASN A 116 7.72 -1.40 49.49
C ASN A 116 9.09 -2.01 49.25
N ALA A 117 9.73 -1.57 48.18
CA ALA A 117 11.07 -2.10 47.81
C ALA A 117 12.08 -1.78 48.90
N ALA A 118 11.93 -0.65 49.57
CA ALA A 118 12.85 -0.23 50.63
C ALA A 118 12.55 -0.85 52.01
N GLY A 119 11.60 -1.71 52.16
CA GLY A 119 11.28 -2.34 53.46
C GLY A 119 10.36 -1.53 54.33
N VAL A 120 9.70 -0.53 53.79
CA VAL A 120 8.73 0.33 54.50
C VAL A 120 7.34 -0.23 54.18
N PRO A 121 6.51 -0.38 55.22
CA PRO A 121 5.17 -0.89 55.05
C PRO A 121 4.24 0.17 54.45
N MET A 122 3.42 -0.30 53.55
CA MET A 122 2.40 0.46 52.84
C MET A 122 1.10 0.15 53.61
N ALA A 123 0.21 1.08 53.62
CA ALA A 123 -1.10 0.85 54.32
C ALA A 123 -1.86 -0.16 53.46
N PRO A 124 -2.79 -0.90 54.06
CA PRO A 124 -3.59 -1.89 53.32
C PRO A 124 -4.19 -1.16 52.10
N HIS A 125 -4.08 -1.80 50.95
CA HIS A 125 -4.63 -1.21 49.70
C HIS A 125 -4.95 -2.30 48.67
N ILE A 126 -5.78 -1.89 47.75
CA ILE A 126 -6.22 -2.68 46.62
C ILE A 126 -5.83 -1.90 45.32
N ASN A 127 -5.10 -2.62 44.51
CA ASN A 127 -4.62 -2.10 43.20
C ASN A 127 -5.78 -2.28 42.19
N ILE A 128 -6.14 -1.19 41.55
CA ILE A 128 -7.19 -1.13 40.57
C ILE A 128 -6.74 -0.52 39.21
N SER A 129 -7.21 -1.20 38.15
CA SER A 129 -7.03 -0.84 36.78
C SER A 129 -8.45 -0.65 36.14
N LEU A 130 -8.65 0.55 35.67
CA LEU A 130 -9.90 0.94 35.02
C LEU A 130 -9.76 0.98 33.47
N PHE A 131 -10.73 0.34 32.86
CA PHE A 131 -10.88 0.23 31.41
C PHE A 131 -12.30 0.61 31.00
N ALA A 132 -12.39 1.20 29.80
CA ALA A 132 -13.67 1.58 29.24
C ALA A 132 -13.46 2.34 27.86
N ARG A 133 -14.56 2.35 27.18
CA ARG A 133 -14.83 3.12 25.98
C ARG A 133 -14.46 4.59 26.39
N GLY A 134 -13.63 5.16 25.51
CA GLY A 134 -13.20 6.54 25.68
C GLY A 134 -11.89 6.60 26.43
N ILE A 135 -11.40 5.52 26.95
CA ILE A 135 -10.16 5.42 27.70
C ILE A 135 -9.14 4.66 26.82
N ASN A 136 -8.18 5.43 26.30
CA ASN A 136 -7.19 4.89 25.35
C ASN A 136 -6.25 3.88 25.94
N ILE A 137 -5.76 4.23 27.15
CA ILE A 137 -4.84 3.44 27.95
C ILE A 137 -5.43 3.42 29.38
N HIS A 138 -5.46 2.24 29.96
CA HIS A 138 -6.09 2.05 31.26
C HIS A 138 -5.48 2.85 32.39
N LEU A 139 -6.34 3.27 33.28
CA LEU A 139 -6.04 4.07 34.49
C LEU A 139 -5.75 3.16 35.68
N HIS A 140 -4.62 3.43 36.34
CA HIS A 140 -4.18 2.69 37.54
C HIS A 140 -4.46 3.60 38.76
N THR A 141 -5.07 2.98 39.74
CA THR A 141 -5.36 3.69 41.03
C THR A 141 -5.18 2.71 42.20
N ARG A 142 -5.43 3.24 43.40
CA ARG A 142 -5.29 2.41 44.63
C ARG A 142 -6.43 2.77 45.59
N LEU A 143 -7.00 1.71 46.15
CA LEU A 143 -8.10 1.93 47.14
C LEU A 143 -7.48 1.69 48.53
N TYR A 144 -7.63 2.68 49.38
CA TYR A 144 -7.18 2.68 50.78
C TYR A 144 -8.45 2.78 51.64
N PHE A 145 -8.31 2.46 52.93
CA PHE A 145 -9.48 2.44 53.85
C PHE A 145 -9.41 3.51 54.93
N ASP A 146 -10.56 4.12 55.15
CA ASP A 146 -10.77 5.18 56.10
C ASP A 146 -10.50 4.77 57.56
N ASP A 147 -10.63 3.50 57.85
CA ASP A 147 -10.40 2.95 59.19
C ASP A 147 -8.97 2.49 59.44
N GLU A 148 -8.04 2.97 58.66
CA GLU A 148 -6.62 2.64 58.71
C GLU A 148 -5.82 3.94 58.68
N ALA A 149 -6.48 4.95 59.21
CA ALA A 149 -5.98 6.30 59.30
C ALA A 149 -4.56 6.35 59.81
N GLN A 150 -4.26 5.59 60.82
CA GLN A 150 -2.92 5.53 61.42
C GLN A 150 -1.91 4.98 60.43
N ALA A 151 -2.25 3.94 59.73
CA ALA A 151 -1.37 3.32 58.71
C ALA A 151 -1.24 4.23 57.46
N ASN A 152 -2.34 4.83 57.08
CA ASN A 152 -2.48 5.69 55.93
C ASN A 152 -1.54 6.90 55.96
N ALA A 153 -1.35 7.43 57.14
CA ALA A 153 -0.53 8.62 57.37
C ALA A 153 0.94 8.42 57.03
N LYS A 154 1.37 7.17 57.17
CA LYS A 154 2.71 6.71 56.95
C LYS A 154 2.96 5.95 55.67
N CYS A 155 1.99 5.76 54.82
CA CYS A 155 2.24 5.02 53.55
C CYS A 155 3.19 5.84 52.65
N PRO A 156 4.27 5.20 52.28
CA PRO A 156 5.27 5.84 51.40
C PRO A 156 4.65 6.15 50.05
N VAL A 157 3.59 5.44 49.68
CA VAL A 157 2.96 5.70 48.36
C VAL A 157 2.06 6.90 48.43
N LEU A 158 1.15 6.87 49.39
CA LEU A 158 0.21 7.99 49.65
C LEU A 158 0.98 9.28 49.84
N ASN A 159 2.13 9.15 50.48
CA ASN A 159 3.02 10.25 50.77
C ASN A 159 3.71 10.86 49.56
N LEU A 160 3.74 10.16 48.43
CA LEU A 160 4.34 10.64 47.19
C LEU A 160 3.42 11.67 46.53
N ILE A 161 2.16 11.63 46.90
CA ILE A 161 1.18 12.59 46.34
C ILE A 161 1.45 13.94 47.02
N GLU A 162 1.98 14.85 46.23
CA GLU A 162 2.37 16.19 46.62
C GLU A 162 1.37 16.91 47.51
N GLN A 163 0.14 17.06 47.06
CA GLN A 163 -0.93 17.76 47.77
C GLN A 163 -1.80 16.84 48.58
N PRO A 164 -1.77 17.09 49.88
CA PRO A 164 -2.55 16.30 50.86
C PRO A 164 -4.00 16.14 50.44
N GLN A 165 -4.64 17.17 49.95
CA GLN A 165 -6.05 17.14 49.53
C GLN A 165 -6.38 16.05 48.50
N ARG A 166 -5.40 15.70 47.69
CA ARG A 166 -5.54 14.70 46.65
C ARG A 166 -5.51 13.29 47.21
N ARG A 167 -4.82 13.12 48.32
CA ARG A 167 -4.68 11.82 48.99
C ARG A 167 -6.03 11.26 49.42
N GLU A 168 -6.94 12.14 49.80
CA GLU A 168 -8.27 11.79 50.25
C GLU A 168 -9.11 11.14 49.16
N THR A 169 -8.75 11.39 47.90
CA THR A 169 -9.47 10.84 46.75
C THR A 169 -9.26 9.32 46.75
N LEU A 170 -8.21 8.88 47.40
CA LEU A 170 -7.90 7.44 47.45
C LEU A 170 -8.49 6.67 48.59
N ILE A 171 -9.18 7.33 49.50
CA ILE A 171 -9.73 6.61 50.69
C ILE A 171 -11.16 6.21 50.63
N ALA A 172 -11.42 4.92 50.67
CA ALA A 172 -12.80 4.39 50.64
C ALA A 172 -13.46 4.63 52.01
N LYS A 173 -14.74 4.95 51.96
CA LYS A 173 -15.55 5.25 53.14
C LYS A 173 -16.33 4.01 53.63
N ARG A 174 -15.95 3.64 54.86
CA ARG A 174 -16.53 2.51 55.58
C ARG A 174 -18.02 2.78 55.85
N CYS A 175 -18.81 1.79 55.54
CA CYS A 175 -20.25 1.78 55.75
C CYS A 175 -20.62 0.31 56.04
N GLU A 176 -21.89 0.04 55.95
CA GLU A 176 -22.42 -1.31 56.17
C GLU A 176 -23.53 -1.58 55.15
N VAL A 177 -23.57 -2.82 54.72
CA VAL A 177 -24.62 -3.22 53.72
C VAL A 177 -25.18 -4.55 54.23
N ASP A 178 -26.45 -4.46 54.59
CA ASP A 178 -27.18 -5.65 55.12
C ASP A 178 -26.44 -6.18 56.35
N GLY A 179 -26.03 -5.26 57.20
CA GLY A 179 -25.30 -5.61 58.42
C GLY A 179 -23.89 -6.13 58.16
N LYS A 180 -23.37 -5.89 56.95
CA LYS A 180 -22.01 -6.33 56.59
C LYS A 180 -21.12 -5.09 56.36
N THR A 181 -19.86 -5.30 56.67
CA THR A 181 -18.83 -4.29 56.50
C THR A 181 -18.56 -4.06 54.99
N ALA A 182 -18.81 -2.82 54.61
CA ALA A 182 -18.64 -2.37 53.23
C ALA A 182 -17.88 -1.05 53.17
N TYR A 183 -17.28 -0.84 52.00
CA TYR A 183 -16.53 0.41 51.74
C TYR A 183 -16.98 0.90 50.34
N ARG A 184 -17.24 2.19 50.31
CA ARG A 184 -17.67 2.87 49.10
C ARG A 184 -16.46 3.59 48.48
N PHE A 185 -16.21 3.23 47.22
CA PHE A 185 -15.07 3.86 46.49
C PHE A 185 -15.49 4.39 45.13
N ASP A 186 -15.75 5.68 45.09
CA ASP A 186 -16.16 6.35 43.83
C ASP A 186 -14.90 6.85 43.11
N ILE A 187 -14.91 6.71 41.80
CA ILE A 187 -13.85 7.13 40.90
C ILE A 187 -14.36 8.31 40.09
N ARG A 188 -13.57 9.35 40.08
CA ARG A 188 -13.93 10.60 39.33
C ARG A 188 -12.74 10.75 38.34
N ILE A 189 -13.04 10.45 37.11
CA ILE A 189 -12.05 10.44 36.04
C ILE A 189 -11.50 11.83 35.77
N GLN A 190 -12.39 12.79 35.81
CA GLN A 190 -11.93 14.16 35.48
C GLN A 190 -12.74 15.19 36.27
N GLY A 191 -12.11 16.31 36.54
CA GLY A 191 -12.69 17.44 37.18
C GLY A 191 -12.61 17.51 38.67
N GLU A 192 -13.60 18.17 39.22
CA GLU A 192 -13.76 18.37 40.66
C GLU A 192 -13.59 16.99 41.35
N GLY A 193 -12.62 16.97 42.25
CA GLY A 193 -12.31 15.77 43.03
C GLY A 193 -11.76 14.64 42.21
N GLU A 194 -11.04 14.97 41.13
CA GLU A 194 -10.47 13.93 40.26
C GLU A 194 -9.59 12.98 41.08
N THR A 195 -9.78 11.71 40.86
CA THR A 195 -9.06 10.65 41.52
C THR A 195 -7.62 10.59 40.99
N VAL A 196 -6.72 10.37 41.92
CA VAL A 196 -5.31 10.24 41.56
C VAL A 196 -5.18 8.92 40.76
N PHE A 197 -4.36 9.07 39.69
CA PHE A 197 -4.02 7.89 38.87
C PHE A 197 -2.47 7.86 38.86
N PHE A 198 -1.95 6.66 38.85
CA PHE A 198 -0.54 6.41 38.93
C PHE A 198 0.04 5.89 37.60
N ASP A 199 1.33 6.07 37.54
CA ASP A 199 2.17 5.56 36.45
C ASP A 199 3.28 4.79 37.15
N PHE A 200 3.55 3.61 36.72
CA PHE A 200 4.65 2.77 37.25
C PHE A 200 5.08 1.79 36.13
N PRO B 1 3.62 -17.79 47.58
CA PRO B 1 3.00 -16.55 47.02
C PRO B 1 4.07 -15.86 46.16
N ALA B 2 3.63 -14.83 45.47
CA ALA B 2 4.45 -14.02 44.59
C ALA B 2 5.52 -13.22 45.33
N GLN B 3 6.64 -13.09 44.64
CA GLN B 3 7.84 -12.40 45.11
C GLN B 3 8.29 -11.25 44.19
N ASP B 4 8.82 -10.24 44.88
CA ASP B 4 9.35 -9.04 44.26
C ASP B 4 10.79 -9.19 43.72
N ASN B 5 10.93 -9.96 42.67
CA ASN B 5 12.25 -10.19 42.06
C ASN B 5 12.47 -9.42 40.76
N SER B 6 11.45 -8.96 40.08
CA SER B 6 11.56 -8.27 38.79
C SER B 6 11.24 -6.77 38.80
N ARG B 7 11.73 -6.16 37.75
CA ARG B 7 11.50 -4.72 37.45
C ARG B 7 10.97 -4.72 36.01
N PHE B 8 10.16 -3.79 35.64
CA PHE B 8 9.57 -3.74 34.27
C PHE B 8 9.97 -2.41 33.62
N VAL B 9 10.45 -2.50 32.39
CA VAL B 9 10.84 -1.27 31.66
C VAL B 9 9.70 -0.27 31.72
N ILE B 10 9.95 0.94 32.09
CA ILE B 10 8.96 2.01 32.18
C ILE B 10 8.31 2.21 30.79
N ARG B 11 7.01 2.49 30.86
CA ARG B 11 6.22 2.71 29.67
C ARG B 11 6.51 4.02 28.94
N ASP B 12 6.52 3.90 27.62
CA ASP B 12 6.70 5.05 26.73
C ASP B 12 5.28 5.56 26.37
N ARG B 13 4.91 6.60 27.09
CA ARG B 13 3.63 7.25 27.01
C ARG B 13 3.40 8.15 25.83
N ASN B 14 4.44 8.26 24.99
CA ASN B 14 4.27 9.04 23.73
C ASN B 14 4.13 7.97 22.63
N TRP B 15 4.39 6.74 22.95
CA TRP B 15 4.26 5.63 21.99
C TRP B 15 2.75 5.20 21.96
N HIS B 16 2.25 4.93 23.18
CA HIS B 16 0.86 4.59 23.39
C HIS B 16 0.10 5.92 23.09
N PRO B 17 -1.17 5.76 22.83
CA PRO B 17 -2.04 6.90 22.55
C PRO B 17 -2.17 7.68 23.89
N LYS B 18 -2.38 8.96 23.71
CA LYS B 18 -2.57 9.82 24.91
C LYS B 18 -4.02 9.59 25.37
N ALA B 19 -4.33 10.25 26.48
CA ALA B 19 -5.67 10.15 27.07
C ALA B 19 -6.63 11.03 26.28
N LEU B 20 -6.21 12.29 26.05
CA LEU B 20 -7.04 13.25 25.35
C LEU B 20 -6.72 13.29 23.83
N THR B 21 -7.59 12.69 23.05
CA THR B 21 -7.51 12.63 21.58
C THR B 21 -8.90 13.01 21.07
N PRO B 22 -9.14 14.32 20.99
CA PRO B 22 -10.40 14.92 20.67
C PRO B 22 -11.24 14.40 19.53
N ASP B 23 -10.66 13.86 18.50
CA ASP B 23 -11.36 13.30 17.35
C ASP B 23 -12.18 12.03 17.75
N TYR B 24 -11.59 11.43 18.76
CA TYR B 24 -12.30 10.22 19.34
C TYR B 24 -13.09 10.91 20.51
N LYS B 25 -14.26 11.35 20.19
CA LYS B 25 -15.15 12.12 21.02
C LYS B 25 -15.32 11.73 22.49
N THR B 26 -15.42 10.43 22.73
CA THR B 26 -15.61 9.90 24.08
C THR B 26 -14.43 10.19 25.01
N SER B 27 -13.24 10.28 24.47
CA SER B 27 -12.03 10.57 25.20
C SER B 27 -12.06 11.92 25.91
N ILE B 28 -12.80 12.89 25.43
CA ILE B 28 -12.86 14.24 26.01
C ILE B 28 -13.30 14.30 27.48
N ALA B 29 -14.41 13.67 27.75
CA ALA B 29 -15.01 13.59 29.11
C ALA B 29 -14.44 12.47 29.96
N ARG B 30 -13.73 11.53 29.30
CA ARG B 30 -13.13 10.41 30.05
C ARG B 30 -11.65 10.41 30.17
N SER B 31 -11.07 11.59 30.21
CA SER B 31 -9.58 11.69 30.33
C SER B 31 -9.28 12.61 31.53
N PRO B 32 -8.34 12.18 32.32
CA PRO B 32 -7.93 12.94 33.52
C PRO B 32 -7.31 14.28 33.10
N ARG B 33 -7.57 15.30 33.86
CA ARG B 33 -6.97 16.62 33.60
C ARG B 33 -5.69 16.74 34.43
N GLN B 34 -5.52 15.94 35.49
CA GLN B 34 -4.25 16.01 36.25
C GLN B 34 -3.23 15.03 35.69
N ALA B 35 -1.94 15.32 35.92
CA ALA B 35 -0.86 14.43 35.50
C ALA B 35 -0.89 13.17 36.40
N LEU B 36 -0.46 12.09 35.84
CA LEU B 36 -0.34 10.79 36.53
C LEU B 36 0.79 11.00 37.59
N VAL B 37 0.67 10.33 38.70
CA VAL B 37 1.70 10.40 39.77
C VAL B 37 2.62 9.20 39.57
N SER B 38 3.90 9.40 39.32
CA SER B 38 4.81 8.24 39.14
C SER B 38 5.12 7.63 40.51
N ILE B 39 5.22 6.32 40.57
CA ILE B 39 5.52 5.60 41.81
C ILE B 39 6.53 4.49 41.48
N PRO B 40 7.42 4.28 42.45
CA PRO B 40 8.44 3.23 42.32
C PRO B 40 7.67 1.87 42.25
N GLN B 41 8.31 0.94 41.60
CA GLN B 41 7.75 -0.41 41.48
C GLN B 41 7.87 -1.10 42.85
N SER B 42 6.83 -1.79 43.20
CA SER B 42 6.76 -2.55 44.49
C SER B 42 6.19 -3.90 44.17
N ILE B 43 6.10 -4.79 45.17
CA ILE B 43 5.54 -6.14 44.91
C ILE B 43 4.11 -6.05 44.38
N SER B 44 3.41 -5.00 44.80
CA SER B 44 2.05 -4.74 44.39
C SER B 44 1.95 -4.62 42.85
N GLU B 45 2.89 -3.90 42.25
CA GLU B 45 2.94 -3.68 40.81
C GLU B 45 3.70 -4.68 39.98
N THR B 46 4.66 -5.37 40.57
CA THR B 46 5.49 -6.31 39.84
C THR B 46 5.05 -7.75 39.88
N THR B 47 3.93 -8.01 40.51
CA THR B 47 3.39 -9.40 40.58
C THR B 47 2.06 -9.32 39.81
N GLY B 48 1.43 -10.44 39.60
CA GLY B 48 0.11 -10.49 38.90
C GLY B 48 -0.29 -11.97 38.85
N PRO B 49 -1.53 -12.20 38.46
CA PRO B 49 -2.10 -13.54 38.39
C PRO B 49 -1.52 -14.45 37.33
N ASN B 50 -1.46 -15.71 37.63
CA ASN B 50 -1.03 -16.81 36.82
C ASN B 50 -2.28 -17.70 36.62
N PHE B 51 -2.64 -17.86 35.36
CA PHE B 51 -3.84 -18.64 35.01
C PHE B 51 -3.55 -20.03 34.50
N SER B 52 -2.43 -20.61 34.86
CA SER B 52 -2.11 -21.95 34.38
C SER B 52 -3.16 -22.98 34.79
N HIS B 53 -3.78 -22.80 35.93
CA HIS B 53 -4.77 -23.73 36.45
C HIS B 53 -6.20 -23.41 36.12
N LEU B 54 -6.44 -22.35 35.35
CA LEU B 54 -7.86 -22.06 35.00
C LEU B 54 -8.32 -23.25 34.14
N GLY B 55 -9.51 -23.74 34.39
CA GLY B 55 -10.02 -24.91 33.64
C GLY B 55 -10.61 -24.43 32.32
N PHE B 56 -9.80 -24.47 31.27
CA PHE B 56 -10.27 -24.03 29.93
C PHE B 56 -11.07 -25.17 29.25
N GLY B 57 -12.12 -24.76 28.58
CA GLY B 57 -12.94 -25.71 27.78
C GLY B 57 -12.12 -26.01 26.51
N ALA B 58 -12.42 -27.11 25.88
CA ALA B 58 -11.83 -27.64 24.67
C ALA B 58 -11.92 -26.74 23.44
N HIS B 59 -12.93 -25.91 23.33
CA HIS B 59 -13.07 -25.02 22.16
C HIS B 59 -13.05 -23.56 22.57
N ASP B 60 -12.36 -23.30 23.68
CA ASP B 60 -12.30 -21.92 24.23
C ASP B 60 -11.78 -20.94 23.18
N HIS B 61 -10.83 -21.44 22.42
CA HIS B 61 -10.12 -20.66 21.37
C HIS B 61 -10.62 -20.84 19.96
N ASP B 62 -11.69 -21.60 19.78
CA ASP B 62 -12.22 -21.85 18.40
C ASP B 62 -13.61 -21.24 18.28
N LEU B 63 -13.71 -20.05 17.75
CA LEU B 63 -14.96 -19.34 17.60
C LEU B 63 -15.91 -19.96 16.57
N LEU B 64 -15.41 -20.93 15.84
CA LEU B 64 -16.13 -21.68 14.83
C LEU B 64 -17.02 -22.73 15.52
N LEU B 65 -16.55 -23.32 16.59
CA LEU B 65 -17.27 -24.32 17.35
C LEU B 65 -17.81 -23.93 18.73
N ASN B 66 -17.30 -22.90 19.38
CA ASN B 66 -17.65 -22.55 20.74
C ASN B 66 -18.92 -21.88 21.08
N PHE B 67 -19.80 -21.58 20.17
CA PHE B 67 -21.05 -20.91 20.45
C PHE B 67 -22.19 -21.99 20.41
N GLY B 71 -24.39 -25.52 13.79
CA GLY B 71 -24.07 -25.00 12.43
C GLY B 71 -22.80 -24.16 12.46
N LEU B 72 -22.30 -23.89 11.27
CA LEU B 72 -21.07 -23.09 11.09
C LEU B 72 -21.47 -21.63 10.89
N PRO B 73 -20.64 -20.77 11.44
CA PRO B 73 -20.84 -19.32 11.27
C PRO B 73 -20.56 -19.07 9.75
N ILE B 74 -21.15 -17.98 9.31
CA ILE B 74 -20.94 -17.54 7.90
C ILE B 74 -19.82 -16.46 7.97
N GLY B 75 -18.88 -16.53 7.06
CA GLY B 75 -17.78 -15.56 7.00
C GLY B 75 -16.49 -16.24 6.60
N GLU B 76 -15.49 -15.38 6.42
CA GLU B 76 -14.15 -15.86 6.00
C GLU B 76 -13.50 -16.56 7.20
N ARG B 77 -13.20 -17.81 7.01
CA ARG B 77 -12.60 -18.64 8.03
C ARG B 77 -11.10 -18.34 8.11
N ILE B 78 -10.65 -17.91 9.27
CA ILE B 78 -9.23 -17.60 9.48
C ILE B 78 -8.72 -18.08 10.85
N ILE B 79 -7.43 -18.36 10.82
CA ILE B 79 -6.65 -18.68 11.99
C ILE B 79 -5.90 -17.34 12.28
N VAL B 80 -5.94 -16.94 13.51
CA VAL B 80 -5.20 -15.77 14.04
C VAL B 80 -4.23 -16.39 15.07
N ALA B 81 -2.95 -16.33 14.74
CA ALA B 81 -1.92 -16.90 15.56
C ALA B 81 -0.78 -15.93 15.74
N GLY B 82 0.07 -16.21 16.72
CA GLY B 82 1.22 -15.37 16.98
C GLY B 82 1.94 -15.74 18.26
N ARG B 83 2.86 -14.84 18.58
CA ARG B 83 3.71 -14.95 19.73
C ARG B 83 3.69 -13.72 20.62
N VAL B 84 3.74 -14.01 21.91
CA VAL B 84 3.81 -12.98 22.96
C VAL B 84 5.24 -13.02 23.51
N VAL B 85 5.88 -11.88 23.44
CA VAL B 85 7.26 -11.72 23.92
C VAL B 85 7.33 -10.39 24.67
N ASP B 86 8.44 -10.23 25.36
CA ASP B 86 8.70 -8.95 26.06
C ASP B 86 9.62 -8.12 25.15
N GLN B 87 9.91 -6.90 25.57
CA GLN B 87 10.77 -5.95 24.87
C GLN B 87 12.16 -6.51 24.64
N TYR B 88 12.60 -7.44 25.49
CA TYR B 88 13.91 -8.04 25.33
C TYR B 88 13.85 -9.17 24.30
N GLY B 89 12.64 -9.49 23.84
CA GLY B 89 12.45 -10.56 22.87
C GLY B 89 12.28 -11.91 23.57
N LYS B 90 12.13 -11.88 24.87
CA LYS B 90 11.92 -13.19 25.62
C LYS B 90 10.48 -13.61 25.52
N PRO B 91 10.22 -14.88 25.21
CA PRO B 91 8.84 -15.41 25.13
C PRO B 91 8.13 -15.34 26.50
N VAL B 92 6.82 -15.18 26.49
CA VAL B 92 6.01 -15.10 27.72
C VAL B 92 5.10 -16.34 27.72
N PRO B 93 5.62 -17.41 28.34
CA PRO B 93 4.87 -18.68 28.39
C PRO B 93 3.69 -18.62 29.37
N ASN B 94 2.72 -19.46 29.08
CA ASN B 94 1.52 -19.64 29.85
C ASN B 94 0.89 -18.32 30.31
N THR B 95 0.60 -17.44 29.42
CA THR B 95 -0.02 -16.15 29.70
C THR B 95 -1.41 -16.15 29.08
N LEU B 96 -2.31 -15.39 29.69
CA LEU B 96 -3.68 -15.34 29.26
C LEU B 96 -3.93 -14.33 28.11
N VAL B 97 -4.45 -14.90 27.06
CA VAL B 97 -4.85 -14.19 25.85
C VAL B 97 -6.36 -14.37 25.65
N GLU B 98 -7.04 -13.27 25.78
CA GLU B 98 -8.49 -13.16 25.59
C GLU B 98 -8.78 -12.23 24.39
N MET B 99 -9.76 -12.55 23.59
CA MET B 99 -10.21 -11.79 22.41
C MET B 99 -11.72 -11.81 22.21
N TRP B 100 -12.29 -10.77 21.67
CA TRP B 100 -13.71 -10.63 21.39
C TRP B 100 -13.81 -9.81 20.10
N GLN B 101 -14.89 -9.99 19.40
CA GLN B 101 -15.09 -9.27 18.08
C GLN B 101 -16.53 -9.41 17.58
N ALA B 102 -16.85 -8.62 16.56
CA ALA B 102 -18.14 -8.68 15.87
C ALA B 102 -18.14 -9.85 14.89
N ASN B 103 -19.33 -10.01 14.26
CA ASN B 103 -19.51 -11.11 13.26
C ASN B 103 -19.03 -10.58 11.87
N ALA B 104 -19.29 -11.41 10.87
CA ALA B 104 -18.95 -11.16 9.46
C ALA B 104 -19.56 -9.88 8.92
N GLY B 105 -20.67 -9.48 9.51
CA GLY B 105 -21.43 -8.31 9.18
C GLY B 105 -21.14 -7.09 10.00
N GLY B 106 -20.28 -7.26 11.02
CA GLY B 106 -19.93 -6.14 11.94
C GLY B 106 -20.96 -6.01 13.07
N ARG B 107 -21.74 -7.07 13.31
CA ARG B 107 -22.72 -7.05 14.41
C ARG B 107 -22.08 -7.72 15.65
N TYR B 108 -22.23 -7.12 16.80
CA TYR B 108 -21.70 -7.66 18.06
C TYR B 108 -22.86 -8.32 18.86
N ARG B 109 -22.55 -9.42 19.51
CA ARG B 109 -23.53 -10.18 20.34
C ARG B 109 -23.44 -9.63 21.78
N HIS B 110 -24.00 -8.44 21.89
CA HIS B 110 -24.11 -7.57 23.05
C HIS B 110 -25.40 -6.75 22.93
N LYS B 111 -26.16 -6.68 23.99
CA LYS B 111 -27.44 -6.01 24.06
C LYS B 111 -27.44 -4.58 23.54
N ASN B 112 -26.39 -3.86 23.87
CA ASN B 112 -26.28 -2.47 23.46
C ASN B 112 -26.03 -2.31 21.96
N ASP B 113 -25.84 -3.36 21.17
CA ASP B 113 -25.58 -3.20 19.73
C ASP B 113 -26.85 -3.19 18.89
N ARG B 114 -27.13 -1.98 18.42
CA ARG B 114 -28.31 -1.69 17.60
C ARG B 114 -28.07 -1.66 16.10
N TYR B 115 -26.89 -2.00 15.66
CA TYR B 115 -26.58 -1.98 14.20
C TYR B 115 -27.55 -2.95 13.51
N LEU B 116 -28.05 -2.51 12.38
CA LEU B 116 -28.99 -3.26 11.56
C LEU B 116 -28.44 -4.52 10.95
N ALA B 117 -27.17 -4.81 11.04
CA ALA B 117 -26.63 -6.09 10.47
C ALA B 117 -27.06 -7.18 11.47
N PRO B 118 -27.59 -8.26 10.94
CA PRO B 118 -28.12 -9.37 11.73
C PRO B 118 -27.09 -10.17 12.50
N LEU B 119 -27.59 -10.80 13.55
CA LEU B 119 -26.74 -11.69 14.37
C LEU B 119 -26.57 -12.97 13.55
N ASP B 120 -25.57 -13.73 13.85
CA ASP B 120 -25.32 -15.02 13.20
C ASP B 120 -25.61 -16.08 14.31
N PRO B 121 -26.63 -16.86 14.05
CA PRO B 121 -27.08 -17.94 14.93
C PRO B 121 -25.97 -18.85 15.42
N ASN B 122 -24.91 -19.01 14.62
CA ASN B 122 -23.80 -19.86 15.02
C ASN B 122 -22.59 -19.11 15.52
N PHE B 123 -22.72 -17.84 15.81
CA PHE B 123 -21.47 -17.12 16.27
C PHE B 123 -21.63 -16.35 17.54
N GLY B 124 -20.70 -16.60 18.46
CA GLY B 124 -20.73 -15.87 19.80
C GLY B 124 -19.73 -14.72 19.73
N GLY B 125 -18.48 -15.04 19.46
CA GLY B 125 -17.42 -14.07 19.31
C GLY B 125 -16.47 -13.84 20.46
N VAL B 126 -16.22 -14.83 21.27
CA VAL B 126 -15.32 -14.76 22.41
C VAL B 126 -14.36 -15.94 22.41
N GLY B 127 -13.12 -15.68 22.75
CA GLY B 127 -12.10 -16.76 22.79
C GLY B 127 -11.08 -16.37 23.86
N ARG B 128 -10.35 -17.38 24.28
CA ARG B 128 -9.30 -17.29 25.29
C ARG B 128 -8.33 -18.45 24.99
N CYS B 129 -7.08 -18.14 25.23
CA CYS B 129 -6.00 -19.12 24.97
C CYS B 129 -4.86 -18.81 25.95
N LEU B 130 -4.26 -19.85 26.47
CA LEU B 130 -3.11 -19.77 27.35
C LEU B 130 -1.90 -20.01 26.42
N THR B 131 -0.97 -19.06 26.47
CA THR B 131 0.21 -19.20 25.57
C THR B 131 0.97 -20.48 26.02
N ASP B 132 1.69 -21.04 25.07
CA ASP B 132 2.45 -22.26 25.32
C ASP B 132 3.83 -21.91 25.85
N SER B 133 4.60 -22.96 25.98
CA SER B 133 5.99 -22.92 26.50
C SER B 133 6.83 -21.93 25.74
N ASP B 134 6.47 -21.70 24.50
CA ASP B 134 7.20 -20.79 23.60
C ASP B 134 6.59 -19.43 23.36
N GLY B 135 5.53 -19.09 24.07
CA GLY B 135 4.86 -17.82 23.88
C GLY B 135 3.83 -17.83 22.74
N TYR B 136 3.55 -18.95 22.08
CA TYR B 136 2.55 -18.98 21.04
C TYR B 136 1.10 -19.18 21.49
N TYR B 137 0.22 -18.55 20.75
CA TYR B 137 -1.23 -18.65 20.90
C TYR B 137 -1.85 -18.79 19.48
N SER B 138 -3.08 -19.32 19.52
CA SER B 138 -3.86 -19.41 18.29
C SER B 138 -5.35 -19.53 18.56
N PHE B 139 -6.09 -18.87 17.70
CA PHE B 139 -7.53 -18.79 17.62
C PHE B 139 -7.98 -19.15 16.20
N ARG B 140 -9.17 -19.68 16.13
CA ARG B 140 -9.85 -20.00 14.89
C ARG B 140 -11.17 -19.23 14.93
N THR B 141 -11.38 -18.40 13.91
CA THR B 141 -12.59 -17.57 13.87
C THR B 141 -12.93 -17.21 12.44
N ILE B 142 -13.78 -16.22 12.27
CA ILE B 142 -14.15 -15.66 10.99
C ILE B 142 -13.74 -14.17 11.04
N LYS B 143 -13.31 -13.64 9.89
CA LYS B 143 -12.93 -12.21 9.84
C LYS B 143 -14.18 -11.34 10.09
N PRO B 144 -14.04 -10.40 11.04
CA PRO B 144 -15.10 -9.49 11.41
C PRO B 144 -15.27 -8.40 10.34
N GLY B 145 -16.39 -7.78 10.35
CA GLY B 145 -16.75 -6.69 9.40
C GLY B 145 -16.63 -5.35 10.07
N PRO B 146 -16.37 -4.34 9.25
CA PRO B 146 -16.25 -2.94 9.73
C PRO B 146 -17.62 -2.62 10.37
N TYR B 147 -17.63 -1.58 11.11
CA TYR B 147 -18.82 -1.19 11.92
C TYR B 147 -18.94 0.31 12.04
N PRO B 148 -20.09 0.84 11.67
CA PRO B 148 -20.42 2.27 11.78
C PRO B 148 -20.60 2.60 13.27
N TRP B 149 -20.25 3.82 13.67
CA TRP B 149 -20.37 4.15 15.11
C TRP B 149 -20.59 5.65 15.21
N ARG B 150 -21.35 6.03 16.22
CA ARG B 150 -21.70 7.44 16.41
C ARG B 150 -20.56 8.24 17.00
N ASN B 151 -19.68 8.74 16.18
CA ASN B 151 -18.51 9.55 16.48
C ASN B 151 -18.74 10.78 15.56
N GLY B 152 -18.10 10.77 14.43
CA GLY B 152 -18.38 11.85 13.40
C GLY B 152 -19.61 11.26 12.65
N PRO B 153 -20.19 12.00 11.77
CA PRO B 153 -21.38 11.61 10.98
C PRO B 153 -21.22 10.41 10.07
N ASN B 154 -19.99 10.06 9.66
CA ASN B 154 -19.80 8.90 8.80
C ASN B 154 -18.56 8.13 9.17
N ASP B 155 -18.44 7.80 10.47
CA ASP B 155 -17.31 7.06 11.01
C ASP B 155 -17.51 5.57 10.95
N TRP B 156 -16.45 4.89 10.52
CA TRP B 156 -16.52 3.41 10.38
C TRP B 156 -15.20 2.84 10.94
N ARG B 157 -15.39 1.91 11.89
CA ARG B 157 -14.21 1.22 12.45
C ARG B 157 -13.79 0.17 11.38
N PRO B 158 -12.49 0.06 11.24
CA PRO B 158 -11.94 -0.98 10.31
C PRO B 158 -12.28 -2.33 11.02
N ALA B 159 -12.19 -3.38 10.26
CA ALA B 159 -12.40 -4.72 10.77
C ALA B 159 -11.27 -4.88 11.84
N HIS B 160 -11.70 -5.31 13.02
CA HIS B 160 -10.69 -5.50 14.11
C HIS B 160 -11.17 -6.54 15.16
N ILE B 161 -10.18 -7.09 15.83
CA ILE B 161 -10.42 -8.05 16.93
C ILE B 161 -9.87 -7.39 18.21
N HIS B 162 -10.73 -7.32 19.22
CA HIS B 162 -10.25 -6.77 20.53
C HIS B 162 -9.40 -7.81 21.24
N PHE B 163 -8.26 -7.38 21.81
CA PHE B 163 -7.40 -8.37 22.54
C PHE B 163 -7.07 -7.87 23.99
N GLY B 164 -6.88 -8.84 24.88
CA GLY B 164 -6.53 -8.62 26.29
C GLY B 164 -5.40 -9.61 26.62
N ILE B 165 -4.32 -9.07 27.17
CA ILE B 165 -3.16 -9.87 27.51
C ILE B 165 -2.67 -9.59 28.95
N SER B 166 -2.53 -10.72 29.66
CA SER B 166 -2.14 -10.60 31.11
C SER B 166 -0.69 -10.31 31.31
N GLY B 167 0.19 -11.23 30.88
CA GLY B 167 1.62 -11.06 31.08
C GLY B 167 1.92 -11.51 32.56
N PRO B 168 3.18 -11.35 32.92
CA PRO B 168 3.69 -11.73 34.22
C PRO B 168 3.22 -10.87 35.36
N SER B 169 2.71 -9.67 35.10
CA SER B 169 2.25 -8.83 36.18
C SER B 169 1.20 -7.81 35.78
N ILE B 170 0.64 -7.13 36.73
CA ILE B 170 -0.39 -6.11 36.50
C ILE B 170 0.19 -4.91 35.75
N ALA B 171 1.53 -4.81 35.87
CA ALA B 171 2.33 -3.79 35.19
C ALA B 171 2.40 -4.08 33.67
N THR B 172 2.35 -5.33 33.29
CA THR B 172 2.41 -5.73 31.88
C THR B 172 1.05 -5.88 31.21
N LYS B 173 -0.03 -5.97 32.00
CA LYS B 173 -1.36 -6.17 31.46
C LYS B 173 -1.74 -5.08 30.42
N LEU B 174 -2.28 -5.59 29.30
CA LEU B 174 -2.65 -4.68 28.20
C LEU B 174 -3.90 -5.11 27.48
N ILE B 175 -4.59 -4.08 27.02
CA ILE B 175 -5.76 -4.26 26.17
C ILE B 175 -5.42 -3.48 24.85
N THR B 176 -5.62 -4.17 23.75
CA THR B 176 -5.37 -3.51 22.44
C THR B 176 -6.39 -4.01 21.42
N GLN B 177 -6.10 -3.76 20.15
CA GLN B 177 -6.93 -4.17 18.99
C GLN B 177 -5.99 -4.55 17.84
N LEU B 178 -6.39 -5.58 17.15
CA LEU B 178 -5.72 -6.11 15.93
C LEU B 178 -6.53 -5.56 14.73
N TYR B 179 -5.76 -5.11 13.76
CA TYR B 179 -6.33 -4.59 12.48
C TYR B 179 -5.82 -5.52 11.39
N PHE B 180 -6.41 -5.48 10.20
CA PHE B 180 -6.01 -6.37 9.10
C PHE B 180 -5.26 -5.70 7.98
N GLU B 181 -4.21 -6.35 7.55
CA GLU B 181 -3.35 -5.87 6.45
C GLU B 181 -4.14 -5.37 5.24
N GLY B 182 -3.88 -4.15 4.81
CA GLY B 182 -4.43 -3.50 3.66
C GLY B 182 -5.72 -2.76 3.78
N ASP B 183 -6.40 -2.96 4.91
CA ASP B 183 -7.69 -2.31 5.21
C ASP B 183 -7.56 -0.78 5.06
N PRO B 184 -8.32 -0.31 4.07
CA PRO B 184 -8.33 1.13 3.75
C PRO B 184 -9.01 1.96 4.79
N LEU B 185 -9.75 1.31 5.73
CA LEU B 185 -10.40 2.08 6.79
C LEU B 185 -9.42 2.54 7.88
N ILE B 186 -8.31 1.86 8.00
CA ILE B 186 -7.30 2.07 9.01
C ILE B 186 -6.89 3.50 9.24
N PRO B 187 -6.40 4.16 8.18
CA PRO B 187 -5.96 5.53 8.25
C PRO B 187 -7.06 6.53 8.51
N MET B 188 -8.31 6.17 8.38
CA MET B 188 -9.38 7.20 8.61
C MET B 188 -9.96 7.13 10.01
N CYS B 189 -9.57 6.12 10.73
CA CYS B 189 -10.13 5.85 12.06
C CYS B 189 -9.49 6.69 13.15
N PRO B 190 -10.38 7.45 13.81
CA PRO B 190 -10.01 8.32 14.92
C PRO B 190 -9.47 7.57 16.13
N ILE B 191 -9.93 6.36 16.34
CA ILE B 191 -9.43 5.52 17.46
C ILE B 191 -7.99 5.08 17.11
N VAL B 192 -7.81 4.73 15.83
CA VAL B 192 -6.49 4.33 15.33
C VAL B 192 -5.50 5.53 15.47
N LYS B 193 -5.96 6.67 15.03
CA LYS B 193 -5.22 7.90 15.07
C LYS B 193 -5.00 8.44 16.46
N SER B 194 -5.51 7.72 17.46
CA SER B 194 -5.28 8.12 18.88
C SER B 194 -3.76 7.96 19.07
N ILE B 195 -3.17 7.06 18.30
CA ILE B 195 -1.74 6.79 18.30
C ILE B 195 -1.03 7.82 17.40
N ALA B 196 -0.13 8.63 17.90
CA ALA B 196 0.55 9.65 17.13
C ALA B 196 1.61 9.17 16.16
N ASN B 197 2.30 8.10 16.48
CA ASN B 197 3.35 7.56 15.65
C ASN B 197 2.89 6.45 14.69
N PRO B 198 3.04 6.74 13.40
CA PRO B 198 2.71 5.83 12.30
C PRO B 198 3.36 4.46 12.47
N GLU B 199 4.54 4.48 13.05
CA GLU B 199 5.27 3.20 13.31
C GLU B 199 4.55 2.40 14.38
N ALA B 200 3.91 3.08 15.32
CA ALA B 200 3.16 2.39 16.42
C ALA B 200 1.95 1.70 15.78
N VAL B 201 1.28 2.40 14.88
CA VAL B 201 0.14 1.90 14.11
C VAL B 201 0.42 0.56 13.43
N GLN B 202 1.59 0.49 12.82
CA GLN B 202 2.06 -0.69 12.12
C GLN B 202 2.01 -1.95 12.97
N GLN B 203 2.34 -1.82 14.24
CA GLN B 203 2.38 -2.88 15.22
C GLN B 203 1.02 -3.52 15.48
N LEU B 204 -0.04 -2.85 15.14
CA LEU B 204 -1.42 -3.35 15.36
C LEU B 204 -1.96 -4.01 14.11
N ILE B 205 -1.14 -4.07 13.04
CA ILE B 205 -1.64 -4.67 11.79
C ILE B 205 -1.18 -6.11 11.64
N ALA B 206 -2.14 -7.01 11.60
CA ALA B 206 -1.88 -8.44 11.43
C ALA B 206 -1.56 -8.64 9.92
N LYS B 207 -0.63 -9.52 9.69
CA LYS B 207 -0.19 -9.84 8.32
C LYS B 207 -0.70 -11.20 7.85
N LEU B 208 -1.11 -11.15 6.57
CA LEU B 208 -1.59 -12.38 5.90
C LEU B 208 -0.43 -13.39 6.00
N ASP B 209 -0.79 -14.58 6.41
CA ASP B 209 0.22 -15.64 6.60
C ASP B 209 -0.20 -16.88 5.83
N MET B 210 0.20 -16.90 4.54
CA MET B 210 -0.14 -18.01 3.68
C MET B 210 0.48 -19.33 4.16
N ASN B 211 1.58 -19.27 4.86
CA ASN B 211 2.32 -20.40 5.39
C ASN B 211 1.58 -21.19 6.48
N ASN B 212 0.74 -20.52 7.19
CA ASN B 212 -0.06 -21.10 8.31
C ASN B 212 -1.44 -21.54 7.91
N ALA B 213 -1.87 -21.13 6.70
CA ALA B 213 -3.19 -21.46 6.22
C ALA B 213 -3.31 -22.96 5.97
N ASN B 214 -4.53 -23.39 5.98
CA ASN B 214 -4.96 -24.77 5.68
C ASN B 214 -5.64 -24.63 4.28
N PRO B 215 -4.96 -25.19 3.30
CA PRO B 215 -5.48 -25.09 1.90
C PRO B 215 -6.88 -25.70 1.81
N MET B 216 -7.71 -25.09 1.01
CA MET B 216 -9.08 -25.49 0.76
C MET B 216 -9.85 -25.42 2.11
N ASP B 217 -9.28 -24.70 3.08
CA ASP B 217 -10.00 -24.62 4.40
C ASP B 217 -10.11 -23.23 4.93
N CYS B 218 -8.97 -22.68 5.37
CA CYS B 218 -8.92 -21.32 5.95
C CYS B 218 -7.54 -20.67 5.77
N LEU B 219 -7.60 -19.36 5.78
CA LEU B 219 -6.39 -18.50 5.66
C LEU B 219 -5.91 -18.29 7.11
N ALA B 220 -4.82 -17.57 7.27
CA ALA B 220 -4.21 -17.26 8.56
C ALA B 220 -3.57 -15.87 8.53
N TYR B 221 -3.61 -15.27 9.74
CA TYR B 221 -3.06 -13.96 10.02
C TYR B 221 -2.11 -14.19 11.20
N ARG B 222 -1.05 -13.41 11.19
CA ARG B 222 0.01 -13.39 12.15
C ARG B 222 -0.02 -12.05 12.90
N PHE B 223 -0.08 -12.25 14.24
CA PHE B 223 -0.10 -11.09 15.15
C PHE B 223 0.78 -11.36 16.38
N ASP B 224 1.94 -10.71 16.38
CA ASP B 224 2.87 -10.81 17.50
C ASP B 224 2.59 -9.63 18.44
N ILE B 225 2.68 -9.93 19.73
CA ILE B 225 2.46 -8.98 20.81
C ILE B 225 3.75 -8.87 21.66
N VAL B 226 4.12 -7.69 22.02
CA VAL B 226 5.26 -7.31 22.80
C VAL B 226 4.79 -6.60 24.11
N LEU B 227 5.15 -7.27 25.21
CA LEU B 227 4.87 -6.74 26.54
C LEU B 227 6.16 -6.04 27.07
N ARG B 228 5.94 -5.17 28.03
CA ARG B 228 7.03 -4.45 28.70
C ARG B 228 8.13 -5.44 29.06
N GLY B 229 9.36 -5.00 28.80
CA GLY B 229 10.55 -5.88 29.09
C GLY B 229 10.66 -6.09 30.61
N GLN B 230 11.08 -7.31 30.92
CA GLN B 230 11.27 -7.74 32.33
C GLN B 230 12.74 -7.97 32.64
N ARG B 231 13.18 -7.32 33.72
CA ARG B 231 14.58 -7.51 34.15
C ARG B 231 14.61 -7.83 35.65
N LYS B 232 15.84 -8.25 36.01
CA LYS B 232 16.07 -8.56 37.46
C LYS B 232 16.50 -7.21 38.07
N THR B 233 16.25 -7.09 39.33
CA THR B 233 16.62 -5.92 40.13
C THR B 233 18.15 -6.05 40.28
N HIS B 234 18.76 -4.88 40.39
CA HIS B 234 20.21 -4.81 40.58
C HIS B 234 20.56 -3.56 41.39
N PHE B 235 21.56 -3.75 42.25
CA PHE B 235 22.09 -2.68 43.08
C PHE B 235 21.00 -1.83 43.71
N GLU B 236 19.90 -2.45 44.06
CA GLU B 236 18.77 -1.72 44.66
C GLU B 236 18.97 -1.34 46.12
N PRO C 1 -8.82 5.07 -1.83
CA PRO C 1 -10.17 5.57 -1.69
C PRO C 1 -10.41 6.75 -2.66
N ILE C 2 -11.66 7.08 -2.87
CA ILE C 2 -12.05 8.18 -3.75
C ILE C 2 -12.01 9.52 -2.99
N GLU C 3 -11.32 10.49 -3.52
CA GLU C 3 -11.31 11.83 -2.87
C GLU C 3 -11.93 12.86 -3.83
N LEU C 4 -12.86 13.66 -3.39
CA LEU C 4 -13.51 14.72 -4.21
C LEU C 4 -12.67 16.00 -4.12
N LEU C 5 -13.17 17.09 -4.68
CA LEU C 5 -12.50 18.40 -4.49
C LEU C 5 -12.82 18.73 -2.97
N PRO C 6 -11.83 19.30 -2.34
CA PRO C 6 -11.97 19.71 -0.92
C PRO C 6 -12.80 21.00 -0.86
N GLU C 7 -13.61 21.06 0.20
CA GLU C 7 -14.44 22.27 0.39
C GLU C 7 -13.55 23.43 0.81
N THR C 8 -13.99 24.63 0.36
CA THR C 8 -13.28 25.84 0.76
C THR C 8 -13.38 25.90 2.32
N PRO C 9 -12.24 26.12 2.94
CA PRO C 9 -12.14 26.26 4.39
C PRO C 9 -12.88 27.50 4.92
N SER C 10 -13.53 27.25 6.08
CA SER C 10 -14.22 28.32 6.82
C SER C 10 -13.17 29.25 7.45
N GLN C 11 -13.49 30.49 7.71
CA GLN C 11 -12.70 31.49 8.39
C GLN C 11 -13.68 32.22 9.33
N THR C 12 -13.25 32.83 10.41
CA THR C 12 -14.15 33.56 11.36
C THR C 12 -14.79 34.73 10.57
N ALA C 13 -15.96 35.16 11.02
CA ALA C 13 -16.62 36.32 10.35
C ALA C 13 -15.95 37.63 10.75
N GLY C 14 -15.24 37.57 11.89
CA GLY C 14 -14.53 38.72 12.46
C GLY C 14 -15.57 39.61 13.17
N PRO C 15 -15.07 40.68 13.82
CA PRO C 15 -15.92 41.63 14.52
C PRO C 15 -16.73 42.57 13.68
N TYR C 16 -16.42 42.73 12.38
CA TYR C 16 -17.12 43.67 11.51
C TYR C 16 -18.18 43.09 10.59
N VAL C 17 -18.62 41.90 10.87
CA VAL C 17 -19.61 41.15 10.15
C VAL C 17 -20.85 41.96 9.82
N HIS C 18 -21.22 42.84 10.75
CA HIS C 18 -22.40 43.70 10.57
C HIS C 18 -22.36 44.54 9.32
N ILE C 19 -21.18 45.01 8.96
CA ILE C 19 -21.11 45.86 7.73
C ILE C 19 -21.60 45.10 6.50
N GLY C 20 -21.38 43.79 6.50
CA GLY C 20 -21.79 42.92 5.43
C GLY C 20 -23.14 42.27 5.54
N LEU C 21 -23.48 41.77 6.73
CA LEU C 21 -24.71 41.06 6.98
C LEU C 21 -25.72 41.67 7.91
N ALA C 22 -25.50 42.81 8.48
CA ALA C 22 -26.43 43.46 9.43
C ALA C 22 -26.16 44.97 9.41
N LEU C 23 -26.32 45.50 8.19
CA LEU C 23 -26.10 46.90 7.87
C LEU C 23 -26.49 47.87 8.97
N GLU C 24 -27.73 47.82 9.38
CA GLU C 24 -28.24 48.67 10.48
C GLU C 24 -27.26 48.65 11.67
N ALA C 25 -27.01 47.47 12.18
CA ALA C 25 -26.12 47.21 13.30
C ALA C 25 -24.75 47.84 13.13
N ALA C 26 -24.17 47.75 11.94
CA ALA C 26 -22.87 48.34 11.61
C ALA C 26 -22.94 49.87 11.77
N GLY C 27 -24.19 50.30 11.77
CA GLY C 27 -24.56 51.73 11.87
C GLY C 27 -24.31 52.39 10.50
N ASN C 28 -24.66 51.65 9.45
CA ASN C 28 -24.53 52.09 8.07
C ASN C 28 -25.90 52.05 7.37
N PRO C 29 -25.99 52.81 6.29
CA PRO C 29 -27.20 52.88 5.47
C PRO C 29 -27.51 51.48 4.92
N THR C 30 -28.80 51.20 4.88
CA THR C 30 -29.23 49.89 4.33
C THR C 30 -29.65 50.10 2.87
N ARG C 31 -29.81 48.99 2.21
CA ARG C 31 -30.24 48.87 0.81
C ARG C 31 -31.77 48.72 0.82
N ASP C 32 -32.40 48.74 -0.33
CA ASP C 32 -33.85 48.61 -0.47
C ASP C 32 -34.38 47.34 0.21
N GLN C 33 -33.68 46.25 -0.02
CA GLN C 33 -34.06 44.94 0.52
C GLN C 33 -32.91 44.39 1.35
N GLU C 34 -33.26 44.01 2.59
CA GLU C 34 -32.32 43.43 3.55
C GLU C 34 -32.91 42.18 4.22
N ILE C 35 -32.07 41.19 4.47
CA ILE C 35 -32.52 39.96 5.15
C ILE C 35 -32.40 40.21 6.66
N TRP C 36 -33.53 40.33 7.36
CA TRP C 36 -33.47 40.64 8.81
C TRP C 36 -34.16 39.72 9.74
N ASN C 37 -34.56 40.17 10.92
CA ASN C 37 -35.13 39.35 11.99
C ASN C 37 -36.63 39.17 12.10
N ARG C 38 -37.36 39.51 11.09
CA ARG C 38 -38.82 39.44 11.04
C ARG C 38 -39.28 38.38 10.04
N LEU C 39 -39.37 37.14 10.42
CA LEU C 39 -39.79 36.05 9.56
C LEU C 39 -41.24 36.11 9.14
N ALA C 40 -42.07 36.62 10.04
CA ALA C 40 -43.51 36.69 9.77
C ALA C 40 -44.11 38.07 9.82
N LYS C 41 -45.08 38.25 8.93
CA LYS C 41 -45.86 39.52 8.87
C LYS C 41 -47.06 39.26 9.79
N PRO C 42 -47.60 40.31 10.36
CA PRO C 42 -48.75 40.20 11.28
C PRO C 42 -49.82 39.28 10.78
N ASP C 43 -50.03 39.23 9.48
CA ASP C 43 -51.08 38.39 8.88
C ASP C 43 -50.62 36.99 8.57
N ALA C 44 -49.54 36.52 9.18
CA ALA C 44 -49.08 35.14 8.94
C ALA C 44 -49.81 34.17 9.88
N PRO C 45 -50.26 33.08 9.29
CA PRO C 45 -50.96 32.02 10.05
C PRO C 45 -49.96 31.41 11.03
N GLY C 46 -50.47 30.96 12.15
CA GLY C 46 -49.65 30.32 13.20
C GLY C 46 -49.61 31.22 14.43
N GLU C 47 -48.99 30.71 15.47
CA GLU C 47 -48.84 31.41 16.74
C GLU C 47 -47.60 32.31 16.72
N HIS C 48 -47.87 33.60 16.70
CA HIS C 48 -46.85 34.64 16.70
C HIS C 48 -46.10 34.67 18.03
N ILE C 49 -44.79 34.62 17.94
CA ILE C 49 -43.91 34.62 19.09
C ILE C 49 -42.69 35.52 18.86
N LEU C 50 -42.10 35.91 19.96
CA LEU C 50 -40.89 36.68 20.03
C LEU C 50 -39.85 35.74 20.71
N LEU C 51 -38.72 35.69 20.07
CA LEU C 51 -37.57 34.89 20.55
C LEU C 51 -36.48 35.97 20.88
N LEU C 52 -35.81 35.69 21.96
CA LEU C 52 -34.75 36.52 22.50
C LEU C 52 -33.76 35.66 23.28
N GLY C 53 -32.52 36.09 23.30
CA GLY C 53 -31.43 35.43 23.97
C GLY C 53 -30.18 36.29 24.00
N GLN C 54 -29.25 35.75 24.76
CA GLN C 54 -27.94 36.22 25.04
C GLN C 54 -26.96 35.04 24.77
N VAL C 55 -25.77 35.46 24.37
CA VAL C 55 -24.67 34.54 24.07
C VAL C 55 -23.54 34.76 25.08
N TYR C 56 -23.10 33.67 25.67
CA TYR C 56 -22.05 33.61 26.64
C TYR C 56 -20.84 32.80 26.19
N ASP C 57 -19.71 33.39 26.54
CA ASP C 57 -18.39 32.85 26.34
C ASP C 57 -18.08 31.96 27.59
N GLY C 58 -16.98 31.27 27.51
CA GLY C 58 -16.47 30.38 28.51
C GLY C 58 -16.16 30.99 29.88
N ASN C 59 -16.05 32.30 29.97
CA ASN C 59 -15.80 33.01 31.20
C ASN C 59 -17.11 33.56 31.77
N GLY C 60 -18.22 33.29 31.16
CA GLY C 60 -19.51 33.81 31.63
C GLY C 60 -19.77 35.21 31.10
N HIS C 61 -18.95 35.62 30.13
CA HIS C 61 -19.13 36.96 29.54
C HIS C 61 -19.98 36.97 28.28
N LEU C 62 -20.77 38.01 28.14
CA LEU C 62 -21.62 38.22 26.97
C LEU C 62 -20.74 38.40 25.69
N VAL C 63 -21.22 37.77 24.65
CA VAL C 63 -20.60 37.87 23.28
C VAL C 63 -21.49 38.94 22.58
N ARG C 64 -21.02 40.15 22.56
CA ARG C 64 -21.75 41.29 21.99
C ARG C 64 -21.58 41.47 20.50
N ASP C 65 -20.79 40.65 19.86
CA ASP C 65 -20.63 40.82 18.37
C ASP C 65 -21.08 39.58 17.63
N SER C 66 -22.02 38.84 18.25
CA SER C 66 -22.47 37.59 17.59
C SER C 66 -23.50 37.88 16.49
N PHE C 67 -23.53 37.01 15.54
CA PHE C 67 -24.39 37.02 14.36
C PHE C 67 -25.01 35.63 14.22
N LEU C 68 -26.32 35.61 13.98
CA LEU C 68 -27.06 34.34 13.85
C LEU C 68 -28.02 34.31 12.66
N GLU C 69 -28.13 33.09 12.18
CA GLU C 69 -28.99 32.74 11.04
C GLU C 69 -29.97 31.66 11.48
N VAL C 70 -31.22 31.84 11.09
CA VAL C 70 -32.24 30.87 11.49
C VAL C 70 -32.95 30.26 10.29
N TRP C 71 -33.25 28.98 10.45
CA TRP C 71 -34.02 28.25 9.42
C TRP C 71 -35.13 27.44 10.12
N GLN C 72 -36.35 27.75 9.79
CA GLN C 72 -37.52 27.05 10.39
C GLN C 72 -38.66 26.81 9.42
N ALA C 73 -39.43 25.73 9.72
CA ALA C 73 -40.63 25.41 8.94
C ALA C 73 -41.71 26.43 9.38
N ASP C 74 -42.73 26.54 8.55
CA ASP C 74 -43.87 27.44 8.91
C ASP C 74 -44.77 26.66 9.90
N ALA C 75 -45.86 27.33 10.20
CA ALA C 75 -46.90 26.84 11.11
C ALA C 75 -47.40 25.48 10.70
N ASN C 76 -47.44 25.19 9.40
CA ASN C 76 -47.87 23.89 8.89
C ASN C 76 -46.73 22.89 8.80
N GLY C 77 -45.61 23.22 9.40
CA GLY C 77 -44.44 22.33 9.36
C GLY C 77 -43.92 22.28 7.90
N GLU C 78 -43.99 23.43 7.24
CA GLU C 78 -43.49 23.51 5.85
C GLU C 78 -42.36 24.52 5.66
N TYR C 79 -41.32 24.07 4.97
CA TYR C 79 -40.16 24.92 4.65
C TYR C 79 -40.40 25.76 3.39
N GLN C 80 -40.40 27.04 3.60
CA GLN C 80 -40.60 28.07 2.56
C GLN C 80 -39.25 28.61 2.10
N ASP C 81 -38.70 28.02 1.04
CA ASP C 81 -37.40 28.37 0.51
C ASP C 81 -37.36 29.56 -0.40
N ALA C 82 -38.46 29.89 -1.03
CA ALA C 82 -38.52 31.04 -1.94
C ALA C 82 -38.55 32.31 -1.10
N TYR C 83 -37.39 32.84 -0.77
CA TYR C 83 -37.25 34.05 0.01
C TYR C 83 -37.78 35.28 -0.71
N ASN C 84 -38.70 35.98 -0.06
CA ASN C 84 -39.29 37.20 -0.68
C ASN C 84 -39.89 38.08 0.42
N LEU C 85 -39.53 39.34 0.40
CA LEU C 85 -39.96 40.38 1.32
C LEU C 85 -41.47 40.58 1.26
N GLU C 86 -42.07 40.13 0.18
CA GLU C 86 -43.51 40.23 -0.04
C GLU C 86 -44.26 39.14 0.70
N ASN C 87 -43.61 38.03 0.97
CA ASN C 87 -44.15 36.89 1.69
C ASN C 87 -44.67 37.29 3.08
N ALA C 88 -45.70 36.58 3.47
CA ALA C 88 -46.32 36.80 4.81
C ALA C 88 -45.45 36.04 5.84
N PHE C 89 -44.67 35.09 5.35
CA PHE C 89 -43.76 34.28 6.09
C PHE C 89 -42.54 33.82 5.26
N ASN C 90 -41.38 34.01 5.90
CA ASN C 90 -40.10 33.54 5.36
C ASN C 90 -39.54 32.54 6.39
N SER C 91 -39.05 31.44 5.93
CA SER C 91 -38.46 30.38 6.72
C SER C 91 -37.04 30.72 7.24
N PHE C 92 -36.45 31.73 6.58
CA PHE C 92 -35.13 32.21 6.86
C PHE C 92 -35.07 33.59 7.46
N GLY C 93 -34.12 33.72 8.40
CA GLY C 93 -33.91 35.04 9.02
C GLY C 93 -32.49 35.21 9.56
N ARG C 94 -32.23 36.45 9.91
CA ARG C 94 -30.98 36.89 10.46
C ARG C 94 -31.20 37.88 11.62
N THR C 95 -30.25 37.74 12.54
CA THR C 95 -30.22 38.59 13.74
C THR C 95 -28.83 38.70 14.30
N ALA C 96 -28.66 39.63 15.20
CA ALA C 96 -27.41 39.93 15.89
C ALA C 96 -27.67 40.47 17.30
N THR C 97 -26.63 40.37 18.12
CA THR C 97 -26.70 40.88 19.49
C THR C 97 -26.27 42.33 19.54
N THR C 98 -26.97 43.06 20.42
CA THR C 98 -26.69 44.48 20.66
C THR C 98 -25.31 44.62 21.33
N PHE C 99 -24.59 45.65 20.85
CA PHE C 99 -23.24 45.90 21.39
C PHE C 99 -23.40 46.38 22.83
N ASP C 100 -24.63 46.73 23.17
CA ASP C 100 -24.96 47.21 24.53
C ASP C 100 -25.39 46.01 25.38
N ALA C 101 -26.68 45.84 25.60
CA ALA C 101 -27.22 44.72 26.37
C ALA C 101 -26.73 43.35 25.92
N GLY C 102 -26.46 43.19 24.64
CA GLY C 102 -25.98 41.97 24.04
C GLY C 102 -27.05 40.90 23.84
N GLU C 103 -28.23 41.36 23.50
CA GLU C 103 -29.39 40.52 23.25
C GLU C 103 -29.92 40.59 21.83
N TRP C 104 -30.29 39.45 21.28
CA TRP C 104 -30.85 39.35 19.92
C TRP C 104 -32.35 39.07 20.01
N THR C 105 -33.07 39.40 18.95
CA THR C 105 -34.51 39.16 18.85
C THR C 105 -34.90 38.75 17.45
N LEU C 106 -35.93 37.90 17.39
CA LEU C 106 -36.51 37.39 16.15
C LEU C 106 -38.03 37.44 16.29
N HIS C 107 -38.69 37.85 15.25
CA HIS C 107 -40.17 37.91 15.20
C HIS C 107 -40.60 36.82 14.23
N THR C 108 -41.25 35.80 14.76
CA THR C 108 -41.70 34.67 13.92
C THR C 108 -42.97 34.06 14.47
N VAL C 109 -43.18 32.81 14.10
CA VAL C 109 -44.27 31.95 14.46
C VAL C 109 -43.68 30.60 14.90
N LYS C 110 -44.41 29.94 15.80
CA LYS C 110 -43.94 28.59 16.26
C LYS C 110 -44.10 27.61 15.09
N PRO C 111 -43.00 26.95 14.73
CA PRO C 111 -42.97 26.01 13.61
C PRO C 111 -43.84 24.76 13.85
N GLY C 112 -44.33 24.22 12.73
CA GLY C 112 -45.13 22.99 12.74
C GLY C 112 -44.11 21.83 12.75
N VAL C 113 -44.58 20.64 12.94
CA VAL C 113 -43.78 19.42 13.01
C VAL C 113 -43.33 18.92 11.63
N VAL C 114 -42.12 18.40 11.55
CA VAL C 114 -41.58 17.83 10.30
C VAL C 114 -41.00 16.45 10.72
N ASN C 115 -41.02 15.56 9.76
CA ASN C 115 -40.51 14.19 9.95
C ASN C 115 -39.05 14.12 9.50
N ASN C 116 -38.36 13.19 10.08
CA ASN C 116 -36.94 12.93 9.75
C ASN C 116 -36.95 12.06 8.47
N ALA C 117 -35.76 11.69 8.07
CA ALA C 117 -35.60 10.87 6.85
C ALA C 117 -36.31 9.54 7.03
N ALA C 118 -36.31 8.96 8.22
CA ALA C 118 -37.00 7.70 8.49
C ALA C 118 -38.50 7.82 8.70
N GLY C 119 -39.11 8.95 8.54
CA GLY C 119 -40.53 9.16 8.74
C GLY C 119 -41.00 9.51 10.12
N VAL C 120 -40.14 9.61 11.10
CA VAL C 120 -40.46 9.95 12.50
C VAL C 120 -40.53 11.47 12.67
N PRO C 121 -41.59 11.96 13.32
CA PRO C 121 -41.77 13.38 13.56
C PRO C 121 -40.75 13.88 14.59
N MET C 122 -40.24 15.07 14.30
CA MET C 122 -39.25 15.78 15.14
C MET C 122 -40.09 16.82 15.89
N ALA C 123 -39.71 17.15 17.12
CA ALA C 123 -40.49 18.17 17.87
C ALA C 123 -40.23 19.51 17.22
N PRO C 124 -41.16 20.42 17.33
CA PRO C 124 -40.99 21.78 16.76
C PRO C 124 -39.63 22.32 17.15
N HIS C 125 -38.91 22.81 16.16
CA HIS C 125 -37.55 23.34 16.41
C HIS C 125 -37.17 24.36 15.33
N ILE C 126 -36.21 25.19 15.77
CA ILE C 126 -35.64 26.25 14.91
C ILE C 126 -34.15 25.91 14.74
N ASN C 127 -33.69 25.93 13.51
CA ASN C 127 -32.24 25.60 13.26
C ASN C 127 -31.44 26.89 13.42
N ILE C 128 -30.31 26.79 14.12
CA ILE C 128 -29.52 28.01 14.34
C ILE C 128 -28.05 27.83 14.02
N SER C 129 -27.55 28.86 13.34
CA SER C 129 -26.10 28.93 12.99
C SER C 129 -25.57 30.23 13.62
N LEU C 130 -24.54 30.03 14.44
CA LEU C 130 -23.88 31.14 15.16
C LEU C 130 -22.47 31.40 14.62
N PHE C 131 -22.29 32.66 14.35
CA PHE C 131 -21.05 33.21 13.79
C PHE C 131 -20.56 34.37 14.65
N ALA C 132 -19.23 34.43 14.79
CA ALA C 132 -18.61 35.53 15.52
C ALA C 132 -17.08 35.47 15.48
N ARG C 133 -16.59 36.59 15.93
CA ARG C 133 -15.11 36.78 16.10
C ARG C 133 -14.74 35.72 17.20
N GLY C 134 -13.72 34.94 16.89
CA GLY C 134 -13.26 33.91 17.82
C GLY C 134 -13.83 32.56 17.44
N ILE C 135 -14.81 32.56 16.52
CA ILE C 135 -15.44 31.34 16.02
C ILE C 135 -14.91 31.07 14.59
N ASN C 136 -14.08 30.07 14.47
CA ASN C 136 -13.40 29.68 13.26
C ASN C 136 -14.33 29.16 12.17
N ILE C 137 -15.20 28.27 12.61
CA ILE C 137 -16.23 27.68 11.77
C ILE C 137 -17.50 27.79 12.65
N HIS C 138 -18.59 28.15 12.02
CA HIS C 138 -19.85 28.39 12.67
C HIS C 138 -20.42 27.22 13.45
N LEU C 139 -21.23 27.58 14.43
CA LEU C 139 -21.84 26.54 15.31
C LEU C 139 -23.31 26.30 15.00
N HIS C 140 -23.58 25.00 14.89
CA HIS C 140 -24.97 24.59 14.62
C HIS C 140 -25.65 24.11 15.94
N THR C 141 -26.84 24.66 16.12
CA THR C 141 -27.72 24.28 17.22
C THR C 141 -29.20 24.23 16.83
N ARG C 142 -30.04 23.73 17.80
CA ARG C 142 -31.48 23.72 17.60
C ARG C 142 -32.17 24.35 18.82
N LEU C 143 -33.25 25.05 18.56
CA LEU C 143 -34.07 25.65 19.64
C LEU C 143 -35.39 24.83 19.75
N TYR C 144 -35.59 24.25 20.91
CA TYR C 144 -36.87 23.50 21.16
C TYR C 144 -37.65 24.36 22.19
N PHE C 145 -38.92 24.09 22.34
CA PHE C 145 -39.82 24.86 23.24
C PHE C 145 -40.21 24.02 24.47
N ASP C 146 -40.14 24.66 25.62
CA ASP C 146 -40.44 24.02 26.90
C ASP C 146 -41.89 23.57 26.99
N ASP C 147 -42.77 24.18 26.24
CA ASP C 147 -44.19 23.80 26.29
C ASP C 147 -44.51 22.66 25.34
N GLU C 148 -43.50 22.04 24.77
CA GLU C 148 -43.70 20.92 23.83
C GLU C 148 -43.04 19.69 24.43
N ALA C 149 -43.13 19.62 25.76
CA ALA C 149 -42.56 18.53 26.51
C ALA C 149 -42.92 17.18 25.91
N GLN C 150 -44.17 16.92 25.63
CA GLN C 150 -44.59 15.62 25.07
C GLN C 150 -43.87 15.25 23.80
N ALA C 151 -43.81 16.19 22.89
CA ALA C 151 -43.11 15.97 21.59
C ALA C 151 -41.60 15.87 21.76
N ASN C 152 -41.07 16.74 22.64
CA ASN C 152 -39.64 16.78 22.89
C ASN C 152 -39.09 15.43 23.35
N ALA C 153 -39.88 14.79 24.21
CA ALA C 153 -39.45 13.51 24.77
C ALA C 153 -39.27 12.45 23.72
N LYS C 154 -40.01 12.59 22.63
CA LYS C 154 -39.99 11.62 21.54
C LYS C 154 -39.12 11.97 20.37
N CYS C 155 -38.49 13.15 20.35
CA CYS C 155 -37.66 13.60 19.28
C CYS C 155 -36.48 12.69 18.99
N PRO C 156 -36.45 12.23 17.74
CA PRO C 156 -35.38 11.36 17.27
C PRO C 156 -34.04 12.11 17.32
N VAL C 157 -34.08 13.43 17.27
CA VAL C 157 -32.83 14.24 17.30
C VAL C 157 -32.37 14.44 18.74
N LEU C 158 -33.26 14.98 19.54
CA LEU C 158 -33.00 15.23 20.99
C LEU C 158 -32.53 13.94 21.67
N ASN C 159 -33.11 12.83 21.25
CA ASN C 159 -32.77 11.50 21.77
C ASN C 159 -31.41 11.02 21.38
N LEU C 160 -30.71 11.64 20.44
CA LEU C 160 -29.35 11.20 20.05
C LEU C 160 -28.33 11.75 21.06
N ILE C 161 -28.75 12.73 21.84
CA ILE C 161 -27.87 13.30 22.89
C ILE C 161 -27.92 12.28 24.05
N GLU C 162 -26.79 11.65 24.25
CA GLU C 162 -26.48 10.67 25.22
C GLU C 162 -26.96 10.95 26.64
N GLN C 163 -26.61 12.09 27.17
CA GLN C 163 -26.89 12.61 28.47
C GLN C 163 -28.09 13.55 28.55
N PRO C 164 -29.12 13.06 29.22
CA PRO C 164 -30.37 13.77 29.46
C PRO C 164 -30.22 15.21 29.83
N GLN C 165 -29.24 15.49 30.68
CA GLN C 165 -28.96 16.83 31.20
C GLN C 165 -28.56 17.80 30.10
N ARG C 166 -27.91 17.21 29.08
CA ARG C 166 -27.43 18.03 27.93
C ARG C 166 -28.57 18.46 27.04
N ARG C 167 -29.61 17.62 26.97
CA ARG C 167 -30.81 17.90 26.16
C ARG C 167 -31.53 19.16 26.61
N GLU C 168 -31.45 19.39 27.92
CA GLU C 168 -32.08 20.56 28.54
C GLU C 168 -31.53 21.89 28.06
N THR C 169 -30.28 21.87 27.61
CA THR C 169 -29.61 23.08 27.08
C THR C 169 -30.31 23.56 25.81
N LEU C 170 -30.99 22.65 25.11
CA LEU C 170 -31.70 23.02 23.88
C LEU C 170 -33.13 23.48 24.08
N ILE C 171 -33.58 23.61 25.33
CA ILE C 171 -34.95 24.02 25.57
C ILE C 171 -35.16 25.46 25.91
N ALA C 172 -35.90 26.17 25.09
CA ALA C 172 -36.21 27.58 25.31
C ALA C 172 -37.37 27.70 26.34
N LYS C 173 -37.21 28.66 27.23
CA LYS C 173 -38.18 28.94 28.29
C LYS C 173 -39.20 30.00 27.86
N ARG C 174 -40.44 29.56 27.95
CA ARG C 174 -41.60 30.40 27.60
C ARG C 174 -41.75 31.48 28.67
N CYS C 175 -42.00 32.66 28.22
CA CYS C 175 -42.16 33.87 29.01
C CYS C 175 -43.06 34.85 28.26
N GLU C 176 -43.10 36.07 28.77
CA GLU C 176 -43.93 37.12 28.14
C GLU C 176 -43.15 38.40 28.12
N VAL C 177 -43.33 39.15 27.05
CA VAL C 177 -42.67 40.47 26.82
C VAL C 177 -43.79 41.37 26.29
N ASP C 178 -44.13 42.36 27.12
CA ASP C 178 -45.20 43.30 26.83
C ASP C 178 -46.50 42.55 26.53
N GLY C 179 -46.76 41.53 27.34
CA GLY C 179 -47.99 40.76 27.14
C GLY C 179 -47.99 39.92 25.89
N LYS C 180 -46.81 39.69 25.33
CA LYS C 180 -46.72 38.84 24.12
C LYS C 180 -45.92 37.60 24.52
N THR C 181 -46.32 36.48 23.94
CA THR C 181 -45.61 35.22 24.20
C THR C 181 -44.20 35.37 23.58
N ALA C 182 -43.25 34.99 24.38
CA ALA C 182 -41.83 35.04 24.09
C ALA C 182 -41.20 33.76 24.64
N TYR C 183 -40.02 33.47 24.18
CA TYR C 183 -39.22 32.32 24.56
C TYR C 183 -37.76 32.87 24.60
N ARG C 184 -37.08 32.44 25.60
CA ARG C 184 -35.74 32.81 25.86
C ARG C 184 -34.82 31.60 25.64
N PHE C 185 -33.84 31.90 24.76
CA PHE C 185 -32.85 30.87 24.41
C PHE C 185 -31.45 31.49 24.53
N ASP C 186 -30.84 31.19 25.65
CA ASP C 186 -29.48 31.68 25.90
C ASP C 186 -28.50 30.59 25.39
N ILE C 187 -27.41 31.03 24.78
CA ILE C 187 -26.38 30.11 24.28
C ILE C 187 -25.13 30.23 25.16
N ARG C 188 -24.58 29.13 25.57
CA ARG C 188 -23.36 29.05 26.38
C ARG C 188 -22.37 28.28 25.52
N ILE C 189 -21.42 29.02 24.96
CA ILE C 189 -20.45 28.42 24.03
C ILE C 189 -19.54 27.42 24.72
N GLN C 190 -19.18 27.76 25.96
CA GLN C 190 -18.21 26.90 26.69
C GLN C 190 -18.47 26.89 28.19
N GLY C 191 -18.10 25.78 28.82
CA GLY C 191 -18.20 25.59 30.25
C GLY C 191 -19.53 25.15 30.81
N GLU C 192 -19.82 25.64 32.00
CA GLU C 192 -21.02 25.40 32.78
C GLU C 192 -22.30 25.55 31.98
N GLY C 193 -23.01 24.47 31.79
CA GLY C 193 -24.25 24.43 31.01
C GLY C 193 -24.02 24.68 29.51
N GLU C 194 -22.91 24.19 28.98
CA GLU C 194 -22.58 24.41 27.56
C GLU C 194 -23.67 23.78 26.67
N THR C 195 -24.15 24.59 25.76
CA THR C 195 -25.13 24.22 24.76
C THR C 195 -24.57 23.16 23.79
N VAL C 196 -25.47 22.23 23.50
CA VAL C 196 -25.19 21.17 22.52
C VAL C 196 -25.09 21.88 21.13
N PHE C 197 -24.12 21.42 20.42
CA PHE C 197 -23.81 21.88 19.04
C PHE C 197 -23.68 20.55 18.22
N PHE C 198 -24.17 20.70 16.99
CA PHE C 198 -24.27 19.57 16.11
C PHE C 198 -23.34 19.62 14.89
N ASP C 199 -23.17 18.41 14.38
CA ASP C 199 -22.40 18.15 13.15
C ASP C 199 -23.37 17.33 12.26
N PHE C 200 -23.43 17.75 11.01
CA PHE C 200 -24.26 17.16 9.97
C PHE C 200 -23.68 17.56 8.57
N PRO D 1 -42.98 24.17 -1.16
CA PRO D 1 -42.03 24.02 -0.05
C PRO D 1 -40.83 23.20 -0.51
N ALA D 2 -39.74 23.36 0.25
CA ALA D 2 -38.50 22.63 -0.03
C ALA D 2 -38.73 21.16 0.31
N GLN D 3 -37.97 20.28 -0.29
CA GLN D 3 -38.07 18.85 -0.10
C GLN D 3 -36.72 18.16 0.08
N ASP D 4 -36.76 17.12 0.92
CA ASP D 4 -35.62 16.29 1.26
C ASP D 4 -35.33 15.29 0.13
N ASN D 5 -34.54 15.77 -0.83
CA ASN D 5 -34.15 14.92 -1.97
C ASN D 5 -32.64 14.77 -2.07
N SER D 6 -31.90 15.51 -1.26
CA SER D 6 -30.43 15.48 -1.34
C SER D 6 -29.71 15.15 -0.05
N ARG D 7 -28.47 14.75 -0.20
CA ARG D 7 -27.54 14.45 0.88
C ARG D 7 -26.27 15.26 0.60
N PHE D 8 -25.61 15.71 1.66
CA PHE D 8 -24.36 16.48 1.47
C PHE D 8 -23.23 15.71 2.09
N VAL D 9 -22.12 15.73 1.36
CA VAL D 9 -20.87 15.07 1.74
C VAL D 9 -20.49 15.66 3.12
N ILE D 10 -20.13 14.73 3.99
CA ILE D 10 -19.74 15.06 5.36
C ILE D 10 -18.51 15.94 5.36
N ARG D 11 -18.63 17.03 6.12
CA ARG D 11 -17.51 17.98 6.22
C ARG D 11 -16.30 17.31 6.85
N ASP D 12 -15.16 17.71 6.32
CA ASP D 12 -13.83 17.25 6.83
C ASP D 12 -13.37 18.31 7.85
N ARG D 13 -13.59 17.95 9.11
CA ARG D 13 -13.28 18.79 10.26
C ARG D 13 -11.83 18.95 10.60
N ASN D 14 -11.01 18.22 9.88
CA ASN D 14 -9.55 18.31 9.97
C ASN D 14 -9.05 19.20 8.82
N TRP D 15 -9.89 19.50 7.84
CA TRP D 15 -9.52 20.38 6.69
C TRP D 15 -9.80 21.84 7.10
N HIS D 16 -10.99 21.96 7.67
CA HIS D 16 -11.42 23.26 8.24
C HIS D 16 -10.54 23.47 9.54
N PRO D 17 -10.47 24.74 9.93
CA PRO D 17 -9.76 25.10 11.18
C PRO D 17 -10.55 24.49 12.38
N LYS D 18 -9.77 24.14 13.37
CA LYS D 18 -10.39 23.60 14.62
C LYS D 18 -10.96 24.84 15.34
N ALA D 19 -11.77 24.52 16.36
CA ALA D 19 -12.41 25.55 17.19
C ALA D 19 -11.37 26.27 18.10
N LEU D 20 -10.58 25.49 18.79
CA LEU D 20 -9.58 25.92 19.73
C LEU D 20 -8.22 26.10 19.04
N THR D 21 -7.84 27.32 18.77
CA THR D 21 -6.54 27.63 18.08
C THR D 21 -6.00 28.82 18.87
N PRO D 22 -5.31 28.49 19.96
CA PRO D 22 -4.84 29.44 20.94
C PRO D 22 -4.09 30.64 20.47
N ASP D 23 -3.31 30.56 19.39
CA ASP D 23 -2.61 31.81 18.91
C ASP D 23 -3.64 32.84 18.52
N TYR D 24 -4.81 32.41 18.14
CA TYR D 24 -5.93 33.32 17.81
C TYR D 24 -6.70 33.39 19.16
N LYS D 25 -6.34 34.39 19.94
CA LYS D 25 -6.80 34.66 21.28
C LYS D 25 -8.22 34.45 21.66
N THR D 26 -9.13 35.10 20.96
CA THR D 26 -10.57 35.07 21.19
C THR D 26 -11.16 33.68 21.09
N SER D 27 -10.48 32.80 20.38
CA SER D 27 -10.89 31.46 20.17
C SER D 27 -10.89 30.67 21.53
N ILE D 28 -10.03 31.07 22.46
CA ILE D 28 -9.86 30.39 23.70
C ILE D 28 -11.20 30.23 24.50
N ALA D 29 -11.85 31.33 24.69
CA ALA D 29 -13.10 31.44 25.43
C ALA D 29 -14.33 31.23 24.57
N ARG D 30 -14.17 31.26 23.25
CA ARG D 30 -15.30 31.05 22.34
C ARG D 30 -15.35 29.73 21.60
N SER D 31 -14.77 28.68 22.19
CA SER D 31 -14.75 27.34 21.61
C SER D 31 -15.40 26.37 22.62
N PRO D 32 -16.30 25.54 22.10
CA PRO D 32 -16.99 24.54 22.94
C PRO D 32 -15.91 23.59 23.50
N ARG D 33 -16.19 22.97 24.59
CA ARG D 33 -15.24 22.01 25.20
C ARG D 33 -15.84 20.62 25.02
N GLN D 34 -17.16 20.61 24.80
CA GLN D 34 -17.80 19.29 24.59
C GLN D 34 -17.73 18.98 23.07
N ALA D 35 -17.73 17.70 22.73
CA ALA D 35 -17.72 17.28 21.31
C ALA D 35 -19.05 17.65 20.66
N LEU D 36 -19.00 17.94 19.37
CA LEU D 36 -20.20 18.24 18.56
C LEU D 36 -21.01 16.92 18.51
N VAL D 37 -22.30 17.00 18.46
CA VAL D 37 -23.12 15.78 18.36
C VAL D 37 -23.48 15.54 16.88
N SER D 38 -23.09 14.40 16.38
CA SER D 38 -23.39 14.06 14.95
C SER D 38 -24.86 13.60 14.86
N ILE D 39 -25.55 14.16 13.91
CA ILE D 39 -26.96 13.87 13.61
C ILE D 39 -27.07 13.54 12.11
N PRO D 40 -28.03 12.67 11.80
CA PRO D 40 -28.27 12.28 10.38
C PRO D 40 -28.98 13.45 9.69
N GLN D 41 -28.74 13.57 8.39
CA GLN D 41 -29.39 14.65 7.62
C GLN D 41 -30.90 14.40 7.47
N SER D 42 -31.63 15.50 7.57
CA SER D 42 -33.07 15.56 7.46
C SER D 42 -33.41 16.81 6.62
N ILE D 43 -34.69 16.98 6.34
CA ILE D 43 -35.17 18.12 5.56
C ILE D 43 -34.75 19.45 6.16
N SER D 44 -34.60 19.45 7.47
CA SER D 44 -34.23 20.66 8.22
C SER D 44 -32.81 21.10 7.79
N GLU D 45 -31.94 20.09 7.65
CA GLU D 45 -30.55 20.38 7.27
C GLU D 45 -30.23 20.43 5.80
N THR D 46 -31.01 19.76 4.97
CA THR D 46 -30.79 19.62 3.54
C THR D 46 -31.49 20.62 2.63
N THR D 47 -32.21 21.55 3.18
CA THR D 47 -32.91 22.62 2.53
C THR D 47 -32.28 23.93 2.99
N GLY D 48 -32.67 25.01 2.35
CA GLY D 48 -32.16 26.35 2.60
C GLY D 48 -32.93 27.32 1.69
N PRO D 49 -32.76 28.59 2.01
CA PRO D 49 -33.42 29.66 1.27
C PRO D 49 -32.78 29.84 -0.13
N ASN D 50 -33.65 30.27 -1.01
CA ASN D 50 -33.32 30.59 -2.41
C ASN D 50 -33.56 32.11 -2.51
N PHE D 51 -32.54 32.82 -2.93
CA PHE D 51 -32.58 34.29 -3.04
C PHE D 51 -32.81 34.84 -4.44
N SER D 52 -33.29 34.01 -5.32
CA SER D 52 -33.61 34.32 -6.70
C SER D 52 -34.53 35.53 -6.82
N HIS D 53 -35.45 35.65 -5.87
CA HIS D 53 -36.40 36.74 -5.87
C HIS D 53 -36.06 37.93 -5.02
N LEU D 54 -34.88 37.94 -4.40
CA LEU D 54 -34.51 39.14 -3.59
C LEU D 54 -34.30 40.28 -4.61
N GLY D 55 -34.75 41.46 -4.26
CA GLY D 55 -34.68 42.66 -5.09
C GLY D 55 -33.32 43.32 -4.99
N PHE D 56 -32.43 42.93 -5.88
CA PHE D 56 -31.07 43.47 -5.92
C PHE D 56 -30.98 44.81 -6.67
N GLY D 57 -30.26 45.73 -6.09
CA GLY D 57 -30.04 47.05 -6.72
C GLY D 57 -28.97 46.84 -7.82
N ALA D 58 -28.96 47.83 -8.70
CA ALA D 58 -28.10 47.95 -9.86
C ALA D 58 -26.61 47.88 -9.60
N HIS D 59 -26.15 48.47 -8.51
CA HIS D 59 -24.75 48.45 -8.15
C HIS D 59 -24.46 47.68 -6.85
N ASP D 60 -25.28 46.68 -6.60
CA ASP D 60 -25.13 45.87 -5.37
C ASP D 60 -23.76 45.21 -5.27
N HIS D 61 -23.25 44.85 -6.46
CA HIS D 61 -22.01 44.19 -6.67
C HIS D 61 -20.84 45.09 -7.02
N ASP D 62 -21.09 46.38 -7.21
CA ASP D 62 -20.09 47.37 -7.60
C ASP D 62 -19.81 48.40 -6.48
N LEU D 63 -18.74 48.10 -5.74
CA LEU D 63 -18.26 48.88 -4.61
C LEU D 63 -17.72 50.23 -4.95
N LEU D 64 -17.40 50.37 -6.24
CA LEU D 64 -16.92 51.63 -6.80
C LEU D 64 -18.04 52.64 -6.90
N LEU D 65 -19.28 52.19 -7.02
CA LEU D 65 -20.42 53.08 -7.17
C LEU D 65 -21.49 53.02 -6.06
N ASN D 66 -21.62 51.91 -5.40
CA ASN D 66 -22.67 51.68 -4.41
C ASN D 66 -22.64 52.48 -3.15
N PHE D 67 -21.66 53.29 -2.82
CA PHE D 67 -21.67 54.02 -1.54
C PHE D 67 -22.14 55.49 -1.82
N GLY D 71 -18.01 60.98 -6.02
CA GLY D 71 -16.69 60.58 -6.42
C GLY D 71 -16.35 59.11 -6.37
N LEU D 72 -15.13 58.81 -6.72
CA LEU D 72 -14.52 57.49 -6.78
C LEU D 72 -13.62 57.30 -5.55
N PRO D 73 -13.62 56.08 -5.06
CA PRO D 73 -12.74 55.72 -3.94
C PRO D 73 -11.28 55.72 -4.43
N ILE D 74 -10.37 55.98 -3.48
CA ILE D 74 -8.92 55.96 -3.81
C ILE D 74 -8.45 54.52 -3.57
N GLY D 75 -7.61 53.95 -4.40
CA GLY D 75 -7.12 52.58 -4.22
C GLY D 75 -7.07 51.80 -5.51
N GLU D 76 -6.43 50.63 -5.42
CA GLU D 76 -6.26 49.75 -6.56
C GLU D 76 -7.59 49.15 -7.02
N ARG D 77 -8.00 49.66 -8.18
CA ARG D 77 -9.26 49.20 -8.81
C ARG D 77 -9.06 47.74 -9.23
N ILE D 78 -10.00 46.91 -8.78
CA ILE D 78 -9.93 45.46 -9.09
C ILE D 78 -11.30 44.85 -9.25
N ILE D 79 -11.30 43.83 -10.07
CA ILE D 79 -12.49 43.01 -10.28
C ILE D 79 -12.16 41.70 -9.51
N VAL D 80 -13.12 41.23 -8.76
CA VAL D 80 -12.92 39.93 -8.06
C VAL D 80 -14.06 39.03 -8.66
N ALA D 81 -13.64 38.01 -9.35
CA ALA D 81 -14.54 37.09 -9.99
C ALA D 81 -14.16 35.63 -9.79
N GLY D 82 -15.14 34.78 -9.99
CA GLY D 82 -14.94 33.33 -9.90
C GLY D 82 -16.24 32.57 -10.05
N ARG D 83 -16.11 31.30 -9.71
CA ARG D 83 -17.24 30.38 -9.84
C ARG D 83 -17.42 29.54 -8.56
N VAL D 84 -18.68 29.30 -8.21
CA VAL D 84 -19.01 28.44 -7.08
C VAL D 84 -19.41 27.05 -7.61
N VAL D 85 -18.68 26.06 -7.26
CA VAL D 85 -18.97 24.66 -7.65
C VAL D 85 -19.14 23.82 -6.37
N ASP D 86 -19.61 22.63 -6.45
CA ASP D 86 -19.72 21.71 -5.30
C ASP D 86 -18.51 20.76 -5.43
N GLN D 87 -18.38 19.87 -4.46
CA GLN D 87 -17.24 18.94 -4.43
C GLN D 87 -17.18 18.05 -5.64
N TYR D 88 -18.31 17.87 -6.32
CA TYR D 88 -18.35 17.04 -7.52
C TYR D 88 -17.89 17.85 -8.75
N GLY D 89 -17.79 19.13 -8.64
CA GLY D 89 -17.36 19.98 -9.81
C GLY D 89 -18.60 20.61 -10.44
N LYS D 90 -19.76 20.39 -9.83
CA LYS D 90 -21.04 20.94 -10.35
C LYS D 90 -21.27 22.35 -9.92
N PRO D 91 -21.60 23.22 -10.91
CA PRO D 91 -21.85 24.63 -10.68
C PRO D 91 -23.07 24.78 -9.73
N VAL D 92 -23.04 25.87 -9.00
CA VAL D 92 -24.16 26.21 -8.06
C VAL D 92 -24.69 27.57 -8.57
N PRO D 93 -25.76 27.45 -9.34
CA PRO D 93 -26.40 28.64 -9.96
C PRO D 93 -27.34 29.31 -8.96
N ASN D 94 -27.61 30.56 -9.20
CA ASN D 94 -28.47 31.42 -8.44
C ASN D 94 -28.24 31.31 -6.90
N THR D 95 -26.98 31.47 -6.52
CA THR D 95 -26.63 31.40 -5.08
C THR D 95 -26.20 32.76 -4.62
N LEU D 96 -26.44 33.06 -3.34
CA LEU D 96 -26.09 34.36 -2.78
C LEU D 96 -24.63 34.42 -2.32
N VAL D 97 -23.92 35.40 -2.82
CA VAL D 97 -22.56 35.71 -2.50
C VAL D 97 -22.51 37.11 -1.88
N GLU D 98 -22.01 37.19 -0.67
CA GLU D 98 -21.94 38.48 0.03
C GLU D 98 -20.49 38.70 0.49
N MET D 99 -20.08 39.95 0.41
CA MET D 99 -18.67 40.29 0.80
C MET D 99 -18.60 41.63 1.49
N TRP D 100 -17.57 41.81 2.27
CA TRP D 100 -17.33 43.05 3.03
C TRP D 100 -15.82 43.14 3.28
N GLN D 101 -15.34 44.34 3.36
CA GLN D 101 -13.88 44.57 3.53
C GLN D 101 -13.62 45.99 3.99
N ALA D 102 -12.34 46.19 4.32
CA ALA D 102 -11.85 47.53 4.72
C ALA D 102 -11.54 48.36 3.44
N ASN D 103 -11.11 49.59 3.70
CA ASN D 103 -10.72 50.48 2.57
C ASN D 103 -9.22 50.20 2.23
N ALA D 104 -8.75 51.10 1.34
CA ALA D 104 -7.36 51.04 0.85
C ALA D 104 -6.31 51.14 1.94
N GLY D 105 -6.66 51.88 3.02
CA GLY D 105 -5.76 52.07 4.15
C GLY D 105 -5.95 51.04 5.26
N GLY D 106 -6.91 50.15 5.13
CA GLY D 106 -7.20 49.14 6.16
C GLY D 106 -8.25 49.61 7.18
N ARG D 107 -8.99 50.62 6.94
CA ARG D 107 -10.06 51.13 7.81
C ARG D 107 -11.44 50.56 7.43
N TYR D 108 -12.14 49.95 8.38
CA TYR D 108 -13.51 49.43 8.13
C TYR D 108 -14.54 50.52 8.46
N ARG D 109 -15.63 50.55 7.71
CA ARG D 109 -16.74 51.51 7.96
C ARG D 109 -17.74 50.86 8.96
N HIS D 110 -17.26 50.80 10.18
CA HIS D 110 -17.93 50.20 11.35
C HIS D 110 -17.60 51.04 12.60
N LYS D 111 -18.61 51.29 13.42
CA LYS D 111 -18.48 52.07 14.64
C LYS D 111 -17.24 51.62 15.45
N ASN D 112 -17.17 50.31 15.65
CA ASN D 112 -16.13 49.69 16.45
C ASN D 112 -14.73 49.83 15.92
N ASP D 113 -14.52 50.32 14.70
CA ASP D 113 -13.14 50.43 14.19
C ASP D 113 -12.54 51.77 14.56
N ARG D 114 -11.47 51.66 15.36
CA ARG D 114 -10.75 52.86 15.83
C ARG D 114 -9.39 53.07 15.19
N TYR D 115 -9.03 52.25 14.21
CA TYR D 115 -7.73 52.36 13.53
C TYR D 115 -7.66 53.78 12.97
N LEU D 116 -6.50 54.36 13.18
CA LEU D 116 -6.13 55.70 12.81
C LEU D 116 -6.17 55.95 11.31
N ALA D 117 -6.16 54.93 10.47
CA ALA D 117 -6.25 55.16 8.98
C ALA D 117 -7.68 55.70 8.74
N PRO D 118 -7.73 56.72 7.89
CA PRO D 118 -8.98 57.40 7.59
C PRO D 118 -9.99 56.64 6.77
N LEU D 119 -11.23 57.08 6.89
CA LEU D 119 -12.36 56.54 6.10
C LEU D 119 -12.27 57.22 4.71
N ASP D 120 -12.78 56.52 3.71
CA ASP D 120 -12.84 57.03 2.32
C ASP D 120 -14.31 57.46 2.14
N PRO D 121 -14.52 58.74 1.89
CA PRO D 121 -15.84 59.29 1.72
C PRO D 121 -16.61 58.67 0.58
N ASN D 122 -15.93 58.04 -0.38
CA ASN D 122 -16.64 57.40 -1.49
C ASN D 122 -16.63 55.87 -1.36
N PHE D 123 -16.35 55.37 -0.16
CA PHE D 123 -16.29 53.91 0.00
C PHE D 123 -17.04 53.33 1.18
N GLY D 124 -17.93 52.40 0.85
CA GLY D 124 -18.76 51.66 1.80
C GLY D 124 -18.11 50.36 2.25
N GLY D 125 -17.80 49.44 1.36
CA GLY D 125 -17.19 48.16 1.69
C GLY D 125 -18.10 46.94 1.72
N VAL D 126 -19.31 47.02 1.23
CA VAL D 126 -20.26 45.93 1.14
C VAL D 126 -20.72 45.61 -0.31
N GLY D 127 -20.76 44.34 -0.62
CA GLY D 127 -21.21 43.85 -1.92
C GLY D 127 -21.97 42.54 -1.79
N ARG D 128 -22.81 42.26 -2.77
CA ARG D 128 -23.62 41.05 -2.89
C ARG D 128 -23.92 40.82 -4.37
N CYS D 129 -23.97 39.57 -4.70
CA CYS D 129 -24.19 39.16 -6.10
C CYS D 129 -24.78 37.74 -6.09
N LEU D 130 -25.76 37.55 -6.96
CA LEU D 130 -26.34 36.22 -7.12
C LEU D 130 -25.58 35.54 -8.29
N THR D 131 -25.12 34.33 -8.14
CA THR D 131 -24.41 33.62 -9.17
C THR D 131 -25.35 33.36 -10.37
N ASP D 132 -24.71 33.31 -11.52
CA ASP D 132 -25.45 33.07 -12.78
C ASP D 132 -25.60 31.56 -12.96
N SER D 133 -26.19 31.20 -14.07
CA SER D 133 -26.47 29.85 -14.52
C SER D 133 -25.26 28.96 -14.48
N ASP D 134 -24.10 29.56 -14.68
CA ASP D 134 -22.87 28.79 -14.67
C ASP D 134 -22.11 28.82 -13.36
N GLY D 135 -22.71 29.43 -12.36
CA GLY D 135 -22.09 29.55 -11.05
C GLY D 135 -21.08 30.69 -10.95
N TYR D 136 -21.12 31.64 -11.87
CA TYR D 136 -20.25 32.78 -11.89
C TYR D 136 -20.78 33.99 -11.13
N TYR D 137 -19.86 34.64 -10.45
CA TYR D 137 -20.16 35.88 -9.71
C TYR D 137 -18.96 36.85 -10.09
N SER D 138 -19.23 38.11 -9.78
CA SER D 138 -18.22 39.10 -9.94
C SER D 138 -18.53 40.36 -9.14
N PHE D 139 -17.47 40.97 -8.69
CA PHE D 139 -17.51 42.20 -7.93
C PHE D 139 -16.43 43.16 -8.53
N ARG D 140 -16.75 44.41 -8.27
CA ARG D 140 -15.85 45.51 -8.62
C ARG D 140 -15.65 46.32 -7.30
N THR D 141 -14.40 46.46 -6.97
CA THR D 141 -13.96 47.13 -5.75
C THR D 141 -12.55 47.66 -5.82
N ILE D 142 -11.96 47.89 -4.65
CA ILE D 142 -10.59 48.31 -4.46
C ILE D 142 -9.96 47.25 -3.51
N LYS D 143 -8.66 47.09 -3.68
CA LYS D 143 -7.86 46.17 -2.88
C LYS D 143 -7.72 46.80 -1.47
N PRO D 144 -8.22 46.02 -0.47
CA PRO D 144 -8.16 46.49 0.92
C PRO D 144 -6.70 46.52 1.43
N GLY D 145 -6.47 47.36 2.42
CA GLY D 145 -5.08 47.37 3.05
C GLY D 145 -5.10 46.40 4.27
N PRO D 146 -3.89 46.01 4.70
CA PRO D 146 -3.67 45.16 5.87
C PRO D 146 -4.14 46.02 7.09
N TYR D 147 -4.49 45.35 8.14
CA TYR D 147 -5.10 45.99 9.36
C TYR D 147 -4.47 45.41 10.63
N PRO D 148 -4.01 46.31 11.46
CA PRO D 148 -3.37 45.95 12.74
C PRO D 148 -4.52 45.61 13.70
N TRP D 149 -4.34 44.52 14.44
CA TRP D 149 -5.39 44.12 15.42
C TRP D 149 -4.75 43.69 16.74
N ARG D 150 -5.61 43.76 17.79
CA ARG D 150 -5.11 43.40 19.13
C ARG D 150 -5.11 41.92 19.41
N ASN D 151 -4.07 41.24 18.99
CA ASN D 151 -3.93 39.76 19.25
C ASN D 151 -2.61 39.73 20.03
N GLY D 152 -1.55 39.43 19.35
CA GLY D 152 -0.17 39.51 19.89
C GLY D 152 0.09 41.06 19.80
N PRO D 153 1.22 41.50 20.32
CA PRO D 153 1.60 42.91 20.31
C PRO D 153 1.84 43.51 18.93
N ASN D 154 2.19 42.72 17.92
CA ASN D 154 2.42 43.35 16.55
C ASN D 154 1.77 42.44 15.51
N ASP D 155 0.50 42.18 15.61
CA ASP D 155 -0.25 41.30 14.70
C ASP D 155 -0.93 42.17 13.63
N TRP D 156 -0.81 41.70 12.39
CA TRP D 156 -1.40 42.43 11.24
C TRP D 156 -2.11 41.44 10.33
N ARG D 157 -3.34 41.74 10.06
CA ARG D 157 -4.13 40.92 9.14
C ARG D 157 -3.62 41.25 7.68
N PRO D 158 -3.43 40.21 6.97
CA PRO D 158 -3.09 40.31 5.52
C PRO D 158 -4.34 40.98 4.85
N ALA D 159 -4.14 41.64 3.77
CA ALA D 159 -5.25 42.28 2.96
C ALA D 159 -6.20 41.10 2.66
N HIS D 160 -7.46 41.33 2.92
CA HIS D 160 -8.48 40.24 2.76
C HIS D 160 -9.88 40.77 2.60
N ILE D 161 -10.70 39.96 1.93
CA ILE D 161 -12.11 40.25 1.74
C ILE D 161 -12.92 39.11 2.45
N HIS D 162 -13.87 39.58 3.27
CA HIS D 162 -14.75 38.54 3.93
C HIS D 162 -15.81 38.07 2.94
N PHE D 163 -16.05 36.76 2.91
CA PHE D 163 -17.06 36.18 2.04
C PHE D 163 -18.09 35.34 2.79
N GLY D 164 -19.32 35.46 2.33
CA GLY D 164 -20.45 34.68 2.83
C GLY D 164 -21.12 34.03 1.56
N ILE D 165 -21.32 32.74 1.64
CA ILE D 165 -21.93 31.99 0.55
C ILE D 165 -23.03 31.06 1.05
N SER D 166 -24.23 31.24 0.48
CA SER D 166 -25.41 30.42 0.93
C SER D 166 -25.39 28.98 0.50
N GLY D 167 -25.38 28.80 -0.82
CA GLY D 167 -25.37 27.43 -1.39
C GLY D 167 -26.86 26.97 -1.40
N PRO D 168 -27.00 25.71 -1.75
CA PRO D 168 -28.33 25.10 -1.85
C PRO D 168 -29.01 24.79 -0.54
N SER D 169 -28.23 24.76 0.56
CA SER D 169 -28.89 24.43 1.87
C SER D 169 -28.11 25.08 3.00
N ILE D 170 -28.67 24.92 4.22
CA ILE D 170 -28.00 25.46 5.42
C ILE D 170 -26.74 24.63 5.69
N ALA D 171 -26.86 23.37 5.24
CA ALA D 171 -25.75 22.44 5.37
C ALA D 171 -24.53 22.96 4.58
N THR D 172 -24.75 23.73 3.52
CA THR D 172 -23.62 24.18 2.68
C THR D 172 -23.15 25.58 2.99
N LYS D 173 -23.94 26.34 3.71
CA LYS D 173 -23.66 27.72 4.07
C LYS D 173 -22.25 27.83 4.71
N LEU D 174 -21.55 28.85 4.19
CA LEU D 174 -20.19 29.12 4.57
C LEU D 174 -19.80 30.58 4.59
N ILE D 175 -18.93 30.88 5.54
CA ILE D 175 -18.31 32.18 5.75
C ILE D 175 -16.78 31.84 5.76
N THR D 176 -16.06 32.62 4.99
CA THR D 176 -14.61 32.50 4.82
C THR D 176 -14.03 33.87 4.42
N GLN D 177 -12.77 33.82 4.04
CA GLN D 177 -12.00 35.03 3.65
C GLN D 177 -11.03 34.71 2.49
N LEU D 178 -10.96 35.70 1.64
CA LEU D 178 -10.07 35.67 0.47
C LEU D 178 -8.78 36.47 0.82
N TYR D 179 -7.67 35.91 0.40
CA TYR D 179 -6.36 36.57 0.58
C TYR D 179 -5.79 36.78 -0.85
N PHE D 180 -4.84 37.66 -0.98
CA PHE D 180 -4.19 38.01 -2.23
C PHE D 180 -2.84 37.34 -2.43
N GLU D 181 -2.73 36.73 -3.61
CA GLU D 181 -1.53 36.06 -4.07
C GLU D 181 -0.26 36.87 -3.75
N GLY D 182 0.73 36.22 -3.17
CA GLY D 182 1.98 36.71 -2.77
C GLY D 182 2.11 37.58 -1.51
N ASP D 183 1.04 37.90 -0.84
CA ASP D 183 1.03 38.75 0.36
C ASP D 183 1.89 38.06 1.44
N PRO D 184 3.00 38.74 1.75
CA PRO D 184 3.97 38.22 2.71
C PRO D 184 3.38 38.09 4.12
N LEU D 185 2.32 38.80 4.40
CA LEU D 185 1.66 38.69 5.72
C LEU D 185 0.94 37.36 5.92
N ILE D 186 0.52 36.66 4.89
CA ILE D 186 -0.26 35.44 4.99
C ILE D 186 0.25 34.39 5.99
N PRO D 187 1.47 33.97 5.77
CA PRO D 187 2.09 32.91 6.58
C PRO D 187 2.27 33.28 8.04
N MET D 188 2.15 34.54 8.36
CA MET D 188 2.30 35.04 9.71
C MET D 188 0.99 35.19 10.48
N CYS D 189 -0.14 35.07 9.82
CA CYS D 189 -1.43 35.29 10.48
C CYS D 189 -1.95 34.14 11.34
N PRO D 190 -2.20 34.50 12.59
CA PRO D 190 -2.77 33.54 13.58
C PRO D 190 -4.11 33.01 13.03
N ILE D 191 -4.97 33.84 12.50
CA ILE D 191 -6.26 33.42 11.93
C ILE D 191 -6.11 32.43 10.76
N VAL D 192 -5.19 32.79 9.84
CA VAL D 192 -4.88 31.95 8.67
C VAL D 192 -4.39 30.60 9.21
N LYS D 193 -3.48 30.68 10.14
CA LYS D 193 -2.83 29.58 10.82
C LYS D 193 -3.78 28.70 11.62
N SER D 194 -5.01 29.17 11.80
CA SER D 194 -6.04 28.33 12.51
C SER D 194 -6.25 27.07 11.65
N ILE D 195 -5.86 27.21 10.37
CA ILE D 195 -5.96 26.13 9.39
C ILE D 195 -4.62 25.36 9.40
N ALA D 196 -4.66 24.13 9.79
CA ALA D 196 -3.53 23.25 9.89
C ALA D 196 -2.87 22.77 8.60
N ASN D 197 -3.62 22.51 7.57
CA ASN D 197 -3.10 22.01 6.28
C ASN D 197 -2.78 23.15 5.33
N PRO D 198 -1.51 23.28 4.99
CA PRO D 198 -1.03 24.33 4.07
C PRO D 198 -1.73 24.26 2.73
N GLU D 199 -2.19 23.07 2.37
CA GLU D 199 -2.95 22.86 1.14
C GLU D 199 -4.29 23.56 1.23
N ALA D 200 -4.82 23.60 2.44
CA ALA D 200 -6.15 24.25 2.64
C ALA D 200 -5.97 25.76 2.50
N VAL D 201 -4.86 26.25 3.01
CA VAL D 201 -4.53 27.67 2.97
C VAL D 201 -4.51 28.17 1.50
N GLN D 202 -3.87 27.42 0.64
CA GLN D 202 -3.78 27.73 -0.80
C GLN D 202 -5.15 27.98 -1.40
N GLN D 203 -6.18 27.25 -0.94
CA GLN D 203 -7.54 27.45 -1.43
C GLN D 203 -8.09 28.84 -1.17
N LEU D 204 -7.59 29.56 -0.21
CA LEU D 204 -8.05 30.88 0.17
C LEU D 204 -7.32 32.01 -0.55
N ILE D 205 -6.33 31.65 -1.34
CA ILE D 205 -5.58 32.70 -2.06
C ILE D 205 -6.07 32.96 -3.47
N ALA D 206 -6.60 34.12 -3.69
CA ALA D 206 -7.10 34.54 -5.03
C ALA D 206 -5.88 34.72 -5.94
N LYS D 207 -6.01 34.34 -7.20
CA LYS D 207 -4.84 34.47 -8.12
C LYS D 207 -5.02 35.67 -9.06
N LEU D 208 -3.96 36.41 -9.25
CA LEU D 208 -3.95 37.58 -10.21
C LEU D 208 -4.45 37.02 -11.59
N ASP D 209 -5.44 37.66 -12.13
CA ASP D 209 -6.02 37.16 -13.43
C ASP D 209 -5.96 38.25 -14.52
N MET D 210 -4.85 38.27 -15.24
CA MET D 210 -4.53 39.23 -16.30
C MET D 210 -5.52 39.15 -17.47
N ASN D 211 -6.02 37.95 -17.73
CA ASN D 211 -7.01 37.71 -18.79
C ASN D 211 -8.35 38.37 -18.49
N ASN D 212 -8.63 38.67 -17.24
CA ASN D 212 -9.92 39.28 -16.87
C ASN D 212 -9.84 40.77 -16.58
N ALA D 213 -8.63 41.26 -16.66
CA ALA D 213 -8.31 42.66 -16.42
C ALA D 213 -8.82 43.52 -17.61
N ASN D 214 -9.17 44.73 -17.29
CA ASN D 214 -9.61 45.80 -18.18
C ASN D 214 -8.39 46.72 -18.39
N PRO D 215 -7.78 46.58 -19.56
CA PRO D 215 -6.58 47.35 -19.91
C PRO D 215 -6.78 48.81 -19.61
N MET D 216 -5.76 49.44 -19.06
CA MET D 216 -5.74 50.85 -18.68
C MET D 216 -6.85 51.20 -17.73
N ASP D 217 -7.44 50.23 -17.06
CA ASP D 217 -8.58 50.53 -16.16
C ASP D 217 -8.47 49.86 -14.79
N CYS D 218 -8.59 48.54 -14.80
CA CYS D 218 -8.50 47.79 -13.51
C CYS D 218 -7.99 46.38 -13.70
N LEU D 219 -7.33 45.91 -12.65
CA LEU D 219 -6.83 44.52 -12.61
C LEU D 219 -7.96 43.60 -12.13
N ALA D 220 -7.60 42.31 -12.16
CA ALA D 220 -8.52 41.26 -11.70
C ALA D 220 -7.84 40.09 -11.00
N TYR D 221 -8.65 39.52 -10.10
CA TYR D 221 -8.32 38.35 -9.29
C TYR D 221 -9.40 37.29 -9.41
N ARG D 222 -8.98 36.04 -9.43
CA ARG D 222 -9.83 34.87 -9.57
C ARG D 222 -9.94 34.13 -8.21
N PHE D 223 -11.18 33.94 -7.80
CA PHE D 223 -11.39 33.22 -6.45
C PHE D 223 -12.58 32.30 -6.67
N ASP D 224 -12.23 31.03 -6.80
CA ASP D 224 -13.28 30.01 -7.00
C ASP D 224 -13.62 29.48 -5.58
N ILE D 225 -14.85 29.09 -5.45
CA ILE D 225 -15.32 28.56 -4.14
C ILE D 225 -15.94 27.21 -4.32
N VAL D 226 -15.60 26.29 -3.45
CA VAL D 226 -16.11 24.92 -3.48
C VAL D 226 -17.02 24.65 -2.25
N LEU D 227 -18.27 24.29 -2.54
CA LEU D 227 -19.22 23.95 -1.44
C LEU D 227 -19.35 22.41 -1.37
N ARG D 228 -19.92 21.98 -0.23
CA ARG D 228 -20.15 20.55 -0.01
C ARG D 228 -20.87 19.90 -1.20
N GLY D 229 -20.35 18.75 -1.58
CA GLY D 229 -20.84 17.87 -2.58
C GLY D 229 -22.31 17.55 -2.32
N GLN D 230 -23.07 17.60 -3.43
CA GLN D 230 -24.52 17.31 -3.35
C GLN D 230 -24.81 16.04 -4.15
N ARG D 231 -25.38 15.04 -3.53
CA ARG D 231 -25.77 13.79 -4.17
C ARG D 231 -27.22 13.47 -3.74
N LYS D 232 -27.82 12.64 -4.55
CA LYS D 232 -29.19 12.14 -4.38
C LYS D 232 -29.13 10.97 -3.36
N THR D 233 -30.22 10.84 -2.66
CA THR D 233 -30.26 9.74 -1.62
C THR D 233 -30.37 8.44 -2.41
N HIS D 234 -29.87 7.38 -1.84
CA HIS D 234 -29.94 6.06 -2.47
C HIS D 234 -29.98 4.99 -1.36
N PHE D 235 -30.80 4.00 -1.63
CA PHE D 235 -31.03 2.86 -0.77
C PHE D 235 -31.29 3.26 0.68
N GLU D 236 -31.91 4.41 0.92
CA GLU D 236 -32.17 4.83 2.30
C GLU D 236 -33.26 4.09 3.07
N PRO E 1 10.52 38.14 4.27
CA PRO E 1 10.74 39.25 5.19
C PRO E 1 12.13 39.23 5.86
N ILE E 2 12.41 40.34 6.53
CA ILE E 2 13.68 40.49 7.27
C ILE E 2 13.61 39.59 8.54
N GLU E 3 14.58 38.74 8.69
CA GLU E 3 14.64 37.89 9.94
C GLU E 3 15.83 38.30 10.78
N LEU E 4 15.69 38.55 12.08
CA LEU E 4 16.84 38.88 12.95
C LEU E 4 17.40 37.60 13.57
N LEU E 5 18.47 37.71 14.36
CA LEU E 5 18.96 36.52 15.10
C LEU E 5 17.77 36.22 16.11
N PRO E 6 17.50 34.97 16.31
CA PRO E 6 16.42 34.58 17.23
C PRO E 6 16.91 34.75 18.69
N GLU E 7 15.98 35.09 19.54
CA GLU E 7 16.22 35.22 20.98
C GLU E 7 16.45 33.80 21.58
N THR E 8 17.34 33.76 22.52
CA THR E 8 17.64 32.54 23.30
C THR E 8 16.31 32.17 24.02
N PRO E 9 15.91 30.94 23.86
CA PRO E 9 14.65 30.45 24.45
C PRO E 9 14.75 30.32 26.00
N SER E 10 13.64 30.70 26.60
CA SER E 10 13.39 30.63 28.02
C SER E 10 13.27 29.17 28.46
N GLN E 11 13.64 28.93 29.68
CA GLN E 11 13.53 27.63 30.37
C GLN E 11 13.04 27.96 31.82
N THR E 12 12.34 27.01 32.42
CA THR E 12 11.83 27.16 33.79
C THR E 12 13.06 27.42 34.71
N ALA E 13 12.76 28.19 35.74
CA ALA E 13 13.80 28.54 36.73
C ALA E 13 14.04 27.27 37.56
N GLY E 14 13.05 26.40 37.63
CA GLY E 14 13.25 25.13 38.43
C GLY E 14 13.02 25.37 39.95
N PRO E 15 13.03 24.25 40.69
CA PRO E 15 12.75 24.26 42.12
C PRO E 15 13.84 24.87 42.99
N TYR E 16 15.07 24.87 42.57
CA TYR E 16 16.21 25.39 43.30
C TYR E 16 16.67 26.77 42.90
N VAL E 17 15.83 27.56 42.29
CA VAL E 17 16.15 28.93 41.86
C VAL E 17 16.76 29.79 42.98
N HIS E 18 16.35 29.46 44.20
CA HIS E 18 16.76 30.19 45.41
C HIS E 18 18.26 30.20 45.62
N ILE E 19 18.86 29.05 45.24
CA ILE E 19 20.29 28.89 45.37
C ILE E 19 21.01 29.98 44.59
N GLY E 20 20.43 30.40 43.46
CA GLY E 20 21.09 31.43 42.67
C GLY E 20 20.61 32.83 42.88
N LEU E 21 19.34 33.01 43.23
CA LEU E 21 18.77 34.32 43.36
C LEU E 21 18.09 34.65 44.67
N ALA E 22 18.06 33.76 45.61
CA ALA E 22 17.39 34.05 46.94
C ALA E 22 18.13 33.17 47.97
N LEU E 23 19.42 33.45 48.03
CA LEU E 23 20.40 32.76 48.86
C LEU E 23 19.88 32.38 50.24
N GLU E 24 19.41 33.37 50.97
CA GLU E 24 18.86 33.11 52.32
C GLU E 24 17.90 31.93 52.30
N ALA E 25 16.88 32.08 51.45
CA ALA E 25 15.83 31.08 51.27
C ALA E 25 16.37 29.70 51.01
N ALA E 26 17.41 29.59 50.20
CA ALA E 26 18.01 28.27 49.86
C ALA E 26 18.57 27.62 51.14
N GLY E 27 18.77 28.53 52.10
CA GLY E 27 19.34 28.19 53.41
C GLY E 27 20.88 28.12 53.26
N ASN E 28 21.39 29.03 52.47
CA ASN E 28 22.83 29.14 52.20
C ASN E 28 23.29 30.54 52.60
N PRO E 29 24.57 30.63 52.90
CA PRO E 29 25.18 31.90 53.31
C PRO E 29 25.11 32.89 52.16
N THR E 30 24.85 34.15 52.47
CA THR E 30 24.77 35.20 51.43
C THR E 30 26.14 35.84 51.23
N ARG E 31 26.21 36.64 50.17
CA ARG E 31 27.42 37.40 49.81
C ARG E 31 27.23 38.79 50.43
N ASP E 32 28.24 39.62 50.33
CA ASP E 32 28.26 40.96 50.87
C ASP E 32 27.07 41.79 50.41
N GLN E 33 26.84 41.74 49.11
CA GLN E 33 25.76 42.48 48.48
C GLN E 33 24.80 41.52 47.77
N GLU E 34 23.55 41.61 48.19
CA GLU E 34 22.46 40.80 47.66
C GLU E 34 21.28 41.70 47.28
N ILE E 35 20.63 41.38 46.18
CA ILE E 35 19.42 42.14 45.71
C ILE E 35 18.23 41.45 46.40
N TRP E 36 17.50 42.20 47.21
CA TRP E 36 16.40 41.58 47.99
C TRP E 36 15.14 42.39 48.02
N ASN E 37 14.28 42.14 49.02
CA ASN E 37 12.96 42.72 49.15
C ASN E 37 12.69 44.03 49.81
N ARG E 38 13.71 44.77 50.13
CA ARG E 38 13.61 46.08 50.80
C ARG E 38 14.06 47.14 49.79
N LEU E 39 13.13 47.69 49.06
CA LEU E 39 13.40 48.72 48.04
C LEU E 39 13.72 50.09 48.62
N ALA E 40 13.06 50.38 49.74
CA ALA E 40 13.22 51.66 50.42
C ALA E 40 13.84 51.57 51.81
N LYS E 41 14.70 52.53 52.05
CA LYS E 41 15.30 52.67 53.40
C LYS E 41 14.24 53.49 54.16
N PRO E 42 14.18 53.28 55.47
CA PRO E 42 13.20 53.98 56.32
C PRO E 42 13.13 55.47 56.07
N ASP E 43 14.22 56.07 55.67
CA ASP E 43 14.27 57.53 55.41
C ASP E 43 13.99 57.91 53.97
N ALA E 44 13.38 57.03 53.21
CA ALA E 44 13.05 57.33 51.80
C ALA E 44 11.73 58.11 51.77
N PRO E 45 11.73 59.12 50.92
CA PRO E 45 10.54 59.96 50.70
C PRO E 45 9.41 59.09 50.10
N GLY E 46 8.20 59.46 50.41
CA GLY E 46 6.97 58.82 50.01
C GLY E 46 6.31 58.04 51.13
N GLU E 47 5.19 57.43 50.75
CA GLU E 47 4.35 56.63 51.62
C GLU E 47 4.85 55.19 51.71
N HIS E 48 5.48 54.88 52.82
CA HIS E 48 6.01 53.55 53.08
C HIS E 48 4.88 52.55 53.22
N ILE E 49 5.03 51.43 52.52
CA ILE E 49 4.03 50.37 52.57
C ILE E 49 4.74 49.01 52.56
N LEU E 50 4.02 48.04 53.03
CA LEU E 50 4.36 46.66 53.09
C LEU E 50 3.39 45.94 52.08
N LEU E 51 3.99 45.15 51.25
CA LEU E 51 3.23 44.38 50.23
C LEU E 51 3.39 42.89 50.59
N LEU E 52 2.28 42.19 50.44
CA LEU E 52 2.37 40.72 50.70
C LEU E 52 1.32 40.01 49.86
N GLY E 53 1.53 38.71 49.67
CA GLY E 53 0.65 37.86 48.93
C GLY E 53 1.10 36.40 48.87
N GLN E 54 0.16 35.68 48.28
CA GLN E 54 0.26 34.25 48.02
C GLN E 54 0.03 34.05 46.51
N VAL E 55 0.51 32.91 46.05
CA VAL E 55 0.42 32.49 44.67
C VAL E 55 -0.26 31.13 44.61
N TYR E 56 -1.31 31.03 43.85
CA TYR E 56 -2.06 29.77 43.70
C TYR E 56 -1.96 29.17 42.29
N ASP E 57 -2.02 27.87 42.25
CA ASP E 57 -1.98 27.02 41.06
C ASP E 57 -3.43 26.80 40.58
N GLY E 58 -3.61 26.09 39.49
CA GLY E 58 -4.91 25.80 38.92
C GLY E 58 -5.82 24.97 39.85
N ASN E 59 -5.26 24.28 40.82
CA ASN E 59 -5.97 23.45 41.77
C ASN E 59 -6.33 24.23 43.04
N GLY E 60 -5.86 25.44 43.14
CA GLY E 60 -6.10 26.30 44.29
C GLY E 60 -5.08 26.03 45.42
N HIS E 61 -4.03 25.32 45.10
CA HIS E 61 -2.95 24.99 46.02
C HIS E 61 -1.85 26.03 45.95
N LEU E 62 -1.23 26.28 47.08
CA LEU E 62 -0.16 27.29 47.19
C LEU E 62 1.08 26.88 46.39
N VAL E 63 1.66 27.92 45.80
CA VAL E 63 2.95 27.68 45.02
C VAL E 63 4.01 28.18 46.00
N ARG E 64 4.73 27.23 46.61
CA ARG E 64 5.72 27.64 47.62
C ARG E 64 7.15 27.80 47.16
N ASP E 65 7.41 27.69 45.87
CA ASP E 65 8.79 27.80 45.35
C ASP E 65 8.87 28.92 44.31
N SER E 66 7.93 29.82 44.39
CA SER E 66 7.82 30.95 43.46
C SER E 66 8.86 32.00 43.76
N PHE E 67 9.36 32.62 42.74
CA PHE E 67 10.37 33.69 42.75
C PHE E 67 9.75 34.91 42.03
N LEU E 68 9.84 36.11 42.55
CA LEU E 68 9.27 37.32 42.00
C LEU E 68 10.31 38.44 41.89
N GLU E 69 10.12 39.28 40.88
CA GLU E 69 10.93 40.44 40.60
C GLU E 69 10.01 41.61 40.37
N VAL E 70 10.36 42.74 40.96
CA VAL E 70 9.55 43.96 40.89
C VAL E 70 10.36 45.12 40.30
N TRP E 71 9.63 46.00 39.68
CA TRP E 71 10.13 47.23 39.04
C TRP E 71 9.06 48.29 39.14
N GLN E 72 9.41 49.38 39.84
CA GLN E 72 8.44 50.48 40.06
C GLN E 72 9.15 51.81 40.13
N ALA E 73 8.41 52.87 39.94
CA ALA E 73 8.90 54.25 40.03
C ALA E 73 8.94 54.62 41.55
N ASP E 74 9.67 55.67 41.81
CA ASP E 74 9.77 56.21 43.19
C ASP E 74 8.47 57.02 43.42
N ALA E 75 8.43 57.65 44.58
CA ALA E 75 7.27 58.46 44.96
C ALA E 75 7.05 59.60 43.99
N ASN E 76 8.08 60.08 43.30
CA ASN E 76 7.90 61.16 42.32
C ASN E 76 7.56 60.62 40.92
N GLY E 77 7.32 59.33 40.81
CA GLY E 77 6.96 58.71 39.53
C GLY E 77 8.21 58.63 38.62
N GLU E 78 9.32 58.35 39.27
CA GLU E 78 10.62 58.26 38.64
C GLU E 78 11.29 56.91 38.80
N TYR E 79 11.82 56.44 37.68
CA TYR E 79 12.53 55.15 37.62
C TYR E 79 14.01 55.35 37.91
N GLN E 80 14.40 54.73 39.00
CA GLN E 80 15.81 54.80 39.48
C GLN E 80 16.51 53.50 39.09
N ASP E 81 17.16 53.55 37.93
CA ASP E 81 17.83 52.41 37.37
C ASP E 81 19.20 52.11 37.91
N ALA E 82 19.88 53.08 38.48
CA ALA E 82 21.24 52.83 39.00
C ALA E 82 21.11 52.18 40.39
N TYR E 83 21.14 50.87 40.39
CA TYR E 83 21.01 50.04 41.57
C TYR E 83 22.26 50.16 42.47
N ASN E 84 21.93 50.51 43.70
CA ASN E 84 22.96 50.70 44.76
C ASN E 84 22.34 50.46 46.14
N LEU E 85 23.01 49.64 46.93
CA LEU E 85 22.55 49.33 48.30
C LEU E 85 22.60 50.57 49.20
N GLU E 86 23.38 51.55 48.79
CA GLU E 86 23.51 52.80 49.50
C GLU E 86 22.34 53.73 49.29
N ASN E 87 21.64 53.60 48.17
CA ASN E 87 20.49 54.44 47.85
C ASN E 87 19.42 54.21 48.93
N ALA E 88 18.62 55.24 49.12
CA ALA E 88 17.50 55.18 50.08
C ALA E 88 16.30 54.46 49.41
N PHE E 89 16.34 54.48 48.09
CA PHE E 89 15.35 53.88 47.22
C PHE E 89 15.96 53.26 45.94
N ASN E 90 15.50 52.04 45.69
CA ASN E 90 15.83 51.25 44.51
C ASN E 90 14.46 50.81 43.88
N SER E 91 14.43 51.01 42.59
CA SER E 91 13.32 50.68 41.73
C SER E 91 13.13 49.20 41.50
N PHE E 92 14.20 48.45 41.70
CA PHE E 92 14.26 47.01 41.50
C PHE E 92 14.39 46.24 42.81
N GLY E 93 13.67 45.15 42.89
CA GLY E 93 13.70 44.26 44.07
C GLY E 93 13.38 42.82 43.70
N ARG E 94 13.59 41.93 44.67
CA ARG E 94 13.37 40.51 44.57
C ARG E 94 12.73 39.96 45.85
N THR E 95 11.91 38.96 45.70
CA THR E 95 11.19 38.30 46.76
C THR E 95 10.88 36.85 46.38
N ALA E 96 10.46 36.07 47.32
CA ALA E 96 10.14 34.65 47.09
C ALA E 96 9.15 34.17 48.15
N THR E 97 8.39 33.15 47.88
CA THR E 97 7.41 32.60 48.79
C THR E 97 8.01 31.56 49.75
N THR E 98 7.51 31.68 51.00
CA THR E 98 7.92 30.77 52.08
C THR E 98 7.57 29.32 51.76
N PHE E 99 8.57 28.46 51.99
CA PHE E 99 8.41 27.02 51.78
C PHE E 99 7.35 26.51 52.78
N ASP E 100 7.08 27.32 53.77
CA ASP E 100 6.05 26.95 54.81
C ASP E 100 4.78 27.69 54.40
N ALA E 101 4.42 28.69 55.17
CA ALA E 101 3.25 29.52 54.88
C ALA E 101 3.07 29.85 53.40
N GLY E 102 4.14 30.03 52.63
CA GLY E 102 4.03 30.37 51.20
C GLY E 102 3.55 31.78 50.91
N GLU E 103 4.06 32.75 51.64
CA GLU E 103 3.75 34.17 51.50
C GLU E 103 5.02 34.95 51.24
N TRP E 104 4.98 35.94 50.37
CA TRP E 104 6.11 36.79 50.03
C TRP E 104 5.82 38.18 50.62
N THR E 105 6.87 38.98 50.75
CA THR E 105 6.73 40.34 51.27
C THR E 105 7.72 41.26 50.55
N LEU E 106 7.34 42.51 50.51
CA LEU E 106 8.13 43.59 49.95
C LEU E 106 7.96 44.86 50.81
N HIS E 107 9.06 45.52 51.03
CA HIS E 107 9.13 46.78 51.77
C HIS E 107 9.51 47.87 50.76
N THR E 108 8.58 48.76 50.52
CA THR E 108 8.79 49.85 49.55
C THR E 108 7.91 51.04 49.89
N VAL E 109 7.77 51.92 48.93
CA VAL E 109 6.93 53.10 48.93
C VAL E 109 5.97 53.01 47.71
N LYS E 110 4.88 53.73 47.85
CA LYS E 110 3.84 53.82 46.82
C LYS E 110 4.44 54.63 45.66
N PRO E 111 4.41 54.04 44.45
CA PRO E 111 4.97 54.68 43.26
C PRO E 111 4.06 55.83 42.79
N GLY E 112 4.76 56.85 42.30
CA GLY E 112 4.10 58.03 41.70
C GLY E 112 3.66 57.59 40.25
N VAL E 113 2.93 58.48 39.63
CA VAL E 113 2.35 58.36 38.31
C VAL E 113 3.39 58.60 37.20
N VAL E 114 3.33 57.71 36.22
CA VAL E 114 4.20 57.78 35.01
C VAL E 114 3.23 57.83 33.82
N ASN E 115 3.64 58.44 32.73
CA ASN E 115 2.83 58.56 31.51
C ASN E 115 3.22 57.42 30.54
N ASN E 116 2.26 57.07 29.71
CA ASN E 116 2.51 56.04 28.68
C ASN E 116 3.22 56.76 27.51
N ALA E 117 3.52 56.00 26.50
CA ALA E 117 4.20 56.53 25.29
C ALA E 117 3.40 57.65 24.66
N ALA E 118 2.10 57.67 24.74
CA ALA E 118 1.24 58.70 24.20
C ALA E 118 1.05 59.92 25.08
N GLY E 119 1.68 59.97 26.23
CA GLY E 119 1.56 61.10 27.16
C GLY E 119 0.45 60.95 28.18
N VAL E 120 -0.24 59.83 28.18
CA VAL E 120 -1.33 59.59 29.13
C VAL E 120 -0.82 58.95 30.43
N PRO E 121 -1.22 59.55 31.55
CA PRO E 121 -0.83 59.06 32.89
C PRO E 121 -1.49 57.70 33.16
N MET E 122 -0.67 56.83 33.70
CA MET E 122 -1.04 55.48 34.11
C MET E 122 -1.25 55.56 35.65
N ALA E 123 -2.15 54.76 36.14
CA ALA E 123 -2.40 54.69 37.60
C ALA E 123 -1.14 54.10 38.24
N PRO E 124 -0.88 54.50 39.46
CA PRO E 124 0.31 54.00 40.21
C PRO E 124 0.31 52.49 40.11
N HIS E 125 1.47 51.93 39.82
CA HIS E 125 1.56 50.45 39.67
C HIS E 125 2.96 49.94 39.83
N ILE E 126 2.98 48.64 40.13
CA ILE E 126 4.25 47.92 40.26
C ILE E 126 4.23 46.79 39.21
N ASN E 127 5.33 46.70 38.48
CA ASN E 127 5.52 45.67 37.46
C ASN E 127 6.05 44.41 38.15
N ILE E 128 5.43 43.30 37.86
CA ILE E 128 5.86 42.01 38.41
C ILE E 128 6.13 40.93 37.38
N SER E 129 7.22 40.22 37.60
CA SER E 129 7.62 39.05 36.79
C SER E 129 7.65 37.86 37.78
N LEU E 130 6.93 36.84 37.42
CA LEU E 130 6.85 35.62 38.22
C LEU E 130 7.54 34.43 37.57
N PHE E 131 8.44 33.80 38.32
CA PHE E 131 9.20 32.66 37.90
C PHE E 131 8.96 31.47 38.81
N ALA E 132 9.11 30.25 38.24
CA ALA E 132 8.98 29.06 39.05
C ALA E 132 8.94 27.77 38.25
N ARG E 133 9.27 26.74 39.02
CA ARG E 133 9.16 25.34 38.52
C ARG E 133 7.70 25.26 37.95
N GLY E 134 7.62 24.67 36.79
CA GLY E 134 6.42 24.47 36.02
C GLY E 134 6.07 25.70 35.18
N ILE E 135 6.82 26.76 35.23
CA ILE E 135 6.60 27.99 34.47
C ILE E 135 7.78 28.06 33.45
N ASN E 136 7.42 27.72 32.21
CA ASN E 136 8.43 27.66 31.11
C ASN E 136 8.97 29.03 30.77
N ILE E 137 8.09 29.99 30.74
CA ILE E 137 8.46 31.40 30.45
C ILE E 137 7.64 32.23 31.44
N HIS E 138 8.36 33.11 32.11
CA HIS E 138 7.84 33.95 33.16
C HIS E 138 6.66 34.78 32.75
N LEU E 139 5.80 35.00 33.72
CA LEU E 139 4.57 35.77 33.60
C LEU E 139 4.74 37.19 34.12
N HIS E 140 4.24 38.13 33.34
CA HIS E 140 4.25 39.55 33.60
C HIS E 140 2.88 40.03 34.08
N THR E 141 2.85 40.83 35.11
CA THR E 141 1.61 41.37 35.65
C THR E 141 1.89 42.72 36.25
N ARG E 142 0.88 43.41 36.67
CA ARG E 142 0.97 44.71 37.30
C ARG E 142 0.12 44.72 38.60
N LEU E 143 0.65 45.37 39.59
CA LEU E 143 -0.03 45.52 40.89
C LEU E 143 -0.59 46.94 40.96
N TYR E 144 -1.88 47.04 41.13
CA TYR E 144 -2.59 48.35 41.27
C TYR E 144 -3.15 48.39 42.71
N PHE E 145 -3.50 49.57 43.18
CA PHE E 145 -3.98 49.82 44.56
C PHE E 145 -5.44 50.22 44.62
N ASP E 146 -6.20 49.54 45.49
CA ASP E 146 -7.63 49.77 45.67
C ASP E 146 -7.99 51.19 46.07
N ASP E 147 -7.09 51.93 46.65
CA ASP E 147 -7.39 53.32 47.05
C ASP E 147 -7.07 54.33 45.94
N GLU E 148 -6.77 53.83 44.75
CA GLU E 148 -6.47 54.77 43.61
C GLU E 148 -7.49 54.54 42.51
N ALA E 149 -8.72 54.31 42.96
CA ALA E 149 -9.86 54.04 42.13
C ALA E 149 -10.03 55.02 40.98
N GLN E 150 -9.95 56.29 41.30
CA GLN E 150 -10.12 57.36 40.31
C GLN E 150 -9.06 57.24 39.23
N ALA E 151 -7.84 56.97 39.64
CA ALA E 151 -6.72 56.84 38.67
C ALA E 151 -6.92 55.56 37.83
N ASN E 152 -7.23 54.50 38.53
CA ASN E 152 -7.44 53.18 37.96
C ASN E 152 -8.51 53.17 36.85
N ALA E 153 -9.55 53.93 37.07
CA ALA E 153 -10.67 54.04 36.14
C ALA E 153 -10.17 54.58 34.78
N LYS E 154 -9.16 55.42 34.83
CA LYS E 154 -8.60 56.03 33.63
C LYS E 154 -7.27 55.51 33.14
N CYS E 155 -6.80 54.39 33.65
CA CYS E 155 -5.49 53.86 33.22
C CYS E 155 -5.63 53.30 31.81
N PRO E 156 -4.77 53.81 30.94
CA PRO E 156 -4.75 53.34 29.54
C PRO E 156 -4.44 51.84 29.53
N VAL E 157 -3.67 51.36 30.48
CA VAL E 157 -3.32 49.92 30.52
C VAL E 157 -4.49 49.05 30.95
N LEU E 158 -5.09 49.43 32.06
CA LEU E 158 -6.22 48.69 32.64
C LEU E 158 -7.37 48.61 31.64
N ASN E 159 -7.54 49.69 30.90
CA ASN E 159 -8.54 49.92 29.89
C ASN E 159 -8.37 49.04 28.66
N LEU E 160 -7.25 48.39 28.51
CA LEU E 160 -6.98 47.48 27.44
C LEU E 160 -7.57 46.11 27.75
N ILE E 161 -7.84 45.85 29.04
CA ILE E 161 -8.45 44.52 29.37
C ILE E 161 -9.93 44.65 28.98
N GLU E 162 -10.33 43.82 28.03
CA GLU E 162 -11.72 43.84 27.53
C GLU E 162 -12.78 43.72 28.61
N GLN E 163 -12.73 42.70 29.42
CA GLN E 163 -13.65 42.39 30.50
C GLN E 163 -13.32 43.11 31.81
N PRO E 164 -14.21 44.02 32.16
CA PRO E 164 -14.10 44.81 33.39
C PRO E 164 -13.85 43.95 34.61
N GLN E 165 -14.48 42.78 34.65
CA GLN E 165 -14.29 41.85 35.79
C GLN E 165 -12.85 41.39 35.90
N ARG E 166 -12.13 41.31 34.77
CA ARG E 166 -10.74 40.83 34.79
C ARG E 166 -9.77 41.86 35.35
N ARG E 167 -10.16 43.11 35.25
CA ARG E 167 -9.35 44.23 35.76
C ARG E 167 -9.18 44.16 37.28
N GLU E 168 -10.23 43.69 37.94
CA GLU E 168 -10.26 43.53 39.38
C GLU E 168 -9.12 42.65 39.90
N THR E 169 -8.71 41.67 39.12
CA THR E 169 -7.63 40.77 39.48
C THR E 169 -6.29 41.47 39.72
N LEU E 170 -6.13 42.67 39.19
CA LEU E 170 -4.90 43.44 39.32
C LEU E 170 -4.91 44.42 40.48
N ILE E 171 -6.00 44.51 41.21
CA ILE E 171 -6.09 45.46 42.34
C ILE E 171 -5.80 44.92 43.70
N ALA E 172 -4.74 45.42 44.29
CA ALA E 172 -4.28 45.05 45.65
C ALA E 172 -5.25 45.68 46.69
N LYS E 173 -5.50 44.91 47.71
CA LYS E 173 -6.40 45.28 48.82
C LYS E 173 -5.64 45.84 50.01
N ARG E 174 -5.91 47.09 50.30
CA ARG E 174 -5.28 47.81 51.40
C ARG E 174 -5.74 47.23 52.76
N CYS E 175 -4.78 47.12 53.63
CA CYS E 175 -4.93 46.60 55.00
C CYS E 175 -3.86 47.28 55.87
N GLU E 176 -3.60 46.67 56.99
CA GLU E 176 -2.58 47.16 57.95
C GLU E 176 -1.96 46.00 58.69
N VAL E 177 -0.66 46.10 58.84
CA VAL E 177 0.14 45.04 59.52
C VAL E 177 0.96 45.78 60.59
N ASP E 178 0.69 45.42 61.85
CA ASP E 178 1.38 46.06 62.97
C ASP E 178 1.26 47.59 62.89
N GLY E 179 0.07 48.05 62.55
CA GLY E 179 -0.14 49.50 62.45
C GLY E 179 0.53 50.14 61.24
N LYS E 180 0.98 49.32 60.27
CA LYS E 180 1.61 49.82 59.05
C LYS E 180 0.66 49.52 57.87
N THR E 181 0.68 50.44 56.92
CA THR E 181 -0.13 50.32 55.71
C THR E 181 0.43 49.13 54.88
N ALA E 182 -0.45 48.19 54.64
CA ALA E 182 -0.14 46.99 53.87
C ALA E 182 -1.20 46.79 52.78
N TYR E 183 -0.74 46.09 51.73
CA TYR E 183 -1.57 45.72 50.60
C TYR E 183 -1.25 44.24 50.28
N ARG E 184 -2.34 43.52 50.20
CA ARG E 184 -2.38 42.12 49.89
C ARG E 184 -2.70 41.98 48.37
N PHE E 185 -1.84 41.22 47.72
CA PHE E 185 -1.92 40.92 46.30
C PHE E 185 -1.64 39.43 46.06
N ASP E 186 -2.74 38.71 45.95
CA ASP E 186 -2.69 37.26 45.68
C ASP E 186 -2.72 37.07 44.13
N ILE E 187 -1.98 36.08 43.67
CA ILE E 187 -1.84 35.70 42.31
C ILE E 187 -2.43 34.32 42.01
N ARG E 188 -3.41 34.33 41.13
CA ARG E 188 -4.03 33.05 40.68
C ARG E 188 -3.54 32.82 39.24
N ILE E 189 -2.67 31.83 39.11
CA ILE E 189 -2.05 31.44 37.86
C ILE E 189 -3.06 30.89 36.85
N GLN E 190 -3.99 30.11 37.34
CA GLN E 190 -5.00 29.42 36.55
C GLN E 190 -6.32 29.20 37.29
N GLY E 191 -7.37 29.24 36.49
CA GLY E 191 -8.74 29.02 36.92
C GLY E 191 -9.54 30.20 37.38
N GLU E 192 -10.45 29.89 38.28
CA GLU E 192 -11.37 30.86 38.91
C GLU E 192 -10.59 32.04 39.42
N GLY E 193 -10.93 33.21 38.95
CA GLY E 193 -10.26 34.49 39.29
C GLY E 193 -8.85 34.60 38.75
N GLU E 194 -8.54 33.91 37.64
CA GLU E 194 -7.15 33.96 37.08
C GLU E 194 -6.74 35.40 36.88
N THR E 195 -5.53 35.73 37.28
CA THR E 195 -4.95 37.06 37.16
C THR E 195 -4.53 37.36 35.71
N VAL E 196 -4.76 38.57 35.32
CA VAL E 196 -4.36 39.08 34.00
C VAL E 196 -2.81 39.07 33.93
N PHE E 197 -2.34 38.40 32.88
CA PHE E 197 -0.90 38.31 32.59
C PHE E 197 -0.74 39.05 31.22
N PHE E 198 0.36 39.75 31.09
CA PHE E 198 0.62 40.58 29.91
C PHE E 198 1.73 40.05 29.01
N ASP E 199 1.70 40.62 27.79
CA ASP E 199 2.73 40.39 26.73
C ASP E 199 3.05 41.82 26.20
N PHE E 200 4.32 42.08 26.13
CA PHE E 200 4.87 43.37 25.70
C PHE E 200 6.27 43.15 25.04
N PRO F 1 17.11 59.64 36.14
CA PRO F 1 16.33 58.37 36.16
C PRO F 1 16.23 57.85 34.72
N ALA F 2 15.71 56.65 34.60
CA ALA F 2 15.57 55.99 33.28
C ALA F 2 14.65 56.80 32.37
N GLN F 3 14.85 56.60 31.06
CA GLN F 3 14.01 57.27 30.04
C GLN F 3 13.50 56.31 28.98
N ASP F 4 12.33 56.62 28.44
CA ASP F 4 11.69 55.83 27.37
C ASP F 4 12.28 56.24 26.00
N ASN F 5 13.42 55.62 25.67
CA ASN F 5 14.09 55.92 24.40
C ASN F 5 14.20 54.74 23.44
N SER F 6 13.78 53.56 23.88
CA SER F 6 13.88 52.34 23.10
C SER F 6 12.59 51.53 23.03
N ARG F 7 12.60 50.70 22.01
CA ARG F 7 11.51 49.75 21.74
C ARG F 7 12.25 48.41 21.62
N PHE F 8 11.58 47.37 22.04
CA PHE F 8 12.15 46.03 21.99
C PHE F 8 11.36 45.19 21.01
N VAL F 9 12.10 44.51 20.15
CA VAL F 9 11.45 43.65 19.16
C VAL F 9 10.56 42.64 19.98
N ILE F 10 9.36 42.49 19.55
CA ILE F 10 8.33 41.63 20.04
C ILE F 10 8.81 40.17 20.14
N ARG F 11 8.50 39.61 21.33
CA ARG F 11 8.93 38.19 21.53
C ARG F 11 8.18 37.22 20.60
N ASP F 12 8.89 36.15 20.21
CA ASP F 12 8.25 35.11 19.37
C ASP F 12 7.87 33.95 20.32
N ARG F 13 6.60 33.93 20.66
CA ARG F 13 5.98 32.93 21.55
C ARG F 13 5.83 31.54 20.96
N ASN F 14 6.20 31.41 19.67
CA ASN F 14 6.21 30.09 19.03
C ASN F 14 7.61 29.53 19.10
N TRP F 15 8.60 30.43 19.33
CA TRP F 15 10.02 30.06 19.45
C TRP F 15 10.31 29.51 20.87
N HIS F 16 9.89 30.36 21.81
CA HIS F 16 10.02 30.00 23.25
C HIS F 16 8.99 28.86 23.46
N PRO F 17 9.22 28.14 24.54
CA PRO F 17 8.31 27.04 24.95
C PRO F 17 6.96 27.67 25.29
N LYS F 18 5.92 26.86 25.10
CA LYS F 18 4.55 27.37 25.44
C LYS F 18 4.36 27.13 26.94
N ALA F 19 3.32 27.77 27.49
CA ALA F 19 2.97 27.63 28.91
C ALA F 19 2.56 26.18 29.20
N LEU F 20 1.63 25.62 28.44
CA LEU F 20 1.16 24.26 28.68
C LEU F 20 1.87 23.21 27.91
N THR F 21 2.73 22.43 28.48
CA THR F 21 3.51 21.33 27.88
C THR F 21 3.36 20.10 28.78
N PRO F 22 2.24 19.40 28.64
CA PRO F 22 1.86 18.31 29.46
C PRO F 22 2.87 17.29 29.86
N ASP F 23 3.88 17.02 29.07
CA ASP F 23 4.90 16.02 29.45
C ASP F 23 5.72 16.51 30.64
N TYR F 24 5.70 17.81 30.82
CA TYR F 24 6.35 18.52 31.92
C TYR F 24 5.14 18.74 32.92
N LYS F 25 4.93 17.65 33.69
CA LYS F 25 3.81 17.53 34.60
C LYS F 25 3.35 18.74 35.35
N THR F 26 4.33 19.41 36.03
CA THR F 26 4.00 20.61 36.79
C THR F 26 3.44 21.76 35.97
N SER F 27 3.72 21.78 34.65
CA SER F 27 3.23 22.92 33.85
C SER F 27 1.70 22.89 33.76
N ILE F 28 1.14 21.68 33.97
CA ILE F 28 -0.29 21.51 33.88
C ILE F 28 -1.07 22.49 34.75
N ALA F 29 -0.73 22.57 36.01
CA ALA F 29 -1.45 23.44 36.97
C ALA F 29 -0.92 24.83 37.12
N ARG F 30 0.27 25.05 36.51
CA ARG F 30 0.93 26.36 36.58
C ARG F 30 0.97 27.17 35.30
N SER F 31 -0.02 26.88 34.43
CA SER F 31 -0.10 27.60 33.14
C SER F 31 -1.42 28.30 33.07
N PRO F 32 -1.39 29.56 32.69
CA PRO F 32 -2.63 30.37 32.58
C PRO F 32 -3.56 29.74 31.57
N ARG F 33 -4.83 29.87 31.74
CA ARG F 33 -5.81 29.30 30.81
C ARG F 33 -6.28 30.46 29.91
N GLN F 34 -6.22 31.67 30.44
CA GLN F 34 -6.64 32.82 29.61
C GLN F 34 -5.45 33.23 28.73
N ALA F 35 -5.72 33.95 27.67
CA ALA F 35 -4.70 34.46 26.73
C ALA F 35 -4.01 35.64 27.44
N LEU F 36 -2.73 35.80 27.18
CA LEU F 36 -1.95 36.93 27.69
C LEU F 36 -2.59 38.21 27.05
N VAL F 37 -2.54 39.31 27.69
CA VAL F 37 -3.06 40.58 27.19
C VAL F 37 -1.92 41.43 26.63
N SER F 38 -1.94 41.69 25.31
CA SER F 38 -0.85 42.51 24.71
C SER F 38 -0.99 43.95 25.09
N ILE F 39 0.10 44.62 25.44
CA ILE F 39 0.10 46.06 25.79
C ILE F 39 1.28 46.75 25.05
N PRO F 40 1.07 48.00 24.72
CA PRO F 40 2.11 48.79 24.01
C PRO F 40 3.27 49.00 25.02
N GLN F 41 4.45 49.15 24.46
CA GLN F 41 5.64 49.38 25.34
C GLN F 41 5.56 50.79 25.91
N SER F 42 5.84 50.92 27.21
CA SER F 42 5.88 52.21 27.91
C SER F 42 7.19 52.25 28.73
N ILE F 43 7.45 53.39 29.39
CA ILE F 43 8.66 53.52 30.23
C ILE F 43 8.73 52.40 31.25
N SER F 44 7.57 51.95 31.73
CA SER F 44 7.49 50.86 32.69
C SER F 44 8.21 49.62 32.15
N GLU F 45 7.94 49.30 30.90
CA GLU F 45 8.48 48.13 30.24
C GLU F 45 9.80 48.29 29.54
N THR F 46 10.20 49.52 29.18
CA THR F 46 11.45 49.69 28.41
C THR F 46 12.67 50.11 29.18
N THR F 47 12.58 50.14 30.49
CA THR F 47 13.66 50.50 31.43
C THR F 47 13.88 49.28 32.33
N GLY F 48 14.94 49.29 33.07
CA GLY F 48 15.32 48.22 34.01
C GLY F 48 16.55 48.69 34.81
N PRO F 49 16.87 47.88 35.80
CA PRO F 49 18.02 48.16 36.68
C PRO F 49 19.35 47.96 35.92
N ASN F 50 20.30 48.72 36.33
CA ASN F 50 21.68 48.70 35.88
C ASN F 50 22.47 48.29 37.16
N PHE F 51 23.17 47.20 37.07
CA PHE F 51 23.94 46.67 38.21
C PHE F 51 25.41 47.02 38.23
N SER F 52 25.78 48.06 37.50
CA SER F 52 27.17 48.53 37.38
C SER F 52 27.77 48.83 38.73
N HIS F 53 27.01 49.38 39.66
CA HIS F 53 27.53 49.69 40.99
C HIS F 53 27.33 48.61 42.02
N LEU F 54 26.89 47.43 41.63
CA LEU F 54 26.72 46.35 42.65
C LEU F 54 28.15 45.97 43.05
N GLY F 55 28.35 45.83 44.35
CA GLY F 55 29.70 45.48 44.84
C GLY F 55 29.94 43.98 44.79
N PHE F 56 30.51 43.53 43.68
CA PHE F 56 30.79 42.10 43.50
C PHE F 56 32.08 41.69 44.25
N GLY F 57 32.01 40.49 44.81
CA GLY F 57 33.19 39.90 45.48
C GLY F 57 34.18 39.51 44.34
N ALA F 58 35.40 39.29 44.71
CA ALA F 58 36.52 38.92 43.87
C ALA F 58 36.37 37.53 43.23
N HIS F 59 35.66 36.68 43.93
CA HIS F 59 35.42 35.31 43.45
C HIS F 59 33.99 35.01 43.12
N ASP F 60 33.18 36.00 42.87
CA ASP F 60 31.75 35.84 42.56
C ASP F 60 31.51 34.94 41.35
N HIS F 61 32.40 35.04 40.36
CA HIS F 61 32.32 34.28 39.13
C HIS F 61 33.12 33.00 39.13
N ASP F 62 33.79 32.68 40.26
CA ASP F 62 34.64 31.47 40.35
C ASP F 62 34.13 30.48 41.38
N LEU F 63 33.41 29.47 40.92
CA LEU F 63 32.83 28.41 41.71
C LEU F 63 33.82 27.43 42.32
N LEU F 64 35.05 27.52 41.97
CA LEU F 64 36.17 26.69 42.47
C LEU F 64 36.68 27.29 43.80
N LEU F 65 36.52 28.58 43.98
CA LEU F 65 36.95 29.34 45.11
C LEU F 65 35.90 30.02 45.98
N ASN F 66 34.69 30.20 45.51
CA ASN F 66 33.68 30.91 46.19
C ASN F 66 32.90 30.24 47.28
N PHE F 67 33.02 28.96 47.50
CA PHE F 67 32.21 28.34 48.60
C PHE F 67 33.15 28.30 49.85
N GLY F 71 39.56 23.50 50.46
CA GLY F 71 39.98 22.57 49.40
C GLY F 71 39.18 22.82 48.11
N LEU F 72 39.53 22.06 47.10
CA LEU F 72 38.94 22.09 45.77
C LEU F 72 37.77 21.12 45.61
N PRO F 73 36.78 21.62 44.87
CA PRO F 73 35.58 20.81 44.52
C PRO F 73 36.06 19.63 43.67
N ILE F 74 35.37 18.53 43.77
CA ILE F 74 35.74 17.34 42.92
C ILE F 74 34.84 17.45 41.67
N GLY F 75 35.40 17.16 40.52
CA GLY F 75 34.61 17.24 39.26
C GLY F 75 35.50 17.75 38.12
N GLU F 76 34.88 17.85 36.98
CA GLU F 76 35.55 18.33 35.74
C GLU F 76 35.63 19.84 35.74
N ARG F 77 36.89 20.29 35.80
CA ARG F 77 37.12 21.77 35.82
C ARG F 77 36.91 22.29 34.38
N ILE F 78 36.09 23.29 34.28
CA ILE F 78 35.75 23.94 33.02
C ILE F 78 35.43 25.42 33.26
N ILE F 79 35.71 26.14 32.18
CA ILE F 79 35.35 27.57 32.12
C ILE F 79 34.08 27.59 31.20
N VAL F 80 33.19 28.43 31.51
CA VAL F 80 31.96 28.65 30.72
C VAL F 80 32.03 30.18 30.39
N ALA F 81 32.25 30.46 29.14
CA ALA F 81 32.38 31.83 28.63
C ALA F 81 31.51 32.01 27.39
N GLY F 82 31.17 33.24 27.10
CA GLY F 82 30.33 33.56 25.92
C GLY F 82 30.09 35.05 25.91
N ARG F 83 29.16 35.43 25.06
CA ARG F 83 28.86 36.87 24.88
C ARG F 83 27.36 37.05 24.81
N VAL F 84 26.89 38.19 25.28
CA VAL F 84 25.50 38.54 25.29
C VAL F 84 25.32 39.69 24.26
N VAL F 85 24.55 39.42 23.25
CA VAL F 85 24.23 40.41 22.18
C VAL F 85 22.68 40.43 22.07
N ASP F 86 22.20 41.43 21.38
CA ASP F 86 20.79 41.61 21.10
C ASP F 86 20.53 40.95 19.75
N GLN F 87 19.31 40.94 19.28
CA GLN F 87 18.91 40.29 18.01
C GLN F 87 19.55 41.05 16.81
N TYR F 88 19.91 42.27 17.00
CA TYR F 88 20.57 43.07 15.96
C TYR F 88 22.03 42.73 15.89
N GLY F 89 22.52 41.91 16.80
CA GLY F 89 23.89 41.50 16.89
C GLY F 89 24.77 42.44 17.71
N LYS F 90 24.21 43.42 18.33
CA LYS F 90 24.90 44.41 19.17
C LYS F 90 25.19 43.87 20.54
N PRO F 91 26.40 44.09 21.05
CA PRO F 91 26.84 43.64 22.37
C PRO F 91 25.99 44.27 23.48
N VAL F 92 25.88 43.56 24.58
CA VAL F 92 25.07 44.05 25.75
C VAL F 92 26.07 44.09 26.94
N PRO F 93 26.65 45.27 27.06
CA PRO F 93 27.68 45.54 28.06
C PRO F 93 27.13 45.90 29.44
N ASN F 94 27.87 45.56 30.46
CA ASN F 94 27.53 45.83 31.86
C ASN F 94 26.19 45.22 32.26
N THR F 95 25.95 43.98 31.95
CA THR F 95 24.68 43.32 32.21
C THR F 95 24.90 42.21 33.21
N LEU F 96 23.90 41.99 34.04
CA LEU F 96 24.00 40.97 35.08
C LEU F 96 23.67 39.58 34.57
N VAL F 97 24.60 38.70 34.74
CA VAL F 97 24.54 37.30 34.42
C VAL F 97 24.72 36.52 35.74
N GLU F 98 23.72 35.74 36.04
CA GLU F 98 23.75 34.90 37.29
C GLU F 98 23.57 33.45 36.86
N MET F 99 24.13 32.53 37.58
CA MET F 99 24.06 31.10 37.30
C MET F 99 24.05 30.31 38.62
N TRP F 100 23.55 29.10 38.60
CA TRP F 100 23.44 28.16 39.71
C TRP F 100 23.42 26.77 39.09
N GLN F 101 23.85 25.77 39.82
CA GLN F 101 23.88 24.39 39.21
C GLN F 101 24.16 23.36 40.36
N ALA F 102 24.02 22.11 40.04
CA ALA F 102 24.28 21.02 40.98
C ALA F 102 25.80 20.81 40.95
N ASN F 103 26.25 19.88 41.79
CA ASN F 103 27.64 19.48 41.86
C ASN F 103 27.87 18.39 40.78
N ALA F 104 29.04 17.82 40.90
CA ALA F 104 29.55 16.79 39.97
C ALA F 104 28.65 15.58 39.91
N GLY F 105 27.95 15.33 41.02
CA GLY F 105 27.09 14.17 41.15
C GLY F 105 25.62 14.43 40.95
N GLY F 106 25.28 15.67 40.59
CA GLY F 106 23.91 16.06 40.39
C GLY F 106 23.17 16.43 41.68
N ARG F 107 23.84 16.74 42.74
CA ARG F 107 23.18 17.20 44.01
C ARG F 107 23.31 18.70 44.13
N TYR F 108 22.19 19.32 44.46
CA TYR F 108 22.11 20.77 44.68
C TYR F 108 22.30 21.09 46.18
N ARG F 109 22.89 22.22 46.43
CA ARG F 109 23.09 22.68 47.86
C ARG F 109 21.84 23.50 48.18
N HIS F 110 20.77 22.76 48.38
CA HIS F 110 19.42 23.24 48.67
C HIS F 110 18.71 22.23 49.58
N LYS F 111 18.01 22.76 50.56
CA LYS F 111 17.26 22.01 51.56
C LYS F 111 16.36 20.93 50.95
N ASN F 112 15.56 21.42 50.00
CA ASN F 112 14.61 20.61 49.29
C ASN F 112 15.24 19.50 48.46
N ASP F 113 16.55 19.50 48.30
CA ASP F 113 17.20 18.44 47.49
C ASP F 113 17.57 17.24 48.34
N ARG F 114 16.81 16.17 48.08
CA ARG F 114 16.98 14.90 48.79
C ARG F 114 17.63 13.81 48.00
N TYR F 115 18.21 14.12 46.85
CA TYR F 115 18.86 13.10 46.02
C TYR F 115 19.97 12.48 46.87
N LEU F 116 20.14 11.19 46.68
CA LEU F 116 21.12 10.40 47.42
C LEU F 116 22.55 10.69 47.11
N ALA F 117 22.85 11.41 46.02
CA ALA F 117 24.28 11.73 45.72
C ALA F 117 24.66 12.76 46.80
N PRO F 118 25.88 12.63 47.28
CA PRO F 118 26.35 13.50 48.35
C PRO F 118 26.71 14.90 47.89
N LEU F 119 26.75 15.78 48.86
CA LEU F 119 27.18 17.17 48.72
C LEU F 119 28.71 17.17 48.69
N ASP F 120 29.23 18.24 48.12
CA ASP F 120 30.68 18.46 48.00
C ASP F 120 31.02 19.61 48.96
N PRO F 121 31.80 19.23 49.98
CA PRO F 121 32.25 20.17 51.01
C PRO F 121 32.78 21.48 50.48
N ASN F 122 33.43 21.42 49.32
CA ASN F 122 34.04 22.63 48.71
C ASN F 122 33.23 23.24 47.59
N PHE F 123 31.98 22.87 47.45
CA PHE F 123 31.19 23.44 46.31
C PHE F 123 29.87 24.00 46.75
N GLY F 124 29.63 25.24 46.35
CA GLY F 124 28.36 25.94 46.66
C GLY F 124 27.38 25.82 45.48
N GLY F 125 27.81 26.28 44.30
CA GLY F 125 27.06 26.22 43.09
C GLY F 125 26.39 27.49 42.59
N VAL F 126 26.85 28.64 43.03
CA VAL F 126 26.27 29.92 42.58
C VAL F 126 27.39 30.84 42.07
N GLY F 127 27.06 31.66 41.07
CA GLY F 127 28.06 32.61 40.52
C GLY F 127 27.27 33.78 39.92
N ARG F 128 27.97 34.86 39.69
CA ARG F 128 27.42 36.08 39.08
C ARG F 128 28.63 36.81 38.43
N CYS F 129 28.34 37.49 37.37
CA CYS F 129 29.33 38.21 36.54
C CYS F 129 28.63 39.30 35.74
N LEU F 130 29.26 40.44 35.71
CA LEU F 130 28.78 41.59 34.97
C LEU F 130 29.55 41.57 33.63
N THR F 131 28.85 41.50 32.52
CA THR F 131 29.49 41.48 31.19
C THR F 131 30.32 42.77 31.04
N ASP F 132 31.38 42.60 30.25
CA ASP F 132 32.29 43.72 29.98
C ASP F 132 31.74 44.59 28.85
N SER F 133 32.63 45.46 28.43
CA SER F 133 32.45 46.45 27.36
C SER F 133 31.95 45.83 26.08
N ASP F 134 32.49 44.67 25.77
CA ASP F 134 32.15 43.90 24.60
C ASP F 134 31.06 42.86 24.77
N GLY F 135 30.39 42.82 25.89
CA GLY F 135 29.32 41.86 26.17
C GLY F 135 29.82 40.48 26.59
N TYR F 136 31.09 40.37 26.90
CA TYR F 136 31.70 39.12 27.35
C TYR F 136 31.51 38.88 28.86
N TYR F 137 31.35 37.62 29.22
CA TYR F 137 31.20 37.11 30.56
C TYR F 137 31.96 35.75 30.61
N SER F 138 32.26 35.37 31.84
CA SER F 138 32.91 34.08 32.08
C SER F 138 32.84 33.68 33.58
N PHE F 139 32.76 32.37 33.71
CA PHE F 139 32.67 31.65 34.97
C PHE F 139 33.66 30.47 34.95
N ARG F 140 34.09 30.15 36.14
CA ARG F 140 34.99 28.97 36.26
C ARG F 140 34.22 28.07 37.21
N THR F 141 34.08 26.82 36.79
CA THR F 141 33.28 25.91 37.66
C THR F 141 33.64 24.48 37.35
N ILE F 142 32.73 23.59 37.85
CA ILE F 142 32.91 22.15 37.56
C ILE F 142 31.64 21.74 36.78
N LYS F 143 31.80 20.74 35.91
CA LYS F 143 30.63 20.32 35.11
C LYS F 143 29.63 19.51 36.05
N PRO F 144 28.41 19.98 36.03
CA PRO F 144 27.32 19.36 36.81
C PRO F 144 26.99 17.97 36.28
N GLY F 145 26.42 17.15 37.10
CA GLY F 145 25.96 15.81 36.78
C GLY F 145 24.44 15.85 36.52
N PRO F 146 23.98 14.85 35.81
CA PRO F 146 22.55 14.66 35.50
C PRO F 146 21.88 14.40 36.88
N TYR F 147 20.61 14.67 36.90
CA TYR F 147 19.79 14.56 38.18
C TYR F 147 18.44 13.91 37.83
N PRO F 148 18.09 12.89 38.63
CA PRO F 148 16.82 12.19 38.53
C PRO F 148 15.79 13.14 39.13
N TRP F 149 14.59 13.13 38.60
CA TRP F 149 13.54 14.04 39.10
C TRP F 149 12.20 13.37 38.97
N ARG F 150 11.27 13.75 39.86
CA ARG F 150 9.96 13.09 39.87
C ARG F 150 8.98 13.65 38.88
N ASN F 151 9.08 13.19 37.65
CA ASN F 151 8.19 13.61 36.52
C ASN F 151 7.56 12.25 36.13
N GLY F 152 8.11 11.62 35.13
CA GLY F 152 7.74 10.27 34.71
C GLY F 152 8.60 9.39 35.69
N PRO F 153 8.33 8.09 35.69
CA PRO F 153 9.01 7.16 36.59
C PRO F 153 10.53 7.07 36.38
N ASN F 154 11.07 7.52 35.24
CA ASN F 154 12.54 7.36 35.05
C ASN F 154 13.08 8.54 34.25
N ASP F 155 12.74 9.74 34.67
CA ASP F 155 13.17 10.98 34.05
C ASP F 155 14.49 11.45 34.67
N TRP F 156 15.39 11.85 33.79
CA TRP F 156 16.71 12.39 34.22
C TRP F 156 16.99 13.70 33.44
N ARG F 157 17.27 14.74 34.18
CA ARG F 157 17.64 16.02 33.51
C ARG F 157 19.08 15.82 33.00
N PRO F 158 19.31 16.34 31.78
CA PRO F 158 20.70 16.29 31.26
C PRO F 158 21.47 17.27 32.17
N ALA F 159 22.76 17.10 32.21
CA ALA F 159 23.64 18.04 32.98
C ALA F 159 23.31 19.45 32.34
N HIS F 160 23.07 20.38 33.22
CA HIS F 160 22.74 21.77 32.82
C HIS F 160 23.10 22.78 33.87
N ILE F 161 23.23 24.04 33.43
CA ILE F 161 23.52 25.17 34.27
C ILE F 161 22.37 26.17 34.11
N HIS F 162 21.79 26.58 35.24
CA HIS F 162 20.72 27.57 35.20
C HIS F 162 21.32 28.95 35.00
N PHE F 163 20.71 29.75 34.10
CA PHE F 163 21.17 31.12 33.87
C PHE F 163 20.05 32.15 33.98
N GLY F 164 20.45 33.32 34.45
CA GLY F 164 19.53 34.48 34.59
C GLY F 164 20.31 35.68 33.96
N ILE F 165 19.62 36.39 33.12
CA ILE F 165 20.21 37.54 32.43
C ILE F 165 19.24 38.73 32.45
N SER F 166 19.72 39.85 32.92
CA SER F 166 18.97 41.08 33.03
C SER F 166 18.62 41.79 31.72
N GLY F 167 19.70 42.22 31.05
CA GLY F 167 19.63 43.00 29.81
C GLY F 167 19.30 44.45 30.22
N PRO F 168 19.08 45.28 29.17
CA PRO F 168 18.79 46.69 29.35
C PRO F 168 17.46 47.01 30.00
N SER F 169 16.50 46.08 29.91
CA SER F 169 15.18 46.40 30.49
C SER F 169 14.50 45.16 31.05
N ILE F 170 13.35 45.37 31.71
CA ILE F 170 12.63 44.17 32.23
C ILE F 170 12.05 43.38 31.06
N ALA F 171 11.90 44.11 29.93
CA ALA F 171 11.39 43.53 28.67
C ALA F 171 12.40 42.50 28.16
N THR F 172 13.67 42.68 28.47
CA THR F 172 14.72 41.77 28.01
C THR F 172 15.09 40.66 28.98
N LYS F 173 14.72 40.88 30.28
CA LYS F 173 15.08 39.89 31.32
C LYS F 173 14.67 38.51 30.94
N LEU F 174 15.61 37.56 31.09
CA LEU F 174 15.42 36.18 30.74
C LEU F 174 16.07 35.17 31.68
N ILE F 175 15.43 34.04 31.84
CA ILE F 175 15.89 32.89 32.59
C ILE F 175 15.90 31.69 31.64
N THR F 176 17.00 30.96 31.66
CA THR F 176 17.11 29.79 30.78
C THR F 176 18.06 28.81 31.40
N GLN F 177 18.45 27.79 30.62
CA GLN F 177 19.38 26.75 31.02
C GLN F 177 20.37 26.46 29.87
N LEU F 178 21.57 26.12 30.25
CA LEU F 178 22.64 25.75 29.30
C LEU F 178 22.77 24.23 29.35
N TYR F 179 22.94 23.56 28.23
CA TYR F 179 23.12 22.15 28.08
C TYR F 179 24.51 21.89 27.47
N PHE F 180 25.01 20.66 27.59
CA PHE F 180 26.37 20.40 27.06
C PHE F 180 26.35 19.55 25.80
N GLU F 181 27.19 20.04 24.86
CA GLU F 181 27.28 19.38 23.53
C GLU F 181 27.44 17.90 23.58
N GLY F 182 26.59 17.20 22.80
CA GLY F 182 26.57 15.77 22.67
C GLY F 182 25.91 14.97 23.79
N ASP F 183 25.39 15.63 24.82
CA ASP F 183 24.73 14.84 25.94
C ASP F 183 23.53 14.08 25.40
N PRO F 184 23.55 12.75 25.52
CA PRO F 184 22.46 11.90 25.04
C PRO F 184 21.13 12.08 25.75
N LEU F 185 21.13 12.68 26.94
CA LEU F 185 19.89 12.87 27.70
C LEU F 185 19.09 14.04 27.08
N ILE F 186 19.78 14.93 26.38
CA ILE F 186 19.16 16.10 25.81
C ILE F 186 17.83 15.87 25.10
N PRO F 187 17.79 15.03 24.10
CA PRO F 187 16.59 14.72 23.33
C PRO F 187 15.49 13.95 24.08
N MET F 188 15.77 13.38 25.22
CA MET F 188 14.75 12.67 26.01
C MET F 188 14.13 13.52 27.12
N CYS F 189 14.54 14.77 27.30
CA CYS F 189 14.03 15.59 28.38
C CYS F 189 12.78 16.37 28.09
N PRO F 190 11.75 16.16 28.90
CA PRO F 190 10.48 16.83 28.81
C PRO F 190 10.62 18.33 28.95
N ILE F 191 11.55 18.84 29.74
CA ILE F 191 11.75 20.29 29.87
C ILE F 191 12.36 20.88 28.56
N VAL F 192 13.31 20.13 28.02
CA VAL F 192 13.96 20.55 26.74
C VAL F 192 12.84 20.55 25.68
N LYS F 193 12.10 19.46 25.70
CA LYS F 193 10.97 19.25 24.78
C LYS F 193 9.83 20.24 24.92
N SER F 194 9.91 21.17 25.87
CA SER F 194 8.86 22.21 25.96
C SER F 194 9.09 23.17 24.76
N ILE F 195 10.29 23.11 24.20
CA ILE F 195 10.66 23.92 23.02
C ILE F 195 10.27 23.10 21.77
N ALA F 196 9.27 23.57 21.08
CA ALA F 196 8.74 22.89 19.90
C ALA F 196 9.68 22.81 18.72
N ASN F 197 10.49 23.79 18.50
CA ASN F 197 11.44 23.87 17.38
C ASN F 197 12.83 23.41 17.73
N PRO F 198 13.31 22.36 17.08
CA PRO F 198 14.62 21.80 17.29
C PRO F 198 15.78 22.77 17.08
N GLU F 199 15.51 23.81 16.29
CA GLU F 199 16.53 24.84 16.01
C GLU F 199 16.72 25.70 17.24
N ALA F 200 15.62 25.89 17.94
CA ALA F 200 15.61 26.67 19.20
C ALA F 200 16.40 25.88 20.25
N VAL F 201 16.24 24.55 20.27
CA VAL F 201 16.96 23.70 21.21
C VAL F 201 18.47 23.86 21.04
N GLN F 202 18.87 23.93 19.74
CA GLN F 202 20.28 24.08 19.43
C GLN F 202 20.93 25.26 20.11
N GLN F 203 20.20 26.33 20.27
CA GLN F 203 20.70 27.58 20.88
C GLN F 203 21.01 27.44 22.38
N LEU F 204 20.52 26.40 22.99
CA LEU F 204 20.70 26.12 24.41
C LEU F 204 21.90 25.22 24.63
N ILE F 205 22.50 24.77 23.51
CA ILE F 205 23.68 23.91 23.65
C ILE F 205 25.01 24.62 23.66
N ALA F 206 25.78 24.42 24.75
CA ALA F 206 27.12 25.01 24.86
C ALA F 206 28.08 24.05 24.07
N LYS F 207 28.97 24.66 23.35
CA LYS F 207 29.94 23.90 22.54
C LYS F 207 31.31 23.87 23.20
N LEU F 208 31.96 22.74 22.99
CA LEU F 208 33.31 22.49 23.51
C LEU F 208 34.22 23.57 22.84
N ASP F 209 35.00 24.23 23.66
CA ASP F 209 35.88 25.30 23.16
C ASP F 209 37.32 25.06 23.53
N MET F 210 38.02 24.24 22.78
CA MET F 210 39.41 23.88 22.99
C MET F 210 40.35 25.09 22.97
N ASN F 211 39.97 26.10 22.19
CA ASN F 211 40.72 27.34 22.03
C ASN F 211 40.81 28.15 23.34
N ASN F 212 39.79 28.05 24.14
CA ASN F 212 39.67 28.76 25.42
C ASN F 212 40.10 27.93 26.64
N ALA F 213 40.49 26.69 26.41
CA ALA F 213 40.95 25.81 27.44
C ALA F 213 42.36 26.22 27.94
N ASN F 214 42.62 25.83 29.15
CA ASN F 214 43.91 26.00 29.86
C ASN F 214 44.52 24.58 29.86
N PRO F 215 45.51 24.39 29.01
CA PRO F 215 46.20 23.08 28.90
C PRO F 215 46.63 22.61 30.30
N MET F 216 46.55 21.32 30.49
CA MET F 216 46.87 20.66 31.75
C MET F 216 46.05 21.27 32.91
N ASP F 217 44.90 21.84 32.68
CA ASP F 217 44.13 22.42 33.84
C ASP F 217 42.64 22.30 33.71
N CYS F 218 42.05 22.95 32.70
CA CYS F 218 40.60 22.90 32.49
C CYS F 218 40.17 23.09 31.06
N LEU F 219 39.02 22.55 30.78
CA LEU F 219 38.33 22.65 29.48
C LEU F 219 37.48 23.92 29.51
N ALA F 220 36.96 24.25 28.33
CA ALA F 220 36.10 25.41 28.14
C ALA F 220 34.93 25.10 27.24
N TYR F 221 33.85 25.81 27.56
CA TYR F 221 32.58 25.73 26.86
C TYR F 221 32.20 27.16 26.50
N ARG F 222 31.65 27.27 25.32
CA ARG F 222 31.21 28.60 24.81
C ARG F 222 29.70 28.62 24.80
N PHE F 223 29.10 29.68 25.34
CA PHE F 223 27.63 29.85 25.38
C PHE F 223 27.30 31.31 25.11
N ASP F 224 26.72 31.61 23.97
CA ASP F 224 26.38 33.05 23.66
C ASP F 224 24.89 33.18 23.90
N ILE F 225 24.47 34.32 24.31
CA ILE F 225 23.08 34.61 24.59
C ILE F 225 22.61 35.82 23.76
N VAL F 226 21.45 35.65 23.17
CA VAL F 226 20.81 36.71 22.38
C VAL F 226 19.55 37.19 23.13
N LEU F 227 19.54 38.48 23.40
CA LEU F 227 18.39 39.14 24.06
C LEU F 227 17.60 39.87 22.94
N ARG F 228 16.38 40.20 23.27
CA ARG F 228 15.49 40.91 22.36
C ARG F 228 16.24 42.15 21.78
N GLY F 229 15.97 42.29 20.49
CA GLY F 229 16.54 43.38 19.68
C GLY F 229 16.03 44.71 20.20
N GLN F 230 16.97 45.64 20.27
CA GLN F 230 16.69 47.02 20.79
C GLN F 230 16.90 48.03 19.65
N ARG F 231 15.92 48.85 19.44
CA ARG F 231 15.89 49.88 18.41
C ARG F 231 15.35 51.17 18.98
N LYS F 232 15.64 52.28 18.31
CA LYS F 232 15.12 53.60 18.79
C LYS F 232 13.67 53.70 18.29
N THR F 233 12.94 54.64 18.89
CA THR F 233 11.56 54.91 18.53
C THR F 233 11.60 55.68 17.20
N HIS F 234 10.51 55.61 16.47
CA HIS F 234 10.44 56.34 15.18
C HIS F 234 8.99 56.56 14.79
N PHE F 235 8.73 57.77 14.34
CA PHE F 235 7.41 58.20 13.89
C PHE F 235 6.30 57.93 14.87
N GLU F 236 6.63 57.93 16.17
CA GLU F 236 5.56 57.66 17.17
C GLU F 236 4.72 58.89 17.45
N PRO G 1 2.50 9.57 -29.94
CA PRO G 1 1.20 9.24 -30.53
C PRO G 1 0.08 9.63 -29.55
N ILE G 2 -1.15 9.61 -30.01
CA ILE G 2 -2.32 9.94 -29.14
C ILE G 2 -2.70 8.63 -28.41
N GLU G 3 -2.91 8.71 -27.14
CA GLU G 3 -3.31 7.51 -26.33
C GLU G 3 -4.70 7.83 -25.75
N LEU G 4 -5.60 6.91 -25.86
CA LEU G 4 -7.01 7.20 -25.30
C LEU G 4 -6.99 6.56 -23.91
N LEU G 5 -8.14 6.49 -23.26
CA LEU G 5 -8.22 5.78 -21.94
C LEU G 5 -8.14 4.29 -22.36
N PRO G 6 -7.43 3.52 -21.58
CA PRO G 6 -7.32 2.09 -21.81
C PRO G 6 -8.65 1.39 -21.49
N GLU G 7 -8.91 0.37 -22.32
CA GLU G 7 -10.16 -0.43 -22.05
C GLU G 7 -9.89 -1.27 -20.78
N THR G 8 -11.03 -1.53 -20.10
CA THR G 8 -10.98 -2.38 -18.90
C THR G 8 -10.51 -3.77 -19.37
N PRO G 9 -9.53 -4.28 -18.68
CA PRO G 9 -9.01 -5.63 -18.99
C PRO G 9 -10.07 -6.70 -18.73
N SER G 10 -10.00 -7.71 -19.56
CA SER G 10 -10.85 -8.88 -19.45
C SER G 10 -10.29 -9.84 -18.37
N GLN G 11 -11.24 -10.67 -17.91
CA GLN G 11 -10.94 -11.73 -16.95
C GLN G 11 -11.84 -12.93 -17.26
N THR G 12 -11.31 -14.11 -17.03
CA THR G 12 -12.10 -15.33 -17.24
C THR G 12 -13.45 -15.16 -16.49
N ALA G 13 -14.44 -15.80 -17.08
CA ALA G 13 -15.82 -15.83 -16.58
C ALA G 13 -15.83 -16.74 -15.30
N GLY G 14 -14.89 -17.69 -15.30
CA GLY G 14 -14.78 -18.64 -14.16
C GLY G 14 -15.84 -19.72 -14.33
N PRO G 15 -15.80 -20.72 -13.43
CA PRO G 15 -16.71 -21.86 -13.48
C PRO G 15 -18.13 -21.66 -13.06
N TYR G 16 -18.46 -20.65 -12.28
CA TYR G 16 -19.80 -20.37 -11.81
C TYR G 16 -20.55 -19.34 -12.62
N VAL G 17 -20.10 -19.14 -13.85
CA VAL G 17 -20.68 -18.16 -14.77
C VAL G 17 -22.18 -18.25 -14.91
N HIS G 18 -22.67 -19.46 -14.81
CA HIS G 18 -24.10 -19.80 -14.93
C HIS G 18 -24.99 -19.08 -13.93
N ILE G 19 -24.47 -18.89 -12.73
CA ILE G 19 -25.29 -18.24 -11.67
C ILE G 19 -25.70 -16.86 -12.12
N GLY G 20 -24.78 -16.18 -12.87
CA GLY G 20 -25.06 -14.84 -13.35
C GLY G 20 -25.71 -14.73 -14.72
N LEU G 21 -25.30 -15.64 -15.62
CA LEU G 21 -25.74 -15.64 -17.00
C LEU G 21 -26.53 -16.81 -17.53
N ALA G 22 -26.81 -17.82 -16.78
CA ALA G 22 -27.54 -19.02 -17.18
C ALA G 22 -28.18 -19.69 -15.93
N LEU G 23 -29.01 -18.90 -15.30
CA LEU G 23 -29.71 -19.18 -14.06
C LEU G 23 -30.12 -20.62 -13.92
N GLU G 24 -30.93 -21.07 -14.86
CA GLU G 24 -31.37 -22.48 -14.85
C GLU G 24 -30.19 -23.41 -14.66
N ALA G 25 -29.23 -23.31 -15.56
CA ALA G 25 -28.03 -24.19 -15.49
C ALA G 25 -27.40 -24.16 -14.12
N ALA G 26 -27.32 -23.00 -13.48
CA ALA G 26 -26.70 -22.93 -12.12
C ALA G 26 -27.57 -23.78 -11.16
N GLY G 27 -28.76 -24.05 -11.65
CA GLY G 27 -29.79 -24.78 -10.90
C GLY G 27 -30.37 -23.81 -9.83
N ASN G 28 -30.61 -22.58 -10.27
CA ASN G 28 -31.18 -21.55 -9.40
C ASN G 28 -32.48 -21.05 -10.06
N PRO G 29 -33.34 -20.51 -9.22
CA PRO G 29 -34.62 -19.94 -9.70
C PRO G 29 -34.29 -18.83 -10.69
N THR G 30 -35.13 -18.70 -11.69
CA THR G 30 -34.92 -17.65 -12.73
C THR G 30 -35.78 -16.46 -12.34
N ARG G 31 -35.58 -15.38 -13.06
CA ARG G 31 -36.36 -14.13 -12.87
C ARG G 31 -37.44 -14.17 -13.96
N ASP G 32 -38.36 -13.26 -13.97
CA ASP G 32 -39.44 -13.18 -14.93
C ASP G 32 -38.93 -13.22 -16.38
N GLN G 33 -37.89 -12.45 -16.65
CA GLN G 33 -37.33 -12.37 -18.02
C GLN G 33 -35.85 -12.76 -18.05
N GLU G 34 -35.56 -13.76 -18.82
CA GLU G 34 -34.21 -14.28 -19.00
C GLU G 34 -33.83 -14.32 -20.49
N ILE G 35 -32.59 -13.97 -20.77
CA ILE G 35 -32.07 -14.05 -22.19
C ILE G 35 -31.56 -15.50 -22.32
N TRP G 36 -32.25 -16.30 -23.13
CA TRP G 36 -31.84 -17.70 -23.31
C TRP G 36 -31.63 -18.09 -24.76
N ASN G 37 -31.75 -19.38 -25.04
CA ASN G 37 -31.51 -20.00 -26.33
C ASN G 37 -32.58 -20.13 -27.38
N ARG G 38 -33.65 -19.38 -27.31
CA ARG G 38 -34.75 -19.46 -28.31
C ARG G 38 -34.86 -18.12 -29.01
N LEU G 39 -34.23 -17.94 -30.14
CA LEU G 39 -34.23 -16.66 -30.86
C LEU G 39 -35.53 -16.42 -31.62
N ALA G 40 -36.17 -17.49 -32.04
CA ALA G 40 -37.43 -17.39 -32.77
C ALA G 40 -38.60 -18.13 -32.11
N LYS G 41 -39.74 -17.49 -32.27
CA LYS G 41 -41.01 -18.07 -31.81
C LYS G 41 -41.52 -18.83 -33.05
N PRO G 42 -42.30 -19.87 -32.80
CA PRO G 42 -42.86 -20.71 -33.85
C PRO G 42 -43.41 -19.92 -35.02
N ASP G 43 -43.94 -18.74 -34.77
CA ASP G 43 -44.51 -17.90 -35.81
C ASP G 43 -43.54 -16.90 -36.44
N ALA G 44 -42.27 -17.11 -36.32
CA ALA G 44 -41.24 -16.24 -36.90
C ALA G 44 -41.00 -16.68 -38.35
N PRO G 45 -40.91 -15.69 -39.22
CA PRO G 45 -40.68 -15.91 -40.65
C PRO G 45 -39.27 -16.47 -40.85
N GLY G 46 -39.14 -17.31 -41.87
CA GLY G 46 -37.87 -17.93 -42.21
C GLY G 46 -37.89 -19.42 -41.95
N GLU G 47 -36.78 -20.06 -42.28
CA GLU G 47 -36.63 -21.51 -42.09
C GLU G 47 -36.11 -21.80 -40.68
N HIS G 48 -36.90 -22.46 -39.88
CA HIS G 48 -36.63 -22.84 -38.51
C HIS G 48 -35.62 -23.97 -38.44
N ILE G 49 -34.54 -23.70 -37.68
CA ILE G 49 -33.47 -24.67 -37.51
C ILE G 49 -33.07 -24.87 -36.06
N LEU G 50 -32.37 -25.98 -35.89
CA LEU G 50 -31.81 -26.34 -34.59
C LEU G 50 -30.26 -26.40 -34.83
N LEU G 51 -29.62 -25.73 -33.89
CA LEU G 51 -28.17 -25.63 -33.78
C LEU G 51 -27.74 -26.37 -32.49
N LEU G 52 -26.76 -27.21 -32.64
CA LEU G 52 -26.22 -27.98 -31.50
C LEU G 52 -24.73 -28.23 -31.70
N GLY G 53 -24.03 -28.44 -30.57
CA GLY G 53 -22.60 -28.71 -30.62
C GLY G 53 -21.93 -28.94 -29.28
N GLN G 54 -20.70 -29.40 -29.43
CA GLN G 54 -19.76 -29.67 -28.36
C GLN G 54 -18.55 -28.74 -28.51
N VAL G 55 -17.86 -28.61 -27.44
CA VAL G 55 -16.65 -27.77 -27.26
C VAL G 55 -15.58 -28.70 -26.67
N TYR G 56 -14.42 -28.66 -27.28
CA TYR G 56 -13.30 -29.50 -26.89
C TYR G 56 -12.06 -28.64 -26.57
N ASP G 57 -11.32 -29.13 -25.62
CA ASP G 57 -10.08 -28.56 -25.13
C ASP G 57 -8.94 -29.18 -25.95
N GLY G 58 -7.73 -28.78 -25.70
CA GLY G 58 -6.56 -29.24 -26.42
C GLY G 58 -6.23 -30.69 -26.30
N ASN G 59 -6.83 -31.38 -25.32
CA ASN G 59 -6.65 -32.78 -25.07
C ASN G 59 -7.79 -33.61 -25.70
N GLY G 60 -8.74 -32.95 -26.34
CA GLY G 60 -9.86 -33.67 -26.95
C GLY G 60 -10.95 -33.98 -25.90
N HIS G 61 -10.91 -33.30 -24.79
CA HIS G 61 -11.88 -33.48 -23.69
C HIS G 61 -12.93 -32.38 -23.80
N LEU G 62 -14.15 -32.75 -23.46
CA LEU G 62 -15.31 -31.87 -23.48
C LEU G 62 -15.14 -30.74 -22.46
N VAL G 63 -15.58 -29.59 -22.85
CA VAL G 63 -15.55 -28.38 -21.96
C VAL G 63 -17.03 -28.25 -21.59
N ARG G 64 -17.33 -28.66 -20.36
CA ARG G 64 -18.70 -28.68 -19.87
C ARG G 64 -19.16 -27.46 -19.13
N ASP G 65 -18.38 -26.42 -19.06
CA ASP G 65 -18.78 -25.21 -18.29
C ASP G 65 -18.73 -23.98 -19.20
N SER G 66 -18.70 -24.30 -20.49
CA SER G 66 -18.64 -23.16 -21.49
C SER G 66 -19.98 -22.46 -21.53
N PHE G 67 -19.95 -21.22 -21.92
CA PHE G 67 -21.04 -20.27 -22.08
C PHE G 67 -20.88 -19.57 -23.46
N LEU G 68 -21.94 -19.47 -24.21
CA LEU G 68 -21.93 -18.89 -25.54
C LEU G 68 -23.00 -17.83 -25.76
N GLU G 69 -22.57 -16.81 -26.50
CA GLU G 69 -23.40 -15.70 -26.91
C GLU G 69 -23.46 -15.66 -28.46
N VAL G 70 -24.67 -15.53 -29.01
CA VAL G 70 -24.89 -15.52 -30.46
C VAL G 70 -25.54 -14.23 -30.93
N TRP G 71 -25.09 -13.82 -32.09
CA TRP G 71 -25.62 -12.59 -32.77
C TRP G 71 -25.86 -12.98 -34.25
N GLN G 72 -27.05 -12.71 -34.74
CA GLN G 72 -27.41 -13.08 -36.13
C GLN G 72 -28.52 -12.18 -36.65
N ALA G 73 -28.56 -12.12 -37.97
CA ALA G 73 -29.59 -11.37 -38.72
C ALA G 73 -30.83 -12.31 -38.85
N ASP G 74 -31.95 -11.70 -39.14
CA ASP G 74 -33.22 -12.46 -39.33
C ASP G 74 -33.20 -13.08 -40.74
N ALA G 75 -34.35 -13.66 -41.10
CA ALA G 75 -34.45 -14.31 -42.42
C ALA G 75 -34.23 -13.35 -43.56
N ASN G 76 -34.50 -12.07 -43.40
CA ASN G 76 -34.30 -11.03 -44.38
C ASN G 76 -32.88 -10.42 -44.33
N GLY G 77 -31.99 -10.97 -43.54
CA GLY G 77 -30.63 -10.45 -43.47
C GLY G 77 -30.62 -9.13 -42.73
N GLU G 78 -31.54 -9.00 -41.79
CA GLU G 78 -31.69 -7.82 -40.95
C GLU G 78 -31.33 -8.04 -39.49
N TYR G 79 -30.54 -7.12 -38.94
CA TYR G 79 -30.16 -7.21 -37.50
C TYR G 79 -31.21 -6.54 -36.60
N GLN G 80 -31.82 -7.36 -35.76
CA GLN G 80 -32.86 -6.86 -34.81
C GLN G 80 -32.25 -6.64 -33.43
N ASP G 81 -31.96 -5.38 -33.14
CA ASP G 81 -31.32 -4.96 -31.89
C ASP G 81 -32.23 -4.70 -30.70
N ALA G 82 -33.44 -4.26 -30.94
CA ALA G 82 -34.38 -3.99 -29.83
C ALA G 82 -34.80 -5.35 -29.25
N TYR G 83 -34.09 -5.85 -28.27
CA TYR G 83 -34.36 -7.13 -27.62
C TYR G 83 -35.67 -7.11 -26.83
N ASN G 84 -36.52 -8.06 -27.12
CA ASN G 84 -37.84 -8.17 -26.45
C ASN G 84 -38.36 -9.59 -26.52
N LEU G 85 -38.77 -10.10 -25.36
CA LEU G 85 -39.31 -11.46 -25.25
C LEU G 85 -40.62 -11.59 -26.00
N GLU G 86 -41.29 -10.47 -26.25
CA GLU G 86 -42.53 -10.41 -27.01
C GLU G 86 -42.26 -10.61 -28.50
N ASN G 87 -41.08 -10.23 -28.95
CA ASN G 87 -40.66 -10.33 -30.33
C ASN G 87 -40.81 -11.77 -30.82
N ALA G 88 -41.05 -11.86 -32.11
CA ALA G 88 -41.19 -13.15 -32.81
C ALA G 88 -39.79 -13.69 -33.11
N PHE G 89 -38.87 -12.75 -33.23
CA PHE G 89 -37.46 -13.04 -33.45
C PHE G 89 -36.58 -11.99 -32.75
N ASN G 90 -35.56 -12.54 -32.13
CA ASN G 90 -34.50 -11.76 -31.48
C ASN G 90 -33.18 -12.24 -32.15
N SER G 91 -32.40 -11.27 -32.53
CA SER G 91 -31.08 -11.49 -33.16
C SER G 91 -30.02 -11.98 -32.16
N PHE G 92 -30.34 -11.73 -30.88
CA PHE G 92 -29.40 -12.12 -29.80
C PHE G 92 -29.90 -13.25 -28.94
N GLY G 93 -28.97 -14.16 -28.64
CA GLY G 93 -29.27 -15.30 -27.75
C GLY G 93 -28.07 -15.73 -26.92
N ARG G 94 -28.35 -16.64 -25.98
CA ARG G 94 -27.43 -17.23 -25.05
C ARG G 94 -27.66 -18.73 -24.90
N THR G 95 -26.59 -19.44 -24.67
CA THR G 95 -26.58 -20.89 -24.51
C THR G 95 -25.37 -21.32 -23.69
N ALA G 96 -25.37 -22.55 -23.26
CA ALA G 96 -24.35 -23.16 -22.44
C ALA G 96 -24.32 -24.65 -22.62
N THR G 97 -23.19 -25.28 -22.33
CA THR G 97 -23.04 -26.72 -22.43
C THR G 97 -23.38 -27.40 -21.09
N THR G 98 -24.05 -28.55 -21.21
CA THR G 98 -24.48 -29.38 -20.10
C THR G 98 -23.33 -29.94 -19.25
N PHE G 99 -23.56 -29.93 -17.94
CA PHE G 99 -22.58 -30.47 -16.98
C PHE G 99 -22.42 -31.98 -17.17
N ASP G 100 -23.29 -32.57 -17.93
CA ASP G 100 -23.29 -33.99 -18.28
C ASP G 100 -22.70 -34.13 -19.69
N ALA G 101 -23.57 -34.47 -20.62
CA ALA G 101 -23.21 -34.65 -22.03
C ALA G 101 -22.35 -33.51 -22.59
N GLY G 102 -22.67 -32.29 -22.20
CA GLY G 102 -21.93 -31.12 -22.62
C GLY G 102 -22.23 -30.67 -24.03
N GLU G 103 -23.50 -30.59 -24.35
CA GLU G 103 -23.95 -30.12 -25.67
C GLU G 103 -24.81 -28.88 -25.48
N TRP G 104 -24.63 -27.93 -26.39
CA TRP G 104 -25.47 -26.69 -26.32
C TRP G 104 -26.47 -26.85 -27.48
N THR G 105 -27.52 -26.07 -27.43
CA THR G 105 -28.57 -26.01 -28.43
C THR G 105 -29.12 -24.60 -28.53
N LEU G 106 -29.48 -24.26 -29.76
CA LEU G 106 -30.09 -22.97 -30.08
C LEU G 106 -31.28 -23.24 -31.01
N HIS G 107 -32.32 -22.48 -30.81
CA HIS G 107 -33.57 -22.56 -31.59
C HIS G 107 -33.71 -21.21 -32.30
N THR G 108 -33.50 -21.24 -33.59
CA THR G 108 -33.52 -19.99 -34.40
C THR G 108 -33.94 -20.32 -35.84
N VAL G 109 -33.66 -19.36 -36.72
CA VAL G 109 -33.86 -19.41 -38.14
C VAL G 109 -32.52 -19.16 -38.87
N LYS G 110 -32.52 -19.67 -40.11
CA LYS G 110 -31.34 -19.49 -40.99
C LYS G 110 -31.30 -17.99 -41.34
N PRO G 111 -30.19 -17.35 -40.99
CA PRO G 111 -30.02 -15.91 -41.20
C PRO G 111 -29.94 -15.58 -42.72
N GLY G 112 -30.44 -14.41 -43.05
CA GLY G 112 -30.35 -13.90 -44.42
C GLY G 112 -28.92 -13.33 -44.56
N VAL G 113 -28.59 -12.88 -45.72
CA VAL G 113 -27.38 -12.30 -46.22
C VAL G 113 -27.26 -10.82 -45.90
N VAL G 114 -26.09 -10.49 -45.40
CA VAL G 114 -25.75 -9.10 -45.06
C VAL G 114 -24.45 -8.79 -45.85
N ASN G 115 -24.34 -7.55 -46.20
CA ASN G 115 -23.14 -7.06 -46.95
C ASN G 115 -22.11 -6.52 -45.96
N ASN G 116 -20.87 -6.60 -46.40
CA ASN G 116 -19.74 -6.05 -45.65
C ASN G 116 -19.76 -4.52 -45.93
N ALA G 117 -18.82 -3.88 -45.33
CA ALA G 117 -18.65 -2.43 -45.40
C ALA G 117 -18.39 -1.99 -46.82
N ALA G 118 -17.76 -2.82 -47.61
CA ALA G 118 -17.44 -2.52 -49.02
C ALA G 118 -18.65 -2.78 -49.92
N GLY G 119 -19.72 -3.29 -49.36
CA GLY G 119 -20.91 -3.62 -50.13
C GLY G 119 -20.93 -5.01 -50.71
N VAL G 120 -19.99 -5.85 -50.43
CA VAL G 120 -19.96 -7.27 -50.90
C VAL G 120 -20.72 -8.15 -49.90
N PRO G 121 -21.51 -9.08 -50.43
CA PRO G 121 -22.34 -9.96 -49.60
C PRO G 121 -21.54 -11.02 -48.89
N MET G 122 -21.93 -11.27 -47.64
CA MET G 122 -21.26 -12.31 -46.83
C MET G 122 -22.19 -13.53 -46.85
N ALA G 123 -21.64 -14.71 -46.83
CA ALA G 123 -22.46 -15.93 -46.77
C ALA G 123 -23.20 -15.92 -45.42
N PRO G 124 -24.39 -16.49 -45.41
CA PRO G 124 -25.21 -16.56 -44.15
C PRO G 124 -24.28 -17.05 -43.03
N HIS G 125 -24.33 -16.37 -41.89
CA HIS G 125 -23.48 -16.76 -40.75
C HIS G 125 -24.05 -16.24 -39.44
N ILE G 126 -23.63 -16.96 -38.40
CA ILE G 126 -23.93 -16.64 -37.02
C ILE G 126 -22.62 -16.27 -36.29
N ASN G 127 -22.63 -15.11 -35.70
CA ASN G 127 -21.44 -14.64 -34.91
C ASN G 127 -21.53 -15.29 -33.50
N ILE G 128 -20.48 -15.92 -33.08
CA ILE G 128 -20.34 -16.59 -31.81
C ILE G 128 -19.16 -16.05 -30.93
N SER G 129 -19.50 -15.93 -29.65
CA SER G 129 -18.56 -15.53 -28.59
C SER G 129 -18.53 -16.66 -27.55
N LEU G 130 -17.38 -17.19 -27.27
CA LEU G 130 -17.16 -18.26 -26.33
C LEU G 130 -16.40 -17.83 -25.06
N PHE G 131 -17.03 -18.15 -23.95
CA PHE G 131 -16.54 -17.83 -22.58
C PHE G 131 -16.50 -19.09 -21.74
N ALA G 132 -15.61 -19.11 -20.76
CA ALA G 132 -15.42 -20.18 -19.81
C ALA G 132 -14.15 -20.00 -18.94
N ARG G 133 -14.16 -20.88 -17.96
CA ARG G 133 -12.99 -21.05 -17.01
C ARG G 133 -11.79 -21.47 -17.90
N GLY G 134 -10.64 -20.87 -17.69
CA GLY G 134 -9.47 -21.19 -18.53
C GLY G 134 -9.36 -20.24 -19.74
N ILE G 135 -10.36 -19.48 -20.04
CA ILE G 135 -10.39 -18.49 -21.14
C ILE G 135 -10.31 -17.09 -20.57
N ASN G 136 -9.14 -16.47 -20.67
CA ASN G 136 -8.92 -15.10 -20.12
C ASN G 136 -9.69 -14.03 -20.82
N ILE G 137 -9.77 -14.14 -22.15
CA ILE G 137 -10.48 -13.21 -23.01
C ILE G 137 -11.29 -14.09 -23.98
N HIS G 138 -12.54 -13.81 -24.14
CA HIS G 138 -13.48 -14.52 -24.97
C HIS G 138 -13.02 -14.73 -26.42
N LEU G 139 -13.47 -15.85 -26.92
CA LEU G 139 -13.17 -16.31 -28.29
C LEU G 139 -14.32 -15.99 -29.26
N HIS G 140 -13.95 -15.33 -30.35
CA HIS G 140 -14.84 -14.91 -31.43
C HIS G 140 -14.69 -15.89 -32.63
N THR G 141 -15.84 -16.32 -33.12
CA THR G 141 -15.90 -17.22 -34.26
C THR G 141 -17.21 -16.92 -35.02
N ARG G 142 -17.34 -17.62 -36.12
CA ARG G 142 -18.50 -17.53 -37.02
C ARG G 142 -18.93 -18.96 -37.43
N LEU G 143 -20.25 -19.08 -37.50
CA LEU G 143 -20.83 -20.39 -37.91
C LEU G 143 -21.45 -20.21 -39.31
N TYR G 144 -20.92 -21.01 -40.23
CA TYR G 144 -21.41 -21.03 -41.64
C TYR G 144 -22.12 -22.39 -41.84
N PHE G 145 -22.83 -22.50 -42.94
CA PHE G 145 -23.62 -23.73 -43.24
C PHE G 145 -23.11 -24.42 -44.50
N ASP G 146 -22.98 -25.72 -44.40
CA ASP G 146 -22.50 -26.58 -45.46
C ASP G 146 -23.40 -26.53 -46.70
N ASP G 147 -24.68 -26.28 -46.50
CA ASP G 147 -25.63 -26.21 -47.59
C ASP G 147 -25.60 -24.89 -48.34
N GLU G 148 -24.62 -24.05 -48.02
CA GLU G 148 -24.43 -22.74 -48.64
C GLU G 148 -23.08 -22.63 -49.33
N ALA G 149 -22.58 -23.76 -49.79
CA ALA G 149 -21.30 -23.84 -50.47
C ALA G 149 -21.02 -22.73 -51.46
N GLN G 150 -21.95 -22.34 -52.30
CA GLN G 150 -21.81 -21.29 -53.29
C GLN G 150 -21.52 -19.91 -52.72
N ALA G 151 -22.34 -19.56 -51.74
CA ALA G 151 -22.19 -18.28 -51.02
C ALA G 151 -20.84 -18.29 -50.28
N ASN G 152 -20.56 -19.41 -49.65
CA ASN G 152 -19.34 -19.63 -48.85
C ASN G 152 -18.06 -19.35 -49.62
N ALA G 153 -18.01 -19.81 -50.85
CA ALA G 153 -16.85 -19.67 -51.73
C ALA G 153 -16.53 -18.24 -52.09
N LYS G 154 -17.54 -17.41 -51.99
CA LYS G 154 -17.40 -15.98 -52.30
C LYS G 154 -17.42 -15.09 -51.06
N CYS G 155 -17.43 -15.64 -49.85
CA CYS G 155 -17.47 -14.84 -48.63
C CYS G 155 -16.17 -14.08 -48.43
N PRO G 156 -16.29 -12.77 -48.34
CA PRO G 156 -15.12 -11.89 -48.15
C PRO G 156 -14.49 -12.17 -46.79
N VAL G 157 -15.28 -12.75 -45.87
CA VAL G 157 -14.69 -13.07 -44.56
C VAL G 157 -13.93 -14.38 -44.59
N LEU G 158 -14.61 -15.38 -45.07
CA LEU G 158 -14.04 -16.75 -45.19
C LEU G 158 -12.75 -16.70 -46.03
N ASN G 159 -12.78 -15.84 -47.03
CA ASN G 159 -11.68 -15.65 -47.98
C ASN G 159 -10.45 -15.06 -47.34
N LEU G 160 -10.56 -14.35 -46.24
CA LEU G 160 -9.44 -13.75 -45.53
C LEU G 160 -8.59 -14.86 -44.88
N ILE G 161 -9.22 -15.99 -44.64
CA ILE G 161 -8.48 -17.11 -44.02
C ILE G 161 -7.57 -17.71 -45.11
N GLU G 162 -6.31 -17.53 -44.91
CA GLU G 162 -5.25 -17.96 -45.80
C GLU G 162 -5.34 -19.40 -46.25
N GLN G 163 -5.46 -20.34 -45.36
CA GLN G 163 -5.53 -21.77 -45.66
C GLN G 163 -6.96 -22.27 -45.78
N PRO G 164 -7.23 -22.84 -46.95
CA PRO G 164 -8.55 -23.38 -47.29
C PRO G 164 -8.99 -24.40 -46.25
N GLN G 165 -8.07 -25.27 -45.86
CA GLN G 165 -8.41 -26.30 -44.86
C GLN G 165 -8.93 -25.70 -43.56
N ARG G 166 -8.50 -24.49 -43.23
CA ARG G 166 -8.93 -23.82 -41.99
C ARG G 166 -10.36 -23.37 -42.05
N ARG G 167 -10.78 -22.98 -43.25
CA ARG G 167 -12.12 -22.53 -43.59
C ARG G 167 -13.19 -23.58 -43.26
N GLU G 168 -12.81 -24.82 -43.48
CA GLU G 168 -13.72 -25.94 -43.20
C GLU G 168 -14.15 -25.97 -41.75
N THR G 169 -13.28 -25.61 -40.82
CA THR G 169 -13.48 -25.58 -39.39
C THR G 169 -14.70 -24.73 -38.99
N LEU G 170 -15.06 -23.81 -39.87
CA LEU G 170 -16.17 -22.93 -39.68
C LEU G 170 -17.50 -23.39 -40.26
N ILE G 171 -17.55 -24.55 -40.86
CA ILE G 171 -18.83 -24.98 -41.48
C ILE G 171 -19.62 -26.01 -40.74
N ALA G 172 -20.86 -25.69 -40.39
CA ALA G 172 -21.75 -26.59 -39.67
C ALA G 172 -22.34 -27.64 -40.66
N LYS G 173 -22.43 -28.86 -40.15
CA LYS G 173 -22.94 -30.01 -40.89
C LYS G 173 -24.44 -30.22 -40.62
N ARG G 174 -25.18 -30.09 -41.71
CA ARG G 174 -26.63 -30.26 -41.76
C ARG G 174 -26.99 -31.74 -41.43
N CYS G 175 -27.97 -31.88 -40.58
CA CYS G 175 -28.53 -33.12 -40.09
C CYS G 175 -30.03 -32.84 -39.83
N GLU G 176 -30.62 -33.73 -39.08
CA GLU G 176 -32.04 -33.65 -38.68
C GLU G 176 -32.21 -34.18 -37.26
N VAL G 177 -33.06 -33.53 -36.51
CA VAL G 177 -33.33 -33.94 -35.10
C VAL G 177 -34.84 -33.96 -34.95
N ASP G 178 -35.34 -35.16 -34.69
CA ASP G 178 -36.80 -35.36 -34.56
C ASP G 178 -37.45 -34.81 -35.85
N GLY G 179 -36.87 -35.17 -36.98
CA GLY G 179 -37.41 -34.68 -38.26
C GLY G 179 -37.31 -33.17 -38.42
N LYS G 180 -36.44 -32.53 -37.63
CA LYS G 180 -36.22 -31.09 -37.74
C LYS G 180 -34.80 -30.85 -38.31
N THR G 181 -34.72 -29.84 -39.16
CA THR G 181 -33.43 -29.47 -39.78
C THR G 181 -32.54 -28.96 -38.60
N ALA G 182 -31.40 -29.57 -38.49
CA ALA G 182 -30.40 -29.25 -37.46
C ALA G 182 -29.03 -29.17 -38.18
N TYR G 183 -28.12 -28.46 -37.57
CA TYR G 183 -26.75 -28.29 -38.01
C TYR G 183 -25.86 -28.45 -36.75
N ARG G 184 -24.87 -29.26 -36.91
CA ARG G 184 -23.92 -29.53 -35.84
C ARG G 184 -22.66 -28.66 -36.05
N PHE G 185 -22.30 -27.98 -34.95
CA PHE G 185 -21.14 -27.07 -34.91
C PHE G 185 -20.30 -27.29 -33.66
N ASP G 186 -19.27 -28.06 -33.85
CA ASP G 186 -18.31 -28.43 -32.83
C ASP G 186 -17.16 -27.41 -32.84
N ILE G 187 -16.75 -27.05 -31.61
CA ILE G 187 -15.65 -26.10 -31.47
C ILE G 187 -14.47 -26.83 -30.88
N ARG G 188 -13.33 -26.56 -31.46
CA ARG G 188 -12.06 -27.20 -31.01
C ARG G 188 -11.15 -26.03 -30.69
N ILE G 189 -11.06 -25.74 -29.38
CA ILE G 189 -10.30 -24.62 -28.87
C ILE G 189 -8.82 -24.69 -29.22
N GLN G 190 -8.30 -25.91 -29.22
CA GLN G 190 -6.88 -26.15 -29.47
C GLN G 190 -6.53 -27.47 -30.09
N GLY G 191 -5.44 -27.46 -30.89
CA GLY G 191 -4.89 -28.64 -31.55
C GLY G 191 -5.52 -29.02 -32.86
N GLU G 192 -5.42 -30.30 -33.18
CA GLU G 192 -5.95 -30.96 -34.37
C GLU G 192 -7.37 -30.45 -34.63
N GLY G 193 -7.53 -29.80 -35.77
CA GLY G 193 -8.78 -29.26 -36.21
C GLY G 193 -9.24 -28.02 -35.50
N GLU G 194 -8.31 -27.31 -34.89
CA GLU G 194 -8.56 -26.08 -34.17
C GLU G 194 -9.38 -25.11 -35.02
N THR G 195 -10.49 -24.69 -34.46
CA THR G 195 -11.41 -23.74 -35.08
C THR G 195 -10.70 -22.38 -35.18
N VAL G 196 -11.07 -21.71 -36.26
CA VAL G 196 -10.57 -20.37 -36.55
C VAL G 196 -11.32 -19.40 -35.57
N PHE G 197 -10.55 -18.56 -34.97
CA PHE G 197 -10.99 -17.50 -34.04
C PHE G 197 -10.51 -16.18 -34.67
N PHE G 198 -11.31 -15.17 -34.53
CA PHE G 198 -11.13 -13.86 -35.08
C PHE G 198 -10.83 -12.77 -34.04
N ASP G 199 -10.31 -11.72 -34.67
CA ASP G 199 -9.97 -10.47 -33.98
C ASP G 199 -10.58 -9.34 -34.84
N PHE G 200 -11.24 -8.43 -34.19
CA PHE G 200 -11.85 -7.26 -34.86
C PHE G 200 -12.14 -6.14 -33.87
N PRO H 1 -34.05 -1.94 -37.86
CA PRO H 1 -32.90 -2.84 -37.58
C PRO H 1 -31.69 -1.94 -37.30
N ALA H 2 -30.64 -2.58 -36.81
CA ALA H 2 -29.40 -1.82 -36.51
C ALA H 2 -28.69 -1.53 -37.84
N GLN H 3 -27.78 -0.56 -37.77
CA GLN H 3 -27.01 -0.15 -38.96
C GLN H 3 -25.54 0.12 -38.65
N ASP H 4 -24.72 -0.15 -39.67
CA ASP H 4 -23.27 0.03 -39.64
C ASP H 4 -22.88 1.50 -39.74
N ASN H 5 -22.92 2.20 -38.62
CA ASN H 5 -22.54 3.64 -38.62
C ASN H 5 -21.32 3.89 -37.73
N SER H 6 -20.80 2.84 -37.12
CA SER H 6 -19.70 2.97 -36.21
C SER H 6 -18.54 2.02 -36.40
N ARG H 7 -17.40 2.55 -35.95
CA ARG H 7 -16.13 1.81 -35.93
C ARG H 7 -15.70 1.81 -34.45
N PHE H 8 -15.06 0.74 -34.04
CA PHE H 8 -14.57 0.62 -32.65
C PHE H 8 -13.06 0.54 -32.68
N VAL H 9 -12.41 1.28 -31.80
CA VAL H 9 -10.95 1.28 -31.69
C VAL H 9 -10.49 -0.18 -31.51
N ILE H 10 -9.42 -0.56 -32.16
CA ILE H 10 -8.89 -1.90 -32.05
C ILE H 10 -8.46 -2.22 -30.63
N ARG H 11 -8.71 -3.46 -30.20
CA ARG H 11 -8.33 -3.87 -28.85
C ARG H 11 -6.80 -4.03 -28.78
N ASP H 12 -6.27 -3.66 -27.64
CA ASP H 12 -4.86 -3.84 -27.31
C ASP H 12 -4.72 -5.20 -26.56
N ARG H 13 -4.30 -6.20 -27.29
CA ARG H 13 -4.10 -7.55 -26.84
C ARG H 13 -2.86 -7.80 -25.99
N ASN H 14 -2.12 -6.74 -25.74
CA ASN H 14 -0.98 -6.71 -24.86
C ASN H 14 -1.48 -6.15 -23.51
N TRP H 15 -2.54 -5.39 -23.53
CA TRP H 15 -3.15 -4.80 -22.32
C TRP H 15 -4.01 -5.85 -21.55
N HIS H 16 -4.85 -6.54 -22.34
CA HIS H 16 -5.67 -7.65 -21.86
C HIS H 16 -4.73 -8.82 -21.60
N PRO H 17 -5.17 -9.75 -20.77
CA PRO H 17 -4.36 -10.97 -20.50
C PRO H 17 -4.28 -11.77 -21.84
N LYS H 18 -3.23 -12.52 -21.95
CA LYS H 18 -3.01 -13.40 -23.12
C LYS H 18 -3.83 -14.67 -22.85
N ALA H 19 -3.86 -15.50 -23.86
CA ALA H 19 -4.61 -16.75 -23.86
C ALA H 19 -3.87 -17.79 -22.99
N LEU H 20 -2.59 -17.97 -23.27
CA LEU H 20 -1.79 -18.91 -22.55
C LEU H 20 -0.99 -18.24 -21.42
N THR H 21 -1.42 -18.52 -20.21
CA THR H 21 -0.77 -17.96 -18.96
C THR H 21 -0.70 -19.17 -18.03
N PRO H 22 0.34 -19.96 -18.22
CA PRO H 22 0.51 -21.21 -17.52
C PRO H 22 0.36 -21.32 -16.04
N ASP H 23 0.51 -20.31 -15.25
CA ASP H 23 0.31 -20.40 -13.79
C ASP H 23 -1.20 -20.59 -13.50
N TYR H 24 -1.99 -20.13 -14.44
CA TYR H 24 -3.45 -20.29 -14.43
C TYR H 24 -3.65 -21.61 -15.22
N LYS H 25 -3.51 -22.72 -14.48
CA LYS H 25 -3.52 -24.04 -15.03
C LYS H 25 -4.46 -24.41 -16.13
N THR H 26 -5.73 -24.07 -15.96
CA THR H 26 -6.79 -24.40 -16.89
C THR H 26 -6.60 -23.77 -18.30
N SER H 27 -5.87 -22.69 -18.34
CA SER H 27 -5.64 -21.97 -19.60
C SER H 27 -4.73 -22.73 -20.55
N ILE H 28 -3.97 -23.68 -20.07
CA ILE H 28 -3.03 -24.44 -20.86
C ILE H 28 -3.73 -25.18 -22.01
N ALA H 29 -4.81 -25.87 -21.69
CA ALA H 29 -5.60 -26.66 -22.62
C ALA H 29 -6.75 -25.93 -23.26
N ARG H 30 -7.04 -24.74 -22.80
CA ARG H 30 -8.14 -23.94 -23.32
C ARG H 30 -7.72 -22.67 -24.03
N SER H 31 -6.52 -22.72 -24.57
CA SER H 31 -6.05 -21.51 -25.35
C SER H 31 -5.69 -22.01 -26.76
N PRO H 32 -6.03 -21.23 -27.76
CA PRO H 32 -5.73 -21.58 -29.16
C PRO H 32 -4.23 -21.57 -29.41
N ARG H 33 -3.73 -22.41 -30.24
CA ARG H 33 -2.33 -22.49 -30.62
C ARG H 33 -2.11 -21.70 -31.95
N GLN H 34 -3.12 -21.51 -32.76
CA GLN H 34 -2.99 -20.74 -34.02
C GLN H 34 -3.29 -19.26 -33.73
N ALA H 35 -2.79 -18.39 -34.60
CA ALA H 35 -3.06 -16.95 -34.38
C ALA H 35 -4.51 -16.62 -34.66
N LEU H 36 -4.99 -15.57 -34.01
CA LEU H 36 -6.33 -15.05 -34.28
C LEU H 36 -6.27 -14.50 -35.74
N VAL H 37 -7.37 -14.57 -36.42
CA VAL H 37 -7.46 -14.04 -37.79
C VAL H 37 -8.13 -12.65 -37.73
N SER H 38 -7.40 -11.62 -38.14
CA SER H 38 -8.00 -10.27 -38.09
C SER H 38 -8.94 -10.09 -39.31
N ILE H 39 -10.07 -9.49 -39.06
CA ILE H 39 -11.11 -9.17 -39.97
C ILE H 39 -11.62 -7.74 -39.75
N PRO H 40 -11.87 -7.08 -40.89
CA PRO H 40 -12.42 -5.70 -40.86
C PRO H 40 -13.80 -5.73 -40.16
N GLN H 41 -14.19 -4.60 -39.60
CA GLN H 41 -15.51 -4.53 -38.96
C GLN H 41 -16.57 -4.32 -40.06
N SER H 42 -17.66 -5.01 -39.90
CA SER H 42 -18.85 -5.00 -40.74
C SER H 42 -20.04 -4.85 -39.73
N ILE H 43 -21.20 -4.76 -40.29
CA ILE H 43 -22.45 -4.61 -39.54
C ILE H 43 -22.62 -5.76 -38.55
N SER H 44 -22.04 -6.91 -38.88
CA SER H 44 -22.06 -8.09 -38.06
C SER H 44 -21.35 -7.83 -36.69
N GLU H 45 -20.28 -7.06 -36.74
CA GLU H 45 -19.44 -6.74 -35.59
C GLU H 45 -19.68 -5.42 -34.90
N THR H 46 -20.24 -4.44 -35.61
CA THR H 46 -20.45 -3.10 -35.06
C THR H 46 -21.81 -2.82 -34.48
N THR H 47 -22.63 -3.85 -34.44
CA THR H 47 -23.97 -3.81 -33.91
C THR H 47 -24.07 -4.81 -32.72
N GLY H 48 -25.16 -4.64 -31.97
CA GLY H 48 -25.41 -5.55 -30.82
C GLY H 48 -26.80 -5.22 -30.25
N PRO H 49 -27.23 -6.09 -29.35
CA PRO H 49 -28.54 -5.95 -28.72
C PRO H 49 -28.68 -4.73 -27.83
N ASN H 50 -29.87 -4.21 -27.80
CA ASN H 50 -30.19 -3.06 -26.92
C ASN H 50 -31.21 -3.63 -25.91
N PHE H 51 -30.89 -3.55 -24.64
CA PHE H 51 -31.77 -4.15 -23.60
C PHE H 51 -32.68 -3.19 -22.88
N SER H 52 -32.92 -2.02 -23.46
CA SER H 52 -33.80 -1.03 -22.90
C SER H 52 -35.20 -1.59 -22.60
N HIS H 53 -35.68 -2.55 -23.34
CA HIS H 53 -36.99 -3.11 -23.15
C HIS H 53 -37.05 -4.39 -22.36
N LEU H 54 -35.93 -4.82 -21.80
CA LEU H 54 -36.00 -6.07 -20.95
C LEU H 54 -36.84 -5.63 -19.71
N GLY H 55 -37.64 -6.53 -19.24
CA GLY H 55 -38.51 -6.24 -18.07
C GLY H 55 -37.71 -6.59 -16.80
N PHE H 56 -37.14 -5.56 -16.21
CA PHE H 56 -36.33 -5.72 -14.99
C PHE H 56 -37.21 -5.71 -13.72
N GLY H 57 -36.88 -6.63 -12.86
CA GLY H 57 -37.54 -6.74 -11.52
C GLY H 57 -37.04 -5.54 -10.70
N ALA H 58 -37.86 -5.11 -9.77
CA ALA H 58 -37.63 -3.99 -8.88
C ALA H 58 -36.33 -4.10 -8.07
N HIS H 59 -35.97 -5.31 -7.72
CA HIS H 59 -34.75 -5.53 -6.91
C HIS H 59 -33.73 -6.35 -7.69
N ASP H 60 -33.75 -6.18 -9.00
CA ASP H 60 -32.79 -6.93 -9.89
C ASP H 60 -31.35 -6.60 -9.50
N HIS H 61 -31.16 -5.38 -9.07
CA HIS H 61 -29.89 -4.83 -8.67
C HIS H 61 -29.63 -4.83 -7.17
N ASP H 62 -30.59 -5.33 -6.39
CA ASP H 62 -30.40 -5.33 -4.91
C ASP H 62 -30.29 -6.73 -4.33
N LEU H 63 -29.06 -7.22 -4.17
CA LEU H 63 -28.74 -8.53 -3.66
C LEU H 63 -29.10 -8.73 -2.17
N LEU H 64 -29.46 -7.66 -1.50
CA LEU H 64 -29.87 -7.68 -0.11
C LEU H 64 -31.32 -8.18 0.01
N LEU H 65 -32.13 -7.86 -1.00
CA LEU H 65 -33.49 -8.18 -1.14
C LEU H 65 -33.94 -9.18 -2.19
N ASN H 66 -33.16 -9.37 -3.25
CA ASN H 66 -33.54 -10.19 -4.37
C ASN H 66 -33.56 -11.68 -4.21
N PHE H 67 -33.07 -12.29 -3.16
CA PHE H 67 -33.08 -13.76 -3.05
C PHE H 67 -34.24 -14.18 -2.12
N GLY H 71 -35.37 -12.65 5.50
CA GLY H 71 -34.15 -12.35 6.27
C GLY H 71 -33.12 -11.61 5.41
N LEU H 72 -32.19 -11.06 6.15
CA LEU H 72 -31.04 -10.31 5.65
C LEU H 72 -29.85 -11.26 5.58
N PRO H 73 -29.10 -11.07 4.47
CA PRO H 73 -27.86 -11.85 4.29
C PRO H 73 -26.88 -11.35 5.40
N ILE H 74 -25.97 -12.24 5.74
CA ILE H 74 -24.92 -11.88 6.74
C ILE H 74 -23.66 -11.44 5.93
N GLY H 75 -23.07 -10.35 6.32
CA GLY H 75 -21.87 -9.83 5.65
C GLY H 75 -21.86 -8.29 5.70
N GLU H 76 -20.78 -7.77 5.12
CA GLU H 76 -20.51 -6.34 5.04
C GLU H 76 -21.42 -5.76 3.94
N ARG H 77 -22.29 -4.91 4.37
CA ARG H 77 -23.27 -4.27 3.52
C ARG H 77 -22.52 -3.17 2.71
N ILE H 78 -22.61 -3.30 1.42
CA ILE H 78 -21.94 -2.31 0.53
C ILE H 78 -22.77 -1.98 -0.70
N ILE H 79 -22.46 -0.82 -1.21
CA ILE H 79 -23.00 -0.32 -2.49
C ILE H 79 -21.78 -0.39 -3.48
N VAL H 80 -22.03 -0.92 -4.63
CA VAL H 80 -20.95 -0.98 -5.70
C VAL H 80 -21.56 -0.13 -6.85
N ALA H 81 -20.99 1.03 -7.07
CA ALA H 81 -21.46 1.96 -8.09
C ALA H 81 -20.28 2.43 -8.95
N GLY H 82 -20.61 2.93 -10.12
CA GLY H 82 -19.59 3.41 -11.07
C GLY H 82 -20.30 3.89 -12.33
N ARG H 83 -19.48 4.10 -13.33
CA ARG H 83 -19.98 4.61 -14.63
C ARG H 83 -19.31 3.87 -15.75
N VAL H 84 -20.10 3.62 -16.80
CA VAL H 84 -19.55 2.92 -17.99
C VAL H 84 -19.33 4.02 -19.07
N VAL H 85 -18.12 4.07 -19.54
CA VAL H 85 -17.72 5.06 -20.58
C VAL H 85 -16.83 4.32 -21.60
N ASP H 86 -16.65 4.99 -22.74
CA ASP H 86 -15.79 4.44 -23.84
C ASP H 86 -14.43 5.09 -23.72
N GLN H 87 -13.46 4.64 -24.50
CA GLN H 87 -12.10 5.16 -24.46
C GLN H 87 -12.03 6.67 -24.75
N TYR H 88 -13.04 7.20 -25.39
CA TYR H 88 -13.11 8.63 -25.71
C TYR H 88 -13.63 9.38 -24.47
N GLY H 89 -14.09 8.63 -23.46
CA GLY H 89 -14.60 9.22 -22.23
C GLY H 89 -16.08 9.56 -22.32
N LYS H 90 -16.74 9.01 -23.31
CA LYS H 90 -18.19 9.21 -23.56
C LYS H 90 -19.00 8.19 -22.76
N PRO H 91 -20.03 8.67 -22.10
CA PRO H 91 -20.94 7.81 -21.31
C PRO H 91 -21.62 6.81 -22.26
N VAL H 92 -21.89 5.64 -21.70
CA VAL H 92 -22.56 4.52 -22.36
C VAL H 92 -23.91 4.28 -21.65
N PRO H 93 -24.90 4.96 -22.19
CA PRO H 93 -26.27 4.91 -21.62
C PRO H 93 -27.03 3.70 -22.05
N ASN H 94 -27.97 3.28 -21.21
CA ASN H 94 -28.85 2.15 -21.35
C ASN H 94 -28.18 0.86 -21.76
N THR H 95 -27.11 0.54 -21.10
CA THR H 95 -26.32 -0.67 -21.34
C THR H 95 -26.53 -1.65 -20.19
N LEU H 96 -26.35 -2.91 -20.51
CA LEU H 96 -26.54 -4.01 -19.63
C LEU H 96 -25.32 -4.40 -18.81
N VAL H 97 -25.54 -4.35 -17.48
CA VAL H 97 -24.51 -4.71 -16.52
C VAL H 97 -25.06 -5.86 -15.63
N GLU H 98 -24.35 -6.93 -15.77
CA GLU H 98 -24.66 -8.15 -14.99
C GLU H 98 -23.51 -8.49 -14.06
N MET H 99 -23.87 -9.04 -12.90
CA MET H 99 -22.89 -9.41 -11.87
C MET H 99 -23.36 -10.61 -11.07
N TRP H 100 -22.37 -11.34 -10.60
CA TRP H 100 -22.55 -12.52 -9.79
C TRP H 100 -21.32 -12.62 -8.85
N GLN H 101 -21.53 -13.29 -7.73
CA GLN H 101 -20.44 -13.43 -6.73
C GLN H 101 -20.82 -14.49 -5.66
N ALA H 102 -19.80 -14.72 -4.83
CA ALA H 102 -19.93 -15.63 -3.68
C ALA H 102 -20.53 -14.80 -2.51
N ASN H 103 -20.78 -15.58 -1.45
CA ASN H 103 -21.34 -14.92 -0.22
C ASN H 103 -20.16 -14.47 0.67
N ALA H 104 -20.52 -13.99 1.89
CA ALA H 104 -19.55 -13.51 2.84
C ALA H 104 -18.44 -14.50 3.19
N GLY H 105 -18.64 -15.79 3.11
CA GLY H 105 -17.67 -16.79 3.40
C GLY H 105 -16.96 -17.40 2.21
N GLY H 106 -17.26 -16.86 0.99
CA GLY H 106 -16.61 -17.40 -0.22
C GLY H 106 -17.36 -18.61 -0.80
N ARG H 107 -18.62 -18.81 -0.47
CA ARG H 107 -19.43 -19.90 -1.01
C ARG H 107 -20.35 -19.41 -2.12
N TYR H 108 -20.24 -20.08 -3.29
CA TYR H 108 -21.10 -19.72 -4.44
C TYR H 108 -22.35 -20.60 -4.38
N ARG H 109 -23.47 -20.04 -4.77
CA ARG H 109 -24.75 -20.79 -4.81
C ARG H 109 -24.85 -21.41 -6.24
N HIS H 110 -24.03 -22.44 -6.41
CA HIS H 110 -23.85 -23.23 -7.60
C HIS H 110 -23.54 -24.67 -7.17
N LYS H 111 -24.21 -25.57 -7.85
CA LYS H 111 -24.18 -27.01 -7.66
C LYS H 111 -22.75 -27.53 -7.55
N ASN H 112 -21.91 -27.03 -8.45
CA ASN H 112 -20.52 -27.41 -8.53
C ASN H 112 -19.62 -26.89 -7.41
N ASP H 113 -20.08 -25.92 -6.61
CA ASP H 113 -19.25 -25.39 -5.52
C ASP H 113 -19.36 -26.33 -4.30
N ARG H 114 -18.23 -26.96 -4.05
CA ARG H 114 -18.14 -27.88 -2.91
C ARG H 114 -17.42 -27.31 -1.70
N TYR H 115 -17.01 -26.05 -1.72
CA TYR H 115 -16.29 -25.48 -0.56
C TYR H 115 -17.12 -25.70 0.72
N LEU H 116 -16.42 -25.91 1.80
CA LEU H 116 -17.00 -26.16 3.13
C LEU H 116 -17.67 -24.99 3.79
N ALA H 117 -17.44 -23.76 3.35
CA ALA H 117 -18.15 -22.59 3.99
C ALA H 117 -19.63 -22.75 3.59
N PRO H 118 -20.52 -22.53 4.57
CA PRO H 118 -21.94 -22.67 4.38
C PRO H 118 -22.56 -21.63 3.47
N LEU H 119 -23.67 -22.02 2.87
CA LEU H 119 -24.47 -21.12 2.02
C LEU H 119 -25.23 -20.19 2.98
N ASP H 120 -25.67 -19.08 2.46
CA ASP H 120 -26.46 -18.10 3.26
C ASP H 120 -27.90 -18.23 2.74
N PRO H 121 -28.82 -18.60 3.62
CA PRO H 121 -30.22 -18.78 3.26
C PRO H 121 -30.90 -17.55 2.70
N ASN H 122 -30.34 -16.37 2.94
CA ASN H 122 -30.94 -15.13 2.44
C ASN H 122 -30.14 -14.54 1.27
N PHE H 123 -29.24 -15.36 0.70
CA PHE H 123 -28.38 -14.80 -0.37
C PHE H 123 -28.23 -15.67 -1.61
N GLY H 124 -28.49 -15.02 -2.75
CA GLY H 124 -28.36 -15.66 -4.09
C GLY H 124 -27.04 -15.29 -4.76
N GLY H 125 -26.73 -14.02 -4.92
CA GLY H 125 -25.50 -13.54 -5.50
C GLY H 125 -25.47 -13.20 -6.97
N VAL H 126 -26.60 -12.80 -7.54
CA VAL H 126 -26.73 -12.37 -8.93
C VAL H 126 -27.52 -11.05 -8.95
N GLY H 127 -27.06 -10.15 -9.84
CA GLY H 127 -27.75 -8.86 -9.99
C GLY H 127 -27.56 -8.43 -11.45
N ARG H 128 -28.31 -7.43 -11.84
CA ARG H 128 -28.29 -6.82 -13.15
C ARG H 128 -28.89 -5.41 -12.99
N CYS H 129 -28.41 -4.57 -13.87
CA CYS H 129 -28.78 -3.14 -13.89
C CYS H 129 -28.44 -2.55 -15.27
N LEU H 130 -29.34 -1.67 -15.67
CA LEU H 130 -29.26 -0.94 -16.91
C LEU H 130 -28.72 0.45 -16.58
N THR H 131 -27.61 0.80 -17.25
CA THR H 131 -27.04 2.13 -16.99
C THR H 131 -28.07 3.17 -17.42
N ASP H 132 -27.95 4.31 -16.73
CA ASP H 132 -28.86 5.45 -16.99
C ASP H 132 -28.32 6.32 -18.11
N SER H 133 -28.98 7.48 -18.19
CA SER H 133 -28.64 8.51 -19.16
C SER H 133 -27.18 8.91 -19.04
N ASP H 134 -26.60 8.88 -17.86
CA ASP H 134 -25.21 9.26 -17.68
C ASP H 134 -24.19 8.17 -17.66
N GLY H 135 -24.60 6.96 -17.86
CA GLY H 135 -23.74 5.78 -17.84
C GLY H 135 -23.58 5.21 -16.44
N TYR H 136 -24.35 5.71 -15.46
CA TYR H 136 -24.30 5.26 -14.09
C TYR H 136 -25.04 3.96 -13.82
N TYR H 137 -24.45 3.14 -12.98
CA TYR H 137 -25.05 1.87 -12.54
C TYR H 137 -24.82 1.78 -11.01
N SER H 138 -25.65 0.91 -10.40
CA SER H 138 -25.40 0.70 -8.95
C SER H 138 -26.05 -0.56 -8.48
N PHE H 139 -25.34 -1.22 -7.59
CA PHE H 139 -25.79 -2.48 -6.97
C PHE H 139 -25.70 -2.32 -5.44
N ARG H 140 -26.49 -3.17 -4.78
CA ARG H 140 -26.45 -3.21 -3.29
C ARG H 140 -26.24 -4.70 -2.98
N THR H 141 -25.19 -4.95 -2.21
CA THR H 141 -24.87 -6.39 -1.92
C THR H 141 -24.04 -6.39 -0.63
N ILE H 142 -23.40 -7.50 -0.39
CA ILE H 142 -22.47 -7.69 0.70
C ILE H 142 -21.13 -8.08 0.03
N LYS H 143 -20.06 -7.76 0.72
CA LYS H 143 -18.69 -8.06 0.30
C LYS H 143 -18.46 -9.55 0.35
N PRO H 144 -18.01 -10.09 -0.80
CA PRO H 144 -17.74 -11.52 -0.92
C PRO H 144 -16.45 -11.84 -0.14
N GLY H 145 -16.27 -13.11 0.16
CA GLY H 145 -15.08 -13.60 0.81
C GLY H 145 -14.16 -14.31 -0.20
N PRO H 146 -12.89 -14.34 0.16
CA PRO H 146 -11.85 -15.02 -0.64
C PRO H 146 -12.32 -16.48 -0.74
N TYR H 147 -11.82 -17.14 -1.75
CA TYR H 147 -12.19 -18.54 -2.09
C TYR H 147 -10.98 -19.33 -2.52
N PRO H 148 -10.79 -20.49 -1.89
CA PRO H 148 -9.71 -21.43 -2.23
C PRO H 148 -10.18 -22.24 -3.47
N TRP H 149 -9.28 -22.59 -4.33
CA TRP H 149 -9.60 -23.33 -5.59
C TRP H 149 -8.43 -24.21 -5.95
N ARG H 150 -8.70 -25.27 -6.68
CA ARG H 150 -7.65 -26.20 -7.07
C ARG H 150 -6.77 -25.75 -8.21
N ASN H 151 -5.75 -24.93 -7.95
CA ASN H 151 -4.77 -24.46 -9.01
C ASN H 151 -3.42 -24.96 -8.45
N GLY H 152 -2.77 -24.12 -7.70
CA GLY H 152 -1.52 -24.55 -6.98
C GLY H 152 -2.20 -25.18 -5.68
N PRO H 153 -1.35 -25.79 -4.85
CA PRO H 153 -1.78 -26.45 -3.61
C PRO H 153 -2.37 -25.52 -2.54
N ASN H 154 -2.06 -24.24 -2.60
CA ASN H 154 -2.55 -23.25 -1.67
C ASN H 154 -2.95 -21.97 -2.36
N ASP H 155 -3.77 -22.07 -3.42
CA ASP H 155 -4.25 -20.87 -4.13
C ASP H 155 -5.58 -20.39 -3.56
N TRP H 156 -5.68 -19.07 -3.44
CA TRP H 156 -6.91 -18.41 -2.92
C TRP H 156 -7.24 -17.20 -3.79
N ARG H 157 -8.43 -17.12 -4.32
CA ARG H 157 -8.86 -15.97 -5.08
C ARG H 157 -9.11 -14.82 -4.05
N PRO H 158 -8.73 -13.63 -4.45
CA PRO H 158 -9.05 -12.43 -3.69
C PRO H 158 -10.57 -12.24 -3.78
N ALA H 159 -11.14 -11.56 -2.79
CA ALA H 159 -12.57 -11.26 -2.78
C ALA H 159 -12.77 -10.58 -4.18
N HIS H 160 -13.79 -10.99 -4.87
CA HIS H 160 -14.06 -10.35 -6.21
C HIS H 160 -15.50 -10.50 -6.64
N ILE H 161 -15.94 -9.60 -7.52
CA ILE H 161 -17.29 -9.68 -8.08
C ILE H 161 -17.15 -9.86 -9.64
N HIS H 162 -17.88 -10.84 -10.12
CA HIS H 162 -17.86 -11.10 -11.60
C HIS H 162 -18.75 -10.10 -12.31
N PHE H 163 -18.21 -9.47 -13.34
CA PHE H 163 -18.99 -8.46 -14.13
C PHE H 163 -19.07 -8.85 -15.63
N GLY H 164 -20.20 -8.47 -16.23
CA GLY H 164 -20.49 -8.66 -17.64
C GLY H 164 -21.14 -7.32 -18.13
N ILE H 165 -20.59 -6.82 -19.22
CA ILE H 165 -21.04 -5.52 -19.79
C ILE H 165 -21.27 -5.65 -21.32
N SER H 166 -22.45 -5.25 -21.74
CA SER H 166 -22.86 -5.35 -23.16
C SER H 166 -22.23 -4.28 -24.06
N GLY H 167 -22.48 -3.03 -23.77
CA GLY H 167 -21.96 -1.90 -24.60
C GLY H 167 -22.90 -1.84 -25.84
N PRO H 168 -22.54 -0.95 -26.77
CA PRO H 168 -23.33 -0.77 -27.99
C PRO H 168 -23.22 -1.83 -29.04
N SER H 169 -22.30 -2.77 -28.98
CA SER H 169 -22.20 -3.82 -29.99
C SER H 169 -21.54 -5.06 -29.38
N ILE H 170 -21.45 -6.10 -30.21
CA ILE H 170 -20.76 -7.32 -29.81
C ILE H 170 -19.27 -7.12 -29.70
N ALA H 171 -18.78 -6.10 -30.45
CA ALA H 171 -17.34 -5.80 -30.43
C ALA H 171 -16.88 -5.21 -29.07
N THR H 172 -17.82 -4.59 -28.36
CA THR H 172 -17.54 -3.95 -27.08
C THR H 172 -17.86 -4.83 -25.88
N LYS H 173 -18.57 -5.91 -26.11
CA LYS H 173 -18.97 -6.84 -25.01
C LYS H 173 -17.77 -7.32 -24.22
N LEU H 174 -17.91 -7.28 -22.87
CA LEU H 174 -16.78 -7.71 -22.00
C LEU H 174 -17.23 -8.42 -20.68
N ILE H 175 -16.37 -9.38 -20.32
CA ILE H 175 -16.54 -10.05 -19.01
C ILE H 175 -15.19 -9.77 -18.28
N THR H 176 -15.31 -9.31 -17.06
CA THR H 176 -14.17 -9.00 -16.20
C THR H 176 -14.56 -9.30 -14.73
N GLN H 177 -13.70 -8.81 -13.84
CA GLN H 177 -13.79 -9.01 -12.40
C GLN H 177 -13.35 -7.80 -11.63
N LEU H 178 -14.09 -7.48 -10.61
CA LEU H 178 -13.76 -6.35 -9.68
C LEU H 178 -13.07 -6.93 -8.45
N TYR H 179 -12.00 -6.25 -8.01
CA TYR H 179 -11.23 -6.57 -6.82
C TYR H 179 -11.37 -5.41 -5.81
N PHE H 180 -11.10 -5.71 -4.53
CA PHE H 180 -11.29 -4.65 -3.52
C PHE H 180 -9.95 -4.03 -3.08
N GLU H 181 -9.95 -2.71 -3.02
CA GLU H 181 -8.77 -1.92 -2.62
C GLU H 181 -8.12 -2.45 -1.33
N GLY H 182 -6.82 -2.67 -1.39
CA GLY H 182 -5.94 -3.12 -0.34
C GLY H 182 -5.85 -4.60 -0.08
N ASP H 183 -6.70 -5.40 -0.69
CA ASP H 183 -6.68 -6.88 -0.55
C ASP H 183 -5.30 -7.43 -0.87
N PRO H 184 -4.68 -7.97 0.21
CA PRO H 184 -3.32 -8.54 0.12
C PRO H 184 -3.22 -9.73 -0.79
N LEU H 185 -4.35 -10.38 -1.09
CA LEU H 185 -4.44 -11.54 -1.95
C LEU H 185 -4.21 -11.21 -3.46
N ILE H 186 -4.55 -10.04 -3.85
CA ILE H 186 -4.46 -9.57 -5.22
C ILE H 186 -3.20 -9.93 -5.99
N PRO H 187 -2.05 -9.52 -5.45
CA PRO H 187 -0.77 -9.74 -6.10
C PRO H 187 -0.36 -11.19 -6.21
N MET H 188 -1.01 -12.03 -5.43
CA MET H 188 -0.66 -13.46 -5.44
C MET H 188 -1.50 -14.27 -6.40
N CYS H 189 -2.59 -13.70 -6.90
CA CYS H 189 -3.47 -14.44 -7.79
C CYS H 189 -2.96 -14.63 -9.23
N PRO H 190 -2.85 -15.89 -9.60
CA PRO H 190 -2.41 -16.29 -10.93
C PRO H 190 -3.39 -15.80 -12.01
N ILE H 191 -4.68 -15.72 -11.67
CA ILE H 191 -5.70 -15.22 -12.55
C ILE H 191 -5.45 -13.70 -12.74
N VAL H 192 -5.29 -13.00 -11.61
CA VAL H 192 -5.00 -11.55 -11.70
C VAL H 192 -3.71 -11.37 -12.54
N LYS H 193 -2.72 -12.17 -12.23
CA LYS H 193 -1.42 -12.16 -12.89
C LYS H 193 -1.48 -12.57 -14.36
N SER H 194 -2.62 -13.03 -14.85
CA SER H 194 -2.75 -13.32 -16.30
C SER H 194 -2.52 -11.97 -17.05
N ILE H 195 -2.70 -10.86 -16.35
CA ILE H 195 -2.51 -9.51 -16.86
C ILE H 195 -1.04 -9.15 -16.62
N ALA H 196 -0.29 -8.89 -17.65
CA ALA H 196 1.12 -8.56 -17.59
C ALA H 196 1.45 -7.17 -17.12
N ASN H 197 0.68 -6.17 -17.40
CA ASN H 197 0.87 -4.77 -17.02
C ASN H 197 0.19 -4.38 -15.72
N PRO H 198 0.99 -4.00 -14.74
CA PRO H 198 0.55 -3.60 -13.40
C PRO H 198 -0.46 -2.48 -13.44
N GLU H 199 -0.29 -1.62 -14.44
CA GLU H 199 -1.21 -0.50 -14.63
C GLU H 199 -2.59 -1.05 -15.01
N ALA H 200 -2.60 -2.16 -15.70
CA ALA H 200 -3.90 -2.77 -16.15
C ALA H 200 -4.63 -3.34 -14.95
N VAL H 201 -3.85 -3.99 -14.08
CA VAL H 201 -4.38 -4.58 -12.83
C VAL H 201 -5.06 -3.50 -11.96
N GLN H 202 -4.47 -2.32 -11.96
CA GLN H 202 -5.02 -1.20 -11.17
C GLN H 202 -6.44 -0.88 -11.61
N GLN H 203 -6.71 -1.05 -12.90
CA GLN H 203 -8.03 -0.74 -13.47
C GLN H 203 -9.12 -1.67 -12.88
N LEU H 204 -8.75 -2.79 -12.35
CA LEU H 204 -9.69 -3.76 -11.80
C LEU H 204 -10.00 -3.59 -10.32
N ILE H 205 -9.34 -2.59 -9.72
CA ILE H 205 -9.56 -2.35 -8.29
C ILE H 205 -10.58 -1.31 -7.94
N ALA H 206 -11.66 -1.76 -7.28
CA ALA H 206 -12.72 -0.79 -6.85
C ALA H 206 -12.12 -0.04 -5.66
N LYS H 207 -12.45 1.21 -5.55
CA LYS H 207 -11.93 2.07 -4.47
C LYS H 207 -13.04 2.37 -3.45
N LEU H 208 -12.61 2.41 -2.21
CA LEU H 208 -13.52 2.75 -1.09
C LEU H 208 -14.01 4.18 -1.40
N ASP H 209 -15.30 4.32 -1.29
CA ASP H 209 -15.95 5.63 -1.58
C ASP H 209 -16.92 6.01 -0.45
N MET H 210 -16.34 6.60 0.57
CA MET H 210 -17.02 7.07 1.78
C MET H 210 -18.07 8.09 1.41
N ASN H 211 -17.79 8.88 0.38
CA ASN H 211 -18.76 9.91 -0.05
C ASN H 211 -20.09 9.27 -0.49
N ASN H 212 -20.08 8.07 -0.95
CA ASN H 212 -21.28 7.41 -1.43
C ASN H 212 -21.96 6.47 -0.41
N ALA H 213 -21.33 6.30 0.72
CA ALA H 213 -21.77 5.42 1.81
C ALA H 213 -23.01 5.97 2.53
N ASN H 214 -23.75 5.06 3.11
CA ASN H 214 -24.95 5.47 3.92
C ASN H 214 -24.50 5.34 5.38
N PRO H 215 -24.31 6.46 6.02
CA PRO H 215 -23.87 6.51 7.43
C PRO H 215 -24.71 5.57 8.29
N MET H 216 -24.09 4.84 9.18
CA MET H 216 -24.73 3.89 10.07
C MET H 216 -25.44 2.80 9.28
N ASP H 217 -25.12 2.63 8.00
CA ASP H 217 -25.85 1.60 7.22
C ASP H 217 -24.95 0.71 6.40
N CYS H 218 -24.35 1.31 5.36
CA CYS H 218 -23.43 0.57 4.49
C CYS H 218 -22.36 1.46 3.87
N LEU H 219 -21.29 0.76 3.54
CA LEU H 219 -20.13 1.34 2.87
C LEU H 219 -20.42 1.34 1.35
N ALA H 220 -19.48 1.89 0.61
CA ALA H 220 -19.51 2.03 -0.83
C ALA H 220 -18.12 1.95 -1.45
N TYR H 221 -18.14 1.30 -2.62
CA TYR H 221 -17.01 1.08 -3.51
C TYR H 221 -17.40 1.63 -4.91
N ARG H 222 -16.39 2.18 -5.56
CA ARG H 222 -16.50 2.83 -6.88
C ARG H 222 -15.73 2.03 -7.93
N PHE H 223 -16.43 1.75 -9.01
CA PHE H 223 -15.80 0.92 -10.11
C PHE H 223 -16.28 1.39 -11.49
N ASP H 224 -15.45 2.13 -12.16
CA ASP H 224 -15.71 2.65 -13.51
C ASP H 224 -15.22 1.62 -14.56
N ILE H 225 -16.01 1.52 -15.60
CA ILE H 225 -15.71 0.53 -16.68
C ILE H 225 -15.46 1.34 -17.96
N VAL H 226 -14.37 0.99 -18.60
CA VAL H 226 -14.02 1.68 -19.90
C VAL H 226 -14.21 0.63 -21.02
N LEU H 227 -15.14 0.93 -21.90
CA LEU H 227 -15.35 0.04 -23.10
C LEU H 227 -14.60 0.70 -24.30
N ARG H 228 -14.41 -0.07 -25.35
CA ARG H 228 -13.77 0.33 -26.61
C ARG H 228 -14.33 1.61 -27.20
N GLY H 229 -13.43 2.49 -27.55
CA GLY H 229 -13.82 3.82 -28.14
C GLY H 229 -14.66 3.58 -29.41
N GLN H 230 -15.73 4.34 -29.48
CA GLN H 230 -16.65 4.28 -30.63
C GLN H 230 -16.51 5.57 -31.46
N ARG H 231 -16.32 5.37 -32.77
CA ARG H 231 -16.19 6.58 -33.65
C ARG H 231 -17.00 6.39 -34.92
N LYS H 232 -17.30 7.54 -35.54
CA LYS H 232 -18.04 7.53 -36.81
C LYS H 232 -16.98 7.11 -37.88
N THR H 233 -17.48 6.45 -38.90
CA THR H 233 -16.54 6.03 -39.99
C THR H 233 -16.22 7.33 -40.76
N HIS H 234 -15.16 7.28 -41.53
CA HIS H 234 -14.75 8.48 -42.32
C HIS H 234 -13.93 8.01 -43.51
N PHE H 235 -14.06 8.72 -44.63
CA PHE H 235 -13.37 8.42 -45.88
C PHE H 235 -13.32 6.94 -46.17
N GLU H 236 -14.34 6.16 -45.87
CA GLU H 236 -14.27 4.73 -46.11
C GLU H 236 -14.51 4.24 -47.50
N PRO I 1 2.44 -9.30 3.69
CA PRO I 1 2.16 -10.64 4.29
C PRO I 1 3.45 -11.15 4.92
N ILE I 2 3.37 -12.30 5.53
CA ILE I 2 4.57 -12.91 6.16
C ILE I 2 5.39 -13.65 5.12
N GLU I 3 6.67 -13.45 5.08
CA GLU I 3 7.57 -14.19 4.14
C GLU I 3 8.63 -14.94 4.95
N LEU I 4 8.87 -16.20 4.63
CA LEU I 4 9.87 -17.02 5.35
C LEU I 4 11.22 -16.96 4.63
N LEU I 5 12.20 -17.74 5.08
CA LEU I 5 13.45 -17.74 4.26
C LEU I 5 12.99 -18.52 2.97
N PRO I 6 13.57 -18.14 1.84
CA PRO I 6 13.27 -18.82 0.58
C PRO I 6 14.04 -20.15 0.50
N GLU I 7 13.34 -21.13 -0.07
CA GLU I 7 13.89 -22.46 -0.27
C GLU I 7 15.00 -22.42 -1.31
N THR I 8 16.05 -23.24 -1.07
CA THR I 8 17.13 -23.30 -2.08
C THR I 8 16.51 -23.82 -3.39
N PRO I 9 16.86 -23.12 -4.49
CA PRO I 9 16.38 -23.48 -5.82
C PRO I 9 16.97 -24.80 -6.29
N SER I 10 16.13 -25.51 -7.01
CA SER I 10 16.51 -26.80 -7.62
C SER I 10 17.36 -26.50 -8.91
N GLN I 11 18.08 -27.48 -9.34
CA GLN I 11 18.93 -27.52 -10.51
C GLN I 11 18.91 -28.97 -11.03
N THR I 12 19.03 -29.16 -12.32
CA THR I 12 19.01 -30.50 -12.92
C THR I 12 20.13 -31.32 -12.29
N ALA I 13 19.91 -32.64 -12.26
CA ALA I 13 20.89 -33.56 -11.68
C ALA I 13 22.05 -33.76 -12.62
N GLY I 14 21.85 -33.38 -13.86
CA GLY I 14 22.87 -33.48 -14.94
C GLY I 14 22.95 -34.95 -15.41
N PRO I 15 23.74 -35.17 -16.46
CA PRO I 15 23.94 -36.49 -17.04
C PRO I 15 24.79 -37.45 -16.23
N TYR I 16 25.61 -36.93 -15.30
CA TYR I 16 26.48 -37.76 -14.50
C TYR I 16 26.01 -38.06 -13.09
N VAL I 17 24.70 -37.93 -12.86
CA VAL I 17 24.15 -38.21 -11.53
C VAL I 17 24.58 -39.52 -10.94
N HIS I 18 24.83 -40.49 -11.79
CA HIS I 18 25.21 -41.85 -11.41
C HIS I 18 26.43 -41.89 -10.52
N ILE I 19 27.42 -41.06 -10.91
CA ILE I 19 28.66 -41.00 -10.15
C ILE I 19 28.37 -40.75 -8.66
N GLY I 20 27.36 -39.94 -8.37
CA GLY I 20 27.00 -39.61 -7.00
C GLY I 20 25.95 -40.49 -6.34
N LEU I 21 24.95 -40.93 -7.06
CA LEU I 21 23.84 -41.70 -6.56
C LEU I 21 23.58 -43.10 -7.08
N ALA I 22 24.27 -43.56 -8.07
CA ALA I 22 24.12 -44.88 -8.69
C ALA I 22 25.50 -45.30 -9.21
N LEU I 23 26.39 -45.43 -8.21
CA LEU I 23 27.79 -45.76 -8.41
C LEU I 23 28.07 -46.85 -9.43
N GLU I 24 27.38 -47.95 -9.26
CA GLU I 24 27.54 -49.10 -10.18
C GLU I 24 27.38 -48.64 -11.62
N ALA I 25 26.24 -48.01 -11.87
CA ALA I 25 25.84 -47.47 -13.16
C ALA I 25 26.89 -46.56 -13.75
N ALA I 26 27.48 -45.74 -12.88
CA ALA I 26 28.52 -44.78 -13.34
C ALA I 26 29.74 -45.56 -13.85
N GLY I 27 29.75 -46.82 -13.43
CA GLY I 27 30.83 -47.77 -13.75
C GLY I 27 32.04 -47.50 -12.84
N ASN I 28 31.75 -47.19 -11.57
CA ASN I 28 32.74 -46.92 -10.54
C ASN I 28 32.50 -47.86 -9.34
N PRO I 29 33.56 -48.06 -8.58
CA PRO I 29 33.53 -48.90 -7.38
C PRO I 29 32.52 -48.39 -6.37
N THR I 30 31.80 -49.32 -5.75
CA THR I 30 30.79 -48.91 -4.75
C THR I 30 31.45 -48.90 -3.37
N ARG I 31 30.71 -48.40 -2.42
CA ARG I 31 31.13 -48.29 -1.02
C ARG I 31 30.47 -49.47 -0.28
N ASP I 32 30.81 -49.66 0.95
CA ASP I 32 30.29 -50.75 1.79
C ASP I 32 28.76 -50.79 1.78
N GLN I 33 28.18 -49.61 2.01
CA GLN I 33 26.72 -49.52 2.05
C GLN I 33 26.22 -48.53 1.01
N GLU I 34 25.34 -49.08 0.16
CA GLU I 34 24.72 -48.32 -0.92
C GLU I 34 23.19 -48.44 -0.85
N ILE I 35 22.51 -47.38 -1.17
CA ILE I 35 21.02 -47.36 -1.18
C ILE I 35 20.63 -47.71 -2.62
N TRP I 36 20.12 -48.93 -2.80
CA TRP I 36 19.76 -49.35 -4.19
C TRP I 36 18.38 -49.81 -4.41
N ASN I 37 18.16 -50.65 -5.43
CA ASN I 37 16.85 -51.10 -5.88
C ASN I 37 16.21 -52.34 -5.34
N ARG I 38 16.62 -52.81 -4.20
CA ARG I 38 16.02 -54.04 -3.59
C ARG I 38 15.48 -53.63 -2.22
N LEU I 39 14.22 -53.27 -2.11
CA LEU I 39 13.57 -52.84 -0.90
C LEU I 39 13.30 -54.00 0.06
N ALA I 40 12.97 -55.14 -0.55
CA ALA I 40 12.66 -56.32 0.29
C ALA I 40 13.65 -57.45 0.13
N LYS I 41 13.91 -58.03 1.29
CA LYS I 41 14.79 -59.26 1.34
C LYS I 41 13.82 -60.43 1.11
N PRO I 42 14.33 -61.46 0.49
CA PRO I 42 13.56 -62.66 0.19
C PRO I 42 12.61 -63.02 1.31
N ASP I 43 13.07 -62.83 2.53
CA ASP I 43 12.24 -63.19 3.70
C ASP I 43 11.32 -62.12 4.23
N ALA I 44 11.03 -61.11 3.45
CA ALA I 44 10.13 -60.03 3.87
C ALA I 44 8.68 -60.45 3.54
N PRO I 45 7.81 -60.15 4.51
CA PRO I 45 6.39 -60.45 4.41
C PRO I 45 5.73 -59.61 3.32
N GLY I 46 4.71 -60.17 2.69
CA GLY I 46 3.94 -59.49 1.63
C GLY I 46 4.18 -60.21 0.33
N GLU I 47 3.49 -59.74 -0.72
CA GLU I 47 3.68 -60.37 -2.04
C GLU I 47 4.88 -59.73 -2.75
N HIS I 48 5.92 -60.51 -2.94
CA HIS I 48 7.12 -60.06 -3.63
C HIS I 48 6.82 -59.84 -5.12
N ILE I 49 7.26 -58.67 -5.59
CA ILE I 49 7.04 -58.27 -6.98
C ILE I 49 8.26 -57.57 -7.56
N LEU I 50 8.33 -57.63 -8.88
CA LEU I 50 9.36 -57.01 -9.70
C LEU I 50 8.69 -55.83 -10.44
N LEU I 51 9.30 -54.67 -10.30
CA LEU I 51 8.74 -53.46 -11.01
C LEU I 51 9.75 -53.15 -12.12
N LEU I 52 9.26 -52.78 -13.28
CA LEU I 52 10.18 -52.40 -14.38
C LEU I 52 9.48 -51.38 -15.25
N GLY I 53 10.24 -50.61 -16.01
CA GLY I 53 9.71 -49.58 -16.89
C GLY I 53 10.82 -48.89 -17.68
N GLN I 54 10.31 -48.05 -18.57
CA GLN I 54 11.05 -47.19 -19.48
C GLN I 54 10.51 -45.75 -19.34
N VAL I 55 11.38 -44.82 -19.68
CA VAL I 55 11.01 -43.39 -19.62
C VAL I 55 11.12 -42.81 -21.02
N TYR I 56 10.14 -42.04 -21.42
CA TYR I 56 10.12 -41.44 -22.77
C TYR I 56 10.01 -39.91 -22.75
N ASP I 57 10.72 -39.31 -23.69
CA ASP I 57 10.75 -37.87 -23.90
C ASP I 57 9.60 -37.46 -24.80
N GLY I 58 9.46 -36.17 -25.06
CA GLY I 58 8.40 -35.60 -25.88
C GLY I 58 8.39 -36.07 -27.32
N ASN I 59 9.48 -36.58 -27.83
CA ASN I 59 9.60 -37.08 -29.22
C ASN I 59 9.40 -38.61 -29.21
N GLY I 60 9.16 -39.20 -28.08
CA GLY I 60 8.97 -40.65 -27.97
C GLY I 60 10.23 -41.46 -27.80
N HIS I 61 11.33 -40.76 -27.59
CA HIS I 61 12.66 -41.35 -27.43
C HIS I 61 12.94 -41.70 -25.99
N LEU I 62 13.64 -42.82 -25.79
CA LEU I 62 14.00 -43.32 -24.47
C LEU I 62 14.99 -42.34 -23.77
N VAL I 63 14.71 -42.18 -22.50
CA VAL I 63 15.54 -41.33 -21.59
C VAL I 63 16.40 -42.35 -20.84
N ARG I 64 17.62 -42.48 -21.33
CA ARG I 64 18.56 -43.45 -20.80
C ARG I 64 19.40 -42.96 -19.65
N ASP I 65 19.16 -41.75 -19.16
CA ASP I 65 20.02 -41.24 -18.05
C ASP I 65 19.17 -40.84 -16.85
N SER I 66 17.97 -41.35 -16.79
CA SER I 66 17.07 -41.00 -15.67
C SER I 66 17.55 -41.66 -14.39
N PHE I 67 17.14 -41.02 -13.32
CA PHE I 67 17.39 -41.47 -11.94
C PHE I 67 16.05 -41.36 -11.23
N LEU I 68 15.69 -42.43 -10.49
CA LEU I 68 14.40 -42.45 -9.79
C LEU I 68 14.58 -42.86 -8.32
N GLU I 69 13.70 -42.30 -7.52
CA GLU I 69 13.58 -42.55 -6.09
C GLU I 69 12.13 -42.96 -5.84
N VAL I 70 11.99 -43.97 -4.97
CA VAL I 70 10.64 -44.50 -4.65
C VAL I 70 10.47 -44.58 -3.13
N TRP I 71 9.28 -44.35 -2.68
CA TRP I 71 8.89 -44.42 -1.25
C TRP I 71 7.52 -45.16 -1.23
N GLN I 72 7.46 -46.22 -0.44
CA GLN I 72 6.20 -47.00 -0.33
C GLN I 72 6.04 -47.64 1.05
N ALA I 73 4.79 -47.91 1.42
CA ALA I 73 4.52 -48.59 2.72
C ALA I 73 4.89 -50.08 2.55
N ASP I 74 4.92 -50.72 3.72
CA ASP I 74 5.20 -52.18 3.71
C ASP I 74 3.87 -52.89 3.38
N ALA I 75 3.96 -54.22 3.48
CA ALA I 75 2.79 -55.08 3.24
C ALA I 75 1.65 -54.72 4.17
N ASN I 76 1.94 -54.28 5.39
CA ASN I 76 0.89 -53.89 6.33
C ASN I 76 0.46 -52.43 6.15
N GLY I 77 0.90 -51.80 5.07
CA GLY I 77 0.54 -50.39 4.83
C GLY I 77 1.23 -49.51 5.87
N GLU I 78 2.47 -49.87 6.16
CA GLU I 78 3.25 -49.09 7.15
C GLU I 78 4.53 -48.55 6.52
N TYR I 79 4.82 -47.31 6.90
CA TYR I 79 6.08 -46.66 6.36
C TYR I 79 7.23 -46.92 7.32
N GLN I 80 8.24 -47.54 6.79
CA GLN I 80 9.47 -47.88 7.53
C GLN I 80 10.56 -46.89 7.23
N ASP I 81 10.62 -45.84 8.04
CA ASP I 81 11.58 -44.74 7.83
C ASP I 81 13.01 -45.00 8.26
N ALA I 82 13.26 -45.89 9.20
CA ALA I 82 14.65 -46.16 9.67
C ALA I 82 15.35 -47.06 8.66
N TYR I 83 16.04 -46.43 7.71
CA TYR I 83 16.75 -47.14 6.65
C TYR I 83 17.84 -48.03 7.23
N ASN I 84 17.85 -49.27 6.81
CA ASN I 84 18.89 -50.21 7.33
C ASN I 84 19.03 -51.38 6.37
N LEU I 85 20.26 -51.66 5.99
CA LEU I 85 20.59 -52.72 5.07
C LEU I 85 20.24 -54.09 5.66
N GLU I 86 20.08 -54.11 6.96
CA GLU I 86 19.77 -55.30 7.75
C GLU I 86 18.28 -55.60 7.69
N ASN I 87 17.50 -54.53 7.55
CA ASN I 87 16.04 -54.61 7.43
C ASN I 87 15.69 -55.64 6.36
N ALA I 88 14.57 -56.29 6.59
CA ALA I 88 14.07 -57.31 5.63
C ALA I 88 13.27 -56.56 4.56
N PHE I 89 12.83 -55.38 4.98
CA PHE I 89 12.12 -54.42 4.17
C PHE I 89 12.51 -52.97 4.56
N ASN I 90 12.74 -52.19 3.50
CA ASN I 90 13.03 -50.75 3.56
C ASN I 90 11.95 -50.09 2.62
N SER I 91 11.40 -49.01 3.13
CA SER I 91 10.38 -48.23 2.47
C SER I 91 10.96 -47.39 1.30
N PHE I 92 12.27 -47.16 1.33
CA PHE I 92 12.96 -46.34 0.30
C PHE I 92 13.96 -47.13 -0.52
N GLY I 93 14.03 -46.74 -1.78
CA GLY I 93 14.95 -47.37 -2.75
C GLY I 93 15.30 -46.35 -3.86
N ARG I 94 16.23 -46.82 -4.68
CA ARG I 94 16.70 -45.97 -5.81
C ARG I 94 16.98 -46.91 -7.00
N THR I 95 16.76 -46.34 -8.19
CA THR I 95 17.01 -47.11 -9.42
C THR I 95 17.31 -46.15 -10.55
N ALA I 96 17.75 -46.69 -11.67
CA ALA I 96 18.10 -45.85 -12.86
C ALA I 96 17.89 -46.64 -14.14
N THR I 97 17.79 -45.94 -15.26
CA THR I 97 17.61 -46.60 -16.58
C THR I 97 18.98 -46.93 -17.19
N THR I 98 19.04 -48.14 -17.78
CA THR I 98 20.30 -48.57 -18.43
C THR I 98 20.60 -47.68 -19.65
N PHE I 99 21.89 -47.40 -19.82
CA PHE I 99 22.32 -46.55 -20.95
C PHE I 99 22.09 -47.33 -22.25
N ASP I 100 21.90 -48.64 -22.10
CA ASP I 100 21.60 -49.50 -23.28
C ASP I 100 20.08 -49.47 -23.50
N ALA I 101 19.43 -50.55 -23.14
CA ALA I 101 17.98 -50.70 -23.27
C ALA I 101 17.22 -49.50 -22.71
N GLY I 102 17.68 -48.99 -21.57
CA GLY I 102 17.03 -47.85 -20.93
C GLY I 102 15.84 -48.26 -20.06
N GLU I 103 16.02 -49.34 -19.32
CA GLU I 103 14.95 -49.85 -18.43
C GLU I 103 15.40 -49.88 -16.97
N TRP I 104 14.48 -49.60 -16.07
CA TRP I 104 14.81 -49.62 -14.62
C TRP I 104 14.06 -50.81 -14.04
N THR I 105 14.53 -51.28 -12.89
CA THR I 105 13.96 -52.37 -12.14
C THR I 105 14.08 -52.10 -10.63
N LEU I 106 13.10 -52.57 -9.92
CA LEU I 106 13.02 -52.47 -8.46
C LEU I 106 12.47 -53.83 -7.97
N HIS I 107 13.00 -54.26 -6.85
CA HIS I 107 12.55 -55.53 -6.22
C HIS I 107 11.97 -55.12 -4.87
N THR I 108 10.68 -55.34 -4.75
CA THR I 108 9.97 -54.95 -3.49
C THR I 108 8.80 -55.90 -3.27
N VAL I 109 7.88 -55.45 -2.46
CA VAL I 109 6.64 -56.15 -2.12
C VAL I 109 5.48 -55.14 -2.34
N LYS I 110 4.33 -55.70 -2.66
CA LYS I 110 3.13 -54.86 -2.89
C LYS I 110 2.72 -54.20 -1.58
N PRO I 111 2.65 -52.87 -1.64
CA PRO I 111 2.30 -52.04 -0.51
C PRO I 111 0.87 -52.22 -0.01
N GLY I 112 0.74 -52.12 1.31
CA GLY I 112 -0.54 -52.18 2.03
C GLY I 112 -1.18 -50.79 1.84
N VAL I 113 -2.40 -50.65 2.28
CA VAL I 113 -3.20 -49.43 2.18
C VAL I 113 -2.92 -48.47 3.30
N VAL I 114 -3.00 -47.18 2.99
CA VAL I 114 -2.79 -46.10 3.97
C VAL I 114 -3.91 -45.09 3.74
N ASN I 115 -4.24 -44.37 4.80
CA ASN I 115 -5.33 -43.37 4.71
C ASN I 115 -4.73 -41.95 4.49
N ASN I 116 -5.52 -41.13 3.88
CA ASN I 116 -5.16 -39.72 3.67
C ASN I 116 -5.42 -39.05 5.06
N ALA I 117 -5.13 -37.79 5.11
CA ALA I 117 -5.26 -36.97 6.29
C ALA I 117 -6.69 -36.88 6.78
N ALA I 118 -7.63 -37.17 5.93
CA ALA I 118 -9.06 -37.12 6.28
C ALA I 118 -9.61 -38.46 6.73
N GLY I 119 -8.80 -39.49 6.81
CA GLY I 119 -9.10 -40.80 7.21
C GLY I 119 -9.61 -41.74 6.15
N VAL I 120 -9.56 -41.36 4.89
CA VAL I 120 -10.00 -42.21 3.75
C VAL I 120 -8.83 -42.98 3.22
N PRO I 121 -8.97 -44.26 2.99
CA PRO I 121 -7.91 -45.11 2.44
C PRO I 121 -7.66 -44.80 0.94
N MET I 122 -6.38 -44.86 0.65
CA MET I 122 -5.82 -44.63 -0.70
C MET I 122 -5.54 -46.03 -1.26
N ALA I 123 -5.67 -46.21 -2.55
CA ALA I 123 -5.36 -47.57 -3.14
C ALA I 123 -3.85 -47.72 -2.97
N PRO I 124 -3.37 -48.95 -2.86
CA PRO I 124 -1.94 -49.20 -2.75
C PRO I 124 -1.20 -48.40 -3.83
N HIS I 125 -0.10 -47.77 -3.44
CA HIS I 125 0.69 -46.99 -4.44
C HIS I 125 2.11 -46.81 -3.94
N ILE I 126 2.97 -46.58 -4.92
CA ILE I 126 4.38 -46.31 -4.75
C ILE I 126 4.62 -44.84 -5.20
N ASN I 127 5.17 -44.05 -4.29
CA ASN I 127 5.47 -42.63 -4.65
C ASN I 127 6.82 -42.65 -5.41
N ILE I 128 6.87 -41.93 -6.48
CA ILE I 128 8.10 -41.87 -7.30
C ILE I 128 8.51 -40.42 -7.54
N SER I 129 9.83 -40.24 -7.56
CA SER I 129 10.46 -38.95 -7.86
C SER I 129 11.45 -39.27 -9.01
N LEU I 130 11.31 -38.50 -10.10
CA LEU I 130 12.17 -38.70 -11.28
C LEU I 130 13.09 -37.49 -11.50
N PHE I 131 14.34 -37.81 -11.71
CA PHE I 131 15.43 -36.83 -11.91
C PHE I 131 16.17 -37.18 -13.21
N ALA I 132 16.68 -36.10 -13.81
CA ALA I 132 17.47 -36.31 -15.06
C ALA I 132 17.94 -34.99 -15.67
N ARG I 133 18.91 -35.20 -16.55
CA ARG I 133 19.45 -34.08 -17.38
C ARG I 133 18.20 -33.60 -18.16
N GLY I 134 18.01 -32.29 -18.15
CA GLY I 134 16.90 -31.65 -18.85
C GLY I 134 15.70 -31.42 -17.95
N ILE I 135 15.77 -31.95 -16.74
CA ILE I 135 14.67 -31.80 -15.76
C ILE I 135 15.19 -30.86 -14.67
N ASN I 136 14.75 -29.62 -14.72
CA ASN I 136 15.18 -28.58 -13.79
C ASN I 136 14.76 -28.88 -12.34
N ILE I 137 13.55 -29.43 -12.20
CA ILE I 137 13.04 -29.77 -10.83
C ILE I 137 12.39 -31.13 -10.98
N HIS I 138 12.76 -32.06 -10.10
CA HIS I 138 12.22 -33.41 -10.20
C HIS I 138 10.70 -33.44 -10.30
N LEU I 139 10.29 -34.50 -10.99
CA LEU I 139 8.83 -34.76 -11.24
C LEU I 139 8.37 -35.84 -10.25
N HIS I 140 7.23 -35.57 -9.67
CA HIS I 140 6.52 -36.43 -8.76
C HIS I 140 5.32 -37.14 -9.46
N THR I 141 5.32 -38.44 -9.24
CA THR I 141 4.27 -39.33 -9.74
C THR I 141 3.95 -40.46 -8.76
N ARG I 142 2.87 -41.18 -9.04
CA ARG I 142 2.44 -42.33 -8.23
C ARG I 142 2.21 -43.54 -9.16
N LEU I 143 2.65 -44.68 -8.70
CA LEU I 143 2.41 -45.92 -9.48
C LEU I 143 1.24 -46.67 -8.81
N TYR I 144 0.19 -47.00 -9.52
CA TYR I 144 -0.95 -47.77 -8.99
C TYR I 144 -0.95 -49.10 -9.79
N PHE I 145 -1.71 -50.06 -9.26
CA PHE I 145 -1.74 -51.42 -9.88
C PHE I 145 -3.10 -51.78 -10.48
N ASP I 146 -3.01 -52.32 -11.71
CA ASP I 146 -4.18 -52.72 -12.49
C ASP I 146 -5.06 -53.77 -11.83
N ASP I 147 -4.48 -54.56 -10.95
CA ASP I 147 -5.23 -55.61 -10.25
C ASP I 147 -5.88 -55.13 -8.96
N GLU I 148 -6.09 -53.84 -8.86
CA GLU I 148 -6.71 -53.19 -7.71
C GLU I 148 -7.78 -52.19 -8.14
N ALA I 149 -8.43 -52.58 -9.23
CA ALA I 149 -9.52 -51.77 -9.80
C ALA I 149 -10.45 -51.22 -8.73
N GLN I 150 -10.96 -52.09 -7.89
CA GLN I 150 -11.91 -51.67 -6.83
C GLN I 150 -11.38 -50.61 -5.92
N ALA I 151 -10.10 -50.74 -5.57
CA ALA I 151 -9.42 -49.79 -4.69
C ALA I 151 -9.12 -48.48 -5.46
N ASN I 152 -8.66 -48.63 -6.67
CA ASN I 152 -8.28 -47.50 -7.51
C ASN I 152 -9.43 -46.54 -7.78
N ALA I 153 -10.60 -47.15 -7.89
CA ALA I 153 -11.78 -46.35 -8.25
C ALA I 153 -12.18 -45.43 -7.12
N LYS I 154 -11.82 -45.80 -5.92
CA LYS I 154 -12.13 -45.07 -4.70
C LYS I 154 -11.02 -44.13 -4.18
N CYS I 155 -9.82 -44.24 -4.69
CA CYS I 155 -8.70 -43.40 -4.24
C CYS I 155 -9.03 -41.91 -4.32
N PRO I 156 -8.92 -41.26 -3.17
CA PRO I 156 -9.21 -39.82 -3.03
C PRO I 156 -8.14 -39.04 -3.80
N VAL I 157 -7.04 -39.68 -4.12
CA VAL I 157 -5.95 -39.01 -4.88
C VAL I 157 -6.21 -39.12 -6.37
N LEU I 158 -6.34 -40.32 -6.84
CA LEU I 158 -6.63 -40.64 -8.25
C LEU I 158 -7.89 -39.89 -8.73
N ASN I 159 -8.82 -39.69 -7.83
CA ASN I 159 -10.08 -39.03 -8.07
C ASN I 159 -9.96 -37.52 -8.21
N LEU I 160 -8.86 -36.96 -7.76
CA LEU I 160 -8.59 -35.54 -7.85
C LEU I 160 -8.23 -35.21 -9.32
N ILE I 161 -7.81 -36.21 -10.06
CA ILE I 161 -7.47 -35.98 -11.48
C ILE I 161 -8.78 -35.84 -12.28
N GLU I 162 -9.02 -34.63 -12.73
CA GLU I 162 -10.18 -34.22 -13.47
C GLU I 162 -10.66 -35.15 -14.58
N GLN I 163 -9.82 -35.48 -15.53
CA GLN I 163 -10.12 -36.33 -16.67
C GLN I 163 -9.73 -37.78 -16.42
N PRO I 164 -10.74 -38.62 -16.34
CA PRO I 164 -10.57 -40.05 -16.13
C PRO I 164 -9.55 -40.73 -17.00
N GLN I 165 -9.36 -40.22 -18.21
CA GLN I 165 -8.38 -40.81 -19.17
C GLN I 165 -6.95 -40.66 -18.64
N ARG I 166 -6.71 -39.54 -17.98
CA ARG I 166 -5.41 -39.20 -17.40
C ARG I 166 -5.05 -40.10 -16.23
N ARG I 167 -6.05 -40.62 -15.52
CA ARG I 167 -5.85 -41.50 -14.37
C ARG I 167 -5.20 -42.83 -14.75
N GLU I 168 -5.50 -43.26 -15.98
CA GLU I 168 -4.98 -44.52 -16.48
C GLU I 168 -3.45 -44.54 -16.60
N THR I 169 -2.95 -43.34 -16.89
CA THR I 169 -1.50 -43.17 -17.08
C THR I 169 -0.79 -43.63 -15.81
N LEU I 170 -1.46 -43.64 -14.68
CA LEU I 170 -0.89 -44.01 -13.41
C LEU I 170 -0.93 -45.48 -13.04
N ILE I 171 -1.54 -46.33 -13.84
CA ILE I 171 -1.70 -47.74 -13.59
C ILE I 171 -0.71 -48.67 -14.22
N ALA I 172 -0.02 -49.41 -13.37
CA ALA I 172 0.99 -50.39 -13.80
C ALA I 172 0.26 -51.66 -14.31
N LYS I 173 0.78 -52.22 -15.38
CA LYS I 173 0.20 -53.41 -16.01
C LYS I 173 0.96 -54.66 -15.56
N ARG I 174 0.19 -55.48 -14.84
CA ARG I 174 0.68 -56.72 -14.26
C ARG I 174 1.06 -57.68 -15.40
N CYS I 175 2.20 -58.29 -15.21
CA CYS I 175 2.76 -59.27 -16.14
C CYS I 175 3.53 -60.29 -15.25
N GLU I 176 4.42 -60.98 -15.92
CA GLU I 176 5.25 -61.99 -15.24
C GLU I 176 6.62 -62.02 -15.91
N VAL I 177 7.61 -62.13 -15.06
CA VAL I 177 9.02 -62.17 -15.54
C VAL I 177 9.63 -63.39 -14.84
N ASP I 178 9.96 -64.37 -15.67
CA ASP I 178 10.55 -65.62 -15.12
C ASP I 178 9.57 -66.24 -14.15
N GLY I 179 8.31 -66.25 -14.53
CA GLY I 179 7.27 -66.84 -13.65
C GLY I 179 7.13 -66.04 -12.36
N LYS I 180 7.64 -64.82 -12.40
CA LYS I 180 7.53 -63.94 -11.24
C LYS I 180 6.55 -62.79 -11.55
N THR I 181 5.76 -62.45 -10.52
CA THR I 181 4.77 -61.40 -10.65
C THR I 181 5.55 -60.06 -10.86
N ALA I 182 5.21 -59.42 -11.94
CA ALA I 182 5.85 -58.14 -12.28
C ALA I 182 4.78 -57.15 -12.72
N TYR I 183 5.12 -55.89 -12.74
CA TYR I 183 4.26 -54.80 -13.17
C TYR I 183 5.15 -53.80 -13.95
N ARG I 184 4.64 -53.47 -15.10
CA ARG I 184 5.30 -52.55 -16.02
C ARG I 184 4.66 -51.15 -15.90
N PHE I 185 5.57 -50.20 -15.66
CA PHE I 185 5.15 -48.80 -15.52
C PHE I 185 6.10 -47.90 -16.29
N ASP I 186 5.60 -47.48 -17.45
CA ASP I 186 6.34 -46.59 -18.36
C ASP I 186 5.91 -45.14 -18.04
N ILE I 187 6.91 -44.26 -18.14
CA ILE I 187 6.65 -42.83 -17.89
C ILE I 187 6.79 -42.06 -19.21
N ARG I 188 5.85 -41.21 -19.47
CA ARG I 188 5.83 -40.35 -20.67
C ARG I 188 5.87 -38.91 -20.11
N ILE I 189 7.06 -38.31 -20.25
CA ILE I 189 7.25 -36.96 -19.71
C ILE I 189 6.36 -35.94 -20.41
N GLN I 190 6.31 -36.11 -21.72
CA GLN I 190 5.60 -35.15 -22.60
C GLN I 190 4.94 -35.79 -23.79
N GLY I 191 3.89 -35.14 -24.24
CA GLY I 191 3.09 -35.52 -25.39
C GLY I 191 2.01 -36.51 -25.16
N GLU I 192 1.78 -37.29 -26.20
CA GLU I 192 0.71 -38.33 -26.23
C GLU I 192 0.83 -39.25 -25.05
N GLY I 193 -0.26 -39.28 -24.28
CA GLY I 193 -0.37 -40.09 -23.07
C GLY I 193 0.63 -39.66 -21.97
N GLU I 194 0.83 -38.38 -21.83
CA GLU I 194 1.74 -37.80 -20.84
C GLU I 194 1.26 -38.21 -19.42
N THR I 195 2.17 -38.76 -18.68
CA THR I 195 1.94 -39.18 -17.30
C THR I 195 1.59 -37.99 -16.38
N VAL I 196 0.60 -38.24 -15.53
CA VAL I 196 0.17 -37.27 -14.54
C VAL I 196 1.39 -37.10 -13.56
N PHE I 197 1.66 -35.83 -13.32
CA PHE I 197 2.73 -35.41 -12.39
C PHE I 197 2.06 -34.55 -11.31
N PHE I 198 2.48 -34.75 -10.05
CA PHE I 198 1.89 -34.04 -8.94
C PHE I 198 2.72 -32.92 -8.32
N ASP I 199 2.01 -32.06 -7.62
CA ASP I 199 2.55 -30.94 -6.87
C ASP I 199 1.92 -31.06 -5.45
N PHE I 200 2.76 -31.07 -4.46
CA PHE I 200 2.42 -31.16 -3.05
C PHE I 200 3.47 -30.42 -2.17
N PRO J 1 7.17 -47.22 12.92
CA PRO J 1 6.99 -46.59 11.60
C PRO J 1 6.73 -45.10 11.73
N ALA J 2 6.83 -44.40 10.59
CA ALA J 2 6.61 -42.94 10.51
C ALA J 2 5.12 -42.61 10.68
N GLN J 3 4.86 -41.36 11.02
CA GLN J 3 3.50 -40.83 11.22
C GLN J 3 3.36 -39.42 10.66
N ASP J 4 2.14 -39.13 10.25
CA ASP J 4 1.73 -37.86 9.69
C ASP J 4 1.50 -36.84 10.79
N ASN J 5 2.51 -36.14 11.20
CA ASN J 5 2.34 -35.12 12.27
C ASN J 5 2.76 -33.74 11.75
N SER J 6 3.24 -33.73 10.51
CA SER J 6 3.74 -32.48 9.90
C SER J 6 3.15 -32.10 8.57
N ARG J 7 3.26 -30.81 8.32
CA ARG J 7 2.84 -30.16 7.08
C ARG J 7 4.07 -29.37 6.58
N PHE J 8 4.18 -29.31 5.29
CA PHE J 8 5.28 -28.58 4.62
C PHE J 8 4.75 -27.41 3.86
N VAL J 9 5.48 -26.29 4.01
CA VAL J 9 5.11 -25.04 3.29
C VAL J 9 5.13 -25.38 1.76
N ILE J 10 4.17 -24.81 1.07
CA ILE J 10 4.01 -25.03 -0.36
C ILE J 10 5.17 -24.41 -1.14
N ARG J 11 5.75 -25.20 -2.03
CA ARG J 11 6.85 -24.72 -2.85
C ARG J 11 6.42 -23.51 -3.71
N ASP J 12 7.42 -22.66 -3.90
CA ASP J 12 7.22 -21.46 -4.78
C ASP J 12 7.83 -21.86 -6.16
N ARG J 13 6.93 -22.29 -7.04
CA ARG J 13 7.35 -22.73 -8.38
C ARG J 13 7.73 -21.60 -9.31
N ASN J 14 7.72 -20.36 -8.79
CA ASN J 14 8.19 -19.21 -9.58
C ASN J 14 9.62 -18.84 -9.09
N TRP J 15 10.01 -19.48 -7.99
CA TRP J 15 11.34 -19.23 -7.37
C TRP J 15 12.34 -20.25 -7.97
N HIS J 16 11.85 -21.48 -7.95
CA HIS J 16 12.57 -22.60 -8.58
C HIS J 16 12.47 -22.33 -10.12
N PRO J 17 13.41 -22.91 -10.86
CA PRO J 17 13.39 -22.81 -12.33
C PRO J 17 12.15 -23.51 -12.88
N LYS J 18 11.63 -23.03 -13.99
CA LYS J 18 10.44 -23.67 -14.63
C LYS J 18 10.94 -24.91 -15.36
N ALA J 19 9.99 -25.71 -15.78
CA ALA J 19 10.25 -26.94 -16.53
C ALA J 19 10.84 -26.62 -17.93
N LEU J 20 10.13 -25.77 -18.67
CA LEU J 20 10.58 -25.42 -20.03
C LEU J 20 11.38 -24.12 -20.04
N THR J 21 12.66 -24.28 -20.22
CA THR J 21 13.59 -23.06 -20.28
C THR J 21 14.42 -23.36 -21.55
N PRO J 22 13.87 -22.89 -22.68
CA PRO J 22 14.41 -23.19 -23.98
C PRO J 22 15.86 -23.06 -24.24
N ASP J 23 16.61 -22.19 -23.59
CA ASP J 23 18.06 -22.06 -23.86
C ASP J 23 18.83 -23.28 -23.37
N TYR J 24 18.21 -23.96 -22.46
CA TYR J 24 18.79 -25.25 -21.92
C TYR J 24 18.04 -26.23 -22.83
N LYS J 25 18.69 -26.56 -23.96
CA LYS J 25 18.03 -27.36 -25.02
C LYS J 25 17.34 -28.63 -24.62
N THR J 26 17.96 -29.47 -23.81
CA THR J 26 17.38 -30.76 -23.38
C THR J 26 16.06 -30.58 -22.65
N SER J 27 15.76 -29.43 -22.10
CA SER J 27 14.50 -29.23 -21.36
C SER J 27 13.29 -29.19 -22.30
N ILE J 28 13.53 -28.87 -23.58
CA ILE J 28 12.44 -28.77 -24.56
C ILE J 28 11.60 -30.03 -24.60
N ALA J 29 12.23 -31.15 -24.82
CA ALA J 29 11.63 -32.45 -24.95
C ALA J 29 11.43 -33.21 -23.64
N ARG J 30 11.98 -32.69 -22.57
CA ARG J 30 11.87 -33.32 -21.25
C ARG J 30 11.07 -32.53 -20.26
N SER J 31 10.09 -31.76 -20.76
CA SER J 31 9.22 -30.96 -19.83
C SER J 31 7.76 -31.30 -20.16
N PRO J 32 6.97 -31.54 -19.11
CA PRO J 32 5.55 -31.88 -19.27
C PRO J 32 4.85 -30.69 -19.89
N ARG J 33 3.81 -30.93 -20.61
CA ARG J 33 3.03 -29.84 -21.30
C ARG J 33 1.71 -29.67 -20.54
N GLN J 34 1.37 -30.73 -19.79
CA GLN J 34 0.13 -30.64 -18.97
C GLN J 34 0.56 -29.99 -17.64
N ALA J 35 -0.37 -29.30 -16.99
CA ALA J 35 -0.09 -28.72 -15.65
C ALA J 35 0.05 -29.88 -14.64
N LEU J 36 0.85 -29.59 -13.60
CA LEU J 36 1.00 -30.59 -12.50
C LEU J 36 -0.36 -30.65 -11.76
N VAL J 37 -0.64 -31.80 -11.21
CA VAL J 37 -1.92 -31.91 -10.41
C VAL J 37 -1.56 -31.67 -8.91
N SER J 38 -2.22 -30.71 -8.28
CA SER J 38 -2.01 -30.42 -6.86
C SER J 38 -2.77 -31.42 -6.00
N ILE J 39 -2.09 -31.94 -4.98
CA ILE J 39 -2.79 -32.90 -4.06
C ILE J 39 -2.46 -32.50 -2.63
N PRO J 40 -3.41 -32.75 -1.75
CA PRO J 40 -3.22 -32.45 -0.31
C PRO J 40 -2.16 -33.43 0.20
N GLN J 41 -1.39 -32.96 1.15
CA GLN J 41 -0.33 -33.76 1.80
C GLN J 41 -0.95 -34.88 2.65
N SER J 42 -0.32 -36.05 2.53
CA SER J 42 -0.75 -37.25 3.32
C SER J 42 0.53 -37.85 3.92
N ILE J 43 0.34 -38.94 4.68
CA ILE J 43 1.52 -39.58 5.33
C ILE J 43 2.52 -39.97 4.22
N SER J 44 1.94 -40.22 3.07
CA SER J 44 2.74 -40.60 1.87
C SER J 44 3.76 -39.51 1.52
N GLU J 45 3.32 -38.25 1.51
CA GLU J 45 4.14 -37.12 1.18
C GLU J 45 4.93 -36.50 2.30
N THR J 46 4.44 -36.59 3.52
CA THR J 46 5.05 -35.99 4.68
C THR J 46 6.02 -36.81 5.49
N THR J 47 6.42 -37.95 5.03
CA THR J 47 7.38 -38.84 5.72
C THR J 47 8.48 -39.07 4.68
N GLY J 48 9.51 -39.72 5.07
CA GLY J 48 10.64 -40.06 4.17
C GLY J 48 11.62 -40.82 5.08
N PRO J 49 12.66 -41.33 4.45
CA PRO J 49 13.70 -42.08 5.11
C PRO J 49 14.61 -41.24 6.02
N ASN J 50 15.08 -41.94 7.04
CA ASN J 50 16.04 -41.44 8.03
C ASN J 50 17.27 -42.38 7.83
N PHE J 51 18.38 -41.77 7.53
CA PHE J 51 19.63 -42.48 7.25
C PHE J 51 20.60 -42.51 8.44
N SER J 52 20.06 -42.26 9.63
CA SER J 52 20.83 -42.27 10.86
C SER J 52 21.56 -43.60 11.04
N HIS J 53 20.99 -44.69 10.56
CA HIS J 53 21.69 -45.99 10.73
C HIS J 53 22.48 -46.45 9.55
N LEU J 54 22.67 -45.60 8.56
CA LEU J 54 23.48 -46.01 7.37
C LEU J 54 24.92 -46.10 7.88
N GLY J 55 25.61 -47.14 7.45
CA GLY J 55 27.01 -47.35 7.90
C GLY J 55 27.94 -46.63 6.92
N PHE J 56 28.31 -45.42 7.32
CA PHE J 56 29.21 -44.57 6.49
C PHE J 56 30.68 -44.90 6.71
N GLY J 57 31.43 -44.83 5.63
CA GLY J 57 32.93 -45.05 5.74
C GLY J 57 33.46 -43.79 6.45
N ALA J 58 34.70 -43.94 6.92
CA ALA J 58 35.43 -42.90 7.63
C ALA J 58 35.84 -41.76 6.71
N HIS J 59 36.07 -42.06 5.47
CA HIS J 59 36.43 -41.04 4.45
C HIS J 59 35.29 -40.80 3.48
N ASP J 60 34.06 -41.01 3.98
CA ASP J 60 32.88 -40.83 3.09
C ASP J 60 32.79 -39.41 2.52
N HIS J 61 33.07 -38.44 3.35
CA HIS J 61 33.05 -37.04 3.07
C HIS J 61 34.39 -36.44 2.73
N ASP J 62 35.42 -37.25 2.53
CA ASP J 62 36.77 -36.73 2.18
C ASP J 62 37.26 -37.19 0.82
N LEU J 63 37.02 -36.39 -0.19
CA LEU J 63 37.40 -36.70 -1.58
C LEU J 63 38.89 -36.71 -1.82
N LEU J 64 39.64 -36.23 -0.84
CA LEU J 64 41.10 -36.20 -0.87
C LEU J 64 41.62 -37.59 -0.59
N LEU J 65 40.84 -38.42 0.10
CA LEU J 65 41.24 -39.76 0.46
C LEU J 65 40.33 -40.91 0.06
N ASN J 66 39.07 -40.63 -0.24
CA ASN J 66 38.09 -41.66 -0.56
C ASN J 66 38.22 -42.40 -1.85
N PHE J 67 39.16 -42.16 -2.73
CA PHE J 67 39.21 -42.89 -4.01
C PHE J 67 40.37 -43.91 -3.96
N GLY J 71 48.18 -41.55 -3.96
CA GLY J 71 48.60 -40.14 -3.76
C GLY J 71 47.43 -39.22 -3.58
N LEU J 72 47.72 -37.92 -3.61
CA LEU J 72 46.75 -36.84 -3.48
C LEU J 72 46.35 -36.42 -4.91
N PRO J 73 45.11 -35.96 -5.01
CA PRO J 73 44.61 -35.44 -6.28
C PRO J 73 45.34 -34.09 -6.52
N ILE J 74 45.34 -33.73 -7.79
CA ILE J 74 45.91 -32.41 -8.17
C ILE J 74 44.76 -31.39 -8.17
N GLY J 75 44.98 -30.22 -7.58
CA GLY J 75 43.91 -29.20 -7.55
C GLY J 75 43.85 -28.40 -6.27
N GLU J 76 42.99 -27.42 -6.23
CA GLU J 76 42.82 -26.52 -5.08
C GLU J 76 42.07 -27.20 -3.92
N ARG J 77 42.83 -27.37 -2.86
CA ARG J 77 42.32 -28.02 -1.63
C ARG J 77 41.33 -27.05 -0.99
N ILE J 78 40.14 -27.56 -0.77
CA ILE J 78 39.09 -26.74 -0.15
C ILE J 78 38.17 -27.64 0.69
N ILE J 79 37.67 -26.96 1.69
CA ILE J 79 36.64 -27.55 2.56
C ILE J 79 35.31 -26.89 2.10
N VAL J 80 34.31 -27.72 1.89
CA VAL J 80 32.97 -27.17 1.56
C VAL J 80 32.10 -27.54 2.80
N ALA J 81 31.63 -26.50 3.49
CA ALA J 81 30.82 -26.75 4.69
C ALA J 81 29.63 -25.79 4.77
N GLY J 82 28.68 -26.13 5.65
CA GLY J 82 27.53 -25.27 5.88
C GLY J 82 26.50 -25.97 6.76
N ARG J 83 25.36 -25.30 6.80
CA ARG J 83 24.24 -25.82 7.63
C ARG J 83 22.99 -25.97 6.76
N VAL J 84 22.17 -26.97 7.18
CA VAL J 84 20.87 -27.22 6.54
C VAL J 84 19.79 -26.81 7.57
N VAL J 85 18.98 -25.89 7.15
CA VAL J 85 17.86 -25.36 7.95
C VAL J 85 16.59 -25.40 7.07
N ASP J 86 15.46 -25.14 7.70
CA ASP J 86 14.17 -25.14 7.01
C ASP J 86 13.79 -23.69 6.86
N GLN J 87 12.70 -23.42 6.14
CA GLN J 87 12.28 -22.02 5.93
C GLN J 87 12.02 -21.30 7.24
N TYR J 88 11.80 -22.05 8.32
CA TYR J 88 11.54 -21.44 9.64
C TYR J 88 12.84 -21.07 10.34
N GLY J 89 13.96 -21.47 9.75
CA GLY J 89 15.28 -21.13 10.33
C GLY J 89 15.72 -22.25 11.26
N LYS J 90 14.97 -23.32 11.27
CA LYS J 90 15.22 -24.49 12.14
C LYS J 90 16.23 -25.42 11.48
N PRO J 91 17.15 -25.91 12.32
CA PRO J 91 18.21 -26.82 11.87
C PRO J 91 17.60 -28.17 11.50
N VAL J 92 18.28 -28.81 10.54
CA VAL J 92 17.83 -30.16 10.09
C VAL J 92 18.95 -31.14 10.42
N PRO J 93 18.78 -31.83 11.57
CA PRO J 93 19.79 -32.79 12.04
C PRO J 93 19.65 -34.13 11.36
N ASN J 94 20.71 -34.90 11.39
CA ASN J 94 20.77 -36.26 10.86
C ASN J 94 20.15 -36.40 9.50
N THR J 95 20.51 -35.47 8.61
CA THR J 95 19.96 -35.48 7.23
C THR J 95 21.04 -35.92 6.28
N LEU J 96 20.66 -36.58 5.19
CA LEU J 96 21.63 -37.11 4.23
C LEU J 96 21.97 -36.05 3.14
N VAL J 97 23.22 -35.71 3.10
CA VAL J 97 23.78 -34.82 2.10
C VAL J 97 24.77 -35.62 1.22
N GLU J 98 24.49 -35.58 -0.06
CA GLU J 98 25.37 -36.28 -1.05
C GLU J 98 25.83 -35.27 -2.10
N MET J 99 27.02 -35.47 -2.59
CA MET J 99 27.59 -34.54 -3.64
C MET J 99 28.45 -35.31 -4.64
N TRP J 100 28.62 -34.74 -5.84
CA TRP J 100 29.41 -35.31 -6.91
C TRP J 100 29.92 -34.14 -7.74
N GLN J 101 31.04 -34.30 -8.37
CA GLN J 101 31.67 -33.16 -9.15
C GLN J 101 32.74 -33.70 -10.07
N ALA J 102 33.28 -32.83 -10.90
CA ALA J 102 34.39 -33.20 -11.82
C ALA J 102 35.72 -32.93 -11.08
N ASN J 103 36.83 -33.30 -11.71
CA ASN J 103 38.18 -33.03 -11.18
C ASN J 103 38.55 -31.56 -11.47
N ALA J 104 39.81 -31.24 -11.14
CA ALA J 104 40.31 -29.86 -11.31
C ALA J 104 40.27 -29.41 -12.79
N GLY J 105 40.29 -30.41 -13.67
CA GLY J 105 40.29 -30.12 -15.13
C GLY J 105 38.90 -30.09 -15.75
N GLY J 106 37.90 -30.43 -14.89
CA GLY J 106 36.51 -30.43 -15.44
C GLY J 106 36.18 -31.77 -16.06
N ARG J 107 36.91 -32.81 -15.69
CA ARG J 107 36.62 -34.17 -16.21
C ARG J 107 35.85 -34.96 -15.14
N TYR J 108 34.79 -35.62 -15.57
CA TYR J 108 33.97 -36.46 -14.66
C TYR J 108 34.43 -37.91 -14.76
N ARG J 109 34.45 -38.59 -13.61
CA ARG J 109 34.85 -40.05 -13.64
C ARG J 109 33.56 -40.82 -13.95
N HIS J 110 33.15 -40.68 -15.23
CA HIS J 110 31.93 -41.28 -15.77
C HIS J 110 32.16 -41.70 -17.22
N LYS J 111 31.63 -42.86 -17.56
CA LYS J 111 31.71 -43.48 -18.87
C LYS J 111 31.53 -42.48 -20.03
N ASN J 112 30.34 -41.88 -19.97
CA ASN J 112 29.85 -40.92 -20.92
C ASN J 112 30.66 -39.65 -21.02
N ASP J 113 31.63 -39.44 -20.15
CA ASP J 113 32.42 -38.20 -20.24
C ASP J 113 33.62 -38.44 -21.17
N ARG J 114 33.56 -37.72 -22.26
CA ARG J 114 34.55 -37.77 -23.34
C ARG J 114 35.37 -36.51 -23.45
N TYR J 115 35.26 -35.60 -22.50
CA TYR J 115 36.06 -34.34 -22.57
C TYR J 115 37.53 -34.78 -22.50
N LEU J 116 38.32 -34.09 -23.26
CA LEU J 116 39.75 -34.33 -23.43
C LEU J 116 40.58 -34.07 -22.21
N ALA J 117 40.07 -33.32 -21.25
CA ALA J 117 40.86 -33.09 -19.97
C ALA J 117 40.97 -34.50 -19.36
N PRO J 118 42.17 -34.84 -18.88
CA PRO J 118 42.44 -36.14 -18.31
C PRO J 118 41.78 -36.37 -16.94
N LEU J 119 41.72 -37.65 -16.64
CA LEU J 119 41.23 -38.10 -15.31
C LEU J 119 42.45 -37.95 -14.38
N ASP J 120 42.15 -37.86 -13.12
CA ASP J 120 43.15 -37.73 -12.03
C ASP J 120 43.10 -39.08 -11.29
N PRO J 121 44.19 -39.81 -11.41
CA PRO J 121 44.34 -41.13 -10.80
C PRO J 121 43.93 -41.20 -9.33
N ASN J 122 44.09 -40.11 -8.59
CA ASN J 122 43.75 -40.06 -7.18
C ASN J 122 42.44 -39.35 -6.92
N PHE J 123 41.57 -39.22 -7.91
CA PHE J 123 40.29 -38.50 -7.67
C PHE J 123 39.11 -39.27 -8.27
N GLY J 124 38.13 -39.44 -7.34
CA GLY J 124 36.86 -40.09 -7.70
C GLY J 124 35.75 -39.09 -7.95
N GLY J 125 35.49 -38.19 -7.04
CA GLY J 125 34.49 -37.17 -7.08
C GLY J 125 33.17 -37.43 -6.40
N VAL J 126 33.06 -38.32 -5.45
CA VAL J 126 31.82 -38.63 -4.74
C VAL J 126 31.90 -38.47 -3.22
N GLY J 127 30.93 -37.79 -2.61
CA GLY J 127 30.98 -37.67 -1.13
C GLY J 127 29.59 -37.67 -0.55
N ARG J 128 29.50 -38.09 0.71
CA ARG J 128 28.27 -38.15 1.47
C ARG J 128 28.63 -37.81 2.94
N CYS J 129 27.63 -37.22 3.58
CA CYS J 129 27.76 -36.80 4.99
C CYS J 129 26.38 -36.62 5.61
N LEU J 130 26.29 -37.11 6.85
CA LEU J 130 24.99 -36.94 7.58
C LEU J 130 25.14 -35.62 8.36
N THR J 131 24.18 -34.72 8.32
CA THR J 131 24.28 -33.46 9.10
C THR J 131 24.35 -33.82 10.59
N ASP J 132 24.89 -32.93 11.41
CA ASP J 132 25.02 -33.12 12.85
C ASP J 132 23.77 -32.58 13.56
N SER J 133 23.85 -32.69 14.89
CA SER J 133 22.72 -32.24 15.75
C SER J 133 22.40 -30.79 15.53
N ASP J 134 23.37 -30.05 14.95
CA ASP J 134 23.11 -28.63 14.66
C ASP J 134 22.74 -28.36 13.21
N GLY J 135 22.65 -29.38 12.41
CA GLY J 135 22.35 -29.21 11.00
C GLY J 135 23.58 -28.89 10.16
N TYR J 136 24.79 -29.10 10.69
CA TYR J 136 26.02 -28.86 9.98
C TYR J 136 26.56 -30.08 9.26
N TYR J 137 27.21 -29.84 8.13
CA TYR J 137 27.86 -30.78 7.27
C TYR J 137 29.20 -30.17 6.77
N SER J 138 30.06 -31.07 6.33
CA SER J 138 31.34 -30.66 5.76
C SER J 138 31.91 -31.83 4.93
N PHE J 139 32.61 -31.37 3.92
CA PHE J 139 33.30 -32.16 2.92
C PHE J 139 34.67 -31.50 2.70
N ARG J 140 35.55 -32.36 2.25
CA ARG J 140 36.93 -31.90 1.89
C ARG J 140 37.15 -32.41 0.48
N THR J 141 37.49 -31.47 -0.42
CA THR J 141 37.69 -31.86 -1.83
C THR J 141 38.64 -30.89 -2.49
N ILE J 142 38.63 -30.92 -3.81
CA ILE J 142 39.41 -29.94 -4.62
C ILE J 142 38.32 -29.25 -5.49
N LYS J 143 38.56 -28.01 -5.82
CA LYS J 143 37.65 -27.19 -6.62
C LYS J 143 37.61 -27.75 -8.06
N PRO J 144 36.42 -28.04 -8.53
CA PRO J 144 36.23 -28.57 -9.90
C PRO J 144 36.49 -27.48 -10.95
N GLY J 145 36.84 -27.90 -12.17
CA GLY J 145 37.05 -26.89 -13.28
C GLY J 145 35.75 -26.80 -14.11
N PRO J 146 35.66 -25.72 -14.88
CA PRO J 146 34.51 -25.48 -15.77
C PRO J 146 34.54 -26.64 -16.78
N TYR J 147 33.38 -26.83 -17.37
CA TYR J 147 33.27 -27.97 -18.34
C TYR J 147 32.47 -27.47 -19.55
N PRO J 148 33.03 -27.76 -20.72
CA PRO J 148 32.36 -27.38 -22.01
C PRO J 148 31.29 -28.50 -22.20
N TRP J 149 30.16 -28.08 -22.76
CA TRP J 149 29.07 -29.10 -22.98
C TRP J 149 28.33 -28.79 -24.25
N ARG J 150 27.70 -29.79 -24.83
CA ARG J 150 26.98 -29.57 -26.10
C ARG J 150 25.62 -28.96 -25.99
N ASN J 151 25.53 -27.66 -25.88
CA ASN J 151 24.21 -26.94 -25.80
C ASN J 151 24.30 -26.00 -27.04
N GLY J 152 24.69 -24.79 -26.72
CA GLY J 152 24.96 -23.80 -27.80
C GLY J 152 26.39 -24.28 -28.27
N PRO J 153 26.88 -23.59 -29.31
CA PRO J 153 28.19 -23.91 -29.86
C PRO J 153 29.34 -23.61 -28.94
N ASN J 154 29.24 -22.73 -27.95
CA ASN J 154 30.45 -22.49 -27.08
C ASN J 154 29.98 -22.27 -25.63
N ASP J 155 29.29 -23.23 -25.09
CA ASP J 155 28.72 -23.23 -23.75
C ASP J 155 29.67 -23.88 -22.77
N TRP J 156 29.89 -23.22 -21.63
CA TRP J 156 30.77 -23.78 -20.59
C TRP J 156 30.06 -23.74 -19.22
N ARG J 157 30.04 -24.87 -18.56
CA ARG J 157 29.38 -24.82 -17.20
C ARG J 157 30.37 -24.13 -16.25
N PRO J 158 29.81 -23.28 -15.42
CA PRO J 158 30.64 -22.65 -14.34
C PRO J 158 31.12 -23.88 -13.48
N ALA J 159 32.18 -23.69 -12.79
CA ALA J 159 32.75 -24.70 -11.86
C ALA J 159 31.56 -24.93 -10.87
N HIS J 160 31.26 -26.21 -10.63
CA HIS J 160 30.07 -26.44 -9.72
C HIS J 160 30.15 -27.79 -9.04
N ILE J 161 29.45 -27.88 -7.88
CA ILE J 161 29.35 -29.13 -7.15
C ILE J 161 27.85 -29.58 -7.13
N HIS J 162 27.67 -30.82 -7.54
CA HIS J 162 26.22 -31.30 -7.53
C HIS J 162 25.87 -31.72 -6.09
N PHE J 163 24.70 -31.29 -5.67
CA PHE J 163 24.20 -31.65 -4.32
C PHE J 163 22.79 -32.27 -4.38
N GLY J 164 22.63 -33.20 -3.46
CA GLY J 164 21.36 -33.88 -3.18
C GLY J 164 21.14 -33.81 -1.62
N ILE J 165 19.96 -33.46 -1.17
CA ILE J 165 19.68 -33.39 0.28
C ILE J 165 18.29 -34.01 0.55
N SER J 166 18.29 -35.03 1.40
CA SER J 166 17.05 -35.76 1.78
C SER J 166 16.08 -34.94 2.59
N GLY J 167 16.49 -34.39 3.69
CA GLY J 167 15.53 -33.61 4.55
C GLY J 167 14.63 -34.67 5.29
N PRO J 168 13.65 -34.18 6.04
CA PRO J 168 12.76 -35.02 6.81
C PRO J 168 11.68 -35.80 6.10
N SER J 169 11.43 -35.54 4.83
CA SER J 169 10.37 -36.16 4.05
C SER J 169 10.67 -36.08 2.54
N ILE J 170 9.86 -36.84 1.80
CA ILE J 170 10.04 -36.86 0.34
C ILE J 170 9.66 -35.52 -0.26
N ALA J 171 8.89 -34.78 0.52
CA ALA J 171 8.43 -33.45 0.15
C ALA J 171 9.59 -32.44 0.24
N THR J 172 10.56 -32.71 1.12
CA THR J 172 11.70 -31.80 1.26
C THR J 172 12.86 -32.13 0.33
N LYS J 173 12.95 -33.31 -0.16
CA LYS J 173 14.07 -33.79 -0.99
C LYS J 173 14.34 -32.79 -2.15
N LEU J 174 15.63 -32.55 -2.34
CA LEU J 174 16.04 -31.56 -3.39
C LEU J 174 17.41 -31.93 -3.91
N ILE J 175 17.62 -31.57 -5.17
CA ILE J 175 18.86 -31.73 -5.90
C ILE J 175 19.10 -30.28 -6.46
N THR J 176 20.35 -29.85 -6.24
CA THR J 176 20.74 -28.51 -6.67
C THR J 176 22.21 -28.53 -7.05
N GLN J 177 22.71 -27.33 -7.35
CA GLN J 177 24.15 -27.21 -7.66
C GLN J 177 24.72 -26.03 -6.87
N LEU J 178 25.94 -26.19 -6.45
CA LEU J 178 26.70 -25.10 -5.77
C LEU J 178 27.65 -24.47 -6.89
N TYR J 179 27.73 -23.19 -6.87
CA TYR J 179 28.65 -22.41 -7.75
C TYR J 179 29.55 -21.62 -6.78
N PHE J 180 30.66 -21.13 -7.27
CA PHE J 180 31.69 -20.43 -6.55
C PHE J 180 31.66 -18.92 -6.71
N GLU J 181 31.81 -18.27 -5.56
CA GLU J 181 31.78 -16.79 -5.53
C GLU J 181 32.74 -16.16 -6.59
N GLY J 182 32.21 -15.24 -7.35
CA GLY J 182 32.85 -14.46 -8.37
C GLY J 182 33.11 -15.10 -9.73
N ASP J 183 32.80 -16.38 -9.91
CA ASP J 183 33.02 -17.07 -11.24
C ASP J 183 32.25 -16.36 -12.35
N PRO J 184 32.99 -15.76 -13.32
CA PRO J 184 32.36 -15.00 -14.43
C PRO J 184 31.48 -15.83 -15.34
N LEU J 185 31.62 -17.14 -15.35
CA LEU J 185 30.78 -18.00 -16.21
C LEU J 185 29.35 -18.13 -15.66
N ILE J 186 29.13 -17.77 -14.38
CA ILE J 186 27.80 -17.90 -13.81
C ILE J 186 26.69 -17.25 -14.61
N PRO J 187 26.83 -15.94 -14.82
CA PRO J 187 25.80 -15.19 -15.53
C PRO J 187 25.55 -15.65 -16.93
N MET J 188 26.45 -16.37 -17.57
CA MET J 188 26.25 -16.80 -18.96
C MET J 188 25.69 -18.20 -19.11
N CYS J 189 25.51 -18.94 -18.00
CA CYS J 189 25.07 -20.35 -18.16
C CYS J 189 23.56 -20.45 -18.26
N PRO J 190 23.10 -21.13 -19.30
CA PRO J 190 21.67 -21.35 -19.51
C PRO J 190 21.06 -22.22 -18.43
N ILE J 191 21.78 -23.14 -17.84
CA ILE J 191 21.28 -23.98 -16.74
C ILE J 191 20.98 -23.09 -15.52
N VAL J 192 21.93 -22.19 -15.24
CA VAL J 192 21.81 -21.24 -14.16
C VAL J 192 20.61 -20.31 -14.42
N LYS J 193 20.56 -19.90 -15.68
CA LYS J 193 19.50 -18.97 -16.14
C LYS J 193 18.12 -19.56 -16.21
N SER J 194 18.05 -20.88 -15.97
CA SER J 194 16.75 -21.59 -15.92
C SER J 194 15.96 -20.98 -14.74
N ILE J 195 16.64 -20.29 -13.86
CA ILE J 195 16.11 -19.61 -12.70
C ILE J 195 15.85 -18.14 -13.04
N ALA J 196 14.59 -17.76 -13.05
CA ALA J 196 14.21 -16.40 -13.41
C ALA J 196 14.59 -15.30 -12.45
N ASN J 197 14.55 -15.57 -11.15
CA ASN J 197 14.87 -14.49 -10.16
C ASN J 197 16.34 -14.50 -9.79
N PRO J 198 17.01 -13.38 -10.03
CA PRO J 198 18.41 -13.17 -9.73
C PRO J 198 18.73 -13.41 -8.24
N GLU J 199 17.75 -13.10 -7.41
CA GLU J 199 17.92 -13.29 -5.96
C GLU J 199 18.08 -14.79 -5.66
N ALA J 200 17.36 -15.61 -6.38
CA ALA J 200 17.40 -17.07 -6.19
C ALA J 200 18.73 -17.60 -6.64
N VAL J 201 19.29 -17.00 -7.70
CA VAL J 201 20.58 -17.41 -8.19
C VAL J 201 21.63 -17.25 -7.06
N GLN J 202 21.54 -16.11 -6.38
CA GLN J 202 22.44 -15.75 -5.29
C GLN J 202 22.52 -16.85 -4.21
N GLN J 203 21.38 -17.53 -4.01
CA GLN J 203 21.32 -18.60 -3.01
C GLN J 203 22.17 -19.81 -3.38
N LEU J 204 22.62 -19.89 -4.63
CA LEU J 204 23.36 -21.06 -5.12
C LEU J 204 24.86 -20.84 -5.10
N ILE J 205 25.23 -19.64 -4.67
CA ILE J 205 26.63 -19.25 -4.63
C ILE J 205 27.33 -19.41 -3.28
N ALA J 206 28.28 -20.30 -3.24
CA ALA J 206 29.09 -20.55 -2.03
C ALA J 206 30.06 -19.37 -1.86
N LYS J 207 30.19 -18.90 -0.64
CA LYS J 207 31.05 -17.78 -0.26
C LYS J 207 32.39 -18.26 0.31
N LEU J 208 33.43 -17.48 -0.16
CA LEU J 208 34.78 -17.85 0.41
C LEU J 208 34.68 -17.67 1.96
N ASP J 209 35.26 -18.65 2.62
CA ASP J 209 35.18 -18.60 4.15
C ASP J 209 36.57 -18.71 4.76
N MET J 210 37.29 -17.58 4.79
CA MET J 210 38.67 -17.54 5.34
C MET J 210 38.75 -18.02 6.79
N ASN J 211 37.74 -17.73 7.57
CA ASN J 211 37.65 -18.09 8.99
C ASN J 211 37.70 -19.62 9.18
N ASN J 212 37.21 -20.33 8.22
CA ASN J 212 37.18 -21.81 8.31
C ASN J 212 38.29 -22.51 7.60
N ALA J 213 39.16 -21.79 6.94
CA ALA J 213 40.31 -22.32 6.17
C ALA J 213 41.41 -22.78 7.12
N ASN J 214 42.22 -23.70 6.65
CA ASN J 214 43.35 -24.28 7.39
C ASN J 214 44.59 -23.61 6.79
N PRO J 215 45.16 -22.72 7.58
CA PRO J 215 46.34 -21.95 7.10
C PRO J 215 47.35 -22.89 6.52
N MET J 216 48.01 -22.48 5.45
CA MET J 216 49.03 -23.27 4.75
C MET J 216 48.54 -24.65 4.31
N ASP J 217 47.24 -24.82 4.15
CA ASP J 217 46.70 -26.17 3.81
C ASP J 217 45.56 -26.12 2.81
N CYS J 218 44.45 -25.48 3.24
CA CYS J 218 43.29 -25.39 2.34
C CYS J 218 42.40 -24.21 2.69
N LEU J 219 41.67 -23.79 1.69
CA LEU J 219 40.69 -22.70 1.78
C LEU J 219 39.34 -23.33 2.14
N ALA J 220 38.34 -22.47 2.31
CA ALA J 220 37.00 -23.03 2.68
C ALA J 220 35.91 -22.15 2.08
N TYR J 221 34.85 -22.85 1.72
CA TYR J 221 33.66 -22.16 1.16
C TYR J 221 32.49 -22.51 2.08
N ARG J 222 31.65 -21.54 2.26
CA ARG J 222 30.42 -21.69 3.08
C ARG J 222 29.22 -21.83 2.12
N PHE J 223 28.45 -22.89 2.29
CA PHE J 223 27.23 -23.16 1.53
C PHE J 223 26.08 -23.65 2.46
N ASP J 224 25.13 -22.80 2.75
CA ASP J 224 23.97 -23.20 3.59
C ASP J 224 22.78 -23.51 2.63
N ILE J 225 21.98 -24.43 3.07
CA ILE J 225 20.82 -24.95 2.37
C ILE J 225 19.56 -24.75 3.21
N VAL J 226 18.52 -24.32 2.54
CA VAL J 226 17.21 -24.08 3.10
C VAL J 226 16.19 -25.05 2.45
N LEU J 227 15.61 -25.87 3.32
CA LEU J 227 14.59 -26.85 2.84
C LEU J 227 13.21 -26.31 3.25
N ARG J 228 12.18 -26.91 2.65
CA ARG J 228 10.81 -26.46 2.98
C ARG J 228 10.55 -26.42 4.49
N GLY J 229 9.87 -25.34 4.89
CA GLY J 229 9.48 -25.11 6.28
C GLY J 229 8.56 -26.24 6.74
N GLN J 230 8.88 -26.78 7.92
CA GLN J 230 8.09 -27.88 8.55
C GLN J 230 7.25 -27.30 9.67
N ARG J 231 5.97 -27.52 9.71
CA ARG J 231 5.10 -27.01 10.77
C ARG J 231 4.22 -28.16 11.28
N LYS J 232 3.57 -27.90 12.41
CA LYS J 232 2.66 -28.99 12.93
C LYS J 232 1.29 -28.70 12.28
N THR J 233 0.54 -29.77 12.11
CA THR J 233 -0.84 -29.60 11.54
C THR J 233 -1.62 -28.82 12.64
N HIS J 234 -2.72 -28.25 12.29
CA HIS J 234 -3.57 -27.49 13.25
C HIS J 234 -4.97 -27.37 12.62
N PHE J 235 -5.99 -27.50 13.44
CA PHE J 235 -7.40 -27.41 13.07
C PHE J 235 -7.75 -28.20 11.83
N GLU J 236 -7.11 -29.33 11.62
CA GLU J 236 -7.40 -30.16 10.44
C GLU J 236 -8.59 -31.09 10.66
N PRO K 1 33.84 -9.81 -18.51
CA PRO K 1 34.41 -10.56 -19.63
C PRO K 1 34.57 -9.56 -20.80
N ILE K 2 35.27 -9.98 -21.83
CA ILE K 2 35.43 -9.08 -23.01
C ILE K 2 34.17 -9.08 -23.89
N GLU K 3 33.64 -7.93 -24.24
CA GLU K 3 32.47 -7.86 -25.13
C GLU K 3 32.86 -7.14 -26.45
N LEU K 4 32.53 -7.76 -27.57
CA LEU K 4 32.82 -7.18 -28.92
C LEU K 4 31.68 -6.27 -29.38
N LEU K 5 31.80 -5.69 -30.60
CA LEU K 5 30.61 -4.87 -31.05
C LEU K 5 29.53 -5.98 -31.32
N PRO K 6 28.29 -5.65 -31.09
CA PRO K 6 27.20 -6.58 -31.34
C PRO K 6 26.88 -6.64 -32.86
N GLU K 7 26.63 -7.87 -33.27
CA GLU K 7 26.26 -8.12 -34.68
C GLU K 7 24.86 -7.48 -34.86
N THR K 8 24.71 -6.97 -36.08
CA THR K 8 23.40 -6.39 -36.49
C THR K 8 22.36 -7.51 -36.42
N PRO K 9 21.26 -7.24 -35.73
CA PRO K 9 20.17 -8.16 -35.59
C PRO K 9 19.46 -8.41 -36.95
N SER K 10 19.14 -9.70 -37.11
CA SER K 10 18.42 -10.22 -38.28
C SER K 10 16.95 -9.83 -38.22
N GLN K 11 16.31 -9.86 -39.37
CA GLN K 11 14.86 -9.53 -39.47
C GLN K 11 14.36 -10.42 -40.62
N THR K 12 13.09 -10.70 -40.63
CA THR K 12 12.47 -11.54 -41.67
C THR K 12 12.73 -10.88 -43.04
N ALA K 13 12.82 -11.77 -44.03
CA ALA K 13 13.01 -11.38 -45.45
C ALA K 13 11.73 -10.74 -45.97
N GLY K 14 10.63 -11.17 -45.39
CA GLY K 14 9.30 -10.63 -45.77
C GLY K 14 8.74 -11.43 -46.97
N PRO K 15 7.49 -11.16 -47.28
CA PRO K 15 6.78 -11.82 -48.38
C PRO K 15 7.31 -11.41 -49.77
N TYR K 16 7.87 -10.24 -49.85
CA TYR K 16 8.39 -9.64 -51.07
C TYR K 16 9.84 -9.82 -51.35
N VAL K 17 10.54 -10.73 -50.70
CA VAL K 17 11.96 -10.98 -50.90
C VAL K 17 12.37 -11.08 -52.36
N HIS K 18 11.49 -11.65 -53.16
CA HIS K 18 11.71 -11.88 -54.60
C HIS K 18 12.17 -10.67 -55.39
N ILE K 19 11.49 -9.55 -55.14
CA ILE K 19 11.80 -8.31 -55.83
C ILE K 19 13.28 -7.96 -55.69
N GLY K 20 13.87 -8.32 -54.54
CA GLY K 20 15.25 -8.06 -54.28
C GLY K 20 16.19 -9.16 -54.69
N LEU K 21 15.79 -10.40 -54.48
CA LEU K 21 16.64 -11.57 -54.74
C LEU K 21 16.18 -12.62 -55.71
N ALA K 22 15.03 -12.51 -56.29
CA ALA K 22 14.50 -13.50 -57.26
C ALA K 22 13.54 -12.75 -58.21
N LEU K 23 14.21 -11.79 -58.88
CA LEU K 23 13.58 -10.84 -59.80
C LEU K 23 12.55 -11.54 -60.68
N GLU K 24 12.95 -12.62 -61.33
CA GLU K 24 11.99 -13.36 -62.20
C GLU K 24 10.69 -13.66 -61.45
N ALA K 25 10.81 -14.33 -60.31
CA ALA K 25 9.68 -14.70 -59.44
C ALA K 25 8.84 -13.51 -59.05
N ALA K 26 9.46 -12.37 -58.75
CA ALA K 26 8.68 -11.16 -58.38
C ALA K 26 7.77 -10.75 -59.56
N GLY K 27 8.15 -11.28 -60.73
CA GLY K 27 7.45 -11.00 -62.00
C GLY K 27 7.96 -9.66 -62.55
N ASN K 28 9.24 -9.41 -62.31
CA ASN K 28 9.92 -8.20 -62.73
C ASN K 28 11.06 -8.50 -63.69
N PRO K 29 11.42 -7.46 -64.45
CA PRO K 29 12.55 -7.52 -65.39
C PRO K 29 13.82 -7.81 -64.62
N THR K 30 14.68 -8.63 -65.18
CA THR K 30 15.96 -9.00 -64.48
C THR K 30 17.08 -8.12 -65.01
N ARG K 31 18.24 -8.21 -64.37
CA ARG K 31 19.39 -7.39 -64.88
C ARG K 31 20.24 -8.31 -65.73
N ASP K 32 21.34 -7.81 -66.24
CA ASP K 32 22.26 -8.59 -67.11
C ASP K 32 22.70 -9.86 -66.38
N GLN K 33 23.19 -9.69 -65.15
CA GLN K 33 23.65 -10.87 -64.38
C GLN K 33 22.79 -11.04 -63.13
N GLU K 34 22.36 -12.27 -62.90
CA GLU K 34 21.54 -12.66 -61.77
C GLU K 34 22.07 -13.98 -61.18
N ILE K 35 22.04 -14.03 -59.85
CA ILE K 35 22.48 -15.26 -59.13
C ILE K 35 21.21 -16.11 -59.05
N TRP K 36 21.25 -17.25 -59.71
CA TRP K 36 20.06 -18.10 -59.75
C TRP K 36 20.34 -19.53 -59.46
N ASN K 37 19.47 -20.42 -59.90
CA ASN K 37 19.53 -21.84 -59.59
C ASN K 37 20.22 -22.83 -60.51
N ARG K 38 21.11 -22.39 -61.34
CA ARG K 38 21.86 -23.35 -62.25
C ARG K 38 23.31 -23.21 -61.87
N LEU K 39 23.80 -24.13 -61.04
CA LEU K 39 25.18 -24.06 -60.56
C LEU K 39 26.22 -24.58 -61.55
N ALA K 40 25.83 -25.58 -62.31
CA ALA K 40 26.76 -26.18 -63.30
C ALA K 40 26.24 -26.09 -64.74
N LYS K 41 27.21 -25.81 -65.58
CA LYS K 41 26.96 -25.78 -67.06
C LYS K 41 27.09 -27.26 -67.48
N PRO K 42 26.37 -27.59 -68.53
CA PRO K 42 26.34 -28.97 -69.05
C PRO K 42 27.72 -29.56 -69.15
N ASP K 43 28.70 -28.69 -69.37
CA ASP K 43 30.09 -29.19 -69.53
C ASP K 43 30.84 -29.20 -68.22
N ALA K 44 30.11 -29.18 -67.11
CA ALA K 44 30.85 -29.21 -65.81
C ALA K 44 31.14 -30.67 -65.47
N PRO K 45 32.34 -30.91 -65.00
CA PRO K 45 32.77 -32.25 -64.58
C PRO K 45 31.90 -32.66 -63.38
N GLY K 46 31.63 -33.94 -63.30
CA GLY K 46 30.86 -34.52 -62.19
C GLY K 46 29.51 -35.04 -62.64
N GLU K 47 28.80 -35.64 -61.68
CA GLU K 47 27.47 -36.19 -61.94
C GLU K 47 26.41 -35.11 -61.84
N HIS K 48 25.85 -34.73 -62.97
CA HIS K 48 24.80 -33.70 -63.02
C HIS K 48 23.53 -34.27 -62.40
N ILE K 49 22.89 -33.44 -61.60
CA ILE K 49 21.63 -33.90 -60.92
C ILE K 49 20.69 -32.68 -60.80
N LEU K 50 19.45 -33.05 -60.61
CA LEU K 50 18.34 -32.13 -60.43
C LEU K 50 17.86 -32.33 -58.96
N LEU K 51 17.76 -31.22 -58.28
CA LEU K 51 17.30 -31.22 -56.87
C LEU K 51 15.95 -30.44 -56.88
N LEU K 52 15.05 -31.01 -56.08
CA LEU K 52 13.73 -30.39 -55.94
C LEU K 52 13.12 -30.68 -54.56
N GLY K 53 12.17 -29.85 -54.19
CA GLY K 53 11.47 -30.04 -52.93
C GLY K 53 10.45 -28.95 -52.62
N GLN K 54 9.68 -29.28 -51.60
CA GLN K 54 8.64 -28.41 -51.01
C GLN K 54 9.05 -28.13 -49.54
N VAL K 55 8.40 -27.08 -49.04
CA VAL K 55 8.62 -26.63 -47.65
C VAL K 55 7.26 -26.58 -46.97
N TYR K 56 7.17 -27.16 -45.81
CA TYR K 56 5.94 -27.19 -45.00
C TYR K 56 6.11 -26.43 -43.68
N ASP K 57 5.01 -25.82 -43.29
CA ASP K 57 4.89 -25.09 -42.03
C ASP K 57 4.42 -26.15 -41.00
N GLY K 58 4.27 -25.71 -39.77
CA GLY K 58 3.84 -26.53 -38.66
C GLY K 58 2.45 -27.12 -38.85
N ASN K 59 1.64 -26.58 -39.73
CA ASN K 59 0.28 -27.07 -39.97
C ASN K 59 0.26 -28.09 -41.12
N GLY K 60 1.37 -28.23 -41.80
CA GLY K 60 1.47 -29.18 -42.92
C GLY K 60 1.10 -28.47 -44.23
N HIS K 61 0.99 -27.17 -44.18
CA HIS K 61 0.68 -26.33 -45.34
C HIS K 61 1.98 -25.87 -46.00
N LEU K 62 1.97 -25.80 -47.31
CA LEU K 62 3.11 -25.42 -48.14
C LEU K 62 3.46 -23.94 -47.89
N VAL K 63 4.75 -23.73 -47.89
CA VAL K 63 5.26 -22.32 -47.70
C VAL K 63 5.60 -21.92 -49.15
N ARG K 64 4.79 -21.05 -49.70
CA ARG K 64 4.93 -20.63 -51.08
C ARG K 64 5.78 -19.42 -51.35
N ASP K 65 6.32 -18.80 -50.32
CA ASP K 65 7.12 -17.60 -50.42
C ASP K 65 8.52 -17.82 -49.88
N SER K 66 8.95 -19.07 -49.86
CA SER K 66 10.29 -19.32 -49.31
C SER K 66 11.36 -19.02 -50.35
N PHE K 67 12.53 -18.72 -49.84
CA PHE K 67 13.74 -18.37 -50.57
C PHE K 67 14.91 -19.10 -49.89
N LEU K 68 15.69 -19.79 -50.71
CA LEU K 68 16.82 -20.60 -50.28
C LEU K 68 18.11 -20.19 -50.98
N GLU K 69 19.20 -20.39 -50.27
CA GLU K 69 20.57 -20.17 -50.72
C GLU K 69 21.34 -21.46 -50.45
N VAL K 70 22.18 -21.81 -51.43
CA VAL K 70 22.94 -23.08 -51.39
C VAL K 70 24.43 -22.84 -51.56
N TRP K 71 25.17 -23.69 -50.89
CA TRP K 71 26.64 -23.63 -50.89
C TRP K 71 27.13 -25.07 -50.85
N GLN K 72 27.90 -25.39 -51.90
CA GLN K 72 28.39 -26.78 -52.03
C GLN K 72 29.77 -26.80 -52.71
N ALA K 73 30.43 -27.91 -52.54
CA ALA K 73 31.72 -28.21 -53.13
C ALA K 73 31.41 -28.77 -54.57
N ASP K 74 32.45 -28.68 -55.38
CA ASP K 74 32.29 -29.24 -56.78
C ASP K 74 32.42 -30.76 -56.60
N ALA K 75 32.65 -31.37 -57.74
CA ALA K 75 32.83 -32.84 -57.84
C ALA K 75 34.09 -33.31 -57.16
N ASN K 76 35.13 -32.48 -57.16
CA ASN K 76 36.40 -32.85 -56.49
C ASN K 76 36.44 -32.49 -55.02
N GLY K 77 35.29 -32.17 -54.45
CA GLY K 77 35.17 -31.81 -53.04
C GLY K 77 35.86 -30.46 -52.86
N GLU K 78 35.67 -29.63 -53.88
CA GLU K 78 36.31 -28.29 -53.83
C GLU K 78 35.35 -27.13 -53.88
N TYR K 79 35.61 -26.15 -52.99
CA TYR K 79 34.76 -24.93 -52.93
C TYR K 79 35.28 -23.81 -53.82
N GLN K 80 34.42 -23.50 -54.78
CA GLN K 80 34.70 -22.45 -55.79
C GLN K 80 34.01 -21.15 -55.38
N ASP K 81 34.78 -20.35 -54.65
CA ASP K 81 34.25 -19.09 -54.14
C ASP K 81 34.23 -17.97 -55.13
N ALA K 82 35.11 -18.03 -56.14
CA ALA K 82 35.09 -16.88 -57.12
C ALA K 82 33.88 -17.05 -58.01
N TYR K 83 32.76 -16.43 -57.63
CA TYR K 83 31.51 -16.50 -58.41
C TYR K 83 31.63 -15.76 -59.74
N ASN K 84 31.22 -16.46 -60.78
CA ASN K 84 31.26 -15.87 -62.17
C ASN K 84 30.37 -16.72 -63.08
N LEU K 85 29.49 -16.04 -63.77
CA LEU K 85 28.55 -16.67 -64.69
C LEU K 85 29.24 -17.48 -65.80
N GLU K 86 30.47 -17.04 -66.12
CA GLU K 86 31.27 -17.70 -67.15
C GLU K 86 31.67 -19.09 -66.68
N ASN K 87 31.91 -19.23 -65.38
CA ASN K 87 32.31 -20.47 -64.75
C ASN K 87 31.44 -21.62 -65.25
N ALA K 88 32.08 -22.78 -65.32
CA ALA K 88 31.41 -24.02 -65.74
C ALA K 88 30.55 -24.50 -64.55
N PHE K 89 31.05 -24.14 -63.37
CA PHE K 89 30.40 -24.49 -62.10
C PHE K 89 30.70 -23.40 -61.04
N ASN K 90 29.65 -23.09 -60.30
CA ASN K 90 29.66 -22.11 -59.20
C ASN K 90 29.05 -22.89 -57.99
N SER K 91 29.77 -22.73 -56.90
CA SER K 91 29.51 -23.35 -55.59
C SER K 91 28.28 -22.77 -54.91
N PHE K 92 27.88 -21.58 -55.38
CA PHE K 92 26.73 -20.84 -54.81
C PHE K 92 25.57 -20.71 -55.79
N GLY K 93 24.35 -20.85 -55.25
CA GLY K 93 23.13 -20.70 -56.04
C GLY K 93 21.99 -20.15 -55.13
N ARG K 94 20.92 -19.79 -55.82
CA ARG K 94 19.71 -19.26 -55.15
C ARG K 94 18.50 -19.90 -55.85
N THR K 95 17.46 -20.11 -55.06
CA THR K 95 16.22 -20.72 -55.51
C THR K 95 15.06 -20.23 -54.68
N ALA K 96 13.87 -20.42 -55.16
CA ALA K 96 12.61 -20.04 -54.54
C ALA K 96 11.50 -21.02 -54.88
N THR K 97 10.48 -21.10 -54.02
CA THR K 97 9.32 -21.96 -54.23
C THR K 97 8.21 -21.19 -54.97
N THR K 98 7.62 -21.91 -55.93
CA THR K 98 6.54 -21.41 -56.76
C THR K 98 5.33 -20.95 -55.94
N PHE K 99 4.85 -19.76 -56.30
CA PHE K 99 3.67 -19.20 -55.61
C PHE K 99 2.48 -20.16 -55.89
N ASP K 100 2.65 -21.01 -56.87
CA ASP K 100 1.59 -22.00 -57.23
C ASP K 100 1.96 -23.32 -56.55
N ALA K 101 2.43 -24.24 -57.37
CA ALA K 101 2.87 -25.57 -56.91
C ALA K 101 3.67 -25.50 -55.60
N GLY K 102 4.54 -24.49 -55.52
CA GLY K 102 5.38 -24.29 -54.35
C GLY K 102 6.52 -25.27 -54.26
N GLU K 103 7.19 -25.49 -55.36
CA GLU K 103 8.36 -26.39 -55.44
C GLU K 103 9.53 -25.54 -55.91
N TRP K 104 10.70 -25.91 -55.42
CA TRP K 104 11.93 -25.22 -55.83
C TRP K 104 12.77 -26.30 -56.53
N THR K 105 13.67 -25.86 -57.34
CA THR K 105 14.60 -26.70 -58.11
C THR K 105 15.94 -25.98 -58.23
N LEU K 106 16.95 -26.81 -58.34
CA LEU K 106 18.33 -26.43 -58.50
C LEU K 106 18.95 -27.44 -59.52
N HIS K 107 19.78 -26.85 -60.33
CA HIS K 107 20.53 -27.63 -61.37
C HIS K 107 22.01 -27.60 -60.98
N THR K 108 22.57 -28.75 -60.69
CA THR K 108 24.00 -28.80 -60.27
C THR K 108 24.59 -30.20 -60.44
N VAL K 109 25.66 -30.43 -59.70
CA VAL K 109 26.35 -31.73 -59.68
C VAL K 109 26.57 -32.18 -58.22
N LYS K 110 26.62 -33.50 -58.06
CA LYS K 110 26.85 -34.14 -56.74
C LYS K 110 28.22 -33.72 -56.23
N PRO K 111 28.21 -33.07 -55.06
CA PRO K 111 29.46 -32.57 -54.47
C PRO K 111 30.33 -33.72 -54.01
N GLY K 112 31.62 -33.51 -54.07
CA GLY K 112 32.64 -34.50 -53.63
C GLY K 112 32.80 -34.27 -52.11
N VAL K 113 33.43 -35.19 -51.45
CA VAL K 113 33.67 -35.18 -50.01
C VAL K 113 34.67 -34.11 -49.57
N VAL K 114 34.42 -33.49 -48.43
CA VAL K 114 35.42 -32.51 -47.87
C VAL K 114 35.67 -33.00 -46.44
N ASN K 115 36.74 -32.62 -45.80
CA ASN K 115 36.98 -33.10 -44.40
C ASN K 115 36.65 -31.95 -43.43
N ASN K 116 36.41 -32.33 -42.19
CA ASN K 116 36.14 -31.32 -41.15
C ASN K 116 37.52 -30.76 -40.70
N ALA K 117 37.39 -29.93 -39.70
CA ALA K 117 38.53 -29.26 -39.08
C ALA K 117 39.49 -30.28 -38.49
N ALA K 118 39.01 -31.43 -38.09
CA ALA K 118 39.83 -32.48 -37.48
C ALA K 118 40.43 -33.43 -38.50
N GLY K 119 40.14 -33.19 -39.76
CA GLY K 119 40.60 -33.99 -40.88
C GLY K 119 39.75 -35.20 -41.21
N VAL K 120 38.63 -35.37 -40.55
CA VAL K 120 37.71 -36.49 -40.83
C VAL K 120 36.76 -36.03 -41.95
N PRO K 121 36.56 -36.90 -42.94
CA PRO K 121 35.71 -36.65 -44.08
C PRO K 121 34.21 -36.66 -43.70
N MET K 122 33.52 -35.75 -44.36
CA MET K 122 32.04 -35.64 -44.15
C MET K 122 31.44 -36.24 -45.43
N ALA K 123 30.22 -36.70 -45.29
CA ALA K 123 29.54 -37.28 -46.49
C ALA K 123 29.19 -36.10 -47.39
N PRO K 124 29.06 -36.40 -48.67
CA PRO K 124 28.68 -35.37 -49.65
C PRO K 124 27.41 -34.69 -49.11
N HIS K 125 27.51 -33.35 -49.07
CA HIS K 125 26.34 -32.57 -48.57
C HIS K 125 26.33 -31.19 -49.26
N ILE K 126 25.12 -30.64 -49.15
CA ILE K 126 24.82 -29.30 -49.68
C ILE K 126 24.29 -28.49 -48.46
N ASN K 127 24.92 -27.35 -48.29
CA ASN K 127 24.52 -26.45 -47.17
C ASN K 127 23.38 -25.55 -47.69
N ILE K 128 22.33 -25.51 -46.89
CA ILE K 128 21.17 -24.65 -47.21
C ILE K 128 20.78 -23.70 -46.09
N SER K 129 20.36 -22.52 -46.50
CA SER K 129 19.84 -21.44 -45.68
C SER K 129 18.41 -21.15 -46.20
N LEU K 130 17.45 -21.18 -45.28
CA LEU K 130 16.05 -20.90 -45.67
C LEU K 130 15.61 -19.58 -45.14
N PHE K 131 14.94 -18.78 -45.94
CA PHE K 131 14.41 -17.47 -45.64
C PHE K 131 12.93 -17.44 -46.03
N ALA K 132 12.18 -16.56 -45.35
CA ALA K 132 10.78 -16.33 -45.58
C ALA K 132 10.10 -15.54 -44.48
N ARG K 133 8.98 -15.05 -44.91
CA ARG K 133 7.98 -14.31 -44.07
C ARG K 133 7.69 -15.32 -42.89
N GLY K 134 7.81 -14.74 -41.68
CA GLY K 134 7.55 -15.55 -40.48
C GLY K 134 8.80 -16.20 -39.93
N ILE K 135 9.91 -16.03 -40.62
CA ILE K 135 11.20 -16.57 -40.19
C ILE K 135 12.06 -15.38 -39.83
N ASN K 136 12.23 -15.20 -38.51
CA ASN K 136 12.98 -14.04 -37.98
C ASN K 136 14.48 -14.04 -38.27
N ILE K 137 15.03 -15.23 -38.24
CA ILE K 137 16.45 -15.50 -38.49
C ILE K 137 16.48 -16.81 -39.25
N HIS K 138 17.20 -16.73 -40.37
CA HIS K 138 17.28 -17.83 -41.31
C HIS K 138 17.74 -19.11 -40.67
N LEU K 139 17.24 -20.22 -41.22
CA LEU K 139 17.47 -21.57 -40.85
C LEU K 139 18.51 -22.27 -41.75
N HIS K 140 19.48 -22.85 -41.11
CA HIS K 140 20.56 -23.64 -41.62
C HIS K 140 20.27 -25.15 -41.56
N THR K 141 20.43 -25.80 -42.67
CA THR K 141 20.27 -27.27 -42.79
C THR K 141 21.29 -27.80 -43.80
N ARG K 142 21.41 -29.10 -43.90
CA ARG K 142 22.36 -29.70 -44.88
C ARG K 142 21.58 -30.78 -45.64
N LEU K 143 21.87 -30.93 -46.90
CA LEU K 143 21.20 -31.99 -47.72
C LEU K 143 22.21 -33.13 -47.89
N TYR K 144 21.81 -34.34 -47.65
CA TYR K 144 22.53 -35.58 -47.80
C TYR K 144 21.74 -36.40 -48.86
N PHE K 145 22.43 -37.35 -49.41
CA PHE K 145 21.98 -38.26 -50.48
C PHE K 145 21.79 -39.67 -49.97
N ASP K 146 20.64 -40.26 -50.35
CA ASP K 146 20.32 -41.61 -49.92
C ASP K 146 21.22 -42.70 -50.46
N ASP K 147 21.88 -42.43 -51.57
CA ASP K 147 22.78 -43.43 -52.18
C ASP K 147 24.18 -43.33 -51.60
N GLU K 148 24.32 -42.59 -50.53
CA GLU K 148 25.67 -42.43 -49.92
C GLU K 148 25.67 -42.91 -48.50
N ALA K 149 24.84 -43.89 -48.27
CA ALA K 149 24.62 -44.57 -47.00
C ALA K 149 25.88 -44.86 -46.22
N GLN K 150 26.85 -45.49 -46.84
CA GLN K 150 28.11 -45.86 -46.16
C GLN K 150 28.82 -44.67 -45.61
N ALA K 151 28.88 -43.62 -46.40
CA ALA K 151 29.54 -42.37 -46.03
C ALA K 151 28.73 -41.64 -44.94
N ASN K 152 27.44 -41.62 -45.18
CA ASN K 152 26.46 -40.98 -44.29
C ASN K 152 26.58 -41.53 -42.87
N ALA K 153 26.78 -42.82 -42.78
CA ALA K 153 26.91 -43.56 -41.52
C ALA K 153 28.09 -43.09 -40.68
N LYS K 154 29.11 -42.65 -41.41
CA LYS K 154 30.36 -42.17 -40.85
C LYS K 154 30.46 -40.69 -40.62
N CYS K 155 29.57 -39.88 -41.17
CA CYS K 155 29.60 -38.43 -41.06
C CYS K 155 29.70 -37.93 -39.63
N PRO K 156 30.76 -37.18 -39.39
CA PRO K 156 31.02 -36.56 -38.08
C PRO K 156 29.93 -35.55 -37.76
N VAL K 157 29.38 -34.93 -38.80
CA VAL K 157 28.30 -33.94 -38.55
C VAL K 157 26.98 -34.62 -38.23
N LEU K 158 26.61 -35.56 -39.07
CA LEU K 158 25.37 -36.36 -38.97
C LEU K 158 25.37 -37.14 -37.65
N ASN K 159 26.56 -37.56 -37.26
CA ASN K 159 26.77 -38.31 -36.01
C ASN K 159 26.59 -37.47 -34.78
N LEU K 160 26.51 -36.15 -34.94
CA LEU K 160 26.31 -35.23 -33.82
C LEU K 160 24.85 -35.20 -33.42
N ILE K 161 23.98 -35.63 -34.34
CA ILE K 161 22.52 -35.61 -34.01
C ILE K 161 22.26 -36.80 -33.07
N GLU K 162 21.92 -36.42 -31.83
CA GLU K 162 21.65 -37.36 -30.76
C GLU K 162 20.76 -38.52 -31.16
N GLN K 163 19.60 -38.24 -31.72
CA GLN K 163 18.62 -39.24 -32.13
C GLN K 163 18.66 -39.62 -33.59
N PRO K 164 19.07 -40.86 -33.84
CA PRO K 164 19.19 -41.43 -35.19
C PRO K 164 18.00 -41.15 -36.08
N GLN K 165 16.82 -41.15 -35.50
CA GLN K 165 15.59 -40.87 -36.23
C GLN K 165 15.67 -39.52 -36.97
N ARG K 166 16.18 -38.51 -36.27
CA ARG K 166 16.24 -37.14 -36.82
C ARG K 166 17.20 -37.03 -37.97
N ARG K 167 18.19 -37.94 -37.97
CA ARG K 167 19.20 -37.91 -39.05
C ARG K 167 18.56 -38.14 -40.42
N GLU K 168 17.52 -38.96 -40.43
CA GLU K 168 16.83 -39.31 -41.67
C GLU K 168 16.18 -38.12 -42.33
N THR K 169 15.77 -37.14 -41.53
CA THR K 169 15.14 -35.93 -42.02
C THR K 169 16.09 -35.15 -42.95
N LEU K 170 17.37 -35.50 -42.88
CA LEU K 170 18.38 -34.85 -43.71
C LEU K 170 18.71 -35.57 -45.00
N ILE K 171 18.25 -36.79 -45.22
CA ILE K 171 18.57 -37.57 -46.41
C ILE K 171 17.62 -37.41 -47.58
N ALA K 172 18.11 -36.86 -48.66
CA ALA K 172 17.32 -36.66 -49.89
C ALA K 172 17.15 -38.02 -50.61
N LYS K 173 15.93 -38.22 -51.06
CA LYS K 173 15.45 -39.41 -51.75
C LYS K 173 15.66 -39.36 -53.26
N ARG K 174 16.57 -40.22 -53.68
CA ARG K 174 16.94 -40.36 -55.09
C ARG K 174 15.72 -40.82 -55.90
N CYS K 175 15.60 -40.21 -57.07
CA CYS K 175 14.54 -40.45 -58.04
C CYS K 175 15.06 -40.03 -59.42
N GLU K 176 14.14 -39.94 -60.37
CA GLU K 176 14.50 -39.54 -61.75
C GLU K 176 13.44 -38.62 -62.32
N VAL K 177 13.91 -37.61 -63.03
CA VAL K 177 12.99 -36.63 -63.65
C VAL K 177 13.35 -36.52 -65.15
N ASP K 178 12.38 -37.00 -65.93
CA ASP K 178 12.56 -36.98 -67.41
C ASP K 178 13.85 -37.79 -67.70
N GLY K 179 13.94 -38.93 -67.04
CA GLY K 179 15.11 -39.79 -67.23
C GLY K 179 16.41 -39.19 -66.74
N LYS K 180 16.33 -38.15 -65.89
CA LYS K 180 17.54 -37.56 -65.32
C LYS K 180 17.51 -37.89 -63.80
N THR K 181 18.70 -38.04 -63.26
CA THR K 181 18.83 -38.29 -61.82
C THR K 181 18.38 -36.99 -61.09
N ALA K 182 17.44 -37.22 -60.18
CA ALA K 182 16.85 -36.14 -59.36
C ALA K 182 16.87 -36.64 -57.92
N TYR K 183 16.74 -35.71 -57.00
CA TYR K 183 16.72 -36.02 -55.55
C TYR K 183 15.69 -35.06 -54.93
N ARG K 184 14.84 -35.66 -54.12
CA ARG K 184 13.78 -34.87 -53.44
C ARG K 184 14.12 -34.59 -51.97
N PHE K 185 14.05 -33.28 -51.67
CA PHE K 185 14.34 -32.80 -50.31
C PHE K 185 13.24 -31.84 -49.81
N ASP K 186 12.36 -32.40 -49.01
CA ASP K 186 11.25 -31.68 -48.38
C ASP K 186 11.76 -31.16 -47.03
N ILE K 187 11.35 -29.95 -46.74
CA ILE K 187 11.74 -29.30 -45.50
C ILE K 187 10.48 -29.09 -44.65
N ARG K 188 10.52 -29.68 -43.48
CA ARG K 188 9.41 -29.54 -42.49
C ARG K 188 9.99 -28.63 -41.40
N ILE K 189 9.46 -27.40 -41.35
CA ILE K 189 9.90 -26.38 -40.40
C ILE K 189 9.52 -26.74 -38.95
N GLN K 190 8.33 -27.29 -38.85
CA GLN K 190 7.82 -27.64 -37.48
C GLN K 190 6.95 -28.84 -37.44
N GLY K 191 6.93 -29.47 -36.24
CA GLY K 191 6.08 -30.61 -35.98
C GLY K 191 6.57 -31.94 -36.44
N GLU K 192 5.61 -32.77 -36.87
CA GLU K 192 5.95 -34.15 -37.30
C GLU K 192 7.00 -34.11 -38.38
N GLY K 193 8.05 -34.87 -38.16
CA GLY K 193 9.20 -35.02 -39.03
C GLY K 193 10.01 -33.72 -39.17
N GLU K 194 9.92 -32.83 -38.18
CA GLU K 194 10.67 -31.57 -38.25
C GLU K 194 12.12 -31.84 -38.69
N THR K 195 12.53 -31.01 -39.65
CA THR K 195 13.88 -31.14 -40.16
C THR K 195 14.89 -30.57 -39.14
N VAL K 196 16.01 -31.25 -39.02
CA VAL K 196 17.09 -30.78 -38.15
C VAL K 196 17.64 -29.47 -38.75
N PHE K 197 17.78 -28.50 -37.85
CA PHE K 197 18.39 -27.20 -38.24
C PHE K 197 19.62 -27.07 -37.29
N PHE K 198 20.65 -26.41 -37.79
CA PHE K 198 21.92 -26.20 -37.17
C PHE K 198 22.21 -24.77 -36.73
N ASP K 199 23.17 -24.78 -35.78
CA ASP K 199 23.76 -23.56 -35.21
C ASP K 199 25.28 -23.72 -35.36
N PHE K 200 25.90 -22.67 -35.83
CA PHE K 200 27.37 -22.67 -36.02
C PHE K 200 27.88 -21.24 -36.10
N PRO L 1 40.74 -22.82 -54.79
CA PRO L 1 39.40 -22.86 -54.12
C PRO L 1 39.53 -22.20 -52.76
N ALA L 2 38.41 -22.14 -52.05
CA ALA L 2 38.43 -21.51 -50.69
C ALA L 2 39.13 -22.47 -49.71
N GLN L 3 39.54 -21.89 -48.58
CA GLN L 3 40.23 -22.67 -47.53
C GLN L 3 39.77 -22.28 -46.12
N ASP L 4 39.84 -23.27 -45.25
CA ASP L 4 39.45 -23.13 -43.86
C ASP L 4 40.56 -22.50 -43.01
N ASN L 5 40.54 -21.18 -42.91
CA ASN L 5 41.58 -20.54 -42.07
C ASN L 5 40.96 -19.63 -41.02
N SER L 6 39.67 -19.46 -41.12
CA SER L 6 38.94 -18.57 -40.19
C SER L 6 37.95 -19.31 -39.31
N ARG L 7 37.63 -18.57 -38.23
CA ARG L 7 36.63 -19.04 -37.25
C ARG L 7 35.77 -17.78 -37.05
N PHE L 8 34.51 -17.98 -36.69
CA PHE L 8 33.62 -16.79 -36.52
C PHE L 8 32.99 -16.88 -35.14
N VAL L 9 32.93 -15.72 -34.51
CA VAL L 9 32.35 -15.60 -33.17
C VAL L 9 30.94 -16.19 -33.20
N ILE L 10 30.66 -17.07 -32.28
CA ILE L 10 29.32 -17.66 -32.13
C ILE L 10 28.28 -16.53 -32.01
N ARG L 11 27.17 -16.76 -32.74
CA ARG L 11 26.08 -15.74 -32.75
C ARG L 11 25.41 -15.76 -31.35
N ASP L 12 24.98 -14.62 -30.93
CA ASP L 12 24.26 -14.43 -29.66
C ASP L 12 22.77 -14.46 -30.13
N ARG L 13 22.15 -15.59 -29.85
CA ARG L 13 20.76 -15.85 -30.20
C ARG L 13 19.71 -15.28 -29.27
N ASN L 14 20.19 -14.45 -28.31
CA ASN L 14 19.29 -13.74 -27.37
C ASN L 14 19.28 -12.26 -27.85
N TRP L 15 20.28 -11.92 -28.64
CA TRP L 15 20.44 -10.57 -29.20
C TRP L 15 19.51 -10.45 -30.42
N HIS L 16 19.65 -11.46 -31.28
CA HIS L 16 18.80 -11.60 -32.49
C HIS L 16 17.39 -12.01 -31.92
N PRO L 17 16.40 -11.80 -32.74
CA PRO L 17 15.00 -12.17 -32.40
C PRO L 17 14.95 -13.70 -32.40
N LYS L 18 14.07 -14.18 -31.52
CA LYS L 18 13.88 -15.64 -31.42
C LYS L 18 12.93 -16.01 -32.57
N ALA L 19 12.88 -17.31 -32.73
CA ALA L 19 12.04 -17.96 -33.75
C ALA L 19 10.57 -17.74 -33.44
N LEU L 20 10.17 -18.02 -32.16
CA LEU L 20 8.72 -17.87 -31.85
C LEU L 20 8.45 -16.55 -31.16
N THR L 21 7.79 -15.68 -31.89
CA THR L 21 7.41 -14.34 -31.39
C THR L 21 5.95 -14.11 -31.79
N PRO L 22 5.09 -14.68 -30.94
CA PRO L 22 3.65 -14.69 -31.15
C PRO L 22 2.96 -13.50 -31.72
N ASP L 23 3.32 -12.28 -31.41
CA ASP L 23 2.65 -11.09 -31.93
C ASP L 23 2.85 -10.94 -33.46
N TYR L 24 3.90 -11.58 -33.92
CA TYR L 24 4.19 -11.61 -35.39
C TYR L 24 3.63 -12.98 -35.79
N LYS L 25 2.37 -12.96 -36.11
CA LYS L 25 1.53 -14.12 -36.39
C LYS L 25 2.09 -15.28 -37.16
N THR L 26 2.73 -15.01 -38.26
CA THR L 26 3.33 -16.06 -39.13
C THR L 26 4.46 -16.82 -38.48
N SER L 27 5.19 -16.22 -37.54
CA SER L 27 6.26 -16.97 -36.87
C SER L 27 5.63 -18.20 -36.12
N ILE L 28 4.36 -18.13 -35.76
CA ILE L 28 3.75 -19.27 -35.01
C ILE L 28 3.93 -20.63 -35.65
N ALA L 29 3.49 -20.76 -36.90
CA ALA L 29 3.58 -21.99 -37.67
C ALA L 29 4.91 -22.12 -38.40
N ARG L 30 5.74 -21.11 -38.35
CA ARG L 30 7.04 -21.17 -39.06
C ARG L 30 8.31 -21.07 -38.26
N SER L 31 8.28 -21.68 -37.09
CA SER L 31 9.47 -21.67 -36.18
C SER L 31 9.60 -23.10 -35.69
N PRO L 32 10.80 -23.63 -35.67
CA PRO L 32 11.01 -25.03 -35.24
C PRO L 32 10.61 -25.16 -33.77
N ARG L 33 10.28 -26.37 -33.35
CA ARG L 33 9.91 -26.67 -31.96
C ARG L 33 11.08 -27.40 -31.34
N GLN L 34 11.92 -28.02 -32.14
CA GLN L 34 13.11 -28.71 -31.56
C GLN L 34 14.25 -27.69 -31.44
N ALA L 35 15.24 -28.01 -30.60
CA ALA L 35 16.38 -27.07 -30.45
C ALA L 35 17.28 -27.23 -31.71
N LEU L 36 17.97 -26.16 -32.02
CA LEU L 36 18.94 -26.18 -33.13
C LEU L 36 20.04 -27.15 -32.64
N VAL L 37 20.70 -27.80 -33.55
CA VAL L 37 21.81 -28.68 -33.27
C VAL L 37 23.10 -27.84 -33.54
N SER L 38 23.89 -27.66 -32.47
CA SER L 38 25.15 -26.92 -32.60
C SER L 38 26.21 -27.80 -33.27
N ILE L 39 26.96 -27.22 -34.22
CA ILE L 39 28.03 -28.03 -34.88
C ILE L 39 29.29 -27.16 -34.96
N PRO L 40 30.43 -27.86 -34.92
CA PRO L 40 31.74 -27.16 -35.01
C PRO L 40 31.83 -26.52 -36.40
N GLN L 41 32.63 -25.48 -36.50
CA GLN L 41 32.81 -24.79 -37.84
C GLN L 41 33.76 -25.65 -38.66
N SER L 42 33.45 -25.78 -39.93
CA SER L 42 34.30 -26.57 -40.87
C SER L 42 34.40 -25.70 -42.12
N ILE L 43 35.05 -26.17 -43.13
CA ILE L 43 35.21 -25.39 -44.41
C ILE L 43 33.86 -25.10 -45.06
N SER L 44 32.94 -26.02 -44.86
CA SER L 44 31.58 -25.87 -45.38
C SER L 44 30.95 -24.57 -44.89
N GLU L 45 31.19 -24.24 -43.62
CA GLU L 45 30.62 -23.04 -42.99
C GLU L 45 31.50 -21.82 -42.96
N THR L 46 32.80 -21.99 -43.03
CA THR L 46 33.73 -20.87 -42.91
C THR L 46 34.08 -20.25 -44.24
N THR L 47 33.55 -20.73 -45.32
CA THR L 47 33.81 -20.16 -46.65
C THR L 47 32.44 -19.71 -47.19
N GLY L 48 32.47 -18.94 -48.22
CA GLY L 48 31.32 -18.41 -48.92
C GLY L 48 31.80 -17.75 -50.22
N PRO L 49 30.82 -17.38 -51.04
CA PRO L 49 31.06 -16.74 -52.33
C PRO L 49 31.61 -15.32 -52.20
N ASN L 50 32.42 -15.00 -53.22
CA ASN L 50 33.02 -13.67 -53.39
C ASN L 50 32.43 -13.22 -54.77
N PHE L 51 31.74 -12.12 -54.73
CA PHE L 51 31.05 -11.61 -55.94
C PHE L 51 31.85 -10.50 -56.61
N SER L 52 33.15 -10.52 -56.36
CA SER L 52 34.07 -9.53 -56.94
C SER L 52 33.91 -9.47 -58.47
N HIS L 53 33.71 -10.62 -59.07
CA HIS L 53 33.56 -10.66 -60.53
C HIS L 53 32.15 -10.61 -61.06
N LEU L 54 31.18 -10.28 -60.20
CA LEU L 54 29.80 -10.21 -60.76
C LEU L 54 29.78 -8.99 -61.71
N GLY L 55 29.03 -9.16 -62.79
CA GLY L 55 28.96 -8.04 -63.76
C GLY L 55 27.86 -7.05 -63.37
N PHE L 56 28.23 -6.04 -62.62
CA PHE L 56 27.29 -5.02 -62.16
C PHE L 56 27.03 -3.91 -63.16
N GLY L 57 25.75 -3.58 -63.30
CA GLY L 57 25.29 -2.51 -64.18
C GLY L 57 25.67 -1.17 -63.52
N ALA L 58 25.81 -0.17 -64.35
CA ALA L 58 26.20 1.18 -63.97
C ALA L 58 25.21 1.82 -62.95
N HIS L 59 23.95 1.51 -63.12
CA HIS L 59 22.97 2.11 -62.16
C HIS L 59 22.41 1.14 -61.15
N ASP L 60 23.09 0.03 -60.94
CA ASP L 60 22.67 -1.04 -60.02
C ASP L 60 22.29 -0.54 -58.64
N HIS L 61 22.98 0.45 -58.13
CA HIS L 61 22.77 1.02 -56.82
C HIS L 61 22.01 2.33 -56.84
N ASP L 62 21.46 2.69 -57.98
CA ASP L 62 20.73 3.98 -58.13
C ASP L 62 19.30 3.77 -58.58
N LEU L 63 18.45 3.61 -57.56
CA LEU L 63 17.02 3.39 -57.72
C LEU L 63 16.32 4.56 -58.38
N LEU L 64 17.04 5.66 -58.47
CA LEU L 64 16.47 6.84 -59.15
C LEU L 64 16.52 6.70 -60.67
N LEU L 65 17.36 5.82 -61.20
CA LEU L 65 17.52 5.63 -62.64
C LEU L 65 17.49 4.19 -63.11
N ASN L 66 17.54 3.22 -62.21
CA ASN L 66 17.63 1.84 -62.62
C ASN L 66 16.40 1.17 -63.09
N PHE L 67 15.25 1.80 -63.11
CA PHE L 67 14.02 1.09 -63.50
C PHE L 67 13.56 1.56 -64.89
N GLY L 71 11.11 8.78 -66.54
CA GLY L 71 11.17 9.96 -65.67
C GLY L 71 11.71 9.60 -64.27
N LEU L 72 11.56 10.59 -63.40
CA LEU L 72 11.98 10.48 -62.02
C LEU L 72 10.85 9.98 -61.10
N PRO L 73 11.23 9.09 -60.22
CA PRO L 73 10.26 8.60 -59.19
C PRO L 73 9.80 9.83 -58.37
N ILE L 74 8.58 9.75 -57.89
CA ILE L 74 8.02 10.79 -57.00
C ILE L 74 8.39 10.40 -55.55
N GLY L 75 8.83 11.31 -54.71
CA GLY L 75 9.19 10.93 -53.32
C GLY L 75 10.46 11.62 -52.86
N GLU L 76 10.72 11.49 -51.56
CA GLU L 76 11.87 12.08 -50.90
C GLU L 76 13.16 11.43 -51.37
N ARG L 77 13.93 12.27 -52.02
CA ARG L 77 15.24 11.81 -52.57
C ARG L 77 16.26 11.71 -51.44
N ILE L 78 16.96 10.59 -51.38
CA ILE L 78 17.94 10.38 -50.32
C ILE L 78 19.04 9.40 -50.70
N ILE L 79 20.13 9.56 -49.97
CA ILE L 79 21.26 8.66 -50.07
C ILE L 79 21.25 7.76 -48.80
N VAL L 80 21.48 6.49 -49.03
CA VAL L 80 21.60 5.50 -47.96
C VAL L 80 23.05 4.95 -48.06
N ALA L 81 23.85 5.39 -47.10
CA ALA L 81 25.27 4.93 -47.14
C ALA L 81 25.69 4.51 -45.74
N GLY L 82 26.78 3.78 -45.69
CA GLY L 82 27.34 3.30 -44.44
C GLY L 82 28.47 2.34 -44.71
N ARG L 83 28.89 1.71 -43.63
CA ARG L 83 30.03 0.77 -43.75
C ARG L 83 29.66 -0.59 -43.18
N VAL L 84 30.34 -1.61 -43.70
CA VAL L 84 30.20 -2.96 -43.22
C VAL L 84 31.53 -3.32 -42.51
N VAL L 85 31.41 -3.59 -41.24
CA VAL L 85 32.55 -4.02 -40.39
C VAL L 85 32.17 -5.35 -39.68
N ASP L 86 33.14 -5.98 -39.09
CA ASP L 86 32.91 -7.23 -38.33
C ASP L 86 32.89 -6.81 -36.85
N GLN L 87 32.74 -7.80 -35.97
CA GLN L 87 32.64 -7.48 -34.52
C GLN L 87 33.92 -6.86 -33.97
N TYR L 88 35.05 -7.18 -34.60
CA TYR L 88 36.35 -6.65 -34.20
C TYR L 88 36.54 -5.21 -34.67
N GLY L 89 35.64 -4.74 -35.53
CA GLY L 89 35.75 -3.38 -36.08
C GLY L 89 36.50 -3.33 -37.41
N LYS L 90 36.78 -4.46 -37.99
CA LYS L 90 37.51 -4.54 -39.31
C LYS L 90 36.52 -4.41 -40.43
N PRO L 91 36.93 -3.63 -41.47
CA PRO L 91 36.06 -3.41 -42.63
C PRO L 91 35.95 -4.73 -43.38
N VAL L 92 34.86 -4.85 -44.10
CA VAL L 92 34.57 -6.01 -44.97
C VAL L 92 34.48 -5.46 -46.40
N PRO L 93 35.60 -5.55 -47.09
CA PRO L 93 35.71 -5.06 -48.48
C PRO L 93 35.17 -6.11 -49.45
N ASN L 94 34.76 -5.59 -50.59
CA ASN L 94 34.21 -6.33 -51.70
C ASN L 94 33.12 -7.31 -51.32
N THR L 95 32.17 -6.85 -50.53
CA THR L 95 31.06 -7.75 -50.08
C THR L 95 29.81 -7.23 -50.79
N LEU L 96 28.88 -8.15 -50.99
CA LEU L 96 27.62 -7.88 -51.67
C LEU L 96 26.53 -7.43 -50.70
N VAL L 97 25.96 -6.30 -51.04
CA VAL L 97 24.85 -5.70 -50.27
C VAL L 97 23.69 -5.49 -51.27
N GLU L 98 22.57 -6.09 -50.98
CA GLU L 98 21.37 -5.96 -51.79
C GLU L 98 20.27 -5.34 -50.95
N MET L 99 19.39 -4.59 -51.59
CA MET L 99 18.26 -3.93 -50.88
C MET L 99 17.03 -3.94 -51.79
N TRP L 100 15.86 -3.85 -51.21
CA TRP L 100 14.54 -3.80 -51.89
C TRP L 100 13.65 -2.99 -50.92
N GLN L 101 12.62 -2.37 -51.41
CA GLN L 101 11.71 -1.53 -50.62
C GLN L 101 10.47 -1.23 -51.46
N ALA L 102 9.51 -0.57 -50.87
CA ALA L 102 8.27 -0.14 -51.52
C ALA L 102 8.49 1.30 -51.96
N ASN L 103 7.58 1.86 -52.70
CA ASN L 103 7.72 3.26 -53.18
C ASN L 103 7.28 4.19 -52.03
N ALA L 104 7.20 5.45 -52.41
CA ALA L 104 6.84 6.56 -51.54
C ALA L 104 5.53 6.41 -50.82
N GLY L 105 4.59 5.68 -51.37
CA GLY L 105 3.28 5.41 -50.91
C GLY L 105 3.12 4.09 -50.17
N GLY L 106 4.21 3.34 -50.07
CA GLY L 106 4.15 2.05 -49.38
C GLY L 106 3.71 0.90 -50.29
N ARG L 107 3.80 1.11 -51.60
CA ARG L 107 3.44 0.04 -52.56
C ARG L 107 4.65 -0.70 -53.08
N TYR L 108 4.61 -2.04 -53.03
CA TYR L 108 5.71 -2.86 -53.55
C TYR L 108 5.43 -3.28 -55.01
N ARG L 109 6.51 -3.39 -55.78
CA ARG L 109 6.37 -3.82 -57.20
C ARG L 109 6.52 -5.33 -57.23
N HIS L 110 5.47 -5.94 -56.69
CA HIS L 110 5.33 -7.40 -56.55
C HIS L 110 3.88 -7.76 -56.83
N LYS L 111 3.69 -8.85 -57.52
CA LYS L 111 2.41 -9.42 -57.92
C LYS L 111 1.39 -9.50 -56.76
N ASN L 112 1.89 -10.06 -55.67
CA ASN L 112 1.18 -10.33 -54.44
C ASN L 112 0.81 -9.11 -53.63
N ASP L 113 1.24 -7.93 -54.03
CA ASP L 113 0.94 -6.71 -53.29
C ASP L 113 -0.30 -6.02 -53.86
N ARG L 114 -1.36 -6.13 -53.07
CA ARG L 114 -2.67 -5.61 -53.39
C ARG L 114 -3.04 -4.34 -52.64
N TYR L 115 -2.06 -3.68 -52.08
CA TYR L 115 -2.34 -2.43 -51.34
C TYR L 115 -2.80 -1.42 -52.37
N LEU L 116 -3.76 -0.60 -52.02
CA LEU L 116 -4.36 0.40 -52.89
C LEU L 116 -3.49 1.60 -53.24
N ALA L 117 -2.37 1.82 -52.58
CA ALA L 117 -1.52 3.00 -52.99
C ALA L 117 -0.96 2.57 -54.35
N PRO L 118 -0.94 3.50 -55.28
CA PRO L 118 -0.48 3.22 -56.65
C PRO L 118 1.01 2.97 -56.80
N LEU L 119 1.30 2.18 -57.83
CA LEU L 119 2.68 1.89 -58.29
C LEU L 119 3.21 3.20 -58.92
N ASP L 120 4.51 3.33 -58.91
CA ASP L 120 5.14 4.57 -59.52
C ASP L 120 5.86 4.04 -60.78
N PRO L 121 5.45 4.58 -61.92
CA PRO L 121 5.99 4.16 -63.22
C PRO L 121 7.49 4.27 -63.35
N ASN L 122 8.12 5.18 -62.60
CA ASN L 122 9.56 5.36 -62.66
C ASN L 122 10.30 4.66 -61.54
N PHE L 123 9.60 3.77 -60.84
CA PHE L 123 10.25 3.13 -59.67
C PHE L 123 10.08 1.64 -59.62
N GLY L 124 11.23 1.00 -59.39
CA GLY L 124 11.38 -0.43 -59.30
C GLY L 124 11.47 -0.89 -57.83
N GLY L 125 12.49 -0.48 -57.12
CA GLY L 125 12.73 -0.78 -55.75
C GLY L 125 13.79 -1.80 -55.40
N VAL L 126 14.75 -2.06 -56.22
CA VAL L 126 15.86 -2.99 -56.04
C VAL L 126 17.20 -2.31 -56.37
N GLY L 127 18.17 -2.66 -55.54
CA GLY L 127 19.53 -2.21 -55.66
C GLY L 127 20.54 -3.23 -55.16
N ARG L 128 21.77 -3.06 -55.63
CA ARG L 128 22.90 -3.94 -55.22
C ARG L 128 24.16 -3.09 -55.29
N CYS L 129 25.12 -3.42 -54.49
CA CYS L 129 26.38 -2.62 -54.44
C CYS L 129 27.43 -3.50 -53.79
N LEU L 130 28.64 -3.40 -54.32
CA LEU L 130 29.76 -4.20 -53.71
C LEU L 130 30.53 -3.23 -52.82
N THR L 131 30.82 -3.62 -51.60
CA THR L 131 31.54 -2.63 -50.73
C THR L 131 32.93 -2.39 -51.37
N ASP L 132 33.42 -1.21 -51.03
CA ASP L 132 34.76 -0.81 -51.54
C ASP L 132 35.80 -1.36 -50.59
N SER L 133 37.02 -0.94 -50.88
CA SER L 133 38.18 -1.38 -50.08
C SER L 133 38.02 -1.06 -48.62
N ASP L 134 37.24 -0.04 -48.28
CA ASP L 134 37.03 0.37 -46.89
C ASP L 134 35.76 -0.13 -46.20
N GLY L 135 35.03 -0.96 -46.93
CA GLY L 135 33.80 -1.56 -46.49
C GLY L 135 32.59 -0.65 -46.65
N TYR L 136 32.71 0.38 -47.45
CA TYR L 136 31.66 1.36 -47.70
C TYR L 136 30.75 1.04 -48.86
N TYR L 137 29.48 1.37 -48.67
CA TYR L 137 28.45 1.16 -49.71
C TYR L 137 27.58 2.43 -49.73
N SER L 138 26.79 2.49 -50.80
CA SER L 138 25.86 3.60 -50.95
C SER L 138 24.82 3.29 -52.01
N PHE L 139 23.65 3.85 -51.78
CA PHE L 139 22.49 3.67 -52.67
C PHE L 139 21.86 5.07 -52.81
N ARG L 140 21.12 5.22 -53.86
CA ARG L 140 20.41 6.49 -54.10
C ARG L 140 18.97 5.99 -54.34
N THR L 141 18.07 6.59 -53.55
CA THR L 141 16.66 6.11 -53.68
C THR L 141 15.76 7.20 -53.14
N ILE L 142 14.52 6.76 -52.98
CA ILE L 142 13.49 7.64 -52.39
C ILE L 142 13.04 6.92 -51.07
N LYS L 143 12.70 7.71 -50.09
CA LYS L 143 12.25 7.14 -48.80
C LYS L 143 10.90 6.44 -48.99
N PRO L 144 10.84 5.17 -48.58
CA PRO L 144 9.60 4.40 -48.71
C PRO L 144 8.59 4.88 -47.70
N GLY L 145 7.32 4.56 -47.89
CA GLY L 145 6.21 4.87 -47.03
C GLY L 145 5.85 3.58 -46.23
N PRO L 146 5.22 3.84 -45.08
CA PRO L 146 4.75 2.76 -44.19
C PRO L 146 3.70 1.94 -44.97
N TYR L 147 3.54 0.72 -44.60
CA TYR L 147 2.62 -0.25 -45.24
C TYR L 147 1.80 -1.04 -44.21
N PRO L 148 0.51 -1.06 -44.44
CA PRO L 148 -0.46 -1.81 -43.62
C PRO L 148 -0.34 -3.28 -44.08
N TRP L 149 -0.50 -4.18 -43.12
CA TRP L 149 -0.40 -5.61 -43.37
C TRP L 149 -1.35 -6.36 -42.44
N ARG L 150 -1.68 -7.56 -42.88
CA ARG L 150 -2.66 -8.37 -42.10
C ARG L 150 -2.03 -9.14 -40.97
N ASN L 151 -1.78 -8.50 -39.88
CA ASN L 151 -1.19 -9.11 -38.66
C ASN L 151 -2.35 -8.90 -37.65
N GLY L 152 -2.25 -7.84 -36.90
CA GLY L 152 -3.41 -7.46 -35.99
C GLY L 152 -4.32 -6.66 -36.99
N PRO L 153 -5.47 -6.23 -36.52
CA PRO L 153 -6.44 -5.48 -37.32
C PRO L 153 -5.98 -4.11 -37.79
N ASN L 154 -4.96 -3.52 -37.16
CA ASN L 154 -4.54 -2.16 -37.62
C ASN L 154 -3.04 -2.05 -37.44
N ASP L 155 -2.29 -2.94 -37.99
CA ASP L 155 -0.83 -3.01 -37.95
C ASP L 155 -0.28 -2.30 -39.21
N TRP L 156 0.73 -1.46 -38.98
CA TRP L 156 1.42 -0.71 -40.03
C TRP L 156 2.91 -0.87 -39.85
N ARG L 157 3.54 -1.36 -40.90
CA ARG L 157 5.03 -1.53 -40.84
C ARG L 157 5.55 -0.08 -40.93
N PRO L 158 6.56 0.20 -40.10
CA PRO L 158 7.22 1.51 -40.18
C PRO L 158 7.97 1.51 -41.57
N ALA L 159 8.23 2.74 -42.03
CA ALA L 159 9.00 2.87 -43.32
C ALA L 159 10.32 2.12 -43.13
N HIS L 160 10.66 1.26 -44.08
CA HIS L 160 11.93 0.47 -43.96
C HIS L 160 12.43 0.02 -45.33
N ILE L 161 13.67 -0.37 -45.40
CA ILE L 161 14.34 -0.91 -46.56
C ILE L 161 14.95 -2.28 -46.13
N HIS L 162 14.60 -3.28 -46.88
CA HIS L 162 15.13 -4.64 -46.67
C HIS L 162 16.57 -4.74 -47.18
N PHE L 163 17.42 -5.36 -46.38
CA PHE L 163 18.86 -5.54 -46.69
C PHE L 163 19.31 -6.99 -46.59
N GLY L 164 20.26 -7.34 -47.42
CA GLY L 164 20.88 -8.66 -47.53
C GLY L 164 22.41 -8.40 -47.65
N ILE L 165 23.19 -9.00 -46.79
CA ILE L 165 24.66 -8.82 -46.79
C ILE L 165 25.36 -10.18 -46.80
N SER L 166 26.30 -10.38 -47.73
CA SER L 166 26.95 -11.71 -47.80
C SER L 166 28.01 -11.97 -46.76
N GLY L 167 28.96 -11.07 -46.68
CA GLY L 167 30.12 -11.16 -45.81
C GLY L 167 31.09 -12.20 -46.42
N PRO L 168 32.10 -12.57 -45.62
CA PRO L 168 33.12 -13.51 -46.04
C PRO L 168 32.78 -14.98 -46.05
N SER L 169 31.62 -15.34 -45.50
CA SER L 169 31.26 -16.77 -45.41
C SER L 169 29.73 -16.88 -45.26
N ILE L 170 29.32 -18.14 -45.38
CA ILE L 170 27.86 -18.40 -45.26
C ILE L 170 27.46 -18.21 -43.77
N ALA L 171 28.47 -18.27 -42.92
CA ALA L 171 28.30 -18.13 -41.45
C ALA L 171 27.93 -16.67 -41.10
N THR L 172 28.40 -15.76 -41.93
CA THR L 172 28.14 -14.35 -41.79
C THR L 172 26.96 -13.82 -42.57
N LYS L 173 26.47 -14.49 -43.59
CA LYS L 173 25.30 -13.96 -44.38
C LYS L 173 24.17 -13.55 -43.41
N LEU L 174 23.60 -12.39 -43.73
CA LEU L 174 22.51 -11.85 -42.91
C LEU L 174 21.48 -11.12 -43.72
N ILE L 175 20.22 -11.22 -43.25
CA ILE L 175 19.12 -10.43 -43.84
C ILE L 175 18.56 -9.59 -42.66
N THR L 176 18.26 -8.33 -42.91
CA THR L 176 17.73 -7.45 -41.87
C THR L 176 16.94 -6.33 -42.54
N GLN L 177 16.54 -5.35 -41.75
CA GLN L 177 15.79 -4.18 -42.23
C GLN L 177 16.38 -2.93 -41.56
N LEU L 178 16.28 -1.84 -42.27
CA LEU L 178 16.72 -0.52 -41.88
C LEU L 178 15.43 0.28 -41.60
N TYR L 179 15.42 1.01 -40.50
CA TYR L 179 14.28 1.87 -40.13
C TYR L 179 14.79 3.29 -40.13
N PHE L 180 13.94 4.27 -40.07
CA PHE L 180 14.30 5.68 -40.15
C PHE L 180 14.11 6.37 -38.81
N GLU L 181 15.16 7.04 -38.41
CA GLU L 181 15.25 7.77 -37.16
C GLU L 181 14.01 8.62 -36.90
N GLY L 182 13.43 8.36 -35.70
CA GLY L 182 12.28 9.10 -35.20
C GLY L 182 10.94 8.61 -35.71
N ASP L 183 10.89 7.70 -36.60
CA ASP L 183 9.56 7.19 -37.10
C ASP L 183 8.77 6.61 -35.90
N PRO L 184 7.61 7.22 -35.61
CA PRO L 184 6.77 6.80 -34.48
C PRO L 184 6.15 5.43 -34.53
N LEU L 185 6.17 4.76 -35.70
CA LEU L 185 5.63 3.42 -35.82
C LEU L 185 6.63 2.38 -35.30
N ILE L 186 7.90 2.76 -35.25
CA ILE L 186 8.90 1.77 -34.83
C ILE L 186 8.54 0.98 -33.56
N PRO L 187 8.28 1.69 -32.48
CA PRO L 187 7.99 1.10 -31.17
C PRO L 187 6.78 0.18 -31.17
N MET L 188 5.87 0.39 -32.09
CA MET L 188 4.64 -0.35 -32.21
C MET L 188 4.67 -1.61 -33.05
N CYS L 189 5.64 -1.76 -33.94
CA CYS L 189 5.65 -2.93 -34.83
C CYS L 189 6.08 -4.22 -34.16
N PRO L 190 5.29 -5.26 -34.38
CA PRO L 190 5.51 -6.61 -33.85
C PRO L 190 6.74 -7.27 -34.48
N ILE L 191 7.09 -6.91 -35.71
CA ILE L 191 8.31 -7.49 -36.32
C ILE L 191 9.53 -6.89 -35.58
N VAL L 192 9.46 -5.58 -35.36
CA VAL L 192 10.54 -4.85 -34.64
C VAL L 192 10.70 -5.53 -33.26
N LYS L 193 9.57 -5.61 -32.59
CA LYS L 193 9.45 -6.20 -31.28
C LYS L 193 9.87 -7.64 -31.19
N SER L 194 10.15 -8.26 -32.34
CA SER L 194 10.61 -9.66 -32.31
C SER L 194 11.99 -9.65 -31.62
N ILE L 195 12.59 -8.47 -31.57
CA ILE L 195 13.92 -8.25 -30.96
C ILE L 195 13.69 -7.91 -29.48
N ALA L 196 14.16 -8.75 -28.60
CA ALA L 196 13.96 -8.55 -27.14
C ALA L 196 14.67 -7.36 -26.54
N ASN L 197 15.88 -7.08 -26.94
CA ASN L 197 16.62 -5.92 -26.35
C ASN L 197 16.47 -4.65 -27.14
N PRO L 198 16.07 -3.58 -26.46
CA PRO L 198 15.90 -2.26 -27.05
C PRO L 198 17.22 -1.70 -27.63
N GLU L 199 18.32 -2.19 -27.05
CA GLU L 199 19.64 -1.74 -27.51
C GLU L 199 19.87 -2.28 -28.92
N ALA L 200 19.43 -3.49 -29.13
CA ALA L 200 19.55 -4.16 -30.43
C ALA L 200 18.69 -3.45 -31.49
N VAL L 201 17.52 -2.96 -31.03
CA VAL L 201 16.59 -2.28 -31.91
C VAL L 201 17.27 -1.02 -32.48
N GLN L 202 18.02 -0.35 -31.63
CA GLN L 202 18.71 0.89 -31.97
C GLN L 202 19.69 0.70 -33.10
N GLN L 203 20.25 -0.49 -33.14
CA GLN L 203 21.23 -0.91 -34.15
C GLN L 203 20.64 -0.89 -35.56
N LEU L 204 19.33 -1.02 -35.68
CA LEU L 204 18.62 -1.06 -36.93
C LEU L 204 18.10 0.32 -37.42
N ILE L 205 18.40 1.34 -36.66
CA ILE L 205 17.93 2.68 -36.99
C ILE L 205 18.97 3.55 -37.71
N ALA L 206 18.62 3.90 -38.91
CA ALA L 206 19.45 4.76 -39.79
C ALA L 206 19.36 6.19 -39.25
N LYS L 207 20.52 6.84 -39.14
CA LYS L 207 20.56 8.21 -38.68
C LYS L 207 20.65 9.22 -39.81
N LEU L 208 19.88 10.29 -39.63
CA LEU L 208 19.90 11.42 -40.60
C LEU L 208 21.37 11.91 -40.63
N ASP L 209 21.88 12.07 -41.83
CA ASP L 209 23.28 12.50 -41.98
C ASP L 209 23.34 13.72 -42.90
N MET L 210 23.17 14.90 -42.34
CA MET L 210 23.20 16.16 -43.02
C MET L 210 24.57 16.37 -43.72
N ASN L 211 25.60 15.75 -43.24
CA ASN L 211 26.97 15.86 -43.78
C ASN L 211 27.13 15.21 -45.15
N ASN L 212 26.34 14.17 -45.41
CA ASN L 212 26.42 13.44 -46.67
C ASN L 212 25.41 13.91 -47.70
N ALA L 213 24.54 14.82 -47.28
CA ALA L 213 23.49 15.34 -48.13
C ALA L 213 24.02 16.23 -49.28
N ASN L 214 23.28 16.23 -50.36
CA ASN L 214 23.67 17.14 -51.52
C ASN L 214 22.69 18.32 -51.38
N PRO L 215 23.18 19.48 -51.03
CA PRO L 215 22.33 20.67 -50.87
C PRO L 215 21.46 20.87 -52.06
N MET L 216 20.27 21.38 -51.86
CA MET L 216 19.30 21.62 -52.94
C MET L 216 18.99 20.37 -53.75
N ASP L 217 19.31 19.18 -53.25
CA ASP L 217 19.07 17.94 -54.03
C ASP L 217 18.54 16.75 -53.27
N CYS L 218 19.34 16.16 -52.38
CA CYS L 218 18.89 14.99 -51.60
C CYS L 218 19.47 14.94 -50.21
N LEU L 219 18.71 14.32 -49.30
CA LEU L 219 19.15 14.12 -47.90
C LEU L 219 19.92 12.78 -47.88
N ALA L 220 20.53 12.47 -46.74
CA ALA L 220 21.27 11.23 -46.57
C ALA L 220 21.03 10.63 -45.16
N TYR L 221 21.14 9.31 -45.14
CA TYR L 221 20.97 8.45 -44.00
C TYR L 221 22.19 7.56 -43.93
N ARG L 222 22.64 7.38 -42.70
CA ARG L 222 23.84 6.57 -42.39
C ARG L 222 23.38 5.28 -41.72
N PHE L 223 23.84 4.18 -42.24
CA PHE L 223 23.49 2.84 -41.77
C PHE L 223 24.70 1.93 -41.84
N ASP L 224 25.31 1.77 -40.66
CA ASP L 224 26.50 0.88 -40.57
C ASP L 224 25.99 -0.51 -40.23
N ILE L 225 26.73 -1.50 -40.72
CA ILE L 225 26.39 -2.90 -40.53
C ILE L 225 27.54 -3.67 -39.92
N VAL L 226 27.20 -4.48 -38.93
CA VAL L 226 28.23 -5.28 -38.23
C VAL L 226 27.99 -6.75 -38.45
N LEU L 227 28.98 -7.44 -39.01
CA LEU L 227 28.86 -8.90 -39.20
C LEU L 227 29.75 -9.62 -38.16
N ARG L 228 29.48 -10.93 -38.06
CA ARG L 228 30.21 -11.80 -37.11
C ARG L 228 31.72 -11.50 -37.21
N GLY L 229 32.35 -11.34 -36.09
CA GLY L 229 33.79 -11.06 -36.02
C GLY L 229 34.53 -12.33 -36.53
N GLN L 230 35.57 -12.02 -37.32
CA GLN L 230 36.39 -13.12 -37.91
C GLN L 230 37.74 -13.19 -37.19
N ARG L 231 38.18 -14.39 -36.93
CA ARG L 231 39.49 -14.57 -36.26
C ARG L 231 40.15 -15.79 -36.93
N LYS L 232 41.41 -15.91 -36.62
CA LYS L 232 42.21 -17.04 -37.20
C LYS L 232 42.09 -18.17 -36.15
N THR L 233 42.36 -19.35 -36.61
CA THR L 233 42.29 -20.53 -35.70
C THR L 233 43.54 -20.45 -34.82
N HIS L 234 43.52 -21.10 -33.70
CA HIS L 234 44.65 -21.15 -32.76
C HIS L 234 44.48 -22.42 -31.89
N PHE L 235 45.60 -23.07 -31.71
CA PHE L 235 45.74 -24.30 -30.93
C PHE L 235 44.67 -25.29 -31.29
N GLU L 236 44.21 -25.23 -32.52
CA GLU L 236 43.18 -26.18 -32.99
C GLU L 236 43.71 -27.54 -33.30
#